data_5VLD
#
_entry.id   5VLD
#
_cell.length_a   103.654
_cell.length_b   139.095
_cell.length_c   103.558
_cell.angle_alpha   90.00
_cell.angle_beta   119.47
_cell.angle_gamma   90.00
#
_symmetry.space_group_name_H-M   'P 1 21 1'
#
loop_
_entity.id
_entity.type
_entity.pdbx_description
1 polymer 'Histidinol dehydrogenase, chloroplastic'
2 non-polymer HISTIDINE
3 non-polymer NICOTINAMIDE-ADENINE-DINUCLEOTIDE
4 non-polymer 'ZINC ION'
5 non-polymer DI(HYDROXYETHYL)ETHER
6 water water
#
_entity_poly.entity_id   1
_entity_poly.type   'polypeptide(L)'
_entity_poly.pdbx_seq_one_letter_code
;SNASISMANPIKTYHLSNLTQTELLSLKSRPRIDFSSVFDIVNPIVDDVHAHGDAAVKQYTSKFDKVDLENIVELVSDLP
DPVLDPAIKEAFDVAYSNIYAFHAAQKSPEKSVENMKGVQCKRVARSINSVGLYVPGGTAVLPSTALMLAVPAQIAGCKT
IVLANPPTRDGTTCKEVLYCAKKAGVTHLLKAGGAQAISAMAWGTETCPKVEKIFGPGNQYVTAAKMILQNSEAMVSIDM
PAGPSEVLVIADKHAIPSHVAADLLSQAEHGPDSQVVLVIAGDGVDQNAIQEEVSKQCQSLPRGEFAAKALSHSFIVHAR
DMLEAITFSNMYAPEHLIINVKDAEKWESFIENAGSVFLGSWTPESVGDYASGTNHVLPTYGYARMYSGVSLDSFLKYIT
VQSLTEEGLRKLGPYVETMAEVEGLEAHKRAVTLRLQDIEARQVSR
;
_entity_poly.pdbx_strand_id   A,B,C,D,E,F
#
# COMPACT_ATOMS: atom_id res chain seq x y z
N PRO A 10 9.77 -1.35 -55.83
CA PRO A 10 9.41 -2.32 -54.79
C PRO A 10 10.46 -2.40 -53.65
N ILE A 11 9.98 -2.49 -52.41
CA ILE A 11 10.79 -2.59 -51.20
C ILE A 11 11.62 -3.87 -51.22
N LYS A 12 12.91 -3.72 -50.97
CA LYS A 12 13.86 -4.83 -50.86
C LYS A 12 13.37 -5.89 -49.88
N THR A 13 13.61 -7.16 -50.16
CA THR A 13 13.12 -8.25 -49.31
C THR A 13 14.23 -9.20 -48.89
N TYR A 14 14.10 -9.76 -47.69
CA TYR A 14 15.06 -10.72 -47.15
C TYR A 14 14.27 -11.87 -46.51
N HIS A 15 14.95 -13.01 -46.36
CA HIS A 15 14.46 -14.17 -45.58
C HIS A 15 15.51 -14.50 -44.60
N LEU A 16 15.14 -14.57 -43.34
CA LEU A 16 16.18 -14.72 -42.34
C LEU A 16 16.99 -15.97 -42.46
N SER A 17 16.35 -17.09 -42.76
CA SER A 17 17.10 -18.36 -42.93
C SER A 17 18.22 -18.27 -43.95
N ASN A 18 17.99 -17.51 -45.02
CA ASN A 18 19.00 -17.30 -46.09
C ASN A 18 20.26 -16.52 -45.73
N LEU A 19 20.33 -15.91 -44.53
CA LEU A 19 21.35 -14.88 -44.24
C LEU A 19 22.48 -15.39 -43.38
N THR A 20 23.70 -14.98 -43.72
CA THR A 20 24.87 -15.18 -42.87
C THR A 20 24.78 -14.20 -41.68
N GLN A 21 25.51 -14.49 -40.60
CA GLN A 21 25.63 -13.56 -39.49
C GLN A 21 25.98 -12.16 -39.94
N THR A 22 26.92 -12.06 -40.86
CA THR A 22 27.37 -10.77 -41.38
C THR A 22 26.25 -10.00 -42.12
N GLU A 23 25.45 -10.72 -42.92
CA GLU A 23 24.36 -10.09 -43.65
C GLU A 23 23.27 -9.60 -42.72
N LEU A 24 22.95 -10.44 -41.76
CA LEU A 24 21.98 -10.16 -40.71
C LEU A 24 22.37 -8.90 -39.89
N LEU A 25 23.58 -8.86 -39.34
CA LEU A 25 24.06 -7.69 -38.61
C LEU A 25 24.11 -6.42 -39.45
N SER A 26 24.26 -6.53 -40.77
CA SER A 26 24.24 -5.36 -41.63
C SER A 26 22.86 -4.72 -41.72
N LEU A 27 21.81 -5.48 -41.43
CA LEU A 27 20.43 -4.94 -41.41
C LEU A 27 20.15 -3.96 -40.25
N LYS A 28 21.03 -3.91 -39.24
CA LYS A 28 20.95 -2.88 -38.20
C LYS A 28 21.28 -1.48 -38.68
N SER A 29 21.96 -1.34 -39.82
CA SER A 29 22.44 0.03 -40.29
C SER A 29 21.29 0.86 -40.76
N ARG A 30 21.44 2.14 -40.48
CA ARG A 30 20.50 3.15 -40.87
C ARG A 30 21.09 3.99 -42.01
N PRO A 31 20.22 4.66 -42.77
CA PRO A 31 20.68 5.56 -43.84
C PRO A 31 21.39 6.84 -43.38
N ARG A 32 21.49 7.08 -42.09
CA ARG A 32 22.18 8.27 -41.59
C ARG A 32 23.64 8.20 -41.82
N ILE A 33 24.19 9.36 -42.15
CA ILE A 33 25.63 9.56 -42.32
C ILE A 33 26.40 9.23 -41.04
N ASP A 34 27.62 8.71 -41.18
CA ASP A 34 28.46 8.47 -40.01
C ASP A 34 28.72 9.75 -39.22
N PHE A 35 28.95 9.61 -37.92
CA PHE A 35 28.92 10.76 -37.02
C PHE A 35 30.03 11.77 -37.30
N SER A 36 31.25 11.31 -37.56
CA SER A 36 32.38 12.22 -37.86
C SER A 36 32.10 13.12 -39.05
N SER A 37 31.47 12.61 -40.11
CA SER A 37 31.08 13.43 -41.26
C SER A 37 30.11 14.54 -40.88
N VAL A 38 29.11 14.21 -40.08
CA VAL A 38 28.12 15.22 -39.68
C VAL A 38 28.77 16.20 -38.69
N PHE A 39 29.68 15.69 -37.86
CA PHE A 39 30.45 16.53 -36.93
C PHE A 39 31.30 17.57 -37.69
N ASP A 40 31.93 17.14 -38.78
CA ASP A 40 32.69 18.03 -39.64
C ASP A 40 31.85 19.20 -40.14
N ILE A 41 30.64 18.90 -40.61
CA ILE A 41 29.68 19.92 -41.06
C ILE A 41 29.26 20.86 -39.90
N VAL A 42 29.00 20.28 -38.74
CA VAL A 42 28.30 20.94 -37.63
C VAL A 42 29.21 21.74 -36.68
N ASN A 43 30.38 21.17 -36.39
CA ASN A 43 31.42 21.83 -35.54
C ASN A 43 31.70 23.31 -35.80
N PRO A 44 31.97 23.69 -37.07
CA PRO A 44 32.21 25.12 -37.32
C PRO A 44 31.02 26.01 -36.97
N ILE A 45 29.79 25.50 -37.12
CA ILE A 45 28.58 26.27 -36.76
C ILE A 45 28.52 26.47 -35.24
N VAL A 46 28.84 25.41 -34.51
CA VAL A 46 28.78 25.41 -33.06
C VAL A 46 29.83 26.38 -32.50
N ASP A 47 31.06 26.26 -32.98
CA ASP A 47 32.18 27.10 -32.49
C ASP A 47 31.96 28.57 -32.80
N ASP A 48 31.39 28.81 -33.98
CA ASP A 48 31.08 30.14 -34.45
C ASP A 48 30.00 30.81 -33.56
N VAL A 49 28.95 30.07 -33.20
CA VAL A 49 27.95 30.58 -32.24
C VAL A 49 28.53 30.73 -30.82
N HIS A 50 29.42 29.82 -30.44
CA HIS A 50 30.11 29.94 -29.17
C HIS A 50 30.84 31.26 -29.11
N ALA A 51 31.71 31.48 -30.09
CA ALA A 51 32.55 32.70 -30.15
C ALA A 51 31.81 34.00 -30.43
N HIS A 52 30.82 33.97 -31.32
CA HIS A 52 30.20 35.19 -31.85
C HIS A 52 28.71 35.45 -31.52
N GLY A 53 28.06 34.53 -30.82
CA GLY A 53 26.72 34.78 -30.25
C GLY A 53 25.60 35.03 -31.27
N ASP A 54 24.64 35.88 -30.88
CA ASP A 54 23.43 36.14 -31.65
C ASP A 54 23.65 36.46 -33.13
N ALA A 55 24.70 37.23 -33.39
CA ALA A 55 25.13 37.59 -34.74
C ALA A 55 25.34 36.36 -35.61
N ALA A 56 26.05 35.36 -35.05
CA ALA A 56 26.30 34.09 -35.76
C ALA A 56 25.02 33.31 -35.99
N VAL A 57 24.14 33.32 -35.01
CA VAL A 57 22.89 32.57 -35.07
C VAL A 57 22.04 33.15 -36.21
N LYS A 58 21.92 34.47 -36.23
CA LYS A 58 21.20 35.22 -37.30
C LYS A 58 21.71 34.92 -38.70
N GLN A 59 23.02 34.85 -38.85
CA GLN A 59 23.63 34.50 -40.14
C GLN A 59 23.20 33.12 -40.62
N TYR A 60 23.23 32.13 -39.73
CA TYR A 60 22.88 30.76 -40.10
C TYR A 60 21.40 30.61 -40.32
N THR A 61 20.60 31.38 -39.60
CA THR A 61 19.16 31.41 -39.88
C THR A 61 18.87 31.97 -41.30
N SER A 62 19.50 33.10 -41.63
CA SER A 62 19.45 33.65 -42.99
C SER A 62 19.90 32.62 -44.01
N LYS A 63 21.06 32.00 -43.76
CA LYS A 63 21.64 31.05 -44.70
C LYS A 63 20.73 29.81 -44.98
N PHE A 64 20.32 29.12 -43.92
CA PHE A 64 19.56 27.86 -44.06
C PHE A 64 18.07 28.05 -44.13
N ASP A 65 17.52 28.93 -43.27
CA ASP A 65 16.06 29.11 -43.15
C ASP A 65 15.50 30.21 -44.05
N LYS A 66 16.39 31.03 -44.59
CA LYS A 66 16.01 32.09 -45.54
C LYS A 66 15.07 33.07 -44.88
N VAL A 67 15.46 33.48 -43.68
CA VAL A 67 14.71 34.40 -42.85
C VAL A 67 15.71 35.35 -42.20
N ASP A 68 15.43 36.65 -42.23
CA ASP A 68 16.27 37.64 -41.56
C ASP A 68 15.50 38.12 -40.35
N LEU A 69 16.09 37.98 -39.18
CA LEU A 69 15.45 38.34 -37.92
C LEU A 69 16.40 39.08 -37.01
N GLU A 70 15.88 40.10 -36.31
CA GLU A 70 16.67 40.85 -35.35
C GLU A 70 16.46 40.37 -33.89
N ASN A 71 15.23 39.96 -33.56
CA ASN A 71 14.89 39.43 -32.23
C ASN A 71 14.77 37.91 -32.26
N ILE A 72 15.87 37.24 -31.95
CA ILE A 72 15.89 35.76 -31.90
C ILE A 72 15.33 35.17 -30.60
N VAL A 73 15.23 35.96 -29.53
CA VAL A 73 14.72 35.50 -28.23
C VAL A 73 13.63 36.39 -27.66
N GLU A 74 12.52 35.75 -27.37
CA GLU A 74 11.35 36.37 -26.84
C GLU A 74 10.98 35.77 -25.52
N LEU A 75 10.36 36.58 -24.69
CA LEU A 75 9.92 36.15 -23.41
C LEU A 75 8.49 35.77 -23.61
N VAL A 76 8.19 34.53 -23.35
CA VAL A 76 6.88 34.03 -23.63
C VAL A 76 5.80 34.85 -22.95
N SER A 77 6.07 35.35 -21.76
CA SER A 77 5.12 36.21 -21.04
C SER A 77 4.81 37.55 -21.74
N ASP A 78 5.74 38.04 -22.57
CA ASP A 78 5.53 39.23 -23.40
C ASP A 78 4.60 39.01 -24.58
N LEU A 79 4.63 37.82 -25.16
CA LEU A 79 3.90 37.54 -26.39
C LEU A 79 2.41 37.30 -26.09
N PRO A 80 1.51 37.79 -26.97
CA PRO A 80 0.07 37.58 -26.77
C PRO A 80 -0.39 36.13 -27.00
N ASP A 81 -1.38 35.69 -26.23
CA ASP A 81 -2.07 34.41 -26.43
C ASP A 81 -2.53 34.31 -27.86
N PRO A 82 -2.03 33.31 -28.62
CA PRO A 82 -2.42 33.26 -30.04
C PRO A 82 -3.84 32.72 -30.19
N VAL A 83 -4.46 33.03 -31.32
CA VAL A 83 -5.83 32.63 -31.55
C VAL A 83 -5.84 31.48 -32.56
N LEU A 84 -6.53 30.41 -32.19
CA LEU A 84 -6.49 29.14 -32.87
C LEU A 84 -7.89 28.79 -33.32
N ASP A 85 -8.00 28.15 -34.49
CA ASP A 85 -9.24 27.44 -34.87
C ASP A 85 -9.66 26.59 -33.66
N PRO A 86 -10.89 26.77 -33.15
CA PRO A 86 -11.25 26.01 -31.95
C PRO A 86 -11.21 24.49 -32.03
N ALA A 87 -11.29 23.91 -33.23
CA ALA A 87 -11.06 22.46 -33.37
C ALA A 87 -9.58 22.08 -33.11
N ILE A 88 -8.68 22.93 -33.61
CA ILE A 88 -7.27 22.80 -33.41
C ILE A 88 -6.96 22.96 -31.91
N LYS A 89 -7.49 23.99 -31.30
CA LYS A 89 -7.25 24.22 -29.90
C LYS A 89 -7.77 23.12 -29.08
N GLU A 90 -8.82 22.48 -29.52
CA GLU A 90 -9.42 21.41 -28.79
C GLU A 90 -8.55 20.19 -28.86
N ALA A 91 -7.92 19.96 -30.01
CA ALA A 91 -7.08 18.80 -30.25
C ALA A 91 -5.84 18.84 -29.42
N PHE A 92 -5.21 19.98 -29.44
CA PHE A 92 -3.99 20.20 -28.64
C PHE A 92 -4.26 20.14 -27.15
N ASP A 93 -5.43 20.56 -26.72
CA ASP A 93 -5.82 20.42 -25.28
C ASP A 93 -6.02 18.97 -24.84
N VAL A 94 -6.61 18.16 -25.69
CA VAL A 94 -6.74 16.74 -25.40
C VAL A 94 -5.33 16.12 -25.28
N ALA A 95 -4.45 16.44 -26.23
CA ALA A 95 -3.07 15.99 -26.18
C ALA A 95 -2.35 16.41 -24.92
N TYR A 96 -2.43 17.70 -24.60
CA TYR A 96 -1.81 18.21 -23.39
C TYR A 96 -2.28 17.43 -22.19
N SER A 97 -3.57 17.21 -22.16
CA SER A 97 -4.19 16.48 -21.06
C SER A 97 -3.71 15.06 -20.88
N ASN A 98 -3.67 14.34 -21.99
CA ASN A 98 -3.20 12.95 -21.99
C ASN A 98 -1.71 12.80 -21.66
N ILE A 99 -0.92 13.70 -22.24
CA ILE A 99 0.51 13.70 -22.00
C ILE A 99 0.79 14.09 -20.52
N TYR A 100 0.10 15.12 -20.03
CA TYR A 100 0.26 15.54 -18.62
C TYR A 100 -0.02 14.36 -17.68
N ALA A 101 -1.14 13.70 -17.92
CA ALA A 101 -1.59 12.61 -17.09
C ALA A 101 -0.58 11.46 -17.08
N PHE A 102 -0.09 11.06 -18.27
CA PHE A 102 0.88 9.95 -18.36
C PHE A 102 2.18 10.26 -17.66
N HIS A 103 2.61 11.50 -17.76
CA HIS A 103 3.87 11.94 -17.17
C HIS A 103 3.75 12.23 -15.68
N ALA A 104 2.61 12.80 -15.26
CA ALA A 104 2.40 13.08 -13.84
C ALA A 104 2.35 11.78 -13.03
N ALA A 105 1.79 10.74 -13.66
CA ALA A 105 1.76 9.36 -13.11
C ALA A 105 3.12 8.78 -12.79
N GLN A 106 4.20 9.34 -13.36
CA GLN A 106 5.55 8.85 -13.12
C GLN A 106 6.22 9.40 -11.86
N LYS A 107 5.57 10.30 -11.10
CA LYS A 107 6.14 10.80 -9.83
C LYS A 107 6.33 9.64 -8.88
N SER A 108 7.57 9.40 -8.47
CA SER A 108 7.87 8.27 -7.61
C SER A 108 7.77 8.74 -6.18
N PRO A 109 7.04 8.00 -5.32
CA PRO A 109 7.00 8.41 -3.92
C PRO A 109 8.37 8.14 -3.29
N GLU A 110 8.88 9.11 -2.54
CA GLU A 110 10.26 9.07 -2.01
C GLU A 110 10.34 8.31 -0.67
N LYS A 111 10.37 6.99 -0.75
CA LYS A 111 10.42 6.16 0.44
C LYS A 111 11.81 6.12 1.09
N SER A 112 11.86 6.36 2.39
CA SER A 112 13.06 6.14 3.18
C SER A 112 13.42 4.64 3.32
N VAL A 113 14.71 4.32 3.28
CA VAL A 113 15.19 2.94 3.46
C VAL A 113 16.01 2.89 4.75
N GLU A 114 15.65 1.99 5.66
CA GLU A 114 16.38 1.81 6.94
C GLU A 114 16.65 0.31 7.24
N ASN A 115 17.66 -0.24 6.58
CA ASN A 115 18.02 -1.64 6.63
C ASN A 115 18.86 -1.96 7.90
N MET A 116 19.62 -0.98 8.38
CA MET A 116 20.21 -1.01 9.73
C MET A 116 19.56 0.09 10.56
N LYS A 117 19.39 -0.15 11.86
CA LYS A 117 18.83 0.87 12.75
C LYS A 117 19.81 2.04 12.83
N GLY A 118 19.26 3.24 12.65
CA GLY A 118 20.05 4.48 12.66
C GLY A 118 20.90 4.76 11.42
N VAL A 119 20.64 4.04 10.33
CA VAL A 119 21.25 4.31 9.04
C VAL A 119 20.09 4.58 8.09
N GLN A 120 19.74 5.84 7.94
CA GLN A 120 18.67 6.24 7.04
C GLN A 120 19.19 6.71 5.73
N CYS A 121 18.68 6.14 4.66
CA CYS A 121 19.02 6.56 3.29
C CYS A 121 17.80 6.80 2.44
N LYS A 122 17.93 7.68 1.48
CA LYS A 122 16.80 8.16 0.71
C LYS A 122 17.22 8.75 -0.60
N ARG A 123 16.26 8.88 -1.48
CA ARG A 123 16.43 9.57 -2.77
C ARG A 123 15.46 10.74 -2.80
N VAL A 124 15.87 11.93 -3.23
CA VAL A 124 14.92 13.01 -3.46
C VAL A 124 15.08 13.57 -4.86
N ALA A 125 13.96 13.95 -5.46
CA ALA A 125 13.99 14.47 -6.81
C ALA A 125 14.14 15.99 -6.78
N ARG A 126 14.99 16.49 -7.67
CA ARG A 126 15.15 17.91 -7.92
C ARG A 126 15.18 18.13 -9.40
N SER A 127 14.49 19.17 -9.85
CA SER A 127 14.42 19.48 -11.25
C SER A 127 15.69 20.12 -11.73
N ILE A 128 16.01 19.91 -13.00
CA ILE A 128 17.15 20.57 -13.61
C ILE A 128 16.70 22.03 -13.75
N ASN A 129 17.51 22.96 -13.30
CA ASN A 129 17.11 24.37 -13.19
C ASN A 129 16.80 25.03 -14.54
N SER A 130 17.59 24.75 -15.58
CA SER A 130 17.24 25.27 -16.87
C SER A 130 17.46 24.26 -17.96
N VAL A 131 16.51 24.24 -18.89
CA VAL A 131 16.45 23.23 -19.93
C VAL A 131 16.14 23.88 -21.28
N GLY A 132 16.70 23.33 -22.35
CA GLY A 132 16.43 23.78 -23.70
C GLY A 132 15.73 22.68 -24.47
N LEU A 133 14.68 23.04 -25.17
CA LEU A 133 13.80 22.07 -25.81
C LEU A 133 13.79 22.37 -27.29
N TYR A 134 14.36 21.49 -28.10
CA TYR A 134 14.38 21.71 -29.56
C TYR A 134 13.11 21.18 -30.21
N VAL A 135 12.37 22.07 -30.86
CA VAL A 135 11.14 21.71 -31.58
C VAL A 135 11.40 21.85 -33.09
N PRO A 136 11.40 20.73 -33.82
CA PRO A 136 11.68 20.79 -35.29
C PRO A 136 10.75 21.68 -36.13
N GLY A 137 11.34 22.37 -37.09
CA GLY A 137 10.58 23.15 -38.08
C GLY A 137 11.22 23.23 -39.47
N GLY A 138 11.95 22.18 -39.88
CA GLY A 138 12.68 22.20 -41.14
C GLY A 138 11.77 21.96 -42.31
N THR A 139 11.49 20.69 -42.59
CA THR A 139 10.58 20.27 -43.66
C THR A 139 9.15 20.19 -43.18
N ALA A 140 8.95 20.31 -41.87
CA ALA A 140 7.63 20.31 -41.27
C ALA A 140 7.74 20.84 -39.83
N VAL A 141 6.68 21.55 -39.41
CA VAL A 141 6.63 22.20 -38.12
C VAL A 141 5.82 21.32 -37.14
N LEU A 142 6.43 21.05 -35.98
CA LEU A 142 5.98 19.98 -35.06
C LEU A 142 5.58 20.47 -33.67
N PRO A 143 4.42 21.15 -33.54
CA PRO A 143 3.95 21.50 -32.19
C PRO A 143 3.72 20.31 -31.25
N SER A 144 3.48 19.14 -31.79
CA SER A 144 3.37 17.94 -30.96
C SER A 144 4.60 17.82 -30.06
N THR A 145 5.76 17.94 -30.66
CA THR A 145 7.03 17.89 -29.95
C THR A 145 7.13 18.90 -28.80
N ALA A 146 6.58 20.09 -29.01
CA ALA A 146 6.54 21.11 -27.94
C ALA A 146 5.83 20.60 -26.71
N LEU A 147 4.73 19.90 -26.91
CA LEU A 147 4.02 19.26 -25.79
C LEU A 147 4.81 18.12 -25.17
N MET A 148 5.40 17.30 -26.02
CA MET A 148 6.20 16.15 -25.56
C MET A 148 7.33 16.57 -24.61
N LEU A 149 7.96 17.71 -24.91
CA LEU A 149 9.10 18.20 -24.15
C LEU A 149 8.70 19.15 -23.03
N ALA A 150 7.80 20.09 -23.34
CA ALA A 150 7.45 21.12 -22.34
C ALA A 150 6.59 20.61 -21.20
N VAL A 151 5.70 19.67 -21.48
CA VAL A 151 4.78 19.17 -20.46
C VAL A 151 5.59 18.51 -19.29
N PRO A 152 6.41 17.50 -19.56
CA PRO A 152 7.19 16.99 -18.43
C PRO A 152 8.12 18.02 -17.77
N ALA A 153 8.64 18.98 -18.51
CA ALA A 153 9.41 20.05 -17.92
C ALA A 153 8.57 20.85 -16.90
N GLN A 154 7.33 21.15 -17.28
CA GLN A 154 6.40 21.83 -16.44
C GLN A 154 6.12 21.03 -15.19
N ILE A 155 5.85 19.74 -15.35
CA ILE A 155 5.59 18.88 -14.18
C ILE A 155 6.82 18.85 -13.23
N ALA A 156 8.01 18.72 -13.82
CA ALA A 156 9.25 18.69 -13.07
C ALA A 156 9.47 19.94 -12.27
N GLY A 157 9.03 21.07 -12.80
CA GLY A 157 9.20 22.38 -12.19
C GLY A 157 10.46 23.13 -12.60
N CYS A 158 11.08 22.74 -13.72
CA CYS A 158 12.18 23.50 -14.30
C CYS A 158 11.89 25.03 -14.36
N LYS A 159 12.79 25.83 -13.80
CA LYS A 159 12.62 27.31 -13.66
C LYS A 159 12.80 28.09 -14.95
N THR A 160 13.81 27.75 -15.73
CA THR A 160 14.01 28.31 -17.08
C THR A 160 13.80 27.19 -18.11
N ILE A 161 12.90 27.44 -19.07
CA ILE A 161 12.59 26.53 -20.13
C ILE A 161 12.67 27.32 -21.42
N VAL A 162 13.73 27.10 -22.19
CA VAL A 162 13.93 27.74 -23.48
C VAL A 162 13.47 26.72 -24.53
N LEU A 163 12.57 27.12 -25.42
CA LEU A 163 12.11 26.27 -26.49
C LEU A 163 12.65 26.86 -27.78
N ALA A 164 13.42 26.07 -28.55
CA ALA A 164 13.97 26.50 -29.83
C ALA A 164 13.15 26.00 -30.99
N ASN A 165 12.88 26.87 -31.94
CA ASN A 165 12.07 26.54 -33.09
C ASN A 165 12.44 27.46 -34.26
N PRO A 166 12.90 26.88 -35.38
CA PRO A 166 13.27 27.72 -36.50
C PRO A 166 12.03 28.37 -37.09
N PRO A 167 12.14 29.66 -37.45
CA PRO A 167 10.96 30.34 -37.90
C PRO A 167 10.65 29.85 -39.31
N THR A 168 9.39 29.99 -39.69
CA THR A 168 8.93 29.51 -41.01
C THR A 168 9.39 30.55 -42.07
N ARG A 169 9.58 30.09 -43.31
CA ARG A 169 9.85 30.93 -44.50
C ARG A 169 8.82 32.09 -44.68
N ASP A 170 7.54 31.78 -44.37
CA ASP A 170 6.34 32.71 -44.53
C ASP A 170 6.59 34.20 -44.20
N THR A 173 7.22 32.57 -35.82
CA THR A 173 6.83 31.35 -35.03
C THR A 173 5.42 30.80 -35.25
N CYS A 174 5.34 29.54 -35.64
CA CYS A 174 4.07 28.80 -35.75
C CYS A 174 3.19 29.01 -34.52
N LYS A 175 1.94 29.39 -34.73
CA LYS A 175 1.09 29.80 -33.60
C LYS A 175 0.63 28.63 -32.73
N GLU A 176 0.57 27.42 -33.29
CA GLU A 176 0.30 26.21 -32.52
C GLU A 176 1.47 25.85 -31.60
N VAL A 177 2.70 26.07 -32.06
CA VAL A 177 3.88 25.92 -31.23
C VAL A 177 3.82 26.89 -30.06
N LEU A 178 3.39 28.12 -30.30
CA LEU A 178 3.33 29.12 -29.22
C LEU A 178 2.20 28.83 -28.25
N TYR A 179 1.11 28.27 -28.77
CA TYR A 179 -0.01 27.87 -27.91
C TYR A 179 0.46 26.84 -26.87
N CYS A 180 1.13 25.78 -27.34
CA CYS A 180 1.57 24.71 -26.49
C CYS A 180 2.62 25.19 -25.50
N ALA A 181 3.52 26.04 -25.97
CA ALA A 181 4.56 26.63 -25.11
C ALA A 181 3.96 27.40 -23.92
N LYS A 182 2.96 28.22 -24.21
CA LYS A 182 2.27 28.96 -23.18
C LYS A 182 1.54 28.04 -22.21
N LYS A 183 0.87 27.05 -22.75
CA LYS A 183 0.12 26.11 -21.91
C LYS A 183 1.04 25.28 -21.00
N ALA A 184 2.24 24.94 -21.46
CA ALA A 184 3.22 24.16 -20.67
C ALA A 184 4.22 25.01 -19.90
N GLY A 185 4.08 26.34 -19.91
CA GLY A 185 4.88 27.23 -19.06
C GLY A 185 6.30 27.49 -19.57
N VAL A 186 6.51 27.43 -20.88
CA VAL A 186 7.80 27.76 -21.47
C VAL A 186 8.12 29.23 -21.18
N THR A 187 9.33 29.52 -20.75
CA THR A 187 9.67 30.86 -20.34
C THR A 187 10.26 31.67 -21.50
N HIS A 188 11.12 31.06 -22.31
CA HIS A 188 11.78 31.73 -23.41
C HIS A 188 11.59 31.01 -24.73
N LEU A 189 11.47 31.77 -25.81
CA LEU A 189 11.35 31.19 -27.12
C LEU A 189 12.54 31.63 -27.97
N LEU A 190 13.26 30.67 -28.51
CA LEU A 190 14.42 30.92 -29.36
C LEU A 190 14.01 30.68 -30.79
N LYS A 191 13.94 31.74 -31.57
CA LYS A 191 13.46 31.68 -32.95
C LYS A 191 14.65 31.31 -33.83
N ALA A 192 15.06 30.05 -33.73
CA ALA A 192 16.25 29.54 -34.42
C ALA A 192 16.22 28.04 -34.46
N GLY A 193 16.96 27.46 -35.38
CA GLY A 193 16.98 26.01 -35.54
C GLY A 193 18.38 25.47 -35.70
N GLY A 194 18.45 24.19 -36.03
CA GLY A 194 19.70 23.53 -36.34
C GLY A 194 20.76 23.58 -35.25
N ALA A 195 22.00 23.30 -35.65
CA ALA A 195 23.15 23.32 -34.78
C ALA A 195 23.42 24.69 -34.16
N GLN A 196 23.03 25.76 -34.84
CA GLN A 196 23.18 27.11 -34.31
C GLN A 196 22.24 27.35 -33.12
N ALA A 197 21.09 26.68 -33.11
CA ALA A 197 20.14 26.78 -31.97
C ALA A 197 20.67 25.99 -30.75
N ILE A 198 21.10 24.76 -31.04
CA ILE A 198 21.63 23.88 -30.04
C ILE A 198 22.82 24.57 -29.34
N SER A 199 23.74 25.14 -30.12
CA SER A 199 24.92 25.84 -29.56
C SER A 199 24.55 27.12 -28.77
N ALA A 200 23.52 27.81 -29.22
CA ALA A 200 23.05 28.99 -28.51
C ALA A 200 22.57 28.65 -27.12
N MET A 201 21.83 27.54 -27.01
CA MET A 201 21.31 27.05 -25.72
C MET A 201 22.41 26.49 -24.84
N ALA A 202 23.31 25.70 -25.42
CA ALA A 202 24.40 25.10 -24.66
C ALA A 202 25.37 26.12 -24.07
N TRP A 203 25.71 27.15 -24.85
CA TRP A 203 26.62 28.22 -24.44
C TRP A 203 25.95 29.43 -23.84
N GLY A 204 24.67 29.63 -24.12
CA GLY A 204 24.02 30.94 -23.89
C GLY A 204 24.48 31.93 -24.95
N THR A 205 23.75 33.02 -25.11
CA THR A 205 24.17 34.15 -25.96
C THR A 205 23.82 35.43 -25.22
N GLU A 206 23.91 36.57 -25.90
CA GLU A 206 23.58 37.87 -25.31
C GLU A 206 22.13 37.90 -24.86
N THR A 207 21.26 37.27 -25.65
CA THR A 207 19.81 37.20 -25.36
C THR A 207 19.28 35.82 -24.95
N CYS A 208 19.95 34.75 -25.38
CA CYS A 208 19.49 33.39 -25.09
C CYS A 208 20.06 32.83 -23.77
N PRO A 209 19.18 32.42 -22.83
CA PRO A 209 19.68 31.82 -21.58
C PRO A 209 20.51 30.55 -21.83
N LYS A 210 21.56 30.35 -21.02
CA LYS A 210 22.37 29.13 -21.03
C LYS A 210 21.63 28.04 -20.24
N VAL A 211 21.43 26.90 -20.88
CA VAL A 211 20.70 25.77 -20.26
C VAL A 211 21.67 24.67 -19.80
N GLU A 212 21.18 23.81 -18.93
CA GLU A 212 21.97 22.72 -18.39
C GLU A 212 21.76 21.42 -19.12
N LYS A 213 20.58 21.25 -19.72
CA LYS A 213 20.28 20.07 -20.48
C LYS A 213 19.47 20.42 -21.72
N ILE A 214 19.81 19.78 -22.84
CA ILE A 214 19.18 20.03 -24.12
C ILE A 214 18.43 18.76 -24.53
N PHE A 215 17.16 18.95 -24.88
CA PHE A 215 16.26 17.90 -25.24
C PHE A 215 15.79 18.09 -26.69
N GLY A 216 15.37 16.98 -27.28
CA GLY A 216 14.42 17.01 -28.38
C GLY A 216 14.91 16.42 -29.67
N PRO A 217 13.98 16.14 -30.59
CA PRO A 217 14.32 15.48 -31.81
C PRO A 217 14.71 16.47 -32.88
N GLY A 218 15.35 15.97 -33.90
CA GLY A 218 15.68 16.79 -35.03
C GLY A 218 16.33 16.01 -36.14
N ASN A 219 16.77 16.76 -37.16
CA ASN A 219 17.48 16.16 -38.30
C ASN A 219 18.88 15.78 -37.84
N GLN A 220 19.63 15.17 -38.75
CA GLN A 220 20.98 14.69 -38.42
C GLN A 220 21.94 15.78 -37.96
N TYR A 221 21.71 17.02 -38.37
CA TYR A 221 22.60 18.09 -37.96
C TYR A 221 22.30 18.50 -36.53
N VAL A 222 21.02 18.61 -36.22
CA VAL A 222 20.58 18.94 -34.86
C VAL A 222 21.10 17.86 -33.95
N THR A 223 20.82 16.63 -34.33
CA THR A 223 21.23 15.48 -33.53
C THR A 223 22.75 15.40 -33.27
N ALA A 224 23.53 15.72 -34.30
CA ALA A 224 24.96 15.65 -34.20
C ALA A 224 25.49 16.78 -33.35
N ALA A 225 24.89 17.95 -33.47
CA ALA A 225 25.21 19.09 -32.59
C ALA A 225 24.98 18.81 -31.11
N LYS A 226 23.87 18.15 -30.83
CA LYS A 226 23.59 17.71 -29.46
C LYS A 226 24.70 16.81 -28.95
N MET A 227 25.05 15.81 -29.74
CA MET A 227 26.04 14.80 -29.37
C MET A 227 27.39 15.44 -29.13
N ILE A 228 27.78 16.37 -30.00
CA ILE A 228 29.05 17.11 -29.85
C ILE A 228 29.09 17.94 -28.55
N LEU A 229 28.05 18.74 -28.33
CA LEU A 229 28.04 19.69 -27.24
C LEU A 229 28.08 19.04 -25.82
N GLN A 230 27.60 17.81 -25.69
CA GLN A 230 27.66 17.12 -24.41
C GLN A 230 29.12 16.92 -23.97
N ASN A 231 30.04 16.75 -24.91
CA ASN A 231 31.48 16.69 -24.63
C ASN A 231 32.20 18.04 -24.54
N SER A 232 31.49 19.16 -24.68
CA SER A 232 32.13 20.47 -24.72
C SER A 232 32.30 21.03 -23.31
N GLU A 233 33.03 22.14 -23.23
CA GLU A 233 33.19 22.90 -22.00
C GLU A 233 31.96 23.73 -21.67
N ALA A 234 30.91 23.68 -22.49
CA ALA A 234 29.64 24.33 -22.14
C ALA A 234 28.99 23.83 -20.87
N MET A 235 29.29 22.58 -20.50
CA MET A 235 28.71 21.93 -19.33
C MET A 235 27.22 21.77 -19.55
N VAL A 236 26.90 20.85 -20.46
CA VAL A 236 25.52 20.58 -20.87
C VAL A 236 25.37 19.06 -21.02
N SER A 237 24.16 18.54 -20.80
CA SER A 237 23.87 17.11 -21.14
C SER A 237 22.75 17.10 -22.16
N ILE A 238 22.44 15.90 -22.67
CA ILE A 238 21.36 15.77 -23.57
C ILE A 238 20.49 14.59 -23.16
N ASP A 239 19.30 14.49 -23.73
CA ASP A 239 18.41 13.38 -23.44
C ASP A 239 18.89 12.10 -24.20
N MET A 240 19.15 12.23 -25.49
CA MET A 240 19.49 11.12 -26.38
C MET A 240 19.72 11.62 -27.84
N PRO A 241 20.40 10.83 -28.69
CA PRO A 241 20.23 11.02 -30.13
C PRO A 241 18.85 10.63 -30.61
N ALA A 242 18.00 11.63 -30.82
CA ALA A 242 16.64 11.44 -31.34
C ALA A 242 16.52 11.95 -32.76
N GLY A 243 17.07 11.17 -33.67
CA GLY A 243 17.20 11.56 -35.04
C GLY A 243 16.01 11.19 -35.90
N PRO A 244 16.23 11.04 -37.23
CA PRO A 244 15.24 10.66 -38.25
C PRO A 244 14.37 9.48 -37.85
N SER A 245 13.05 9.70 -37.93
CA SER A 245 12.07 8.74 -37.41
C SER A 245 12.22 7.37 -38.08
N GLU A 246 11.93 6.33 -37.29
CA GLU A 246 11.89 4.96 -37.73
C GLU A 246 10.64 4.32 -37.23
N VAL A 247 10.18 3.31 -37.96
CA VAL A 247 9.17 2.39 -37.44
C VAL A 247 9.45 1.00 -37.94
N LEU A 248 9.25 0.03 -37.06
CA LEU A 248 9.25 -1.36 -37.44
C LEU A 248 7.90 -1.92 -37.17
N VAL A 249 7.28 -2.50 -38.20
CA VAL A 249 5.99 -3.14 -38.09
C VAL A 249 6.20 -4.65 -38.18
N ILE A 250 5.67 -5.38 -37.23
CA ILE A 250 5.52 -6.83 -37.33
C ILE A 250 4.05 -7.08 -37.71
N ALA A 251 3.84 -7.86 -38.78
CA ALA A 251 2.51 -8.17 -39.28
C ALA A 251 2.40 -9.67 -39.47
N ASP A 252 1.27 -10.24 -39.09
CA ASP A 252 0.94 -11.63 -39.41
C ASP A 252 -0.20 -11.65 -40.42
N LYS A 253 -0.70 -12.86 -40.72
CA LYS A 253 -1.77 -13.00 -41.75
C LYS A 253 -3.11 -12.34 -41.37
N HIS A 254 -3.33 -12.02 -40.10
CA HIS A 254 -4.57 -11.33 -39.71
C HIS A 254 -4.54 -9.82 -39.98
N ALA A 255 -3.36 -9.26 -40.23
CA ALA A 255 -3.20 -7.82 -40.41
C ALA A 255 -3.72 -7.43 -41.78
N ILE A 256 -4.41 -6.32 -41.84
CA ILE A 256 -5.03 -5.82 -43.06
C ILE A 256 -3.96 -5.10 -43.88
N PRO A 257 -3.64 -5.61 -45.07
CA PRO A 257 -2.53 -5.04 -45.84
C PRO A 257 -2.49 -3.53 -46.01
N SER A 258 -3.65 -2.91 -46.17
CA SER A 258 -3.70 -1.44 -46.38
C SER A 258 -3.30 -0.65 -45.12
N HIS A 259 -3.63 -1.20 -43.97
CA HIS A 259 -3.30 -0.62 -42.67
C HIS A 259 -1.82 -0.71 -42.40
N VAL A 260 -1.25 -1.83 -42.81
CA VAL A 260 0.18 -2.03 -42.68
C VAL A 260 0.91 -1.01 -43.57
N ALA A 261 0.47 -0.90 -44.82
CA ALA A 261 1.05 0.07 -45.75
C ALA A 261 0.93 1.52 -45.19
N ALA A 262 -0.26 1.86 -44.69
CA ALA A 262 -0.53 3.16 -44.13
C ALA A 262 0.43 3.43 -42.99
N ASP A 263 0.64 2.44 -42.13
CA ASP A 263 1.59 2.56 -40.99
C ASP A 263 3.04 2.75 -41.42
N LEU A 264 3.49 1.99 -42.44
CA LEU A 264 4.84 2.16 -42.94
C LEU A 264 5.04 3.56 -43.51
N LEU A 265 4.07 4.04 -44.28
CA LEU A 265 4.13 5.39 -44.86
C LEU A 265 3.93 6.50 -43.82
N SER A 266 3.29 6.21 -42.71
CA SER A 266 3.09 7.25 -41.68
C SER A 266 4.40 7.88 -41.22
N GLN A 267 5.44 7.06 -41.08
CA GLN A 267 6.74 7.58 -40.72
C GLN A 267 7.71 7.78 -41.89
N ALA A 268 7.54 7.03 -42.98
CA ALA A 268 8.33 7.30 -44.17
C ALA A 268 8.23 8.76 -44.60
N GLU A 269 7.05 9.35 -44.52
CA GLU A 269 6.85 10.72 -44.95
C GLU A 269 7.60 11.79 -44.15
N HIS A 270 8.18 11.45 -43.01
CA HIS A 270 8.87 12.42 -42.20
C HIS A 270 10.06 13.04 -42.96
N GLY A 271 10.77 12.24 -43.74
CA GLY A 271 11.92 12.73 -44.47
C GLY A 271 12.61 11.61 -45.21
N PRO A 272 13.52 11.94 -46.09
CA PRO A 272 14.27 11.00 -46.90
C PRO A 272 15.18 10.13 -46.10
N ASP A 273 15.64 10.60 -44.94
CA ASP A 273 16.53 9.85 -44.09
C ASP A 273 15.87 8.90 -43.14
N SER A 274 14.57 8.85 -43.16
CA SER A 274 13.81 7.92 -42.33
C SER A 274 13.89 6.52 -42.85
N GLN A 275 13.66 5.58 -41.99
CA GLN A 275 13.79 4.18 -42.31
C GLN A 275 12.64 3.43 -41.73
N VAL A 276 12.14 2.49 -42.48
CA VAL A 276 10.96 1.76 -42.10
C VAL A 276 11.28 0.26 -42.31
N VAL A 277 10.70 -0.62 -41.49
CA VAL A 277 10.98 -2.04 -41.59
C VAL A 277 9.70 -2.78 -41.44
N LEU A 278 9.45 -3.74 -42.32
CA LEU A 278 8.31 -4.64 -42.16
C LEU A 278 8.89 -6.00 -41.87
N VAL A 279 8.44 -6.61 -40.78
CA VAL A 279 8.75 -8.00 -40.50
C VAL A 279 7.46 -8.73 -40.70
N ILE A 280 7.46 -9.69 -41.63
CA ILE A 280 6.33 -10.53 -41.85
C ILE A 280 6.54 -11.76 -40.99
N ALA A 281 5.57 -12.06 -40.13
CA ALA A 281 5.65 -13.19 -39.20
C ALA A 281 4.72 -14.33 -39.61
N GLY A 282 5.28 -15.52 -39.81
CA GLY A 282 4.49 -16.67 -40.17
C GLY A 282 4.02 -16.73 -41.62
N ASP A 283 3.13 -17.66 -41.86
CA ASP A 283 2.57 -17.89 -43.16
C ASP A 283 1.33 -17.10 -43.42
N GLY A 284 0.93 -17.05 -44.66
CA GLY A 284 -0.38 -16.50 -44.96
C GLY A 284 -0.46 -15.03 -45.27
N VAL A 285 0.67 -14.33 -45.28
CA VAL A 285 0.66 -12.86 -45.53
C VAL A 285 0.82 -12.57 -47.01
N ASP A 286 -0.13 -11.84 -47.56
CA ASP A 286 -0.11 -11.41 -48.93
C ASP A 286 0.82 -10.21 -49.08
N GLN A 287 2.10 -10.49 -49.17
CA GLN A 287 3.12 -9.45 -49.32
C GLN A 287 2.90 -8.56 -50.54
N ASN A 288 2.46 -9.15 -51.65
CA ASN A 288 2.09 -8.35 -52.86
C ASN A 288 1.03 -7.29 -52.63
N ALA A 289 -0.02 -7.67 -51.93
CA ALA A 289 -1.09 -6.74 -51.53
C ALA A 289 -0.54 -5.60 -50.70
N ILE A 290 0.34 -5.92 -49.75
CA ILE A 290 0.96 -4.91 -48.90
C ILE A 290 1.77 -3.95 -49.77
N GLN A 291 2.54 -4.50 -50.68
CA GLN A 291 3.33 -3.68 -51.63
C GLN A 291 2.52 -2.86 -52.59
N GLU A 292 1.42 -3.43 -53.06
CA GLU A 292 0.52 -2.72 -53.96
C GLU A 292 -0.02 -1.54 -53.19
N GLU A 293 -0.39 -1.77 -51.94
CA GLU A 293 -0.91 -0.69 -51.09
C GLU A 293 0.10 0.40 -50.81
N VAL A 294 1.36 0.05 -50.57
CA VAL A 294 2.39 1.05 -50.32
C VAL A 294 2.53 2.00 -51.55
N SER A 295 2.72 1.43 -52.75
CA SER A 295 2.84 2.24 -53.98
C SER A 295 1.62 3.09 -54.28
N LYS A 296 0.44 2.45 -54.18
CA LYS A 296 -0.86 3.08 -54.38
C LYS A 296 -0.96 4.28 -53.42
N GLN A 297 -0.78 4.01 -52.12
CA GLN A 297 -0.94 5.05 -51.07
C GLN A 297 0.15 6.10 -51.13
N CYS A 298 1.37 5.68 -51.45
CA CYS A 298 2.51 6.62 -51.49
C CYS A 298 2.34 7.72 -52.53
N GLN A 299 1.87 7.36 -53.73
CA GLN A 299 1.87 8.34 -54.82
C GLN A 299 0.85 9.41 -54.65
N SER A 300 -0.21 9.14 -53.92
CA SER A 300 -1.19 10.20 -53.60
C SER A 300 -0.84 11.09 -52.41
N LEU A 301 0.32 10.88 -51.78
CA LEU A 301 0.74 11.67 -50.60
C LEU A 301 1.41 12.95 -50.99
N PRO A 302 0.95 14.11 -50.46
CA PRO A 302 1.74 15.34 -50.65
C PRO A 302 3.26 15.13 -50.53
N ARG A 303 3.71 14.44 -49.47
CA ARG A 303 5.14 14.20 -49.24
C ARG A 303 5.62 12.84 -49.77
N GLY A 304 4.97 12.29 -50.79
CA GLY A 304 5.34 11.00 -51.35
C GLY A 304 6.76 10.89 -51.85
N GLU A 305 7.33 12.02 -52.23
CA GLU A 305 8.68 12.09 -52.68
C GLU A 305 9.65 11.73 -51.56
N PHE A 306 9.50 12.35 -50.40
CA PHE A 306 10.26 12.00 -49.18
C PHE A 306 10.05 10.56 -48.76
N ALA A 307 8.79 10.15 -48.72
CA ALA A 307 8.41 8.79 -48.35
C ALA A 307 9.05 7.75 -49.26
N ALA A 308 9.06 7.97 -50.55
CA ALA A 308 9.67 7.05 -51.47
C ALA A 308 11.16 6.94 -51.27
N LYS A 309 11.80 8.07 -51.04
CA LYS A 309 13.21 8.06 -50.76
C LYS A 309 13.53 7.32 -49.50
N ALA A 310 12.71 7.47 -48.46
CA ALA A 310 12.89 6.74 -47.25
C ALA A 310 12.65 5.27 -47.49
N LEU A 311 11.66 4.95 -48.30
CA LEU A 311 11.35 3.58 -48.67
C LEU A 311 12.50 2.91 -49.45
N SER A 312 13.30 3.70 -50.11
CA SER A 312 14.45 3.16 -50.82
C SER A 312 15.54 2.56 -49.88
N HIS A 313 15.57 2.97 -48.59
CA HIS A 313 16.44 2.35 -47.58
C HIS A 313 15.69 1.41 -46.63
N SER A 314 14.43 1.13 -46.93
CA SER A 314 13.60 0.31 -46.09
C SER A 314 13.63 -1.10 -46.61
N PHE A 315 13.09 -2.03 -45.84
CA PHE A 315 13.14 -3.44 -46.26
C PHE A 315 12.07 -4.27 -45.57
N ILE A 316 11.77 -5.43 -46.18
CA ILE A 316 10.81 -6.39 -45.65
C ILE A 316 11.62 -7.60 -45.23
N VAL A 317 11.32 -8.17 -44.08
CA VAL A 317 12.01 -9.36 -43.58
C VAL A 317 10.96 -10.42 -43.33
N HIS A 318 11.21 -11.65 -43.77
CA HIS A 318 10.33 -12.79 -43.48
C HIS A 318 10.87 -13.59 -42.37
N ALA A 319 10.03 -13.86 -41.40
CA ALA A 319 10.41 -14.61 -40.20
C ALA A 319 9.46 -15.78 -40.07
N ARG A 320 9.98 -16.97 -39.75
CA ARG A 320 9.19 -18.20 -39.58
C ARG A 320 8.02 -18.04 -38.62
N ASP A 321 8.25 -17.31 -37.54
CA ASP A 321 7.25 -17.15 -36.51
C ASP A 321 7.43 -15.83 -35.78
N MET A 322 6.57 -15.60 -34.80
CA MET A 322 6.56 -14.40 -34.00
C MET A 322 7.80 -14.29 -33.11
N LEU A 323 8.25 -15.38 -32.51
CA LEU A 323 9.46 -15.30 -31.71
C LEU A 323 10.66 -14.83 -32.50
N GLU A 324 10.76 -15.31 -33.74
CA GLU A 324 11.84 -14.92 -34.65
C GLU A 324 11.67 -13.44 -35.03
N ALA A 325 10.44 -13.03 -35.31
CA ALA A 325 10.15 -11.65 -35.70
C ALA A 325 10.58 -10.69 -34.60
N ILE A 326 10.18 -10.99 -33.36
CA ILE A 326 10.46 -10.10 -32.26
C ILE A 326 11.98 -10.14 -31.94
N THR A 327 12.59 -11.30 -32.11
CA THR A 327 14.05 -11.43 -31.94
C THR A 327 14.82 -10.52 -32.93
N PHE A 328 14.40 -10.49 -34.19
CA PHE A 328 14.99 -9.59 -35.15
C PHE A 328 14.73 -8.14 -34.79
N SER A 329 13.48 -7.82 -34.49
CA SER A 329 13.14 -6.44 -34.05
C SER A 329 14.09 -6.00 -32.92
N ASN A 330 14.31 -6.87 -31.95
CA ASN A 330 15.24 -6.54 -30.86
C ASN A 330 16.67 -6.25 -31.33
N MET A 331 17.14 -7.00 -32.32
CA MET A 331 18.45 -6.69 -32.92
C MET A 331 18.47 -5.32 -33.58
N TYR A 332 17.46 -5.03 -34.37
CA TYR A 332 17.36 -3.75 -35.06
C TYR A 332 17.18 -2.60 -34.07
N ALA A 333 16.38 -2.82 -33.03
CA ALA A 333 16.18 -1.87 -31.92
C ALA A 333 15.48 -0.60 -32.38
N PRO A 334 14.24 -0.72 -32.87
CA PRO A 334 13.57 0.41 -33.53
C PRO A 334 13.12 1.48 -32.54
N GLU A 335 13.02 2.70 -33.05
CA GLU A 335 12.49 3.78 -32.33
C GLU A 335 11.06 3.46 -31.94
N HIS A 336 10.29 3.00 -32.93
CA HIS A 336 8.88 2.59 -32.73
C HIS A 336 8.64 1.20 -33.26
N LEU A 337 7.84 0.44 -32.56
CA LEU A 337 7.51 -0.90 -32.89
C LEU A 337 6.01 -1.02 -32.91
N ILE A 338 5.43 -1.42 -34.05
CA ILE A 338 4.01 -1.70 -34.10
C ILE A 338 3.87 -3.18 -34.23
N ILE A 339 3.19 -3.80 -33.28
CA ILE A 339 2.96 -5.23 -33.35
C ILE A 339 1.53 -5.46 -33.77
N ASN A 340 1.33 -5.73 -35.05
CA ASN A 340 0.02 -5.97 -35.60
C ASN A 340 -0.11 -7.47 -35.87
N VAL A 341 -0.27 -8.22 -34.78
CA VAL A 341 -0.44 -9.65 -34.84
C VAL A 341 -1.52 -10.08 -33.86
N LYS A 342 -1.98 -11.31 -34.03
CA LYS A 342 -2.98 -11.88 -33.14
C LYS A 342 -2.35 -12.07 -31.74
N ASP A 343 -3.06 -11.58 -30.71
CA ASP A 343 -2.61 -11.61 -29.32
C ASP A 343 -1.33 -10.83 -29.13
N ALA A 344 -1.25 -9.68 -29.77
CA ALA A 344 -0.03 -8.85 -29.71
C ALA A 344 0.45 -8.66 -28.26
N GLU A 345 -0.47 -8.37 -27.39
CA GLU A 345 -0.18 -8.10 -26.03
C GLU A 345 0.52 -9.22 -25.32
N LYS A 346 0.28 -10.46 -25.71
CA LYS A 346 0.94 -11.62 -25.08
C LYS A 346 2.44 -11.74 -25.36
N TRP A 347 2.92 -11.09 -26.43
CA TRP A 347 4.33 -11.05 -26.80
C TRP A 347 5.15 -9.95 -26.13
N GLU A 348 4.48 -9.08 -25.38
CA GLU A 348 5.10 -7.98 -24.68
C GLU A 348 6.36 -8.32 -23.87
N SER A 349 6.39 -9.47 -23.23
CA SER A 349 7.56 -9.84 -22.44
C SER A 349 8.82 -10.23 -23.27
N PHE A 350 8.66 -10.44 -24.58
CA PHE A 350 9.79 -10.68 -25.47
C PHE A 350 10.40 -9.42 -26.03
N ILE A 351 9.72 -8.28 -25.90
CA ILE A 351 10.23 -7.03 -26.39
C ILE A 351 11.36 -6.58 -25.48
N GLU A 352 12.54 -6.32 -26.04
CA GLU A 352 13.75 -5.93 -25.29
C GLU A 352 14.28 -4.53 -25.69
N ASN A 353 14.32 -4.24 -26.99
CA ASN A 353 14.77 -2.96 -27.50
C ASN A 353 13.75 -2.37 -28.41
N ALA A 354 13.08 -1.33 -27.97
CA ALA A 354 12.10 -0.57 -28.75
C ALA A 354 11.80 0.67 -27.95
N GLY A 355 11.71 1.84 -28.58
CA GLY A 355 11.50 3.06 -27.85
C GLY A 355 10.08 3.15 -27.32
N SER A 356 9.13 2.91 -28.23
CA SER A 356 7.70 2.91 -27.88
C SER A 356 7.02 1.82 -28.70
N VAL A 357 6.01 1.20 -28.11
CA VAL A 357 5.38 -0.01 -28.68
C VAL A 357 3.88 0.24 -28.90
N PHE A 358 3.39 -0.16 -30.09
CA PHE A 358 1.96 -0.06 -30.44
C PHE A 358 1.43 -1.44 -30.66
N LEU A 359 0.55 -1.89 -29.78
CA LEU A 359 0.02 -3.24 -29.82
C LEU A 359 -1.34 -3.27 -30.49
N GLY A 360 -1.50 -4.21 -31.42
CA GLY A 360 -2.78 -4.55 -31.99
C GLY A 360 -3.04 -3.89 -33.31
N SER A 361 -4.32 -3.89 -33.67
CA SER A 361 -4.78 -3.42 -34.99
C SER A 361 -5.33 -2.00 -35.00
N TRP A 362 -5.71 -1.47 -33.84
CA TRP A 362 -6.33 -0.15 -33.74
C TRP A 362 -5.38 0.91 -33.19
N THR A 363 -4.09 0.61 -33.24
CA THR A 363 -3.07 1.45 -32.59
C THR A 363 -2.01 1.85 -33.59
N PRO A 364 -2.35 2.78 -34.49
CA PRO A 364 -1.33 3.23 -35.40
C PRO A 364 -0.33 4.08 -34.60
N GLU A 365 0.94 4.12 -35.01
CA GLU A 365 1.93 4.93 -34.34
C GLU A 365 1.43 6.38 -34.16
N SER A 366 0.66 6.88 -35.14
CA SER A 366 0.13 8.24 -35.09
C SER A 366 -0.46 8.68 -33.71
N VAL A 367 -1.17 7.79 -33.01
CA VAL A 367 -1.80 8.15 -31.78
C VAL A 367 -0.75 8.50 -30.72
N GLY A 368 0.38 7.77 -30.75
CA GLY A 368 1.49 8.00 -29.89
C GLY A 368 2.28 9.23 -30.32
N ASP A 369 2.43 9.42 -31.63
CA ASP A 369 3.05 10.62 -32.18
C ASP A 369 2.37 11.90 -31.67
N TYR A 370 1.07 11.86 -31.46
CA TYR A 370 0.25 13.03 -31.23
C TYR A 370 -0.42 13.20 -29.86
N ALA A 371 -1.07 12.16 -29.36
CA ALA A 371 -1.99 12.37 -28.27
C ALA A 371 -2.36 11.22 -27.31
N SER A 372 -1.85 10.01 -27.50
CA SER A 372 -2.17 8.93 -26.56
C SER A 372 -1.66 9.25 -25.14
N GLY A 373 -0.54 9.98 -25.04
CA GLY A 373 0.02 10.38 -23.78
C GLY A 373 1.48 9.99 -23.62
N THR A 374 1.93 8.99 -24.36
CA THR A 374 3.33 8.59 -24.34
C THR A 374 4.18 9.66 -24.98
N ASN A 375 5.50 9.54 -24.86
CA ASN A 375 6.41 10.56 -25.37
C ASN A 375 7.04 10.11 -26.66
N HIS A 376 6.90 10.94 -27.69
CA HIS A 376 7.45 10.59 -28.98
C HIS A 376 8.89 10.92 -29.19
N VAL A 377 9.52 11.58 -28.22
CA VAL A 377 10.95 11.86 -28.35
C VAL A 377 11.68 10.60 -27.95
N LEU A 378 12.09 9.83 -28.94
CA LEU A 378 12.56 8.46 -28.74
C LEU A 378 13.90 8.22 -29.42
N PRO A 379 14.73 7.30 -28.90
CA PRO A 379 16.03 7.15 -29.50
C PRO A 379 16.00 6.40 -30.85
N THR A 380 16.81 6.85 -31.80
CA THR A 380 16.89 6.27 -33.11
C THR A 380 18.30 5.67 -33.28
N TYR A 381 18.57 5.12 -34.48
CA TYR A 381 19.87 4.58 -34.89
C TYR A 381 20.24 3.27 -34.23
N GLY A 382 19.40 2.70 -33.41
CA GLY A 382 19.77 1.55 -32.56
C GLY A 382 20.03 1.98 -31.08
N TYR A 383 19.95 3.29 -30.78
CA TYR A 383 20.12 3.81 -29.40
C TYR A 383 19.00 3.39 -28.46
N ALA A 384 17.92 2.84 -29.01
CA ALA A 384 16.93 2.15 -28.19
C ALA A 384 17.50 0.95 -27.41
N ARG A 385 18.70 0.48 -27.75
CA ARG A 385 19.34 -0.54 -26.95
C ARG A 385 19.73 -0.09 -25.53
N MET A 386 19.96 1.21 -25.34
CA MET A 386 20.39 1.70 -24.03
C MET A 386 19.79 2.99 -23.56
N TYR A 387 18.98 3.63 -24.37
CA TYR A 387 18.33 4.89 -24.00
C TYR A 387 16.81 4.69 -23.97
N SER A 388 16.15 5.44 -23.09
CA SER A 388 14.72 5.53 -22.99
C SER A 388 14.25 6.76 -23.72
N GLY A 389 13.03 6.75 -24.24
CA GLY A 389 12.41 8.00 -24.62
C GLY A 389 12.36 9.01 -23.46
N VAL A 390 12.05 10.27 -23.79
CA VAL A 390 11.91 11.31 -22.81
C VAL A 390 10.78 10.97 -21.86
N SER A 391 10.99 11.28 -20.60
CA SER A 391 10.05 10.98 -19.52
C SER A 391 10.23 12.08 -18.47
N LEU A 392 9.44 12.02 -17.41
CA LEU A 392 9.53 12.96 -16.31
C LEU A 392 10.93 12.96 -15.76
N ASP A 393 11.50 11.79 -15.55
CA ASP A 393 12.85 11.70 -14.96
C ASP A 393 13.97 12.29 -15.79
N SER A 394 13.75 12.44 -17.08
CA SER A 394 14.68 13.13 -17.94
C SER A 394 14.93 14.56 -17.47
N PHE A 395 13.95 15.16 -16.81
CA PHE A 395 14.03 16.56 -16.27
C PHE A 395 14.46 16.68 -14.81
N LEU A 396 14.80 15.56 -14.21
CA LEU A 396 15.07 15.47 -12.79
C LEU A 396 16.47 14.92 -12.54
N LYS A 397 17.02 15.27 -11.36
CA LYS A 397 18.16 14.56 -10.76
C LYS A 397 17.65 13.94 -9.44
N TYR A 398 18.10 12.73 -9.11
CA TYR A 398 17.72 12.12 -7.87
C TYR A 398 18.92 12.20 -7.00
N ILE A 399 18.84 13.04 -5.98
CA ILE A 399 19.91 13.27 -5.02
C ILE A 399 19.71 12.27 -3.92
N THR A 400 20.71 11.46 -3.64
CA THR A 400 20.65 10.53 -2.50
C THR A 400 21.05 11.21 -1.23
N VAL A 401 20.40 10.86 -0.13
CA VAL A 401 20.56 11.56 1.16
C VAL A 401 20.70 10.53 2.24
N GLN A 402 21.68 10.69 3.13
CA GLN A 402 21.78 9.80 4.27
C GLN A 402 22.03 10.55 5.58
N SER A 403 21.58 9.92 6.63
CA SER A 403 21.67 10.48 7.95
C SER A 403 21.87 9.35 8.93
N LEU A 404 22.90 9.44 9.74
CA LEU A 404 23.17 8.44 10.75
C LEU A 404 22.98 9.03 12.15
N THR A 405 22.34 8.27 13.02
CA THR A 405 22.41 8.51 14.45
C THR A 405 23.75 8.02 14.99
N GLU A 406 24.10 8.43 16.21
CA GLU A 406 25.25 7.87 16.90
C GLU A 406 25.26 6.34 16.94
N GLU A 407 24.12 5.78 17.30
CA GLU A 407 23.93 4.34 17.32
C GLU A 407 24.27 3.79 15.94
N GLY A 408 23.70 4.40 14.91
CA GLY A 408 23.94 4.00 13.54
C GLY A 408 25.40 3.97 13.17
N LEU A 409 26.11 5.03 13.52
CA LEU A 409 27.55 5.09 13.26
C LEU A 409 28.36 4.07 14.08
N ARG A 410 27.88 3.74 15.24
CA ARG A 410 28.51 2.75 16.06
C ARG A 410 28.39 1.40 15.42
N LYS A 411 27.22 1.09 14.90
CA LYS A 411 26.99 -0.13 14.20
C LYS A 411 27.66 -0.28 12.83
N LEU A 412 27.64 0.75 12.00
CA LEU A 412 28.16 0.67 10.62
C LEU A 412 29.62 1.08 10.51
N GLY A 413 30.05 1.99 11.37
CA GLY A 413 31.36 2.56 11.31
C GLY A 413 32.54 1.62 11.23
N PRO A 414 32.61 0.63 12.12
CA PRO A 414 33.70 -0.37 12.08
C PRO A 414 33.85 -1.09 10.75
N TYR A 415 32.74 -1.45 10.11
CA TYR A 415 32.80 -2.04 8.74
C TYR A 415 33.40 -1.06 7.73
N VAL A 416 32.96 0.19 7.79
CA VAL A 416 33.49 1.24 6.94
C VAL A 416 35.01 1.38 7.16
N GLU A 417 35.44 1.31 8.41
CA GLU A 417 36.87 1.37 8.74
C GLU A 417 37.67 0.24 8.08
N THR A 418 37.19 -1.00 8.24
CA THR A 418 37.76 -2.17 7.61
C THR A 418 37.90 -1.98 6.10
N MET A 419 36.83 -1.53 5.45
CA MET A 419 36.86 -1.37 4.00
C MET A 419 37.82 -0.26 3.58
N ALA A 420 37.83 0.84 4.30
CA ALA A 420 38.83 1.90 4.06
C ALA A 420 40.29 1.39 4.22
N GLU A 421 40.55 0.58 5.23
CA GLU A 421 41.85 -0.06 5.38
C GLU A 421 42.21 -0.83 4.11
N VAL A 422 41.32 -1.70 3.65
CA VAL A 422 41.53 -2.51 2.45
C VAL A 422 41.90 -1.65 1.29
N GLU A 423 41.19 -0.53 1.10
CA GLU A 423 41.48 0.39 -0.02
C GLU A 423 42.71 1.30 0.15
N GLY A 424 43.36 1.24 1.31
CA GLY A 424 44.52 2.05 1.58
C GLY A 424 44.22 3.53 1.76
N LEU A 425 43.05 3.83 2.35
CA LEU A 425 42.57 5.17 2.41
C LEU A 425 42.30 5.56 3.88
N GLU A 426 43.38 5.95 4.55
CA GLU A 426 43.40 6.14 6.01
C GLU A 426 42.52 7.30 6.46
N ALA A 427 42.54 8.41 5.72
CA ALA A 427 41.69 9.58 6.04
C ALA A 427 40.19 9.23 6.04
N HIS A 428 39.75 8.41 5.08
CA HIS A 428 38.37 7.87 5.08
C HIS A 428 38.07 7.16 6.40
N LYS A 429 38.98 6.32 6.85
CA LYS A 429 38.85 5.62 8.11
C LYS A 429 38.81 6.57 9.32
N ARG A 430 39.69 7.56 9.33
CA ARG A 430 39.83 8.48 10.46
C ARG A 430 38.61 9.32 10.68
N ALA A 431 37.90 9.69 9.60
CA ALA A 431 36.68 10.46 9.74
C ALA A 431 35.59 9.73 10.51
N VAL A 432 35.66 8.42 10.49
CA VAL A 432 34.78 7.59 11.32
C VAL A 432 35.39 7.43 12.72
N THR A 433 36.66 7.04 12.77
CA THR A 433 37.36 6.73 14.01
C THR A 433 37.28 7.93 15.01
N LEU A 434 37.67 9.09 14.52
CA LEU A 434 37.60 10.32 15.26
C LEU A 434 36.20 10.58 15.94
N ARG A 435 35.12 10.29 15.23
CA ARG A 435 33.78 10.44 15.74
C ARG A 435 33.47 9.39 16.81
N LEU A 436 33.86 8.13 16.56
CA LEU A 436 33.62 7.06 17.51
C LEU A 436 34.43 7.22 18.82
N GLN A 437 35.64 7.75 18.75
CA GLN A 437 36.42 8.10 19.94
C GLN A 437 35.74 9.17 20.78
N ASP A 438 35.21 10.18 20.15
CA ASP A 438 34.50 11.20 20.87
C ASP A 438 33.23 10.65 21.49
N ILE A 439 32.50 9.80 20.81
CA ILE A 439 31.35 9.12 21.42
C ILE A 439 31.82 8.34 22.66
N GLU A 440 32.97 7.69 22.55
CA GLU A 440 33.58 6.93 23.67
C GLU A 440 33.89 7.75 24.96
N ALA A 441 34.41 8.97 24.81
CA ALA A 441 34.81 9.85 25.97
C ALA A 441 33.76 10.77 26.65
N PRO B 10 48.02 27.42 4.73
CA PRO B 10 46.61 27.67 5.07
C PRO B 10 45.68 27.79 3.86
N ILE B 11 44.51 27.20 3.96
CA ILE B 11 43.49 27.16 2.90
C ILE B 11 43.01 28.59 2.58
N LYS B 12 42.99 28.93 1.30
CA LYS B 12 42.48 30.22 0.79
C LYS B 12 41.07 30.52 1.34
N THR B 13 40.77 31.77 1.63
CA THR B 13 39.48 32.15 2.23
C THR B 13 38.78 33.26 1.42
N TYR B 14 37.45 33.23 1.40
CA TYR B 14 36.63 34.23 0.73
C TYR B 14 35.49 34.60 1.64
N HIS B 15 34.91 35.78 1.40
CA HIS B 15 33.71 36.24 2.04
C HIS B 15 32.73 36.58 0.94
N LEU B 16 31.53 36.03 1.04
CA LEU B 16 30.59 36.06 -0.10
C LEU B 16 30.12 37.44 -0.49
N SER B 17 29.84 38.28 0.49
CA SER B 17 29.39 39.65 0.24
C SER B 17 30.45 40.48 -0.52
N ASN B 18 31.74 40.22 -0.24
CA ASN B 18 32.85 40.89 -0.91
C ASN B 18 33.08 40.64 -2.38
N LEU B 19 32.36 39.70 -2.97
CA LEU B 19 32.70 39.19 -4.30
C LEU B 19 31.83 39.75 -5.38
N THR B 20 32.47 40.07 -6.51
CA THR B 20 31.76 40.43 -7.72
C THR B 20 31.14 39.17 -8.32
N GLN B 21 30.14 39.36 -9.16
CA GLN B 21 29.57 38.22 -9.91
C GLN B 21 30.63 37.37 -10.59
N THR B 22 31.61 38.02 -11.19
CA THR B 22 32.67 37.33 -11.88
C THR B 22 33.55 36.50 -10.95
N GLU B 23 33.86 37.04 -9.78
CA GLU B 23 34.70 36.30 -8.79
C GLU B 23 33.97 35.11 -8.25
N LEU B 24 32.70 35.32 -7.94
CA LEU B 24 31.79 34.28 -7.47
C LEU B 24 31.67 33.11 -8.44
N LEU B 25 31.32 33.39 -9.69
CA LEU B 25 31.23 32.36 -10.73
C LEU B 25 32.54 31.64 -11.00
N SER B 26 33.67 32.28 -10.74
CA SER B 26 34.96 31.61 -10.92
C SER B 26 35.19 30.53 -9.85
N LEU B 27 34.50 30.59 -8.70
CA LEU B 27 34.59 29.57 -7.66
C LEU B 27 33.96 28.22 -8.04
N LYS B 28 33.15 28.18 -9.11
CA LYS B 28 32.65 26.92 -9.67
C LYS B 28 33.74 26.08 -10.33
N SER B 29 34.86 26.67 -10.71
CA SER B 29 35.87 25.97 -11.48
C SER B 29 36.62 24.96 -10.65
N ARG B 30 36.96 23.87 -11.31
CA ARG B 30 37.70 22.77 -10.70
C ARG B 30 39.17 22.75 -11.17
N PRO B 31 40.02 22.11 -10.39
CA PRO B 31 41.47 21.96 -10.60
C PRO B 31 41.90 21.39 -11.93
N ARG B 32 41.41 20.23 -12.36
CA ARG B 32 41.96 19.64 -13.59
C ARG B 32 41.25 19.73 -14.95
N ILE B 33 42.04 20.12 -15.96
CA ILE B 33 41.69 20.33 -17.37
C ILE B 33 40.24 20.21 -17.80
N SER B 37 42.10 18.73 -24.75
CA SER B 37 43.48 18.22 -24.42
C SER B 37 43.56 16.75 -23.98
N VAL B 38 42.63 16.33 -23.13
CA VAL B 38 42.61 14.93 -22.69
C VAL B 38 42.16 14.03 -23.85
N PHE B 39 41.28 14.54 -24.69
CA PHE B 39 40.83 13.84 -25.89
C PHE B 39 42.00 13.57 -26.84
N ASP B 40 42.87 14.56 -26.99
CA ASP B 40 44.07 14.42 -27.82
C ASP B 40 44.95 13.26 -27.35
N ILE B 41 45.16 13.18 -26.03
CA ILE B 41 45.91 12.07 -25.43
C ILE B 41 45.23 10.70 -25.63
N VAL B 42 43.91 10.68 -25.45
CA VAL B 42 43.12 9.45 -25.30
C VAL B 42 42.64 8.83 -26.62
N ASN B 43 42.24 9.68 -27.57
CA ASN B 43 41.81 9.26 -28.94
C ASN B 43 42.67 8.23 -29.66
N PRO B 44 44.00 8.46 -29.74
CA PRO B 44 44.82 7.44 -30.42
C PRO B 44 44.79 6.06 -29.73
N ILE B 45 44.62 6.04 -28.39
CA ILE B 45 44.53 4.77 -27.66
C ILE B 45 43.23 4.05 -28.01
N VAL B 46 42.15 4.83 -28.10
CA VAL B 46 40.82 4.30 -28.40
C VAL B 46 40.78 3.71 -29.80
N ASP B 47 41.26 4.47 -30.78
CA ASP B 47 41.24 4.05 -32.21
C ASP B 47 42.10 2.84 -32.44
N ASP B 48 43.23 2.80 -31.72
CA ASP B 48 44.17 1.70 -31.81
C ASP B 48 43.56 0.39 -31.25
N VAL B 49 42.85 0.47 -30.11
CA VAL B 49 42.12 -0.70 -29.60
C VAL B 49 40.93 -1.08 -30.51
N HIS B 50 40.29 -0.07 -31.09
CA HIS B 50 39.22 -0.32 -32.06
C HIS B 50 39.77 -1.17 -33.20
N ALA B 51 40.81 -0.67 -33.85
CA ALA B 51 41.39 -1.33 -35.02
C ALA B 51 42.12 -2.65 -34.71
N HIS B 52 42.85 -2.71 -33.59
CA HIS B 52 43.78 -3.84 -33.32
C HIS B 52 43.49 -4.76 -32.14
N GLY B 53 42.42 -4.49 -31.39
CA GLY B 53 41.92 -5.44 -30.39
C GLY B 53 42.84 -5.77 -29.23
N ASP B 54 42.76 -7.01 -28.75
CA ASP B 54 43.48 -7.47 -27.54
C ASP B 54 44.98 -7.13 -27.52
N ALA B 55 45.61 -7.27 -28.70
CA ALA B 55 47.02 -6.93 -28.89
C ALA B 55 47.32 -5.51 -28.45
N ALA B 56 46.51 -4.56 -28.89
CA ALA B 56 46.70 -3.19 -28.48
C ALA B 56 46.43 -3.05 -27.02
N VAL B 57 45.45 -3.80 -26.54
CA VAL B 57 45.10 -3.69 -25.14
C VAL B 57 46.27 -4.12 -24.28
N LYS B 58 46.91 -5.21 -24.66
CA LYS B 58 48.03 -5.72 -23.89
C LYS B 58 49.14 -4.72 -23.88
N GLN B 59 49.42 -4.14 -25.03
CA GLN B 59 50.48 -3.18 -25.12
C GLN B 59 50.22 -1.98 -24.24
N TYR B 60 49.00 -1.49 -24.23
CA TYR B 60 48.72 -0.34 -23.40
C TYR B 60 48.90 -0.57 -21.88
N THR B 61 48.55 -1.77 -21.46
CA THR B 61 48.69 -2.29 -20.10
C THR B 61 50.19 -2.37 -19.73
N SER B 62 51.01 -2.95 -20.64
CA SER B 62 52.47 -2.94 -20.49
C SER B 62 53.00 -1.52 -20.31
N LYS B 63 52.60 -0.62 -21.20
CA LYS B 63 53.09 0.77 -21.17
C LYS B 63 52.78 1.49 -19.86
N PHE B 64 51.50 1.55 -19.46
CA PHE B 64 51.07 2.36 -18.29
C PHE B 64 51.15 1.59 -16.97
N ASP B 65 50.66 0.35 -16.98
CA ASP B 65 50.53 -0.45 -15.75
C ASP B 65 51.75 -1.29 -15.44
N LYS B 66 52.66 -1.44 -16.41
CA LYS B 66 53.92 -2.16 -16.25
C LYS B 66 53.63 -3.60 -15.86
N VAL B 67 52.74 -4.19 -16.63
CA VAL B 67 52.32 -5.56 -16.45
C VAL B 67 52.18 -6.17 -17.83
N ASP B 68 52.72 -7.37 -18.00
CA ASP B 68 52.56 -8.10 -19.25
C ASP B 68 51.60 -9.24 -18.98
N LEU B 69 50.52 -9.32 -19.75
CA LEU B 69 49.47 -10.30 -19.55
C LEU B 69 49.03 -10.89 -20.88
N GLU B 70 48.78 -12.19 -20.88
CA GLU B 70 48.25 -12.88 -22.08
C GLU B 70 46.73 -13.07 -22.06
N ASN B 71 46.17 -13.34 -20.87
CA ASN B 71 44.70 -13.52 -20.69
C ASN B 71 44.11 -12.28 -20.06
N ILE B 72 43.64 -11.36 -20.92
CA ILE B 72 43.01 -10.13 -20.41
C ILE B 72 41.53 -10.28 -20.04
N VAL B 73 40.89 -11.35 -20.46
CA VAL B 73 39.47 -11.60 -20.15
C VAL B 73 39.23 -13.01 -19.59
N GLU B 74 38.73 -13.05 -18.36
CA GLU B 74 38.40 -14.27 -17.65
C GLU B 74 36.90 -14.33 -17.50
N LEU B 75 36.31 -15.48 -17.74
CA LEU B 75 34.95 -15.77 -17.28
C LEU B 75 35.00 -15.89 -15.76
N VAL B 76 34.16 -15.13 -15.09
CA VAL B 76 34.13 -15.11 -13.64
C VAL B 76 33.75 -16.48 -13.06
N SER B 77 32.87 -17.21 -13.74
CA SER B 77 32.49 -18.58 -13.34
C SER B 77 33.65 -19.61 -13.35
N ASP B 78 34.69 -19.36 -14.16
CA ASP B 78 35.92 -20.16 -14.18
C ASP B 78 36.82 -19.93 -12.98
N LEU B 79 36.84 -18.71 -12.45
CA LEU B 79 37.79 -18.35 -11.40
C LEU B 79 37.32 -18.84 -10.05
N PRO B 80 38.28 -19.30 -9.19
CA PRO B 80 37.89 -19.77 -7.84
C PRO B 80 37.47 -18.66 -6.89
N ASP B 81 36.50 -18.97 -6.01
CA ASP B 81 36.11 -18.09 -4.91
C ASP B 81 37.32 -17.70 -4.11
N PRO B 82 37.65 -16.39 -4.05
CA PRO B 82 38.88 -16.01 -3.35
C PRO B 82 38.66 -16.07 -1.83
N VAL B 83 39.76 -16.18 -1.11
CA VAL B 83 39.69 -16.31 0.34
C VAL B 83 40.12 -15.00 0.99
N LEU B 84 39.28 -14.54 1.90
CA LEU B 84 39.36 -13.19 2.47
C LEU B 84 39.53 -13.32 3.97
N ASP B 85 40.32 -12.44 4.58
CA ASP B 85 40.28 -12.32 6.07
C ASP B 85 38.77 -12.12 6.44
N PRO B 86 38.26 -12.92 7.38
CA PRO B 86 36.81 -12.87 7.66
C PRO B 86 36.21 -11.53 8.15
N ALA B 87 37.01 -10.65 8.72
CA ALA B 87 36.53 -9.30 9.04
C ALA B 87 36.28 -8.47 7.77
N ILE B 88 37.16 -8.62 6.78
CA ILE B 88 37.05 -7.99 5.49
C ILE B 88 35.83 -8.55 4.79
N LYS B 89 35.66 -9.86 4.80
CA LYS B 89 34.47 -10.47 4.19
C LYS B 89 33.16 -9.99 4.83
N GLU B 90 33.15 -9.94 6.13
CA GLU B 90 31.96 -9.51 6.85
C GLU B 90 31.60 -8.05 6.43
N ALA B 91 32.62 -7.17 6.35
CA ALA B 91 32.44 -5.75 6.03
C ALA B 91 31.84 -5.56 4.59
N PHE B 92 32.46 -6.21 3.60
CA PHE B 92 31.95 -6.16 2.24
C PHE B 92 30.56 -6.78 2.13
N ASP B 93 30.24 -7.80 2.95
CA ASP B 93 28.86 -8.34 2.96
C ASP B 93 27.83 -7.35 3.54
N VAL B 94 28.20 -6.61 4.58
CA VAL B 94 27.31 -5.58 5.11
C VAL B 94 27.04 -4.53 4.02
N ALA B 95 28.12 -4.10 3.35
CA ALA B 95 28.01 -3.16 2.26
C ALA B 95 27.13 -3.67 1.14
N TYR B 96 27.38 -4.89 0.67
CA TYR B 96 26.56 -5.50 -0.39
C TYR B 96 25.10 -5.48 0.01
N SER B 97 24.87 -5.86 1.25
CA SER B 97 23.51 -5.94 1.82
C SER B 97 22.79 -4.59 1.82
N ASN B 98 23.48 -3.56 2.32
CA ASN B 98 22.92 -2.21 2.37
C ASN B 98 22.69 -1.58 0.96
N ILE B 99 23.66 -1.78 0.06
CA ILE B 99 23.59 -1.27 -1.31
C ILE B 99 22.46 -1.99 -2.02
N TYR B 100 22.41 -3.32 -1.86
CA TYR B 100 21.32 -4.10 -2.49
C TYR B 100 19.94 -3.57 -2.10
N ALA B 101 19.78 -3.40 -0.79
CA ALA B 101 18.54 -2.94 -0.22
C ALA B 101 18.12 -1.56 -0.75
N PHE B 102 19.07 -0.62 -0.77
CA PHE B 102 18.78 0.74 -1.23
C PHE B 102 18.38 0.77 -2.71
N HIS B 103 19.03 -0.04 -3.50
CA HIS B 103 18.77 -0.09 -4.94
C HIS B 103 17.56 -0.91 -5.30
N ALA B 104 17.31 -2.01 -4.57
CA ALA B 104 16.13 -2.85 -4.82
C ALA B 104 14.86 -2.06 -4.53
N ALA B 105 14.93 -1.20 -3.51
CA ALA B 105 13.86 -0.25 -3.17
C ALA B 105 13.45 0.69 -4.28
N GLN B 106 14.28 0.88 -5.29
CA GLN B 106 13.98 1.75 -6.41
C GLN B 106 13.14 1.12 -7.53
N LYS B 107 12.78 -0.15 -7.42
CA LYS B 107 11.90 -0.77 -8.43
C LYS B 107 10.56 -0.08 -8.46
N SER B 108 10.19 0.48 -9.62
CA SER B 108 8.91 1.21 -9.72
C SER B 108 7.84 0.23 -10.18
N PRO B 109 6.70 0.20 -9.48
CA PRO B 109 5.62 -0.68 -9.96
C PRO B 109 5.02 -0.08 -11.24
N GLU B 110 4.81 -0.91 -12.25
CA GLU B 110 4.44 -0.46 -13.59
C GLU B 110 2.94 -0.27 -13.74
N LYS B 111 2.44 0.85 -13.28
CA LYS B 111 1.02 1.13 -13.37
C LYS B 111 0.53 1.53 -14.77
N SER B 112 -0.56 0.91 -15.21
CA SER B 112 -1.27 1.31 -16.42
C SER B 112 -2.01 2.65 -16.22
N VAL B 113 -2.01 3.50 -17.25
CA VAL B 113 -2.72 4.76 -17.24
C VAL B 113 -3.84 4.72 -18.30
N GLU B 114 -5.07 4.98 -17.88
CA GLU B 114 -6.24 5.02 -18.80
C GLU B 114 -7.14 6.23 -18.57
N ASN B 115 -6.69 7.37 -19.07
CA ASN B 115 -7.35 8.66 -18.89
C ASN B 115 -8.50 8.86 -19.88
N MET B 116 -8.41 8.24 -21.05
CA MET B 116 -9.54 8.09 -21.95
C MET B 116 -9.89 6.61 -21.99
N LYS B 117 -11.17 6.30 -22.09
CA LYS B 117 -11.60 4.91 -22.18
C LYS B 117 -11.11 4.34 -23.51
N GLY B 118 -10.49 3.17 -23.42
CA GLY B 118 -9.90 2.49 -24.59
C GLY B 118 -8.60 3.04 -25.12
N VAL B 119 -7.93 3.89 -24.34
CA VAL B 119 -6.59 4.36 -24.64
C VAL B 119 -5.74 3.96 -23.45
N GLN B 120 -5.11 2.79 -23.55
CA GLN B 120 -4.28 2.19 -22.50
C GLN B 120 -2.83 2.55 -22.81
N CYS B 121 -2.14 3.23 -21.86
CA CYS B 121 -0.68 3.51 -21.97
C CYS B 121 0.09 3.10 -20.73
N LYS B 122 1.34 2.76 -20.92
CA LYS B 122 2.14 2.15 -19.87
C LYS B 122 3.63 2.31 -20.12
N ARG B 123 4.41 2.11 -19.08
CA ARG B 123 5.86 2.05 -19.15
C ARG B 123 6.28 0.69 -18.67
N VAL B 124 7.22 0.04 -19.34
CA VAL B 124 7.80 -1.17 -18.82
C VAL B 124 9.32 -1.10 -18.80
N ALA B 125 9.92 -1.68 -17.77
CA ALA B 125 11.36 -1.65 -17.62
C ALA B 125 11.99 -2.85 -18.31
N ARG B 126 13.08 -2.60 -19.00
CA ARG B 126 13.92 -3.64 -19.58
C ARG B 126 15.34 -3.30 -19.28
N SER B 127 16.11 -4.30 -18.90
CA SER B 127 17.48 -4.10 -18.59
C SER B 127 18.32 -3.93 -19.83
N ILE B 128 19.41 -3.19 -19.73
CA ILE B 128 20.36 -3.06 -20.79
C ILE B 128 21.04 -4.41 -20.84
N ASN B 129 21.09 -5.03 -22.03
CA ASN B 129 21.54 -6.40 -22.15
C ASN B 129 22.97 -6.60 -21.78
N SER B 130 23.84 -5.67 -22.12
CA SER B 130 25.22 -5.79 -21.65
C SER B 130 25.83 -4.46 -21.24
N VAL B 131 26.58 -4.52 -20.15
CA VAL B 131 27.12 -3.31 -19.51
C VAL B 131 28.55 -3.54 -19.13
N GLY B 132 29.34 -2.49 -19.19
CA GLY B 132 30.73 -2.53 -18.77
C GLY B 132 30.91 -1.60 -17.56
N LEU B 133 31.59 -2.09 -16.56
CA LEU B 133 31.73 -1.41 -15.28
C LEU B 133 33.19 -1.16 -15.02
N TYR B 134 33.61 0.10 -15.03
CA TYR B 134 35.01 0.38 -14.81
C TYR B 134 35.26 0.56 -13.28
N VAL B 135 36.15 -0.27 -12.77
CA VAL B 135 36.55 -0.21 -11.35
C VAL B 135 38.00 0.29 -11.28
N PRO B 136 38.20 1.51 -10.70
CA PRO B 136 39.56 2.05 -10.66
C PRO B 136 40.61 1.23 -9.91
N GLY B 137 41.83 1.23 -10.48
CA GLY B 137 42.98 0.62 -9.82
C GLY B 137 44.32 1.39 -9.97
N GLY B 138 44.34 2.74 -9.89
CA GLY B 138 45.57 3.53 -10.06
C GLY B 138 46.39 3.83 -8.80
N THR B 139 46.06 4.91 -8.10
CA THR B 139 46.73 5.30 -6.85
C THR B 139 46.12 4.59 -5.65
N ALA B 140 44.98 3.94 -5.87
CA ALA B 140 44.28 3.15 -4.86
C ALA B 140 43.25 2.23 -5.63
N VAL B 141 43.17 0.95 -5.23
CA VAL B 141 42.31 -0.12 -5.83
C VAL B 141 40.96 -0.07 -5.04
N LEU B 142 39.84 0.01 -5.78
CA LEU B 142 38.54 0.38 -5.23
C LEU B 142 37.44 -0.70 -5.36
N PRO B 143 37.51 -1.80 -4.56
CA PRO B 143 36.41 -2.74 -4.57
C PRO B 143 35.04 -2.17 -4.17
N SER B 144 35.00 -1.08 -3.41
CA SER B 144 33.74 -0.41 -3.09
C SER B 144 32.97 -0.13 -4.40
N THR B 145 33.66 0.47 -5.35
CA THR B 145 33.12 0.79 -6.66
C THR B 145 32.54 -0.45 -7.37
N ALA B 146 33.18 -1.61 -7.24
CA ALA B 146 32.63 -2.83 -7.83
C ALA B 146 31.26 -3.13 -7.30
N LEU B 147 31.07 -2.94 -5.99
CA LEU B 147 29.73 -3.10 -5.40
C LEU B 147 28.74 -2.02 -5.89
N MET B 148 29.19 -0.76 -5.95
CA MET B 148 28.36 0.35 -6.39
C MET B 148 27.79 0.11 -7.81
N LEU B 149 28.58 -0.46 -8.70
CA LEU B 149 28.21 -0.67 -10.09
C LEU B 149 27.56 -2.04 -10.33
N ALA B 150 28.14 -3.08 -9.79
CA ALA B 150 27.65 -4.45 -10.08
C ALA B 150 26.33 -4.78 -9.37
N VAL B 151 26.11 -4.26 -8.17
CA VAL B 151 24.89 -4.56 -7.41
C VAL B 151 23.64 -4.12 -8.18
N PRO B 152 23.53 -2.83 -8.52
CA PRO B 152 22.36 -2.48 -9.34
C PRO B 152 22.27 -3.18 -10.69
N ALA B 153 23.38 -3.50 -11.30
CA ALA B 153 23.35 -4.29 -12.53
C ALA B 153 22.72 -5.65 -12.29
N GLN B 154 23.10 -6.29 -11.18
CA GLN B 154 22.54 -7.58 -10.80
C GLN B 154 21.03 -7.49 -10.60
N ILE B 155 20.58 -6.46 -9.87
CA ILE B 155 19.15 -6.24 -9.65
C ILE B 155 18.40 -6.03 -10.96
N ALA B 156 18.97 -5.23 -11.84
CA ALA B 156 18.38 -4.94 -13.13
C ALA B 156 18.20 -6.17 -13.96
N GLY B 157 19.12 -7.10 -13.81
CA GLY B 157 19.12 -8.36 -14.56
C GLY B 157 19.90 -8.32 -15.86
N CYS B 158 20.81 -7.35 -16.01
CA CYS B 158 21.75 -7.32 -17.12
C CYS B 158 22.41 -8.70 -17.38
N LYS B 159 22.31 -9.20 -18.60
CA LYS B 159 22.77 -10.57 -19.00
C LYS B 159 24.27 -10.72 -19.09
N THR B 160 24.92 -9.74 -19.69
CA THR B 160 26.36 -9.65 -19.71
C THR B 160 26.83 -8.42 -18.89
N ILE B 161 27.72 -8.68 -17.96
CA ILE B 161 28.29 -7.67 -17.09
C ILE B 161 29.82 -7.86 -17.12
N VAL B 162 30.51 -6.96 -17.82
CA VAL B 162 31.95 -6.97 -17.92
C VAL B 162 32.44 -5.94 -16.91
N LEU B 163 33.31 -6.35 -16.02
CA LEU B 163 33.91 -5.46 -15.07
C LEU B 163 35.38 -5.27 -15.43
N ALA B 164 35.80 -4.03 -15.68
CA ALA B 164 37.18 -3.73 -16.03
C ALA B 164 37.95 -3.24 -14.83
N ASN B 165 39.15 -3.78 -14.67
CA ASN B 165 39.98 -3.44 -13.53
C ASN B 165 41.45 -3.65 -13.91
N PRO B 166 42.28 -2.58 -13.86
CA PRO B 166 43.66 -2.76 -14.23
C PRO B 166 44.38 -3.64 -13.18
N PRO B 167 45.22 -4.59 -13.63
CA PRO B 167 45.81 -5.54 -12.73
C PRO B 167 46.91 -4.94 -11.84
N THR B 168 47.23 -5.67 -10.76
CA THR B 168 48.39 -5.42 -9.92
C THR B 168 49.67 -5.90 -10.60
N ARG B 169 50.81 -5.42 -10.08
CA ARG B 169 52.12 -5.58 -10.77
C ARG B 169 52.51 -6.98 -11.11
N ASP B 170 52.06 -7.92 -10.27
CA ASP B 170 52.27 -9.35 -10.49
C ASP B 170 51.22 -10.02 -11.40
N GLY B 171 50.45 -9.20 -12.12
CA GLY B 171 49.44 -9.70 -13.05
C GLY B 171 48.12 -10.16 -12.45
N THR B 172 47.92 -9.87 -11.16
CA THR B 172 46.74 -10.37 -10.48
C THR B 172 45.66 -9.31 -10.28
N THR B 173 44.40 -9.76 -10.33
CA THR B 173 43.26 -8.94 -9.91
C THR B 173 43.11 -8.95 -8.39
N CYS B 174 42.97 -7.76 -7.80
CA CYS B 174 42.68 -7.59 -6.37
C CYS B 174 41.58 -8.55 -5.91
N LYS B 175 41.82 -9.32 -4.84
CA LYS B 175 40.90 -10.40 -4.46
C LYS B 175 39.61 -9.91 -3.87
N GLU B 176 39.62 -8.73 -3.26
CA GLU B 176 38.38 -8.09 -2.78
C GLU B 176 37.49 -7.63 -3.94
N VAL B 177 38.12 -7.14 -5.01
CA VAL B 177 37.38 -6.84 -6.26
C VAL B 177 36.72 -8.10 -6.82
N LEU B 178 37.43 -9.23 -6.78
CA LEU B 178 36.88 -10.48 -7.31
C LEU B 178 35.79 -11.01 -6.43
N TYR B 179 35.94 -10.79 -5.13
CA TYR B 179 34.90 -11.21 -4.19
C TYR B 179 33.56 -10.53 -4.52
N CYS B 180 33.60 -9.21 -4.65
CA CYS B 180 32.42 -8.41 -4.90
C CYS B 180 31.81 -8.74 -6.28
N ALA B 181 32.67 -8.92 -7.27
CA ALA B 181 32.23 -9.28 -8.59
C ALA B 181 31.42 -10.59 -8.60
N LYS B 182 31.93 -11.59 -7.89
CA LYS B 182 31.23 -12.88 -7.77
C LYS B 182 29.92 -12.73 -7.05
N LYS B 183 29.93 -11.97 -5.97
CA LYS B 183 28.73 -11.78 -5.19
C LYS B 183 27.65 -11.05 -5.96
N ALA B 184 28.03 -10.09 -6.80
CA ALA B 184 27.09 -9.32 -7.59
C ALA B 184 26.81 -9.90 -9.02
N GLY B 185 27.37 -11.06 -9.35
CA GLY B 185 27.02 -11.74 -10.57
C GLY B 185 27.70 -11.22 -11.82
N VAL B 186 28.88 -10.64 -11.68
CA VAL B 186 29.66 -10.18 -12.82
C VAL B 186 30.02 -11.40 -13.68
N THR B 187 29.83 -11.29 -14.99
CA THR B 187 30.05 -12.44 -15.84
C THR B 187 31.48 -12.52 -16.37
N HIS B 188 32.03 -11.38 -16.77
CA HIS B 188 33.36 -11.29 -17.35
C HIS B 188 34.21 -10.29 -16.61
N LEU B 189 35.49 -10.60 -16.49
CA LEU B 189 36.44 -9.70 -15.87
C LEU B 189 37.48 -9.30 -16.92
N LEU B 190 37.65 -7.99 -17.12
CA LEU B 190 38.60 -7.45 -18.08
C LEU B 190 39.76 -6.92 -17.28
N LYS B 191 40.90 -7.60 -17.39
CA LYS B 191 42.09 -7.27 -16.63
C LYS B 191 42.85 -6.17 -17.37
N ALA B 192 42.27 -4.96 -17.33
CA ALA B 192 42.76 -3.81 -18.08
C ALA B 192 42.20 -2.53 -17.52
N GLY B 193 42.88 -1.42 -17.78
CA GLY B 193 42.45 -0.14 -17.23
C GLY B 193 42.45 0.94 -18.28
N GLY B 194 42.22 2.17 -17.82
CA GLY B 194 42.33 3.34 -18.66
C GLY B 194 41.44 3.34 -19.91
N ALA B 195 41.80 4.22 -20.85
CA ALA B 195 41.12 4.37 -22.14
C ALA B 195 41.13 3.12 -23.00
N GLN B 196 42.15 2.29 -22.83
CA GLN B 196 42.21 1.02 -23.57
C GLN B 196 41.15 0.02 -23.09
N ALA B 197 40.80 0.11 -21.80
CA ALA B 197 39.75 -0.75 -21.25
C ALA B 197 38.37 -0.28 -21.73
N ILE B 198 38.14 1.04 -21.62
CA ILE B 198 36.91 1.66 -22.03
C ILE B 198 36.65 1.33 -23.52
N SER B 199 37.66 1.47 -24.37
CA SER B 199 37.54 1.14 -25.82
C SER B 199 37.31 -0.33 -26.11
N ALA B 200 37.91 -1.19 -25.32
CA ALA B 200 37.72 -2.63 -25.47
C ALA B 200 36.27 -3.01 -25.23
N MET B 201 35.65 -2.41 -24.20
CA MET B 201 34.24 -2.66 -23.85
C MET B 201 33.30 -2.03 -24.88
N ALA B 202 33.58 -0.80 -25.29
CA ALA B 202 32.75 -0.10 -26.26
C ALA B 202 32.69 -0.77 -27.63
N TRP B 203 33.85 -1.23 -28.10
CA TRP B 203 33.97 -1.91 -29.40
C TRP B 203 33.87 -3.42 -29.34
N GLY B 204 34.11 -4.02 -28.18
CA GLY B 204 34.36 -5.47 -28.11
C GLY B 204 35.78 -5.79 -28.62
N THR B 205 36.31 -6.96 -28.28
CA THR B 205 37.56 -7.45 -28.88
C THR B 205 37.38 -8.91 -29.14
N GLU B 206 38.47 -9.61 -29.44
CA GLU B 206 38.45 -11.05 -29.73
C GLU B 206 37.92 -11.84 -28.51
N THR B 207 38.32 -11.38 -27.31
CA THR B 207 37.93 -12.01 -26.04
C THR B 207 36.96 -11.17 -25.18
N CYS B 208 36.97 -9.85 -25.33
CA CYS B 208 36.11 -8.97 -24.52
C CYS B 208 34.75 -8.74 -25.16
N PRO B 209 33.66 -9.08 -24.46
CA PRO B 209 32.33 -8.80 -25.00
C PRO B 209 32.09 -7.28 -25.26
N LYS B 210 31.36 -6.96 -26.34
CA LYS B 210 30.95 -5.61 -26.63
C LYS B 210 29.74 -5.22 -25.77
N VAL B 211 29.83 -4.10 -25.04
CA VAL B 211 28.77 -3.66 -24.17
C VAL B 211 28.00 -2.49 -24.76
N GLU B 212 26.81 -2.26 -24.23
CA GLU B 212 25.92 -1.18 -24.68
C GLU B 212 26.03 0.09 -23.86
N LYS B 213 26.42 -0.06 -22.61
CA LYS B 213 26.60 1.10 -21.74
C LYS B 213 27.80 0.91 -20.84
N ILE B 214 28.57 1.97 -20.67
CA ILE B 214 29.77 1.92 -19.87
C ILE B 214 29.57 2.82 -18.65
N PHE B 215 29.89 2.25 -17.48
CA PHE B 215 29.73 2.91 -16.21
C PHE B 215 31.04 3.07 -15.48
N GLY B 216 31.06 4.04 -14.58
CA GLY B 216 31.98 4.01 -13.46
C GLY B 216 32.94 5.16 -13.39
N PRO B 217 33.57 5.32 -12.23
CA PRO B 217 34.43 6.45 -12.02
C PRO B 217 35.82 6.15 -12.46
N GLY B 218 36.59 7.19 -12.63
CA GLY B 218 37.99 6.99 -13.00
C GLY B 218 38.74 8.27 -13.04
N ASN B 219 40.00 8.15 -13.47
CA ASN B 219 40.85 9.32 -13.65
C ASN B 219 40.38 10.06 -14.88
N GLN B 220 41.00 11.20 -15.14
CA GLN B 220 40.61 12.04 -16.26
C GLN B 220 40.76 11.38 -17.63
N TYR B 221 41.62 10.38 -17.77
CA TYR B 221 41.79 9.71 -19.04
C TYR B 221 40.63 8.73 -19.26
N VAL B 222 40.29 8.00 -18.21
CA VAL B 222 39.17 7.08 -18.24
C VAL B 222 37.93 7.90 -18.56
N THR B 223 37.71 8.96 -17.78
CA THR B 223 36.55 9.82 -17.92
C THR B 223 36.45 10.42 -19.31
N ALA B 224 37.56 10.82 -19.89
CA ALA B 224 37.57 11.43 -21.21
C ALA B 224 37.29 10.39 -22.31
N ALA B 225 37.83 9.19 -22.15
CA ALA B 225 37.56 8.06 -23.05
C ALA B 225 36.07 7.68 -23.07
N LYS B 226 35.45 7.69 -21.90
CA LYS B 226 34.01 7.47 -21.79
C LYS B 226 33.26 8.53 -22.61
N MET B 227 33.60 9.80 -22.37
CA MET B 227 32.95 10.93 -23.02
C MET B 227 33.10 10.85 -24.54
N ILE B 228 34.28 10.51 -25.02
CA ILE B 228 34.53 10.34 -26.46
C ILE B 228 33.71 9.22 -27.10
N LEU B 229 33.77 8.05 -26.49
CA LEU B 229 33.16 6.86 -27.10
C LEU B 229 31.65 6.94 -27.24
N GLN B 230 30.99 7.73 -26.39
CA GLN B 230 29.56 7.90 -26.51
C GLN B 230 29.18 8.51 -27.86
N ASN B 231 30.04 9.35 -28.42
CA ASN B 231 29.86 9.87 -29.80
C ASN B 231 30.38 9.00 -30.96
N SER B 232 30.91 7.85 -30.67
CA SER B 232 31.53 7.01 -31.69
C SER B 232 30.53 6.12 -32.37
N GLU B 233 30.97 5.44 -33.42
CA GLU B 233 30.18 4.45 -34.13
C GLU B 233 30.12 3.13 -33.37
N ALA B 234 30.78 3.03 -32.20
CA ALA B 234 30.64 1.82 -31.34
C ALA B 234 29.18 1.57 -30.87
N MET B 235 28.38 2.62 -30.79
CA MET B 235 27.00 2.55 -30.31
C MET B 235 27.00 2.13 -28.85
N VAL B 236 27.41 3.08 -28.02
CA VAL B 236 27.56 2.89 -26.61
C VAL B 236 27.07 4.19 -25.89
N SER B 237 26.56 4.07 -24.67
CA SER B 237 26.29 5.26 -23.84
C SER B 237 27.09 5.16 -22.59
N ILE B 238 27.03 6.21 -21.77
CA ILE B 238 27.71 6.21 -20.48
C ILE B 238 26.78 6.70 -19.40
N ASP B 239 27.18 6.51 -18.16
CA ASP B 239 26.40 7.03 -17.03
C ASP B 239 26.57 8.54 -16.84
N MET B 240 27.80 8.98 -16.79
CA MET B 240 28.17 10.36 -16.52
C MET B 240 29.70 10.55 -16.52
N PRO B 241 30.17 11.81 -16.66
CA PRO B 241 31.55 12.08 -16.16
C PRO B 241 31.69 12.03 -14.58
N ALA B 242 32.20 10.89 -14.11
CA ALA B 242 32.42 10.66 -12.67
C ALA B 242 33.94 10.70 -12.40
N GLY B 243 34.46 11.91 -12.35
CA GLY B 243 35.90 12.17 -12.21
C GLY B 243 36.40 12.33 -10.79
N PRO B 244 37.53 13.05 -10.61
CA PRO B 244 38.17 13.36 -9.28
C PRO B 244 37.24 13.80 -8.18
N SER B 245 37.29 13.09 -7.06
CA SER B 245 36.34 13.26 -6.00
C SER B 245 36.33 14.72 -5.45
N GLU B 246 35.13 15.15 -5.04
CA GLU B 246 34.93 16.46 -4.41
C GLU B 246 34.10 16.25 -3.16
N VAL B 247 34.28 17.15 -2.20
CA VAL B 247 33.33 17.29 -1.11
C VAL B 247 33.17 18.75 -0.75
N LEU B 248 31.93 19.14 -0.47
CA LEU B 248 31.63 20.43 0.09
C LEU B 248 31.03 20.21 1.46
N VAL B 249 31.63 20.80 2.47
CA VAL B 249 31.12 20.76 3.84
C VAL B 249 30.56 22.11 4.21
N ILE B 250 29.32 22.15 4.69
CA ILE B 250 28.79 23.33 5.36
C ILE B 250 28.87 23.07 6.85
N ALA B 251 29.44 24.00 7.59
CA ALA B 251 29.62 23.87 9.04
C ALA B 251 29.13 25.14 9.72
N ASP B 252 28.44 24.99 10.84
CA ASP B 252 28.08 26.11 11.71
C ASP B 252 28.85 26.04 13.03
N LYS B 253 28.54 26.93 13.99
CA LYS B 253 29.30 26.96 15.26
C LYS B 253 29.16 25.70 16.13
N HIS B 254 28.14 24.87 15.87
CA HIS B 254 27.99 23.61 16.62
C HIS B 254 28.86 22.48 16.14
N ALA B 255 29.46 22.62 14.96
CA ALA B 255 30.26 21.54 14.36
C ALA B 255 31.59 21.48 15.07
N ILE B 256 32.07 20.28 15.31
CA ILE B 256 33.32 20.08 16.01
C ILE B 256 34.45 20.25 15.04
N PRO B 257 35.33 21.27 15.25
CA PRO B 257 36.38 21.55 14.23
C PRO B 257 37.21 20.36 13.73
N SER B 258 37.54 19.40 14.60
CA SER B 258 38.36 18.26 14.20
C SER B 258 37.64 17.31 13.24
N HIS B 259 36.33 17.20 13.42
CA HIS B 259 35.47 16.38 12.56
C HIS B 259 35.32 16.98 11.18
N VAL B 260 35.23 18.31 11.15
CA VAL B 260 35.17 19.05 9.91
C VAL B 260 36.46 18.84 9.15
N ALA B 261 37.57 19.03 9.84
CA ALA B 261 38.88 18.80 9.24
C ALA B 261 39.03 17.37 8.68
N ALA B 262 38.64 16.41 9.50
CA ALA B 262 38.70 15.02 9.15
C ALA B 262 37.91 14.76 7.89
N ASP B 263 36.73 15.35 7.83
CA ASP B 263 35.87 15.25 6.63
C ASP B 263 36.45 15.85 5.37
N LEU B 264 37.05 17.03 5.49
CA LEU B 264 37.69 17.66 4.33
C LEU B 264 38.84 16.79 3.80
N LEU B 265 39.66 16.25 4.71
CA LEU B 265 40.77 15.39 4.37
C LEU B 265 40.31 14.02 3.91
N SER B 266 39.12 13.57 4.30
CA SER B 266 38.66 12.24 3.86
C SER B 266 38.63 12.13 2.32
N GLN B 267 38.26 13.18 1.63
CA GLN B 267 38.29 13.16 0.15
C GLN B 267 39.50 13.85 -0.47
N ALA B 268 40.12 14.79 0.24
CA ALA B 268 41.40 15.37 -0.21
C ALA B 268 42.41 14.26 -0.53
N GLU B 269 42.46 13.24 0.31
CA GLU B 269 43.43 12.16 0.13
C GLU B 269 43.27 11.32 -1.14
N HIS B 270 42.17 11.45 -1.85
CA HIS B 270 41.94 10.66 -3.05
C HIS B 270 43.00 10.90 -4.11
N GLY B 271 43.40 12.15 -4.24
CA GLY B 271 44.37 12.51 -5.24
C GLY B 271 44.62 13.99 -5.27
N PRO B 272 45.66 14.41 -5.99
CA PRO B 272 46.07 15.84 -6.03
C PRO B 272 45.05 16.72 -6.81
N ASP B 273 44.34 16.05 -7.72
CA ASP B 273 43.20 16.48 -8.52
C ASP B 273 41.88 16.76 -7.79
N SER B 274 41.78 16.31 -6.55
CA SER B 274 40.55 16.47 -5.82
C SER B 274 40.40 17.89 -5.37
N GLN B 275 39.17 18.24 -5.05
CA GLN B 275 38.83 19.56 -4.61
C GLN B 275 37.88 19.48 -3.43
N VAL B 276 38.09 20.34 -2.46
CA VAL B 276 37.35 20.31 -1.24
C VAL B 276 36.89 21.75 -0.97
N VAL B 277 35.72 21.93 -0.36
CA VAL B 277 35.18 23.26 -0.10
C VAL B 277 34.59 23.25 1.28
N LEU B 278 34.94 24.26 2.06
CA LEU B 278 34.31 24.46 3.38
C LEU B 278 33.49 25.74 3.25
N VAL B 279 32.21 25.64 3.57
CA VAL B 279 31.36 26.81 3.68
C VAL B 279 31.09 26.95 5.18
N ILE B 280 31.49 28.08 5.76
CA ILE B 280 31.20 28.39 7.13
C ILE B 280 29.93 29.18 7.14
N ALA B 281 28.95 28.70 7.89
CA ALA B 281 27.62 29.32 7.94
C ALA B 281 27.39 30.03 9.31
N GLY B 282 27.09 31.32 9.28
CA GLY B 282 26.84 32.10 10.48
C GLY B 282 28.06 32.48 11.33
N ASP B 283 27.75 33.03 12.51
CA ASP B 283 28.75 33.51 13.48
C ASP B 283 29.25 32.34 14.33
N GLY B 284 30.34 32.55 15.03
CA GLY B 284 30.76 31.66 16.09
C GLY B 284 31.66 30.51 15.72
N VAL B 285 32.08 30.39 14.45
CA VAL B 285 32.93 29.28 14.03
C VAL B 285 34.39 29.63 14.19
N ASP B 286 35.10 28.80 14.95
CA ASP B 286 36.53 28.96 15.17
C ASP B 286 37.28 28.42 13.92
N GLN B 287 37.34 29.24 12.89
CA GLN B 287 38.01 28.89 11.64
C GLN B 287 39.50 28.50 11.84
N ASN B 288 40.19 29.20 12.74
CA ASN B 288 41.55 28.88 13.13
C ASN B 288 41.73 27.44 13.63
N ALA B 289 40.84 27.02 14.54
CA ALA B 289 40.81 25.68 15.06
C ALA B 289 40.62 24.64 13.92
N ILE B 290 39.70 24.94 12.98
CA ILE B 290 39.46 24.07 11.86
C ILE B 290 40.74 23.92 11.04
N GLN B 291 41.38 25.06 10.77
CA GLN B 291 42.64 25.15 10.03
C GLN B 291 43.80 24.41 10.72
N GLU B 292 43.85 24.55 12.02
CA GLU B 292 44.85 23.94 12.86
C GLU B 292 44.69 22.44 12.78
N GLU B 293 43.46 21.99 12.81
CA GLU B 293 43.14 20.58 12.67
C GLU B 293 43.46 20.00 11.31
N VAL B 294 43.20 20.74 10.25
CA VAL B 294 43.51 20.25 8.90
C VAL B 294 45.03 19.98 8.77
N SER B 295 45.86 20.97 9.13
CA SER B 295 47.34 20.83 9.08
C SER B 295 47.87 19.71 9.96
N LYS B 296 47.40 19.70 11.19
CA LYS B 296 47.76 18.67 12.17
C LYS B 296 47.42 17.28 11.62
N GLN B 297 46.17 17.08 11.22
CA GLN B 297 45.68 15.80 10.75
C GLN B 297 46.30 15.42 9.41
N CYS B 298 46.51 16.41 8.53
CA CYS B 298 47.07 16.14 7.21
C CYS B 298 48.48 15.55 7.26
N GLN B 299 49.35 16.08 8.12
CA GLN B 299 50.77 15.71 8.09
C GLN B 299 50.99 14.30 8.61
N SER B 300 50.09 13.78 9.46
CA SER B 300 50.19 12.37 9.89
C SER B 300 49.54 11.33 8.95
N LEU B 301 49.00 11.77 7.81
CA LEU B 301 48.33 10.86 6.84
C LEU B 301 49.31 10.22 5.87
N PRO B 302 49.32 8.89 5.74
CA PRO B 302 50.09 8.31 4.67
C PRO B 302 50.00 9.06 3.37
N ARG B 303 48.80 9.41 2.92
CA ARG B 303 48.61 10.15 1.65
C ARG B 303 48.56 11.67 1.82
N GLY B 304 49.17 12.21 2.87
CA GLY B 304 49.14 13.65 3.15
C GLY B 304 49.67 14.52 2.03
N GLU B 305 50.57 13.96 1.23
CA GLU B 305 51.15 14.66 0.10
C GLU B 305 50.08 14.97 -0.99
N PHE B 306 49.29 13.95 -1.35
CA PHE B 306 48.13 14.12 -2.25
C PHE B 306 47.10 15.07 -1.67
N ALA B 307 46.77 14.87 -0.40
CA ALA B 307 45.82 15.70 0.32
C ALA B 307 46.21 17.17 0.33
N ALA B 308 47.46 17.45 0.63
CA ALA B 308 47.97 18.81 0.65
C ALA B 308 47.91 19.43 -0.73
N LYS B 309 48.27 18.64 -1.75
CA LYS B 309 48.17 19.07 -3.15
C LYS B 309 46.72 19.45 -3.52
N ALA B 310 45.76 18.62 -3.08
CA ALA B 310 44.33 18.87 -3.28
C ALA B 310 43.86 20.10 -2.52
N LEU B 311 44.25 20.19 -1.26
CA LEU B 311 44.01 21.38 -0.42
C LEU B 311 44.50 22.68 -1.03
N SER B 312 45.55 22.63 -1.82
CA SER B 312 46.10 23.83 -2.45
C SER B 312 45.11 24.50 -3.45
N HIS B 313 44.15 23.74 -4.00
CA HIS B 313 43.10 24.33 -4.84
C HIS B 313 41.70 24.34 -4.17
N SER B 314 41.72 24.11 -2.87
CA SER B 314 40.52 24.13 -2.06
C SER B 314 40.36 25.49 -1.43
N PHE B 315 39.21 25.75 -0.83
CA PHE B 315 38.94 27.06 -0.26
C PHE B 315 37.84 27.05 0.77
N ILE B 316 37.83 28.08 1.60
CA ILE B 316 36.84 28.28 2.65
C ILE B 316 36.02 29.46 2.23
N VAL B 317 34.73 29.38 2.40
CA VAL B 317 33.82 30.48 2.04
C VAL B 317 33.02 30.80 3.29
N HIS B 318 32.90 32.06 3.60
CA HIS B 318 32.10 32.48 4.70
C HIS B 318 30.77 33.02 4.21
N ALA B 319 29.70 32.54 4.81
CA ALA B 319 28.35 32.89 4.42
C ALA B 319 27.62 33.40 5.66
N ARG B 320 26.84 34.45 5.53
CA ARG B 320 26.16 35.05 6.65
C ARG B 320 25.20 34.15 7.35
N ASP B 321 24.59 33.24 6.62
CA ASP B 321 23.63 32.29 7.20
C ASP B 321 23.58 31.02 6.37
N MET B 322 22.73 30.11 6.82
CA MET B 322 22.56 28.83 6.21
C MET B 322 21.91 28.93 4.81
N LEU B 323 20.92 29.79 4.63
CA LEU B 323 20.33 29.94 3.29
C LEU B 323 21.38 30.37 2.26
N GLU B 324 22.28 31.25 2.67
CA GLU B 324 23.36 31.73 1.81
C GLU B 324 24.35 30.59 1.55
N ALA B 325 24.66 29.82 2.58
CA ALA B 325 25.60 28.71 2.44
C ALA B 325 25.10 27.69 1.43
N ILE B 326 23.83 27.31 1.58
CA ILE B 326 23.26 26.30 0.74
C ILE B 326 23.09 26.86 -0.69
N THR B 327 22.77 28.15 -0.80
CA THR B 327 22.70 28.80 -2.11
C THR B 327 24.04 28.74 -2.86
N PHE B 328 25.13 28.98 -2.15
CA PHE B 328 26.46 28.84 -2.76
C PHE B 328 26.75 27.37 -3.17
N SER B 329 26.51 26.45 -2.24
CA SER B 329 26.67 25.05 -2.52
C SER B 329 25.94 24.66 -3.80
N ASN B 330 24.71 25.14 -3.97
CA ASN B 330 23.97 24.86 -5.18
C ASN B 330 24.64 25.37 -6.45
N MET B 331 25.22 26.54 -6.38
CA MET B 331 25.99 27.07 -7.51
C MET B 331 27.22 26.19 -7.81
N TYR B 332 27.98 25.83 -6.78
CA TYR B 332 29.14 24.97 -6.96
C TYR B 332 28.77 23.59 -7.47
N ALA B 333 27.66 23.05 -6.95
CA ALA B 333 27.06 21.75 -7.41
C ALA B 333 28.01 20.57 -7.10
N PRO B 334 28.27 20.32 -5.79
CA PRO B 334 29.29 19.37 -5.41
C PRO B 334 28.87 17.96 -5.63
N GLU B 335 29.84 17.11 -5.82
CA GLU B 335 29.61 15.68 -5.92
C GLU B 335 29.00 15.18 -4.64
N HIS B 336 29.61 15.60 -3.52
CA HIS B 336 29.15 15.26 -2.15
C HIS B 336 28.98 16.48 -1.31
N LEU B 337 27.93 16.51 -0.52
CA LEU B 337 27.62 17.63 0.37
C LEU B 337 27.44 17.10 1.74
N ILE B 338 28.22 17.58 2.70
CA ILE B 338 28.03 17.23 4.11
C ILE B 338 27.47 18.44 4.78
N ILE B 339 26.28 18.32 5.34
CA ILE B 339 25.70 19.42 6.05
C ILE B 339 25.86 19.18 7.56
N ASN B 340 26.87 19.79 8.16
CA ASN B 340 27.12 19.63 9.57
C ASN B 340 26.68 20.91 10.26
N VAL B 341 25.37 21.06 10.39
CA VAL B 341 24.77 22.19 11.08
C VAL B 341 23.60 21.73 11.93
N LYS B 342 23.15 22.61 12.82
CA LYS B 342 22.01 22.34 13.68
C LYS B 342 20.78 22.26 12.80
N ASP B 343 20.01 21.18 12.98
CA ASP B 343 18.80 20.89 12.23
C ASP B 343 19.10 20.70 10.75
N ALA B 344 20.12 19.95 10.45
CA ALA B 344 20.54 19.77 9.10
C ALA B 344 19.45 19.18 8.24
N GLU B 345 18.66 18.29 8.76
CA GLU B 345 17.60 17.69 8.01
C GLU B 345 16.58 18.70 7.53
N LYS B 346 16.27 19.73 8.29
CA LYS B 346 15.32 20.73 7.88
C LYS B 346 15.67 21.55 6.64
N TRP B 347 16.94 21.71 6.34
CA TRP B 347 17.42 22.43 5.16
C TRP B 347 17.37 21.61 3.84
N GLU B 348 17.02 20.34 3.95
CA GLU B 348 16.91 19.44 2.84
C GLU B 348 16.16 19.98 1.60
N SER B 349 15.10 20.70 1.80
CA SER B 349 14.30 21.27 0.70
C SER B 349 14.99 22.43 -0.07
N PHE B 350 16.05 22.98 0.47
CA PHE B 350 16.84 23.99 -0.25
C PHE B 350 17.95 23.42 -1.06
N ILE B 351 18.24 22.14 -0.93
CA ILE B 351 19.28 21.53 -1.69
C ILE B 351 18.79 21.29 -3.10
N GLU B 352 19.54 21.77 -4.07
CA GLU B 352 19.17 21.66 -5.46
C GLU B 352 20.10 20.85 -6.28
N ASN B 353 21.38 21.11 -6.09
CA ASN B 353 22.41 20.40 -6.78
C ASN B 353 23.44 19.85 -5.85
N ALA B 354 23.54 18.54 -5.79
CA ALA B 354 24.48 17.80 -4.97
C ALA B 354 24.30 16.35 -5.36
N GLY B 355 25.38 15.61 -5.51
CA GLY B 355 25.21 14.24 -5.94
C GLY B 355 24.67 13.35 -4.84
N SER B 356 25.28 13.47 -3.68
CA SER B 356 24.85 12.75 -2.52
C SER B 356 25.05 13.65 -1.28
N VAL B 357 24.15 13.53 -0.29
CA VAL B 357 24.09 14.44 0.84
C VAL B 357 24.28 13.68 2.15
N PHE B 358 25.08 14.22 3.03
CA PHE B 358 25.31 13.65 4.36
C PHE B 358 24.83 14.66 5.42
N LEU B 359 23.76 14.33 6.13
CA LEU B 359 23.17 15.24 7.05
C LEU B 359 23.65 14.95 8.48
N GLY B 360 24.05 16.00 9.20
CA GLY B 360 24.30 15.92 10.63
C GLY B 360 25.76 15.75 11.01
N SER B 361 25.98 15.34 12.24
CA SER B 361 27.29 15.22 12.83
C SER B 361 27.88 13.83 12.84
N TRP B 362 27.04 12.81 12.70
CA TRP B 362 27.46 11.40 12.74
C TRP B 362 27.52 10.74 11.36
N THR B 363 27.55 11.57 10.31
CA THR B 363 27.44 11.09 8.94
C THR B 363 28.60 11.56 8.09
N PRO B 364 29.79 10.97 8.30
CA PRO B 364 30.89 11.38 7.47
C PRO B 364 30.64 10.79 6.07
N GLU B 365 31.14 11.44 5.05
CA GLU B 365 31.02 10.93 3.70
C GLU B 365 31.45 9.46 3.57
N SER B 366 32.48 9.07 4.35
CA SER B 366 33.00 7.71 4.36
C SER B 366 31.93 6.66 4.37
N VAL B 367 30.86 6.86 5.14
CA VAL B 367 29.81 5.80 5.24
C VAL B 367 29.11 5.58 3.91
N GLY B 368 28.93 6.67 3.18
CA GLY B 368 28.36 6.65 1.82
C GLY B 368 29.35 6.13 0.79
N ASP B 369 30.62 6.51 0.95
CA ASP B 369 31.69 5.98 0.11
C ASP B 369 31.72 4.46 0.11
N TYR B 370 31.38 3.88 1.26
CA TYR B 370 31.60 2.45 1.53
C TYR B 370 30.37 1.54 1.72
N ALA B 371 29.41 1.95 2.55
CA ALA B 371 28.41 0.98 3.05
C ALA B 371 27.04 1.45 3.54
N SER B 372 26.73 2.74 3.53
CA SER B 372 25.38 3.19 3.94
C SER B 372 24.32 2.64 3.01
N GLY B 373 24.66 2.46 1.73
CA GLY B 373 23.73 1.89 0.76
C GLY B 373 23.56 2.79 -0.46
N THR B 374 23.86 4.10 -0.31
CA THR B 374 23.77 5.03 -1.44
C THR B 374 24.89 4.71 -2.45
N ASN B 375 24.84 5.30 -3.63
CA ASN B 375 25.80 4.99 -4.65
C ASN B 375 26.86 6.10 -4.74
N HIS B 376 28.15 5.75 -4.65
CA HIS B 376 29.19 6.74 -4.68
C HIS B 376 29.65 7.13 -6.06
N VAL B 377 29.13 6.48 -7.13
CA VAL B 377 29.49 6.87 -8.50
C VAL B 377 28.64 8.09 -8.82
N LEU B 378 29.25 9.25 -8.64
CA LEU B 378 28.53 10.50 -8.64
C LEU B 378 29.13 11.51 -9.56
N PRO B 379 28.32 12.44 -10.09
CA PRO B 379 28.94 13.35 -11.09
C PRO B 379 29.81 14.45 -10.45
N THR B 380 30.94 14.78 -11.09
CA THR B 380 31.84 15.80 -10.59
C THR B 380 31.87 16.92 -11.56
N TYR B 381 32.71 17.93 -11.30
CA TYR B 381 32.95 19.06 -12.21
CA TYR B 381 32.95 19.06 -12.21
C TYR B 381 31.80 20.08 -12.23
N GLY B 382 30.75 19.86 -11.46
CA GLY B 382 29.51 20.64 -11.61
C GLY B 382 28.42 19.90 -12.38
N TYR B 383 28.74 18.70 -12.86
CA TYR B 383 27.78 17.86 -13.55
C TYR B 383 26.64 17.37 -12.67
N ALA B 384 26.75 17.56 -11.36
CA ALA B 384 25.62 17.42 -10.46
C ALA B 384 24.44 18.36 -10.75
N ARG B 385 24.65 19.40 -11.56
CA ARG B 385 23.54 20.24 -12.00
C ARG B 385 22.55 19.52 -12.87
N MET B 386 22.99 18.49 -13.57
CA MET B 386 22.05 17.79 -14.49
C MET B 386 22.13 16.23 -14.53
N TYR B 387 23.10 15.61 -13.82
CA TYR B 387 23.26 14.20 -13.79
C TYR B 387 22.98 13.73 -12.38
N SER B 388 22.44 12.51 -12.28
CA SER B 388 22.28 11.82 -11.03
C SER B 388 23.43 10.85 -10.89
N GLY B 389 23.79 10.52 -9.66
CA GLY B 389 24.61 9.36 -9.40
C GLY B 389 24.01 8.09 -10.01
N VAL B 390 24.81 7.03 -10.09
CA VAL B 390 24.34 5.73 -10.56
C VAL B 390 23.24 5.23 -9.67
N SER B 391 22.24 4.63 -10.28
CA SER B 391 21.06 4.10 -9.58
C SER B 391 20.57 2.89 -10.39
N LEU B 392 19.52 2.23 -9.92
CA LEU B 392 18.96 1.10 -10.61
C LEU B 392 18.57 1.49 -12.00
N ASP B 393 17.93 2.64 -12.18
CA ASP B 393 17.47 3.08 -13.51
C ASP B 393 18.55 3.35 -14.51
N SER B 394 19.75 3.59 -14.05
CA SER B 394 20.90 3.71 -14.93
C SER B 394 21.12 2.43 -15.79
N PHE B 395 20.70 1.27 -15.27
CA PHE B 395 20.80 -0.05 -15.96
C PHE B 395 19.57 -0.48 -16.74
N LEU B 396 18.57 0.38 -16.81
CA LEU B 396 17.28 0.06 -17.38
C LEU B 396 16.94 1.01 -18.52
N LYS B 397 16.06 0.57 -19.44
CA LYS B 397 15.33 1.44 -20.36
C LYS B 397 13.87 1.30 -20.03
N TYR B 398 13.11 2.37 -20.12
CA TYR B 398 11.66 2.30 -19.89
C TYR B 398 11.00 2.41 -21.23
N ILE B 399 10.45 1.33 -21.71
CA ILE B 399 9.79 1.26 -22.97
C ILE B 399 8.32 1.61 -22.73
N THR B 400 7.82 2.61 -23.43
CA THR B 400 6.38 2.97 -23.37
C THR B 400 5.58 2.10 -24.32
N VAL B 401 4.39 1.71 -23.90
CA VAL B 401 3.54 0.75 -24.59
C VAL B 401 2.12 1.29 -24.62
N GLN B 402 1.50 1.26 -25.78
CA GLN B 402 0.10 1.62 -25.87
C GLN B 402 -0.75 0.66 -26.71
N SER B 403 -2.03 0.64 -26.36
CA SER B 403 -2.97 -0.25 -26.98
C SER B 403 -4.32 0.46 -26.99
N LEU B 404 -4.93 0.57 -28.16
CA LEU B 404 -6.23 1.19 -28.30
C LEU B 404 -7.25 0.15 -28.73
N THR B 405 -8.42 0.20 -28.09
CA THR B 405 -9.63 -0.47 -28.60
C THR B 405 -10.19 0.36 -29.77
N GLU B 406 -11.07 -0.27 -30.55
CA GLU B 406 -11.83 0.46 -31.57
C GLU B 406 -12.50 1.73 -31.02
N GLU B 407 -13.17 1.58 -29.88
CA GLU B 407 -13.83 2.69 -29.20
C GLU B 407 -12.77 3.77 -28.95
N GLY B 408 -11.63 3.36 -28.40
CA GLY B 408 -10.56 4.29 -28.12
C GLY B 408 -10.08 5.07 -29.31
N LEU B 409 -9.87 4.38 -30.42
CA LEU B 409 -9.46 5.04 -31.67
C LEU B 409 -10.56 5.94 -32.22
N ARG B 410 -11.84 5.55 -32.05
CA ARG B 410 -12.96 6.43 -32.44
C ARG B 410 -12.92 7.76 -31.63
N LYS B 411 -12.69 7.66 -30.31
CA LYS B 411 -12.57 8.83 -29.41
C LYS B 411 -11.36 9.73 -29.71
N LEU B 412 -10.16 9.13 -29.82
CA LEU B 412 -8.89 9.88 -29.91
C LEU B 412 -8.49 10.23 -31.36
N GLY B 413 -8.84 9.35 -32.30
CA GLY B 413 -8.42 9.47 -33.68
C GLY B 413 -8.64 10.80 -34.36
N PRO B 414 -9.88 11.37 -34.30
CA PRO B 414 -10.17 12.68 -34.92
C PRO B 414 -9.25 13.81 -34.45
N TYR B 415 -8.93 13.85 -33.15
CA TYR B 415 -7.98 14.84 -32.66
C TYR B 415 -6.58 14.63 -33.26
N VAL B 416 -6.12 13.39 -33.31
CA VAL B 416 -4.84 13.06 -33.94
C VAL B 416 -4.83 13.51 -35.42
N GLU B 417 -5.96 13.30 -36.12
CA GLU B 417 -6.11 13.74 -37.51
C GLU B 417 -5.94 15.25 -37.64
N THR B 418 -6.66 16.00 -36.79
CA THR B 418 -6.54 17.47 -36.73
C THR B 418 -5.09 17.90 -36.54
N MET B 419 -4.40 17.31 -35.57
CA MET B 419 -3.03 17.71 -35.28
C MET B 419 -2.08 17.36 -36.44
N ALA B 420 -2.25 16.18 -37.04
CA ALA B 420 -1.50 15.83 -38.25
C ALA B 420 -1.73 16.81 -39.41
N GLU B 421 -2.97 17.23 -39.59
CA GLU B 421 -3.27 18.29 -40.57
C GLU B 421 -2.43 19.52 -40.28
N VAL B 422 -2.47 20.02 -39.06
CA VAL B 422 -1.70 21.21 -38.67
C VAL B 422 -0.23 21.07 -39.01
N GLU B 423 0.35 19.91 -38.74
CA GLU B 423 1.78 19.66 -39.04
C GLU B 423 2.11 19.37 -40.51
N GLY B 424 1.09 19.29 -41.35
CA GLY B 424 1.28 19.03 -42.78
C GLY B 424 1.72 17.62 -43.08
N LEU B 425 1.23 16.66 -42.29
CA LEU B 425 1.71 15.27 -42.37
C LEU B 425 0.54 14.33 -42.65
N GLU B 426 0.23 14.23 -43.93
CA GLU B 426 -1.01 13.55 -44.38
C GLU B 426 -0.98 12.04 -44.10
N ALA B 427 0.16 11.39 -44.32
CA ALA B 427 0.30 9.94 -44.04
C ALA B 427 0.00 9.59 -42.58
N HIS B 428 0.47 10.45 -41.66
CA HIS B 428 0.11 10.31 -40.23
C HIS B 428 -1.41 10.31 -40.04
N LYS B 429 -2.09 11.24 -40.69
CA LYS B 429 -3.56 11.30 -40.64
C LYS B 429 -4.22 10.07 -41.25
N ARG B 430 -3.71 9.63 -42.41
CA ARG B 430 -4.33 8.52 -43.16
C ARG B 430 -4.29 7.21 -42.42
N ALA B 431 -3.23 7.00 -41.63
CA ALA B 431 -3.13 5.76 -40.84
C ALA B 431 -4.25 5.64 -39.80
N VAL B 432 -4.81 6.78 -39.38
CA VAL B 432 -5.99 6.81 -38.53
C VAL B 432 -7.24 6.70 -39.37
N THR B 433 -7.34 7.56 -40.39
CA THR B 433 -8.54 7.66 -41.22
C THR B 433 -8.92 6.31 -41.83
N LEU B 434 -7.95 5.68 -42.47
CA LEU B 434 -8.12 4.34 -43.07
C LEU B 434 -8.74 3.31 -42.11
N ARG B 435 -8.31 3.33 -40.85
CA ARG B 435 -8.84 2.43 -39.83
C ARG B 435 -10.26 2.80 -39.43
N LEU B 436 -10.54 4.11 -39.27
CA LEU B 436 -11.88 4.55 -38.91
C LEU B 436 -12.91 4.31 -40.02
N GLN B 437 -12.51 4.42 -41.29
CA GLN B 437 -13.38 4.04 -42.42
C GLN B 437 -13.75 2.54 -42.38
N ASP B 438 -12.74 1.70 -42.10
CA ASP B 438 -12.93 0.26 -41.96
C ASP B 438 -13.88 -0.12 -40.82
N ILE B 439 -13.79 0.61 -39.71
CA ILE B 439 -14.72 0.47 -38.58
C ILE B 439 -16.12 0.85 -39.03
N GLU B 440 -16.21 1.92 -39.79
CA GLU B 440 -17.52 2.34 -40.27
C GLU B 440 -18.21 1.27 -41.12
N ALA B 441 -17.45 0.58 -41.96
CA ALA B 441 -17.96 -0.58 -42.69
C ALA B 441 -17.89 -1.76 -41.74
N PRO C 10 -0.26 53.75 16.23
CA PRO C 10 0.66 52.86 15.52
C PRO C 10 1.09 51.64 16.35
N ILE C 11 1.15 50.46 15.69
CA ILE C 11 1.51 49.18 16.30
C ILE C 11 2.94 49.24 16.85
N LYS C 12 3.09 48.85 18.11
CA LYS C 12 4.38 48.76 18.78
C LYS C 12 5.39 47.94 17.95
N THR C 13 6.66 48.33 17.96
CA THR C 13 7.68 47.67 17.15
C THR C 13 8.89 47.23 17.98
N TYR C 14 9.51 46.11 17.59
CA TYR C 14 10.70 45.56 18.23
C TYR C 14 11.68 45.12 17.17
N HIS C 15 12.94 45.02 17.57
CA HIS C 15 14.02 44.43 16.77
C HIS C 15 14.64 43.34 17.58
N LEU C 16 14.76 42.16 17.00
CA LEU C 16 15.14 40.99 17.77
C LEU C 16 16.53 41.09 18.38
N SER C 17 17.48 41.64 17.63
CA SER C 17 18.87 41.79 18.08
C SER C 17 18.96 42.68 19.34
N ASN C 18 18.13 43.74 19.40
CA ASN C 18 18.09 44.72 20.52
C ASN C 18 17.27 44.28 21.71
N LEU C 19 16.98 42.99 21.87
CA LEU C 19 16.31 42.47 23.10
C LEU C 19 17.12 41.53 24.00
N THR C 20 16.95 41.71 25.31
CA THR C 20 17.45 40.77 26.31
C THR C 20 16.59 39.52 26.29
N GLN C 21 17.13 38.41 26.80
CA GLN C 21 16.33 37.19 26.98
C GLN C 21 14.99 37.44 27.66
N THR C 22 15.01 38.26 28.70
CA THR C 22 13.80 38.57 29.45
C THR C 22 12.77 39.34 28.62
N GLU C 23 13.23 40.29 27.80
CA GLU C 23 12.32 41.08 26.94
C GLU C 23 11.70 40.20 25.88
N LEU C 24 12.53 39.36 25.28
CA LEU C 24 12.13 38.39 24.27
C LEU C 24 11.07 37.42 24.77
N LEU C 25 11.34 36.75 25.89
CA LEU C 25 10.35 35.83 26.50
C LEU C 25 9.05 36.51 26.93
N SER C 26 9.09 37.81 27.21
CA SER C 26 7.86 38.54 27.57
C SER C 26 6.95 38.71 26.36
N LEU C 27 7.49 38.61 25.13
CA LEU C 27 6.68 38.65 23.90
C LEU C 27 5.74 37.45 23.67
N LYS C 28 5.96 36.37 24.41
CA LYS C 28 5.04 35.22 24.41
C LYS C 28 3.73 35.52 25.10
N SER C 29 3.66 36.56 25.94
CA SER C 29 2.46 36.79 26.74
C SER C 29 1.30 37.31 25.90
N ARG C 30 0.10 36.89 26.28
CA ARG C 30 -1.13 37.28 25.64
C ARG C 30 -1.92 38.27 26.51
N PRO C 31 -2.81 39.00 25.87
CA PRO C 31 -3.70 39.94 26.50
C PRO C 31 -4.86 39.10 26.93
N ARG C 32 -4.56 38.11 27.76
CA ARG C 32 -5.59 37.25 28.30
C ARG C 32 -5.30 37.18 29.76
N ILE C 33 -6.34 37.47 30.52
CA ILE C 33 -6.27 37.52 31.94
C ILE C 33 -5.86 36.17 32.38
N ASP C 34 -5.00 36.09 33.38
CA ASP C 34 -4.51 34.81 33.83
C ASP C 34 -5.61 33.99 34.46
N PHE C 35 -5.44 32.69 34.44
CA PHE C 35 -6.51 31.81 34.83
C PHE C 35 -7.17 31.87 36.21
N SER C 36 -6.44 31.93 37.30
CA SER C 36 -7.08 32.00 38.62
C SER C 36 -8.14 33.12 38.71
N SER C 37 -7.85 34.30 38.13
CA SER C 37 -8.82 35.39 38.10
C SER C 37 -10.09 35.02 37.33
N VAL C 38 -9.93 34.37 36.18
CA VAL C 38 -11.10 33.99 35.40
C VAL C 38 -11.85 32.85 36.09
N PHE C 39 -11.09 31.98 36.74
CA PHE C 39 -11.68 30.89 37.54
C PHE C 39 -12.56 31.43 38.68
N ASP C 40 -12.08 32.49 39.35
CA ASP C 40 -12.84 33.14 40.40
C ASP C 40 -14.20 33.63 39.89
N ILE C 41 -14.20 34.26 38.72
CA ILE C 41 -15.46 34.71 38.07
C ILE C 41 -16.38 33.54 37.67
N VAL C 42 -15.78 32.48 37.13
CA VAL C 42 -16.50 31.38 36.43
C VAL C 42 -17.01 30.26 37.36
N ASN C 43 -16.19 29.88 38.35
CA ASN C 43 -16.53 28.85 39.37
C ASN C 43 -17.94 28.94 40.00
N PRO C 44 -18.33 30.12 40.49
CA PRO C 44 -19.69 30.20 41.05
C PRO C 44 -20.80 29.92 40.03
N ILE C 45 -20.58 30.25 38.76
CA ILE C 45 -21.56 29.96 37.70
C ILE C 45 -21.64 28.45 37.47
N VAL C 46 -20.49 27.80 37.48
CA VAL C 46 -20.40 26.37 37.24
C VAL C 46 -21.07 25.59 38.37
N ASP C 47 -20.72 25.94 39.62
CA ASP C 47 -21.26 25.24 40.82
C ASP C 47 -22.77 25.43 40.94
N ASP C 48 -23.22 26.62 40.57
CA ASP C 48 -24.63 26.98 40.60
C ASP C 48 -25.43 26.16 39.59
N VAL C 49 -24.91 26.00 38.37
CA VAL C 49 -25.53 25.11 37.37
C VAL C 49 -25.43 23.64 37.79
N HIS C 50 -24.32 23.28 38.43
CA HIS C 50 -24.16 21.90 38.97
C HIS C 50 -25.31 21.63 39.95
N ALA C 51 -25.43 22.49 40.96
CA ALA C 51 -26.43 22.31 42.03
C ALA C 51 -27.87 22.54 41.60
N HIS C 52 -28.12 23.54 40.74
CA HIS C 52 -29.50 24.00 40.45
C HIS C 52 -30.05 23.81 39.02
N GLY C 53 -29.23 23.29 38.11
CA GLY C 53 -29.73 22.86 36.79
C GLY C 53 -30.28 23.94 35.89
N ASP C 54 -31.29 23.56 35.10
CA ASP C 54 -31.88 24.43 34.05
C ASP C 54 -32.26 25.83 34.53
N ALA C 55 -32.81 25.89 35.75
CA ALA C 55 -33.17 27.15 36.41
C ALA C 55 -31.99 28.13 36.47
N ALA C 56 -30.83 27.61 36.86
CA ALA C 56 -29.60 28.41 36.96
C ALA C 56 -29.12 28.85 35.57
N VAL C 57 -29.25 27.97 34.59
CA VAL C 57 -28.79 28.25 33.23
C VAL C 57 -29.63 29.41 32.67
N LYS C 58 -30.97 29.31 32.83
CA LYS C 58 -31.93 30.36 32.42
C LYS C 58 -31.63 31.70 33.02
N GLN C 59 -31.29 31.72 34.31
CA GLN C 59 -30.92 32.97 34.98
C GLN C 59 -29.71 33.65 34.34
N TYR C 60 -28.66 32.86 34.07
CA TYR C 60 -27.45 33.42 33.51
C TYR C 60 -27.64 33.82 32.06
N THR C 61 -28.50 33.12 31.33
CA THR C 61 -28.85 33.54 29.98
C THR C 61 -29.57 34.90 30.00
N SER C 62 -30.57 35.04 30.88
CA SER C 62 -31.22 36.34 31.10
C SER C 62 -30.21 37.41 31.48
N LYS C 63 -29.35 37.11 32.45
CA LYS C 63 -28.38 38.08 32.95
C LYS C 63 -27.41 38.56 31.87
N PHE C 64 -26.72 37.63 31.19
CA PHE C 64 -25.67 37.99 30.23
C PHE C 64 -26.17 38.22 28.80
N ASP C 65 -27.04 37.33 28.33
CA ASP C 65 -27.49 37.35 26.94
C ASP C 65 -28.74 38.18 26.74
N LYS C 66 -29.43 38.54 27.82
CA LYS C 66 -30.61 39.41 27.77
C LYS C 66 -31.68 38.75 26.92
N VAL C 67 -31.90 37.47 27.21
CA VAL C 67 -32.82 36.64 26.47
C VAL C 67 -33.57 35.80 27.48
N ASP C 68 -34.89 35.75 27.28
CA ASP C 68 -35.77 34.93 28.08
C ASP C 68 -36.35 33.83 27.24
N LEU C 69 -36.08 32.61 27.66
CA LEU C 69 -36.47 31.42 26.92
C LEU C 69 -36.88 30.30 27.87
N GLU C 70 -37.93 29.57 27.55
CA GLU C 70 -38.40 28.52 28.48
C GLU C 70 -37.73 27.18 28.16
N ASN C 71 -37.52 26.91 26.88
CA ASN C 71 -36.96 25.62 26.43
C ASN C 71 -35.53 25.79 26.00
N ILE C 72 -34.62 25.45 26.93
CA ILE C 72 -33.17 25.55 26.65
C ILE C 72 -32.60 24.37 25.85
N VAL C 73 -33.31 23.25 25.80
CA VAL C 73 -32.87 22.06 25.05
C VAL C 73 -33.92 21.50 24.09
N GLU C 74 -33.57 21.50 22.81
CA GLU C 74 -34.41 20.99 21.72
C GLU C 74 -33.76 19.74 21.15
N LEU C 75 -34.56 18.71 20.90
CA LEU C 75 -34.15 17.62 20.02
C LEU C 75 -34.10 18.16 18.61
N VAL C 76 -32.97 18.00 17.96
CA VAL C 76 -32.75 18.52 16.61
C VAL C 76 -33.71 17.86 15.60
N SER C 77 -34.03 16.58 15.79
CA SER C 77 -35.00 15.89 14.94
C SER C 77 -36.45 16.46 14.99
N ASP C 78 -36.80 17.13 16.10
CA ASP C 78 -38.09 17.84 16.24
C ASP C 78 -38.15 19.14 15.44
N LEU C 79 -37.04 19.83 15.27
CA LEU C 79 -37.07 21.15 14.63
C LEU C 79 -37.10 21.07 13.13
N PRO C 80 -37.82 21.99 12.48
CA PRO C 80 -37.90 21.97 11.01
C PRO C 80 -36.61 22.40 10.32
N ASP C 81 -36.33 21.78 9.17
CA ASP C 81 -35.24 22.20 8.28
C ASP C 81 -35.37 23.67 7.98
N PRO C 82 -34.37 24.49 8.35
CA PRO C 82 -34.52 25.91 8.13
C PRO C 82 -34.30 26.26 6.67
N VAL C 83 -34.82 27.41 6.25
CA VAL C 83 -34.74 27.83 4.86
C VAL C 83 -33.72 28.94 4.74
N LEU C 84 -32.80 28.76 3.80
CA LEU C 84 -31.61 29.58 3.67
C LEU C 84 -31.60 30.22 2.29
N ASP C 85 -31.10 31.45 2.18
CA ASP C 85 -30.73 32.04 0.88
C ASP C 85 -29.90 30.97 0.16
N PRO C 86 -30.30 30.56 -1.07
CA PRO C 86 -29.54 29.46 -1.73
C PRO C 86 -28.04 29.71 -1.98
N ALA C 87 -27.58 30.96 -2.04
CA ALA C 87 -26.13 31.23 -2.10
C ALA C 87 -25.45 30.87 -0.78
N ILE C 88 -26.11 31.17 0.33
CA ILE C 88 -25.66 30.84 1.67
C ILE C 88 -25.62 29.31 1.82
N LYS C 89 -26.69 28.65 1.41
CA LYS C 89 -26.74 27.17 1.48
C LYS C 89 -25.64 26.52 0.66
N GLU C 90 -25.42 27.02 -0.55
CA GLU C 90 -24.38 26.48 -1.43
C GLU C 90 -23.02 26.61 -0.73
N ALA C 91 -22.74 27.77 -0.12
CA ALA C 91 -21.45 28.03 0.52
C ALA C 91 -21.16 27.09 1.71
N PHE C 92 -22.13 26.97 2.62
CA PHE C 92 -22.02 26.06 3.75
C PHE C 92 -21.91 24.61 3.30
N ASP C 93 -22.54 24.25 2.19
CA ASP C 93 -22.38 22.91 1.62
C ASP C 93 -20.98 22.65 1.08
N VAL C 94 -20.38 23.63 0.44
CA VAL C 94 -18.98 23.52 -0.01
C VAL C 94 -18.08 23.31 1.21
N ALA C 95 -18.29 24.12 2.25
CA ALA C 95 -17.55 24.00 3.50
C ALA C 95 -17.71 22.59 4.12
N TYR C 96 -18.96 22.15 4.29
CA TYR C 96 -19.23 20.85 4.85
C TYR C 96 -18.48 19.80 4.07
N SER C 97 -18.55 19.91 2.75
CA SER C 97 -17.90 18.95 1.84
C SER C 97 -16.38 18.87 2.01
N ASN C 98 -15.75 20.04 2.03
CA ASN C 98 -14.30 20.14 2.19
C ASN C 98 -13.83 19.67 3.60
N ILE C 99 -14.57 20.06 4.64
CA ILE C 99 -14.27 19.67 6.00
C ILE C 99 -14.46 18.17 6.15
N TYR C 100 -15.57 17.64 5.63
CA TYR C 100 -15.84 16.21 5.70
C TYR C 100 -14.69 15.42 5.07
N ALA C 101 -14.29 15.83 3.89
CA ALA C 101 -13.24 15.18 3.12
C ALA C 101 -11.91 15.15 3.87
N PHE C 102 -11.51 16.30 4.41
CA PHE C 102 -10.23 16.42 5.12
C PHE C 102 -10.21 15.56 6.37
N HIS C 103 -11.34 15.48 7.06
CA HIS C 103 -11.45 14.70 8.29
C HIS C 103 -11.65 13.22 8.05
N ALA C 104 -12.41 12.86 7.01
CA ALA C 104 -12.63 11.45 6.69
C ALA C 104 -11.33 10.79 6.27
N ALA C 105 -10.48 11.57 5.59
CA ALA C 105 -9.13 11.16 5.21
C ALA C 105 -8.22 10.76 6.37
N GLN C 106 -8.58 11.14 7.60
CA GLN C 106 -7.80 10.81 8.80
C GLN C 106 -8.09 9.44 9.40
N LYS C 107 -9.04 8.69 8.85
CA LYS C 107 -9.32 7.33 9.33
C LYS C 107 -8.09 6.43 9.13
N SER C 108 -7.60 5.86 10.24
CA SER C 108 -6.45 4.96 10.19
C SER C 108 -6.92 3.51 10.09
N PRO C 109 -6.39 2.77 9.10
CA PRO C 109 -6.75 1.34 9.03
C PRO C 109 -6.07 0.61 10.19
N GLU C 110 -6.82 -0.25 10.88
CA GLU C 110 -6.37 -0.87 12.13
C GLU C 110 -5.50 -2.12 11.86
N LYS C 111 -4.20 -1.91 11.64
CA LYS C 111 -3.28 -3.03 11.39
C LYS C 111 -2.92 -3.81 12.70
N SER C 112 -3.03 -5.13 12.64
CA SER C 112 -2.51 -6.01 13.67
C SER C 112 -0.96 -6.04 13.65
N VAL C 113 -0.35 -6.11 14.83
CA VAL C 113 1.11 -6.19 14.96
C VAL C 113 1.46 -7.56 15.60
N GLU C 114 2.30 -8.34 14.93
CA GLU C 114 2.75 -9.63 15.45
C GLU C 114 4.27 -9.86 15.31
N ASN C 115 5.02 -9.22 16.20
CA ASN C 115 6.48 -9.19 16.19
C ASN C 115 7.07 -10.48 16.81
N MET C 116 6.26 -11.17 17.62
CA MET C 116 6.59 -12.47 18.19
C MET C 116 5.46 -13.35 17.78
N LYS C 117 5.74 -14.59 17.42
CA LYS C 117 4.68 -15.51 17.01
C LYS C 117 3.81 -15.80 18.22
N GLY C 118 2.49 -15.68 18.01
CA GLY C 118 1.49 -15.89 19.06
C GLY C 118 1.34 -14.77 20.07
N VAL C 119 1.89 -13.59 19.76
CA VAL C 119 1.67 -12.39 20.55
C VAL C 119 1.07 -11.37 19.59
N GLN C 120 -0.25 -11.34 19.56
CA GLN C 120 -1.04 -10.49 18.67
C GLN C 120 -1.43 -9.21 19.46
N CYS C 121 -1.05 -8.04 18.97
CA CYS C 121 -1.47 -6.76 19.52
C CYS C 121 -2.05 -5.83 18.50
N LYS C 122 -2.96 -4.98 18.95
CA LYS C 122 -3.77 -4.16 18.05
C LYS C 122 -4.32 -2.94 18.74
N ARG C 123 -4.75 -1.99 17.93
CA ARG C 123 -5.47 -0.82 18.35
C ARG C 123 -6.79 -0.81 17.67
N VAL C 124 -7.87 -0.50 18.40
CA VAL C 124 -9.17 -0.28 17.77
C VAL C 124 -9.76 1.05 18.18
N ALA C 125 -10.43 1.73 17.24
CA ALA C 125 -11.02 3.03 17.50
C ALA C 125 -12.44 2.84 17.99
N ARG C 126 -12.79 3.61 19.01
CA ARG C 126 -14.15 3.71 19.49
C ARG C 126 -14.45 5.16 19.68
N SER C 127 -15.63 5.57 19.28
CA SER C 127 -16.04 6.94 19.41
C SER C 127 -16.41 7.23 20.84
N ILE C 128 -16.25 8.47 21.25
CA ILE C 128 -16.68 8.90 22.56
C ILE C 128 -18.19 8.96 22.43
N ASN C 129 -18.88 8.33 23.38
CA ASN C 129 -20.31 8.12 23.29
C ASN C 129 -21.13 9.41 23.28
N SER C 130 -20.76 10.38 24.10
CA SER C 130 -21.44 11.66 24.03
C SER C 130 -20.50 12.82 24.16
N VAL C 131 -20.75 13.84 23.34
CA VAL C 131 -19.87 14.97 23.22
C VAL C 131 -20.68 16.24 23.20
N GLY C 132 -20.10 17.31 23.76
CA GLY C 132 -20.70 18.64 23.76
C GLY C 132 -19.83 19.59 22.95
N LEU C 133 -20.47 20.35 22.07
CA LEU C 133 -19.79 21.19 21.10
C LEU C 133 -20.21 22.63 21.35
N TYR C 134 -19.30 23.48 21.81
CA TYR C 134 -19.63 24.84 22.05
C TYR C 134 -19.44 25.68 20.79
N VAL C 135 -20.52 26.32 20.33
CA VAL C 135 -20.49 27.20 19.16
C VAL C 135 -20.69 28.64 19.62
N PRO C 136 -19.64 29.50 19.49
CA PRO C 136 -19.77 30.91 19.96
C PRO C 136 -20.92 31.74 19.33
N GLY C 137 -21.54 32.57 20.17
CA GLY C 137 -22.54 33.55 19.72
C GLY C 137 -22.62 34.82 20.54
N GLY C 138 -21.49 35.25 21.07
CA GLY C 138 -21.45 36.43 21.95
C GLY C 138 -21.48 37.72 21.16
N THR C 139 -20.32 38.15 20.69
CA THR C 139 -20.19 39.35 19.86
C THR C 139 -20.38 39.04 18.38
N ALA C 140 -20.45 37.76 18.04
CA ALA C 140 -20.71 37.31 16.67
C ALA C 140 -21.07 35.83 16.70
N VAL C 141 -21.93 35.45 15.78
CA VAL C 141 -22.46 34.12 15.70
C VAL C 141 -21.69 33.31 14.62
N LEU C 142 -21.20 32.13 15.00
CA LEU C 142 -20.18 31.40 14.24
C LEU C 142 -20.65 29.99 13.77
N PRO C 143 -21.54 29.92 12.76
CA PRO C 143 -21.88 28.62 12.21
C PRO C 143 -20.71 27.83 11.62
N SER C 144 -19.65 28.51 11.21
CA SER C 144 -18.43 27.83 10.75
C SER C 144 -17.98 26.80 11.82
N THR C 145 -17.89 27.25 13.06
CA THR C 145 -17.54 26.43 14.20
C THR C 145 -18.40 25.19 14.35
N ALA C 146 -19.69 25.32 14.08
CA ALA C 146 -20.59 24.17 14.14
C ALA C 146 -20.15 23.09 13.17
N LEU C 147 -19.74 23.49 11.97
CA LEU C 147 -19.19 22.52 11.01
C LEU C 147 -17.86 21.93 11.48
N MET C 148 -16.98 22.78 12.00
CA MET C 148 -15.66 22.35 12.49
C MET C 148 -15.77 21.25 13.54
N LEU C 149 -16.75 21.37 14.43
CA LEU C 149 -16.92 20.44 15.54
C LEU C 149 -17.84 19.28 15.20
N ALA C 150 -18.97 19.57 14.58
CA ALA C 150 -19.97 18.50 14.34
C ALA C 150 -19.58 17.52 13.24
N VAL C 151 -18.88 18.00 12.21
CA VAL C 151 -18.51 17.14 11.08
C VAL C 151 -17.63 15.98 11.57
N PRO C 152 -16.47 16.25 12.21
CA PRO C 152 -15.72 15.11 12.73
C PRO C 152 -16.46 14.24 13.75
N ALA C 153 -17.34 14.84 14.56
CA ALA C 153 -18.18 14.06 15.47
C ALA C 153 -19.05 13.07 14.69
N GLN C 154 -19.64 13.54 13.61
CA GLN C 154 -20.46 12.70 12.73
C GLN C 154 -19.66 11.55 12.14
N ILE C 155 -18.48 11.85 11.62
CA ILE C 155 -17.61 10.82 11.05
C ILE C 155 -17.23 9.79 12.11
N ALA C 156 -16.89 10.25 13.30
CA ALA C 156 -16.54 9.38 14.42
C ALA C 156 -17.65 8.45 14.80
N GLY C 157 -18.89 8.90 14.67
CA GLY C 157 -20.06 8.14 15.04
C GLY C 157 -20.53 8.34 16.46
N CYS C 158 -20.11 9.42 17.11
CA CYS C 158 -20.65 9.82 18.42
C CYS C 158 -22.19 9.74 18.47
N LYS C 159 -22.73 9.01 19.45
CA LYS C 159 -24.20 8.73 19.59
C LYS C 159 -25.03 9.91 20.06
N THR C 160 -24.53 10.59 21.06
CA THR C 160 -25.13 11.85 21.52
C THR C 160 -24.18 13.02 21.20
N ILE C 161 -24.68 14.03 20.51
CA ILE C 161 -23.92 15.22 20.15
C ILE C 161 -24.78 16.41 20.55
N VAL C 162 -24.40 17.07 21.64
CA VAL C 162 -25.07 18.26 22.12
C VAL C 162 -24.29 19.44 21.61
N LEU C 163 -24.95 20.37 20.91
CA LEU C 163 -24.31 21.59 20.43
C LEU C 163 -24.86 22.75 21.22
N ALA C 164 -23.98 23.49 21.90
CA ALA C 164 -24.38 24.66 22.70
C ALA C 164 -24.18 25.94 21.93
N ASN C 165 -25.17 26.81 21.97
CA ASN C 165 -25.12 28.06 21.23
C ASN C 165 -26.02 29.09 21.93
N PRO C 166 -25.44 30.22 22.38
CA PRO C 166 -26.28 31.21 23.06
C PRO C 166 -27.25 31.84 22.06
N PRO C 167 -28.52 32.03 22.44
CA PRO C 167 -29.52 32.51 21.49
C PRO C 167 -29.37 34.00 21.12
N THR C 168 -30.01 34.36 20.01
CA THR C 168 -30.20 35.74 19.60
C THR C 168 -31.27 36.42 20.44
N ARG C 169 -31.29 37.75 20.37
CA ARG C 169 -32.06 38.58 21.29
C ARG C 169 -33.55 38.28 21.35
N ASP C 170 -34.09 37.83 20.22
CA ASP C 170 -35.48 37.40 20.11
C ASP C 170 -35.72 35.92 20.49
N GLY C 171 -34.75 35.30 21.17
CA GLY C 171 -34.85 33.92 21.63
C GLY C 171 -34.59 32.85 20.60
N THR C 172 -34.08 33.24 19.44
CA THR C 172 -33.89 32.33 18.32
C THR C 172 -32.46 31.83 18.17
N THR C 173 -32.31 30.55 17.77
CA THR C 173 -31.05 30.00 17.30
C THR C 173 -30.84 30.45 15.87
N CYS C 174 -29.66 31.01 15.60
CA CYS C 174 -29.23 31.34 14.25
C CYS C 174 -29.53 30.20 13.27
N LYS C 175 -30.19 30.51 12.16
CA LYS C 175 -30.68 29.44 11.26
C LYS C 175 -29.56 28.75 10.48
N GLU C 176 -28.45 29.46 10.24
CA GLU C 176 -27.27 28.84 9.63
C GLU C 176 -26.60 27.84 10.60
N VAL C 177 -26.58 28.16 11.89
CA VAL C 177 -26.12 27.19 12.91
C VAL C 177 -26.99 25.94 12.90
N LEU C 178 -28.31 26.09 12.77
CA LEU C 178 -29.20 24.96 12.77
C LEU C 178 -29.06 24.16 11.49
N TYR C 179 -28.79 24.85 10.37
CA TYR C 179 -28.57 24.15 9.11
C TYR C 179 -27.40 23.18 9.23
N CYS C 180 -26.28 23.69 9.73
CA CYS C 180 -25.05 22.90 9.85
C CYS C 180 -25.22 21.76 10.86
N ALA C 181 -25.90 22.03 11.97
CA ALA C 181 -26.17 21.02 12.99
C ALA C 181 -26.94 19.82 12.40
N LYS C 182 -27.97 20.13 11.62
CA LYS C 182 -28.75 19.10 10.99
C LYS C 182 -27.96 18.33 9.97
N LYS C 183 -27.17 19.05 9.19
CA LYS C 183 -26.35 18.40 8.17
C LYS C 183 -25.28 17.46 8.78
N ALA C 184 -24.73 17.83 9.93
CA ALA C 184 -23.70 17.04 10.60
C ALA C 184 -24.25 16.07 11.66
N GLY C 185 -25.56 15.97 11.79
CA GLY C 185 -26.19 14.95 12.67
C GLY C 185 -26.18 15.27 14.17
N VAL C 186 -26.18 16.55 14.52
CA VAL C 186 -26.26 16.96 15.93
C VAL C 186 -27.60 16.47 16.49
N THR C 187 -27.59 15.87 17.67
CA THR C 187 -28.80 15.28 18.24
C THR C 187 -29.56 16.28 19.10
N HIS C 188 -28.85 17.05 19.91
CA HIS C 188 -29.45 17.99 20.83
C HIS C 188 -28.88 19.38 20.66
N LEU C 189 -29.73 20.39 20.82
CA LEU C 189 -29.30 21.77 20.75
C LEU C 189 -29.54 22.43 22.10
N LEU C 190 -28.49 23.00 22.69
CA LEU C 190 -28.55 23.67 23.97
C LEU C 190 -28.52 25.16 23.69
N LYS C 191 -29.64 25.83 23.94
CA LYS C 191 -29.78 27.27 23.64
C LYS C 191 -29.24 28.05 24.83
N ALA C 192 -27.92 28.04 24.95
CA ALA C 192 -27.23 28.66 26.08
C ALA C 192 -25.78 28.86 25.75
N GLY C 193 -25.13 29.76 26.47
CA GLY C 193 -23.74 30.10 26.23
C GLY C 193 -22.91 30.13 27.48
N GLY C 194 -21.67 30.58 27.34
CA GLY C 194 -20.76 30.81 28.45
C GLY C 194 -20.50 29.63 29.36
N ALA C 195 -19.99 29.92 30.54
CA ALA C 195 -19.69 28.93 31.57
C ALA C 195 -20.93 28.15 32.03
N GLN C 196 -22.10 28.76 31.94
CA GLN C 196 -23.34 28.06 32.29
C GLN C 196 -23.69 26.95 31.28
N ALA C 197 -23.29 27.13 30.02
CA ALA C 197 -23.51 26.12 28.99
C ALA C 197 -22.53 24.96 29.19
N ILE C 198 -21.27 25.32 29.39
CA ILE C 198 -20.20 24.34 29.61
C ILE C 198 -20.55 23.46 30.82
N SER C 199 -20.97 24.06 31.93
CA SER C 199 -21.35 23.31 33.12
C SER C 199 -22.60 22.45 32.93
N ALA C 200 -23.55 22.93 32.12
CA ALA C 200 -24.74 22.16 31.82
C ALA C 200 -24.39 20.83 31.11
N MET C 201 -23.47 20.91 30.15
CA MET C 201 -23.00 19.75 29.40
C MET C 201 -22.14 18.83 30.24
N ALA C 202 -21.23 19.39 31.03
CA ALA C 202 -20.35 18.58 31.86
C ALA C 202 -21.08 17.79 32.93
N TRP C 203 -22.07 18.44 33.57
CA TRP C 203 -22.88 17.83 34.63
C TRP C 203 -24.17 17.17 34.16
N GLY C 204 -24.68 17.55 32.99
CA GLY C 204 -26.06 17.25 32.61
C GLY C 204 -27.02 18.15 33.39
N THR C 205 -28.25 18.27 32.91
CA THR C 205 -29.31 18.93 33.67
C THR C 205 -30.57 18.12 33.50
N GLU C 206 -31.72 18.68 33.90
CA GLU C 206 -32.99 18.00 33.78
C GLU C 206 -33.31 17.69 32.30
N THR C 207 -32.96 18.63 31.42
CA THR C 207 -33.19 18.50 29.97
C THR C 207 -31.91 18.31 29.13
N CYS C 208 -30.76 18.77 29.61
CA CYS C 208 -29.50 18.68 28.86
C CYS C 208 -28.74 17.37 29.13
N PRO C 209 -28.49 16.56 28.09
CA PRO C 209 -27.71 15.34 28.31
C PRO C 209 -26.30 15.62 28.87
N LYS C 210 -25.83 14.74 29.76
CA LYS C 210 -24.45 14.82 30.30
C LYS C 210 -23.47 14.22 29.24
N VAL C 211 -22.44 14.99 28.88
CA VAL C 211 -21.46 14.57 27.89
C VAL C 211 -20.15 14.14 28.55
N GLU C 212 -19.33 13.41 27.80
CA GLU C 212 -18.05 12.90 28.25
C GLU C 212 -16.87 13.78 27.86
N LYS C 213 -17.03 14.52 26.77
CA LYS C 213 -15.99 15.45 26.30
C LYS C 213 -16.60 16.72 25.75
N ILE C 214 -15.99 17.84 26.10
CA ILE C 214 -16.49 19.12 25.68
C ILE C 214 -15.48 19.75 24.75
N PHE C 215 -15.98 20.22 23.62
CA PHE C 215 -15.17 20.81 22.57
C PHE C 215 -15.55 22.25 22.32
N GLY C 216 -14.62 22.99 21.76
CA GLY C 216 -14.95 24.16 20.98
C GLY C 216 -14.37 25.46 21.50
N PRO C 217 -14.39 26.49 20.67
CA PRO C 217 -13.77 27.74 21.02
C PRO C 217 -14.70 28.64 21.73
N GLY C 218 -14.14 29.65 22.38
CA GLY C 218 -14.95 30.65 23.02
C GLY C 218 -14.15 31.75 23.63
N ASN C 219 -14.85 32.62 24.34
CA ASN C 219 -14.22 33.71 25.05
C ASN C 219 -13.51 33.14 26.28
N GLN C 220 -12.81 34.01 27.01
CA GLN C 220 -12.02 33.60 28.18
C GLN C 220 -12.85 32.94 29.28
N TYR C 221 -14.15 33.25 29.37
CA TYR C 221 -14.96 32.65 30.40
C TYR C 221 -15.33 31.21 30.00
N VAL C 222 -15.70 31.04 28.73
CA VAL C 222 -16.01 29.73 28.20
C VAL C 222 -14.75 28.87 28.36
N THR C 223 -13.64 29.39 27.87
CA THR C 223 -12.37 28.65 27.92
C THR C 223 -11.95 28.27 29.35
N ALA C 224 -12.18 29.16 30.30
CA ALA C 224 -11.79 28.91 31.69
C ALA C 224 -12.70 27.89 32.33
N ALA C 225 -13.98 27.96 32.00
CA ALA C 225 -14.96 26.96 32.44
C ALA C 225 -14.62 25.54 31.94
N LYS C 226 -14.20 25.44 30.68
CA LYS C 226 -13.72 24.16 30.13
C LYS C 226 -12.58 23.62 30.96
N MET C 227 -11.59 24.49 31.19
CA MET C 227 -10.36 24.12 31.92
C MET C 227 -10.66 23.65 33.33
N ILE C 228 -11.55 24.37 34.02
CA ILE C 228 -11.99 24.00 35.37
C ILE C 228 -12.67 22.65 35.42
N LEU C 229 -13.64 22.48 34.54
CA LEU C 229 -14.49 21.29 34.60
C LEU C 229 -13.75 19.96 34.32
N GLN C 230 -12.65 20.01 33.57
CA GLN C 230 -11.86 18.79 33.33
C GLN C 230 -11.31 18.23 34.65
N ASN C 231 -11.02 19.09 35.62
CA ASN C 231 -10.63 18.65 36.98
C ASN C 231 -11.77 18.34 37.95
N SER C 232 -13.01 18.46 37.50
CA SER C 232 -14.15 18.31 38.39
C SER C 232 -14.56 16.85 38.52
N GLU C 233 -15.47 16.59 39.44
CA GLU C 233 -16.07 15.29 39.61
C GLU C 233 -17.13 14.98 38.54
N ALA C 234 -17.39 15.91 37.62
CA ALA C 234 -18.27 15.64 36.47
C ALA C 234 -17.81 14.49 35.58
N MET C 235 -16.51 14.24 35.56
CA MET C 235 -15.90 13.21 34.72
C MET C 235 -16.09 13.58 33.24
N VAL C 236 -15.33 14.61 32.85
CA VAL C 236 -15.38 15.16 31.54
C VAL C 236 -13.96 15.50 31.08
N SER C 237 -13.70 15.47 29.78
CA SER C 237 -12.43 15.99 29.26
C SER C 237 -12.74 17.10 28.30
N ILE C 238 -11.69 17.75 27.82
CA ILE C 238 -11.84 18.80 26.81
C ILE C 238 -10.84 18.61 25.68
N ASP C 239 -11.03 19.32 24.59
CA ASP C 239 -10.11 19.28 23.47
C ASP C 239 -8.84 20.06 23.76
N MET C 240 -9.02 21.32 24.21
CA MET C 240 -7.92 22.27 24.43
C MET C 240 -8.47 23.60 24.95
N PRO C 241 -7.62 24.43 25.55
CA PRO C 241 -7.96 25.86 25.61
C PRO C 241 -7.91 26.56 24.23
N ALA C 242 -9.08 26.76 23.63
CA ALA C 242 -9.24 27.42 22.31
C ALA C 242 -9.89 28.79 22.52
N GLY C 243 -9.08 29.70 23.03
CA GLY C 243 -9.53 31.01 23.43
C GLY C 243 -9.50 32.05 22.31
N PRO C 244 -9.42 33.33 22.65
CA PRO C 244 -9.35 34.45 21.74
C PRO C 244 -8.40 34.30 20.59
N SER C 245 -8.91 34.50 19.38
CA SER C 245 -8.17 34.22 18.18
C SER C 245 -6.85 34.99 18.10
N GLU C 246 -5.85 34.35 17.50
CA GLU C 246 -4.54 34.96 17.24
C GLU C 246 -4.14 34.68 15.81
N VAL C 247 -3.33 35.56 15.25
CA VAL C 247 -2.62 35.23 14.02
C VAL C 247 -1.23 35.84 14.06
N LEU C 248 -0.26 35.11 13.55
CA LEU C 248 1.07 35.60 13.33
C LEU C 248 1.33 35.56 11.84
N VAL C 249 1.67 36.69 11.26
CA VAL C 249 2.01 36.79 9.86
C VAL C 249 3.51 37.00 9.74
N ILE C 250 4.19 36.20 8.95
CA ILE C 250 5.54 36.49 8.53
C ILE C 250 5.46 37.05 7.10
N ALA C 251 6.09 38.19 6.88
CA ALA C 251 6.08 38.85 5.58
C ALA C 251 7.48 39.21 5.19
N ASP C 252 7.80 39.02 3.91
CA ASP C 252 9.06 39.50 3.34
C ASP C 252 8.76 40.64 2.35
N LYS C 253 9.80 41.12 1.66
CA LYS C 253 9.63 42.25 0.72
C LYS C 253 8.71 41.97 -0.49
N HIS C 254 8.45 40.70 -0.81
CA HIS C 254 7.54 40.37 -1.91
C HIS C 254 6.05 40.47 -1.51
N ALA C 255 5.74 40.54 -0.22
CA ALA C 255 4.36 40.56 0.26
C ALA C 255 3.76 41.92 0.01
N ILE C 256 2.51 41.92 -0.42
CA ILE C 256 1.81 43.16 -0.74
C ILE C 256 1.28 43.78 0.55
N PRO C 257 1.77 44.98 0.91
CA PRO C 257 1.39 45.56 2.21
C PRO C 257 -0.08 45.57 2.58
N SER C 258 -0.97 45.79 1.61
CA SER C 258 -2.42 45.85 1.88
C SER C 258 -3.01 44.50 2.26
N HIS C 259 -2.45 43.44 1.68
CA HIS C 259 -2.86 42.05 1.96
C HIS C 259 -2.42 41.64 3.35
N VAL C 260 -1.23 42.09 3.73
CA VAL C 260 -0.69 41.84 5.06
C VAL C 260 -1.60 42.54 6.08
N ALA C 261 -1.90 43.82 5.84
CA ALA C 261 -2.80 44.58 6.73
C ALA C 261 -4.16 43.90 6.84
N ALA C 262 -4.70 43.52 5.69
CA ALA C 262 -5.99 42.84 5.63
C ALA C 262 -5.97 41.57 6.48
N ASP C 263 -4.89 40.78 6.36
CA ASP C 263 -4.70 39.57 7.14
C ASP C 263 -4.61 39.81 8.64
N LEU C 264 -3.86 40.84 9.05
CA LEU C 264 -3.75 41.17 10.47
C LEU C 264 -5.13 41.55 11.04
N LEU C 265 -5.87 42.38 10.29
CA LEU C 265 -7.22 42.81 10.70
C LEU C 265 -8.25 41.69 10.59
N SER C 266 -8.03 40.68 9.75
CA SER C 266 -9.00 39.59 9.64
C SER C 266 -9.27 38.92 10.98
N GLN C 267 -8.25 38.76 11.81
CA GLN C 267 -8.45 38.19 13.15
C GLN C 267 -8.51 39.22 14.28
N ALA C 268 -7.91 40.38 14.09
CA ALA C 268 -8.07 41.46 15.06
C ALA C 268 -9.55 41.75 15.35
N GLU C 269 -10.39 41.72 14.29
CA GLU C 269 -11.82 42.02 14.43
C GLU C 269 -12.60 41.06 15.29
N HIS C 270 -12.05 39.91 15.65
CA HIS C 270 -12.78 38.90 16.45
C HIS C 270 -13.19 39.47 17.80
N GLY C 271 -12.31 40.25 18.42
CA GLY C 271 -12.60 40.78 19.72
C GLY C 271 -11.43 41.57 20.26
N PRO C 272 -11.65 42.28 21.36
CA PRO C 272 -10.63 43.05 22.09
C PRO C 272 -9.55 42.11 22.59
N ASP C 273 -9.96 40.87 22.79
CA ASP C 273 -9.16 39.75 23.22
C ASP C 273 -8.02 39.33 22.26
N SER C 274 -8.28 39.39 20.97
CA SER C 274 -7.33 38.93 19.98
C SER C 274 -5.99 39.64 19.93
N GLN C 275 -4.93 38.86 19.71
CA GLN C 275 -3.57 39.34 19.60
C GLN C 275 -3.09 38.94 18.22
N VAL C 276 -2.41 39.85 17.56
CA VAL C 276 -1.84 39.64 16.26
C VAL C 276 -0.40 40.02 16.26
N VAL C 277 0.38 39.37 15.41
CA VAL C 277 1.81 39.58 15.40
C VAL C 277 2.24 39.66 13.95
N LEU C 278 3.04 40.66 13.62
CA LEU C 278 3.64 40.74 12.32
C LEU C 278 5.14 40.52 12.56
N VAL C 279 5.73 39.55 11.85
CA VAL C 279 7.14 39.38 11.83
C VAL C 279 7.56 39.79 10.45
N ILE C 280 8.41 40.80 10.37
CA ILE C 280 8.98 41.23 9.11
C ILE C 280 10.29 40.49 8.95
N ALA C 281 10.44 39.77 7.83
CA ALA C 281 11.62 38.96 7.57
C ALA C 281 12.49 39.58 6.47
N GLY C 282 13.76 39.85 6.78
CA GLY C 282 14.70 40.42 5.83
C GLY C 282 14.54 41.91 5.55
N ASP C 283 15.30 42.33 4.55
CA ASP C 283 15.35 43.70 4.10
C ASP C 283 14.20 44.00 3.13
N GLY C 284 13.95 45.26 2.88
CA GLY C 284 13.09 45.65 1.76
C GLY C 284 11.61 45.80 2.03
N VAL C 285 11.16 45.62 3.27
CA VAL C 285 9.72 45.71 3.59
C VAL C 285 9.36 47.13 3.99
N ASP C 286 8.39 47.69 3.28
CA ASP C 286 7.87 49.01 3.56
C ASP C 286 6.90 48.95 4.74
N GLN C 287 7.46 48.94 5.93
CA GLN C 287 6.67 48.88 7.17
C GLN C 287 5.63 49.99 7.30
N ASN C 288 6.02 51.20 6.89
CA ASN C 288 5.12 52.35 6.82
C ASN C 288 3.85 52.11 6.01
N ALA C 289 4.02 51.57 4.81
CA ALA C 289 2.91 51.20 3.92
C ALA C 289 1.98 50.20 4.61
N ILE C 290 2.56 49.20 5.28
CA ILE C 290 1.79 48.19 5.99
C ILE C 290 0.98 48.88 7.09
N GLN C 291 1.60 49.77 7.85
CA GLN C 291 0.89 50.50 8.90
C GLN C 291 -0.15 51.48 8.39
N GLU C 292 0.14 52.11 7.26
CA GLU C 292 -0.82 53.02 6.65
C GLU C 292 -2.05 52.21 6.27
N GLU C 293 -1.81 51.03 5.72
CA GLU C 293 -2.90 50.14 5.33
C GLU C 293 -3.72 49.64 6.51
N VAL C 294 -3.08 49.31 7.62
CA VAL C 294 -3.81 48.85 8.81
C VAL C 294 -4.77 49.93 9.30
N SER C 295 -4.28 51.16 9.50
CA SER C 295 -5.12 52.30 9.96
C SER C 295 -6.26 52.63 9.00
N LYS C 296 -5.89 52.72 7.73
CA LYS C 296 -6.83 52.99 6.64
C LYS C 296 -7.94 51.94 6.65
N GLN C 297 -7.54 50.67 6.57
CA GLN C 297 -8.50 49.56 6.50
C GLN C 297 -9.28 49.38 7.78
N CYS C 298 -8.64 49.60 8.93
CA CYS C 298 -9.30 49.41 10.23
C CYS C 298 -10.47 50.35 10.45
N GLN C 299 -10.32 51.62 10.08
CA GLN C 299 -11.33 52.61 10.44
C GLN C 299 -12.63 52.45 9.64
N SER C 300 -12.53 51.86 8.45
CA SER C 300 -13.75 51.55 7.67
C SER C 300 -14.45 50.25 8.05
N LEU C 301 -13.94 49.51 9.03
CA LEU C 301 -14.53 48.21 9.44
C LEU C 301 -15.66 48.39 10.44
N PRO C 302 -16.84 47.81 10.15
CA PRO C 302 -17.86 47.78 11.21
C PRO C 302 -17.31 47.49 12.62
N ARG C 303 -16.47 46.47 12.76
CA ARG C 303 -15.89 46.09 14.07
C ARG C 303 -14.51 46.71 14.33
N GLY C 304 -14.21 47.86 13.71
CA GLY C 304 -12.92 48.52 13.87
C GLY C 304 -12.54 48.88 15.30
N GLU C 305 -13.55 49.08 16.14
CA GLU C 305 -13.38 49.38 17.57
C GLU C 305 -12.69 48.20 18.29
N PHE C 306 -13.23 46.99 18.07
CA PHE C 306 -12.63 45.74 18.57
C PHE C 306 -11.23 45.49 18.02
N ALA C 307 -11.09 45.64 16.70
CA ALA C 307 -9.84 45.47 15.99
C ALA C 307 -8.76 46.38 16.52
N ALA C 308 -9.10 47.65 16.72
CA ALA C 308 -8.14 48.64 17.24
C ALA C 308 -7.73 48.28 18.67
N LYS C 309 -8.70 47.85 19.47
CA LYS C 309 -8.41 47.38 20.84
C LYS C 309 -7.47 46.18 20.83
N ALA C 310 -7.68 45.23 19.90
CA ALA C 310 -6.81 44.05 19.73
C ALA C 310 -5.43 44.48 19.26
N LEU C 311 -5.39 45.36 18.25
CA LEU C 311 -4.14 45.97 17.78
C LEU C 311 -3.32 46.64 18.88
N SER C 312 -3.97 47.16 19.92
CA SER C 312 -3.22 47.77 21.04
C SER C 312 -2.31 46.80 21.82
N HIS C 313 -2.62 45.50 21.77
CA HIS C 313 -1.73 44.48 22.37
C HIS C 313 -0.90 43.70 21.32
N SER C 314 -0.95 44.16 20.08
CA SER C 314 -0.29 43.52 18.99
C SER C 314 1.05 44.20 18.79
N PHE C 315 1.91 43.60 17.97
CA PHE C 315 3.26 44.14 17.77
C PHE C 315 3.88 43.66 16.49
N ILE C 316 4.89 44.40 16.03
CA ILE C 316 5.63 44.08 14.84
C ILE C 316 7.02 43.72 15.31
N VAL C 317 7.62 42.67 14.75
CA VAL C 317 8.98 42.24 15.09
C VAL C 317 9.79 42.21 13.83
N HIS C 318 11.01 42.74 13.88
CA HIS C 318 11.92 42.68 12.76
C HIS C 318 12.90 41.58 12.97
N ALA C 319 13.07 40.73 11.96
CA ALA C 319 13.95 39.59 12.02
C ALA C 319 14.88 39.70 10.85
N ARG C 320 16.15 39.47 11.08
CA ARG C 320 17.12 39.54 10.03
C ARG C 320 16.86 38.65 8.81
N ASP C 321 16.31 37.47 9.03
CA ASP C 321 16.03 36.56 7.95
C ASP C 321 14.85 35.67 8.31
N MET C 322 14.53 34.78 7.39
CA MET C 322 13.42 33.87 7.54
C MET C 322 13.65 32.83 8.64
N LEU C 323 14.86 32.28 8.77
CA LEU C 323 15.10 31.33 9.85
C LEU C 323 14.85 31.97 11.21
N GLU C 324 15.24 33.24 11.36
CA GLU C 324 15.03 33.98 12.59
C GLU C 324 13.53 34.23 12.80
N ALA C 325 12.83 34.60 11.73
CA ALA C 325 11.40 34.87 11.80
C ALA C 325 10.66 33.66 12.27
N ILE C 326 10.95 32.51 11.67
CA ILE C 326 10.22 31.27 12.00
C ILE C 326 10.62 30.80 13.40
N THR C 327 11.88 31.02 13.78
CA THR C 327 12.35 30.71 15.12
C THR C 327 11.55 31.52 16.20
N PHE C 328 11.33 32.81 15.95
CA PHE C 328 10.50 33.61 16.85
C PHE C 328 9.08 33.11 16.86
N SER C 329 8.51 32.90 15.68
CA SER C 329 7.14 32.36 15.60
C SER C 329 6.99 31.09 16.44
N ASN C 330 7.97 30.20 16.37
CA ASN C 330 7.93 28.99 17.18
C ASN C 330 7.91 29.26 18.68
N MET C 331 8.66 30.25 19.13
CA MET C 331 8.64 30.66 20.52
C MET C 331 7.26 31.18 20.92
N TYR C 332 6.69 32.06 20.10
CA TYR C 332 5.35 32.61 20.36
C TYR C 332 4.28 31.55 20.30
N ALA C 333 4.40 30.62 19.35
CA ALA C 333 3.49 29.44 19.20
C ALA C 333 2.05 29.86 18.86
N PRO C 334 1.86 30.48 17.70
CA PRO C 334 0.60 31.08 17.38
C PRO C 334 -0.46 30.09 17.03
N GLU C 335 -1.70 30.48 17.25
CA GLU C 335 -2.84 29.69 16.84
C GLU C 335 -2.82 29.49 15.33
N HIS C 336 -2.62 30.60 14.60
CA HIS C 336 -2.53 30.61 13.16
C HIS C 336 -1.28 31.28 12.70
N LEU C 337 -0.66 30.74 11.67
CA LEU C 337 0.55 31.30 11.11
C LEU C 337 0.36 31.47 9.64
N ILE C 338 0.53 32.67 9.13
CA ILE C 338 0.48 32.91 7.71
C ILE C 338 1.89 33.21 7.26
N ILE C 339 2.43 32.41 6.35
CA ILE C 339 3.76 32.64 5.86
C ILE C 339 3.64 33.25 4.47
N ASN C 340 3.75 34.58 4.39
CA ASN C 340 3.66 35.28 3.14
C ASN C 340 5.05 35.71 2.74
N VAL C 341 5.82 34.74 2.29
CA VAL C 341 7.18 34.96 1.80
C VAL C 341 7.45 34.12 0.56
N LYS C 342 8.53 34.44 -0.12
CA LYS C 342 8.95 33.72 -1.31
C LYS C 342 9.38 32.33 -0.91
N ASP C 343 8.83 31.34 -1.62
CA ASP C 343 9.09 29.91 -1.38
C ASP C 343 8.60 29.51 0.00
N ALA C 344 7.44 30.02 0.43
CA ALA C 344 6.91 29.74 1.76
C ALA C 344 6.93 28.25 2.06
N GLU C 345 6.45 27.46 1.11
CA GLU C 345 6.40 26.00 1.24
C GLU C 345 7.71 25.37 1.62
N LYS C 346 8.85 25.94 1.18
CA LYS C 346 10.18 25.33 1.50
C LYS C 346 10.61 25.46 2.96
N TRP C 347 9.98 26.41 3.69
CA TRP C 347 10.22 26.64 5.13
C TRP C 347 9.39 25.78 6.07
N GLU C 348 8.46 25.02 5.50
CA GLU C 348 7.58 24.15 6.25
C GLU C 348 8.24 23.24 7.30
N SER C 349 9.42 22.72 7.00
CA SER C 349 10.12 21.85 7.95
C SER C 349 10.69 22.58 9.19
N PHE C 350 10.76 23.91 9.16
CA PHE C 350 11.17 24.70 10.31
C PHE C 350 10.03 25.06 11.24
N ILE C 351 8.79 24.89 10.81
CA ILE C 351 7.62 25.19 11.64
C ILE C 351 7.51 24.11 12.69
N GLU C 352 7.48 24.52 13.96
CA GLU C 352 7.39 23.59 15.10
C GLU C 352 6.15 23.77 15.96
N ASN C 353 5.79 25.02 16.23
CA ASN C 353 4.60 25.36 17.02
C ASN C 353 3.71 26.34 16.26
N ALA C 354 2.58 25.85 15.77
CA ALA C 354 1.57 26.67 15.09
C ALA C 354 0.37 25.78 14.97
N GLY C 355 -0.82 26.30 15.21
CA GLY C 355 -2.00 25.45 15.17
C GLY C 355 -2.36 25.07 13.74
N SER C 356 -2.41 26.08 12.88
CA SER C 356 -2.70 25.91 11.47
C SER C 356 -1.87 26.91 10.68
N VAL C 357 -1.43 26.49 9.48
CA VAL C 357 -0.47 27.26 8.69
C VAL C 357 -1.05 27.60 7.32
N PHE C 358 -0.85 28.85 6.92
CA PHE C 358 -1.27 29.34 5.61
C PHE C 358 -0.04 29.77 4.82
N LEU C 359 0.26 29.02 3.75
CA LEU C 359 1.45 29.24 2.97
C LEU C 359 1.14 30.07 1.74
N GLY C 360 1.93 31.11 1.50
CA GLY C 360 1.94 31.85 0.25
C GLY C 360 1.14 33.13 0.31
N SER C 361 0.82 33.65 -0.87
CA SER C 361 0.15 34.94 -1.03
C SER C 361 -1.33 34.86 -1.27
N TRP C 362 -1.84 33.71 -1.69
CA TRP C 362 -3.24 33.51 -2.04
C TRP C 362 -4.03 32.71 -0.96
N THR C 363 -3.47 32.64 0.24
CA THR C 363 -4.00 31.80 1.31
C THR C 363 -4.24 32.65 2.55
N PRO C 364 -5.28 33.48 2.53
CA PRO C 364 -5.57 34.24 3.74
C PRO C 364 -6.11 33.28 4.77
N GLU C 365 -5.91 33.56 6.05
CA GLU C 365 -6.46 32.73 7.12
C GLU C 365 -7.94 32.42 6.90
N SER C 366 -8.66 33.40 6.38
CA SER C 366 -10.11 33.28 6.12
C SER C 366 -10.54 31.95 5.47
N VAL C 367 -9.77 31.44 4.51
CA VAL C 367 -10.17 30.23 3.81
C VAL C 367 -10.18 29.06 4.76
N GLY C 368 -9.22 29.05 5.69
CA GLY C 368 -9.15 28.01 6.75
C GLY C 368 -10.20 28.23 7.82
N ASP C 369 -10.46 29.49 8.18
CA ASP C 369 -11.52 29.84 9.12
C ASP C 369 -12.85 29.27 8.65
N TYR C 370 -13.07 29.18 7.33
CA TYR C 370 -14.40 28.89 6.74
C TYR C 370 -14.59 27.62 5.97
N ALA C 371 -13.68 27.30 5.05
CA ALA C 371 -13.99 26.28 4.04
C ALA C 371 -12.89 25.49 3.34
N SER C 372 -11.61 25.76 3.62
CA SER C 372 -10.55 24.97 2.99
C SER C 372 -10.63 23.50 3.37
N GLY C 373 -11.10 23.22 4.58
CA GLY C 373 -11.27 21.84 5.06
C GLY C 373 -10.57 21.56 6.39
N THR C 374 -9.57 22.38 6.70
CA THR C 374 -8.86 22.26 7.98
C THR C 374 -9.78 22.69 9.11
N ASN C 375 -9.36 22.42 10.34
CA ASN C 375 -10.19 22.70 11.49
C ASN C 375 -9.71 23.98 12.16
N HIS C 376 -10.62 24.93 12.33
CA HIS C 376 -10.24 26.19 12.95
C HIS C 376 -10.28 26.22 14.48
N VAL C 377 -10.72 25.13 15.10
CA VAL C 377 -10.71 25.07 16.56
C VAL C 377 -9.29 24.70 16.95
N LEU C 378 -8.53 25.71 17.31
CA LEU C 378 -7.09 25.61 17.46
C LEU C 378 -6.60 26.17 18.79
N PRO C 379 -5.47 25.68 19.33
CA PRO C 379 -5.07 26.15 20.64
C PRO C 379 -4.48 27.54 20.61
N THR C 380 -4.81 28.32 21.63
CA THR C 380 -4.33 29.71 21.77
C THR C 380 -3.45 29.78 23.01
N TYR C 381 -2.96 30.97 23.31
CA TYR C 381 -2.17 31.29 24.52
C TYR C 381 -0.77 30.74 24.51
N GLY C 382 -0.34 30.07 23.43
CA GLY C 382 0.90 29.29 23.44
C GLY C 382 0.69 27.81 23.59
N TYR C 383 -0.55 27.40 23.75
CA TYR C 383 -0.88 25.96 23.86
C TYR C 383 -0.67 25.17 22.55
N ALA C 384 -0.42 25.87 21.45
CA ALA C 384 0.10 25.24 20.25
C ALA C 384 1.46 24.54 20.44
N ARG C 385 2.16 24.79 21.54
CA ARG C 385 3.37 24.05 21.88
C ARG C 385 3.13 22.56 22.14
N MET C 386 1.93 22.20 22.60
CA MET C 386 1.66 20.81 22.91
C MET C 386 0.29 20.27 22.54
N TYR C 387 -0.62 21.10 22.02
CA TYR C 387 -1.94 20.69 21.64
C TYR C 387 -2.09 20.84 20.13
N SER C 388 -2.88 19.94 19.54
CA SER C 388 -3.30 19.99 18.14
C SER C 388 -4.68 20.62 18.10
N GLY C 389 -4.99 21.28 17.00
CA GLY C 389 -6.36 21.60 16.68
C GLY C 389 -7.25 20.37 16.69
N VAL C 390 -8.56 20.61 16.70
CA VAL C 390 -9.54 19.52 16.66
C VAL C 390 -9.36 18.71 15.36
N SER C 391 -9.52 17.40 15.47
CA SER C 391 -9.38 16.48 14.38
C SER C 391 -10.31 15.29 14.64
N LEU C 392 -10.35 14.35 13.73
CA LEU C 392 -11.19 13.14 13.90
C LEU C 392 -10.83 12.42 15.18
N ASP C 393 -9.54 12.25 15.47
CA ASP C 393 -9.10 11.51 16.67
C ASP C 393 -9.48 12.19 17.97
N SER C 394 -9.75 13.50 17.94
CA SER C 394 -10.29 14.20 19.12
C SER C 394 -11.62 13.56 19.64
N PHE C 395 -12.39 12.93 18.73
CA PHE C 395 -13.67 12.26 19.02
C PHE C 395 -13.60 10.78 19.28
N LEU C 396 -12.38 10.25 19.30
CA LEU C 396 -12.12 8.79 19.38
C LEU C 396 -11.25 8.46 20.58
N LYS C 397 -11.35 7.22 21.05
CA LYS C 397 -10.37 6.59 21.91
C LYS C 397 -9.79 5.39 21.16
N TYR C 398 -8.51 5.11 21.30
CA TYR C 398 -7.91 3.94 20.66
C TYR C 398 -7.67 2.94 21.78
N ILE C 399 -8.45 1.87 21.80
CA ILE C 399 -8.35 0.82 22.79
C ILE C 399 -7.35 -0.18 22.24
N THR C 400 -6.31 -0.48 23.01
CA THR C 400 -5.34 -1.52 22.64
C THR C 400 -5.85 -2.89 23.06
N VAL C 401 -5.60 -3.89 22.25
CA VAL C 401 -6.15 -5.24 22.41
C VAL C 401 -5.03 -6.23 22.19
N GLN C 402 -4.89 -7.21 23.10
CA GLN C 402 -3.94 -8.27 22.88
C GLN C 402 -4.50 -9.64 23.17
N SER C 403 -3.91 -10.60 22.48
CA SER C 403 -4.32 -11.97 22.56
C SER C 403 -3.08 -12.84 22.38
N LEU C 404 -2.85 -13.74 23.32
CA LEU C 404 -1.73 -14.67 23.22
C LEU C 404 -2.23 -16.09 23.05
N THR C 405 -1.59 -16.81 22.14
CA THR C 405 -1.70 -18.28 22.11
C THR C 405 -0.84 -18.87 23.24
N GLU C 406 -1.06 -20.16 23.55
CA GLU C 406 -0.18 -20.90 24.45
C GLU C 406 1.31 -20.77 24.08
N GLU C 407 1.59 -20.97 22.78
CA GLU C 407 2.93 -20.84 22.27
C GLU C 407 3.44 -19.44 22.61
N GLY C 408 2.62 -18.43 22.33
CA GLY C 408 2.98 -17.05 22.61
C GLY C 408 3.34 -16.79 24.06
N LEU C 409 2.51 -17.30 24.97
CA LEU C 409 2.79 -17.16 26.40
C LEU C 409 4.03 -17.95 26.84
N ARG C 410 4.29 -19.10 26.21
CA ARG C 410 5.52 -19.87 26.46
C ARG C 410 6.75 -19.02 26.08
N LYS C 411 6.71 -18.37 24.92
CA LYS C 411 7.79 -17.47 24.48
C LYS C 411 7.99 -16.21 25.31
N LEU C 412 6.92 -15.48 25.58
CA LEU C 412 7.01 -14.16 26.22
C LEU C 412 6.98 -14.20 27.73
N GLY C 413 6.26 -15.19 28.27
CA GLY C 413 6.03 -15.29 29.70
C GLY C 413 7.23 -15.22 30.63
N PRO C 414 8.29 -16.01 30.35
CA PRO C 414 9.51 -15.98 31.17
C PRO C 414 10.15 -14.59 31.30
N TYR C 415 10.19 -13.83 30.22
CA TYR C 415 10.68 -12.45 30.27
C TYR C 415 9.81 -11.58 31.19
N VAL C 416 8.49 -11.71 31.04
CA VAL C 416 7.53 -11.02 31.90
C VAL C 416 7.78 -11.37 33.38
N GLU C 417 8.03 -12.65 33.66
CA GLU C 417 8.33 -13.11 35.02
C GLU C 417 9.58 -12.43 35.58
N THR C 418 10.67 -12.43 34.79
CA THR C 418 11.91 -11.74 35.16
C THR C 418 11.67 -10.28 35.51
N MET C 419 10.93 -9.57 34.64
CA MET C 419 10.67 -8.15 34.85
C MET C 419 9.81 -7.92 36.10
N ALA C 420 8.79 -8.74 36.29
CA ALA C 420 8.01 -8.69 37.53
C ALA C 420 8.84 -8.92 38.79
N GLU C 421 9.78 -9.88 38.73
CA GLU C 421 10.74 -10.09 39.82
C GLU C 421 11.48 -8.79 40.12
N VAL C 422 12.06 -8.18 39.10
CA VAL C 422 12.81 -6.94 39.27
C VAL C 422 11.99 -5.87 39.98
N GLU C 423 10.73 -5.72 39.58
CA GLU C 423 9.85 -4.72 40.20
C GLU C 423 9.28 -5.09 41.57
N GLY C 424 9.57 -6.31 42.06
CA GLY C 424 9.10 -6.77 43.35
C GLY C 424 7.61 -7.03 43.38
N LEU C 425 7.07 -7.52 42.27
CA LEU C 425 5.63 -7.68 42.09
C LEU C 425 5.29 -9.14 41.77
N GLU C 426 5.21 -9.93 42.84
CA GLU C 426 5.13 -11.37 42.73
C GLU C 426 3.81 -11.84 42.11
N ALA C 427 2.68 -11.22 42.47
CA ALA C 427 1.38 -11.57 41.87
C ALA C 427 1.36 -11.41 40.35
N HIS C 428 2.00 -10.35 39.83
CA HIS C 428 2.17 -10.20 38.40
C HIS C 428 2.88 -11.42 37.79
N LYS C 429 3.95 -11.86 38.44
CA LYS C 429 4.68 -13.07 38.02
C LYS C 429 3.84 -14.33 38.06
N ARG C 430 3.10 -14.48 39.14
CA ARG C 430 2.33 -15.70 39.35
C ARG C 430 1.22 -15.92 38.35
N ALA C 431 0.63 -14.83 37.88
CA ALA C 431 -0.42 -14.95 36.87
C ALA C 431 0.09 -15.54 35.56
N VAL C 432 1.39 -15.40 35.31
CA VAL C 432 2.04 -16.07 34.18
C VAL C 432 2.43 -17.48 34.59
N THR C 433 3.12 -17.62 35.72
CA THR C 433 3.68 -18.89 36.19
C THR C 433 2.60 -19.97 36.30
N LEU C 434 1.53 -19.64 36.99
CA LEU C 434 0.37 -20.52 37.15
C LEU C 434 -0.16 -21.09 35.81
N ARG C 435 -0.19 -20.25 34.77
CA ARG C 435 -0.64 -20.68 33.44
C ARG C 435 0.37 -21.60 32.77
N LEU C 436 1.65 -21.25 32.87
CA LEU C 436 2.71 -22.07 32.28
C LEU C 436 2.86 -23.43 32.93
N GLN C 437 2.65 -23.51 34.25
CA GLN C 437 2.62 -24.82 34.94
C GLN C 437 1.47 -25.70 34.43
N ASP C 438 0.29 -25.10 34.23
CA ASP C 438 -0.88 -25.77 33.67
C ASP C 438 -0.66 -26.31 32.26
N ILE C 439 0.05 -25.54 31.44
CA ILE C 439 0.47 -25.96 30.12
C ILE C 439 1.42 -27.15 30.24
N GLU C 440 2.35 -27.06 31.21
CA GLU C 440 3.32 -28.12 31.47
C GLU C 440 2.67 -29.40 31.99
N PRO D 10 -14.20 -11.99 52.64
CA PRO D 10 -14.77 -12.30 51.33
C PRO D 10 -15.21 -11.06 50.53
N ILE D 11 -14.92 -11.07 49.24
CA ILE D 11 -15.24 -9.97 48.33
C ILE D 11 -16.75 -9.78 48.22
N LYS D 12 -17.19 -8.53 48.40
CA LYS D 12 -18.60 -8.13 48.27
C LYS D 12 -19.20 -8.63 46.94
N THR D 13 -20.47 -9.03 46.94
CA THR D 13 -21.10 -9.57 45.75
C THR D 13 -22.41 -8.84 45.43
N TYR D 14 -22.73 -8.73 44.13
CA TYR D 14 -23.95 -8.12 43.65
C TYR D 14 -24.54 -8.99 42.55
N HIS D 15 -25.84 -8.82 42.30
CA HIS D 15 -26.54 -9.42 41.17
C HIS D 15 -27.20 -8.27 40.45
N LEU D 16 -26.99 -8.17 39.16
CA LEU D 16 -27.46 -7.03 38.41
C LEU D 16 -28.94 -6.80 38.39
N SER D 17 -29.69 -7.87 38.30
CA SER D 17 -31.17 -7.76 38.31
C SER D 17 -31.71 -7.15 39.61
N ASN D 18 -31.05 -7.45 40.73
CA ASN D 18 -31.43 -6.90 42.04
C ASN D 18 -31.27 -5.41 42.31
N LEU D 19 -30.62 -4.68 41.40
CA LEU D 19 -30.15 -3.33 41.69
C LEU D 19 -31.01 -2.25 41.08
N THR D 20 -31.22 -1.18 41.84
CA THR D 20 -31.83 0.04 41.36
C THR D 20 -30.82 0.77 40.48
N GLN D 21 -31.30 1.66 39.63
CA GLN D 21 -30.41 2.53 38.84
C GLN D 21 -29.36 3.22 39.72
N THR D 22 -29.78 3.71 40.87
CA THR D 22 -28.89 4.40 41.79
C THR D 22 -27.80 3.49 42.34
N GLU D 23 -28.15 2.25 42.67
CA GLU D 23 -27.17 1.28 43.21
C GLU D 23 -26.16 0.89 42.15
N LEU D 24 -26.67 0.65 40.95
CA LEU D 24 -25.87 0.32 39.78
C LEU D 24 -24.85 1.41 39.45
N LEU D 25 -25.31 2.65 39.29
CA LEU D 25 -24.40 3.79 39.03
C LEU D 25 -23.39 4.03 40.14
N SER D 26 -23.70 3.64 41.37
CA SER D 26 -22.74 3.79 42.48
C SER D 26 -21.55 2.83 42.33
N LEU D 27 -21.73 1.75 41.57
CA LEU D 27 -20.63 0.80 41.29
C LEU D 27 -19.50 1.36 40.39
N LYS D 28 -19.75 2.48 39.71
CA LYS D 28 -18.70 3.19 38.97
C LYS D 28 -17.67 3.86 39.87
N SER D 29 -18.01 4.08 41.14
CA SER D 29 -17.12 4.87 42.01
C SER D 29 -15.88 4.09 42.40
N ARG D 30 -14.79 4.83 42.52
CA ARG D 30 -13.50 4.32 42.90
C ARG D 30 -13.14 4.72 44.33
N PRO D 31 -12.24 3.96 44.97
CA PRO D 31 -11.77 4.33 46.31
C PRO D 31 -10.91 5.59 46.40
N ARG D 32 -10.61 6.24 45.29
CA ARG D 32 -9.82 7.48 45.31
C ARG D 32 -10.59 8.64 45.91
N ILE D 33 -9.85 9.45 46.66
CA ILE D 33 -10.33 10.70 47.26
C ILE D 33 -10.80 11.68 46.19
N ASP D 34 -11.83 12.48 46.51
CA ASP D 34 -12.31 13.53 45.57
C ASP D 34 -11.19 14.51 45.26
N PHE D 35 -11.24 15.11 44.09
CA PHE D 35 -10.11 15.85 43.55
C PHE D 35 -9.74 17.10 44.36
N SER D 36 -10.74 17.86 44.81
CA SER D 36 -10.48 19.07 45.63
C SER D 36 -9.68 18.78 46.92
N SER D 37 -9.97 17.66 47.59
CA SER D 37 -9.21 17.26 48.78
C SER D 37 -7.74 17.00 48.46
N VAL D 38 -7.48 16.30 47.36
CA VAL D 38 -6.10 16.01 47.00
C VAL D 38 -5.40 17.28 46.51
N PHE D 39 -6.16 18.14 45.84
CA PHE D 39 -5.65 19.45 45.40
C PHE D 39 -5.22 20.31 46.59
N ASP D 40 -6.02 20.28 47.67
CA ASP D 40 -5.68 20.99 48.89
C ASP D 40 -4.32 20.55 49.45
N ILE D 41 -4.09 19.24 49.48
CA ILE D 41 -2.79 18.67 49.91
C ILE D 41 -1.64 19.06 48.99
N VAL D 42 -1.90 19.02 47.68
CA VAL D 42 -0.85 19.07 46.64
C VAL D 42 -0.45 20.50 46.20
N ASN D 43 -1.44 21.39 46.10
CA ASN D 43 -1.24 22.82 45.76
C ASN D 43 -0.10 23.56 46.45
N PRO D 44 -0.04 23.49 47.81
CA PRO D 44 1.09 24.17 48.48
C PRO D 44 2.47 23.61 48.07
N ILE D 45 2.55 22.32 47.74
CA ILE D 45 3.82 21.72 47.29
C ILE D 45 4.20 22.27 45.93
N VAL D 46 3.20 22.38 45.06
CA VAL D 46 3.39 22.87 43.69
C VAL D 46 3.86 24.32 43.68
N ASP D 47 3.13 25.17 44.43
CA ASP D 47 3.43 26.62 44.50
C ASP D 47 4.77 26.88 45.11
N ASP D 48 5.10 26.07 46.11
CA ASP D 48 6.39 26.17 46.80
C ASP D 48 7.57 25.83 45.86
N VAL D 49 7.43 24.77 45.06
CA VAL D 49 8.44 24.44 44.04
C VAL D 49 8.46 25.50 42.92
N HIS D 50 7.29 26.03 42.57
CA HIS D 50 7.22 27.12 41.60
C HIS D 50 8.07 28.29 42.10
N ALA D 51 7.76 28.77 43.29
CA ALA D 51 8.43 29.94 43.87
C ALA D 51 9.90 29.72 44.27
N HIS D 52 10.22 28.54 44.82
CA HIS D 52 11.54 28.31 45.45
C HIS D 52 12.49 27.25 44.81
N GLY D 53 12.05 26.57 43.75
CA GLY D 53 12.93 25.74 42.94
C GLY D 53 13.54 24.53 43.62
N ASP D 54 14.77 24.18 43.22
CA ASP D 54 15.46 22.96 43.66
C ASP D 54 15.48 22.76 45.20
N ALA D 55 15.66 23.88 45.93
CA ALA D 55 15.62 23.91 47.39
C ALA D 55 14.34 23.29 47.94
N ALA D 56 13.20 23.69 47.36
CA ALA D 56 11.89 23.17 47.77
C ALA D 56 11.75 21.71 47.42
N VAL D 57 12.28 21.30 46.26
CA VAL D 57 12.18 19.91 45.78
C VAL D 57 12.94 19.02 46.77
N LYS D 58 14.18 19.42 47.09
CA LYS D 58 15.03 18.72 48.07
C LYS D 58 14.38 18.53 49.44
N GLN D 59 13.69 19.57 49.93
CA GLN D 59 12.96 19.49 51.19
C GLN D 59 11.88 18.44 51.17
N TYR D 60 11.09 18.40 50.10
CA TYR D 60 10.00 17.44 50.00
C TYR D 60 10.52 16.03 49.77
N THR D 61 11.65 15.89 49.08
CA THR D 61 12.30 14.59 48.95
C THR D 61 12.75 14.07 50.33
N SER D 62 13.42 14.93 51.10
CA SER D 62 13.78 14.63 52.51
C SER D 62 12.53 14.24 53.31
N LYS D 63 11.50 15.08 53.24
CA LYS D 63 10.28 14.86 54.03
C LYS D 63 9.58 13.53 53.71
N PHE D 64 9.27 13.28 52.43
CA PHE D 64 8.49 12.10 52.04
C PHE D 64 9.33 10.86 51.76
N ASP D 65 10.43 11.05 51.03
CA ASP D 65 11.24 9.92 50.58
C ASP D 65 12.38 9.56 51.54
N LYS D 66 12.65 10.44 52.51
CA LYS D 66 13.66 10.19 53.54
C LYS D 66 15.01 9.97 52.93
N VAL D 67 15.34 10.90 52.04
CA VAL D 67 16.59 10.92 51.31
C VAL D 67 17.04 12.37 51.20
N ASP D 68 18.31 12.63 51.49
CA ASP D 68 18.88 13.95 51.36
C ASP D 68 19.79 13.89 50.14
N LEU D 69 19.54 14.77 49.18
CA LEU D 69 20.29 14.79 47.92
C LEU D 69 20.63 16.21 47.51
N GLU D 70 21.84 16.42 46.99
CA GLU D 70 22.26 17.72 46.49
C GLU D 70 22.10 17.86 44.95
N ASN D 71 22.33 16.77 44.22
CA ASN D 71 22.16 16.75 42.75
C ASN D 71 20.88 16.04 42.35
N ILE D 72 19.82 16.82 42.19
CA ILE D 72 18.52 16.27 41.79
C ILE D 72 18.38 16.05 40.28
N VAL D 73 19.17 16.71 39.45
CA VAL D 73 19.11 16.43 38.02
C VAL D 73 20.47 16.13 37.37
N GLU D 74 20.55 14.98 36.72
CA GLU D 74 21.72 14.44 36.05
C GLU D 74 21.45 14.44 34.56
N LEU D 75 22.44 14.85 33.78
CA LEU D 75 22.45 14.55 32.35
C LEU D 75 22.71 13.06 32.18
N VAL D 76 21.84 12.40 31.45
CA VAL D 76 21.93 10.97 31.25
C VAL D 76 23.20 10.58 30.49
N SER D 77 23.65 11.43 29.57
CA SER D 77 24.91 11.19 28.86
C SER D 77 26.17 11.19 29.77
N ASP D 78 26.11 11.87 30.91
CA ASP D 78 27.18 11.87 31.93
C ASP D 78 27.27 10.55 32.72
N LEU D 79 26.13 9.89 32.95
CA LEU D 79 26.13 8.71 33.82
C LEU D 79 26.59 7.46 33.08
N PRO D 80 27.31 6.57 33.79
CA PRO D 80 27.78 5.34 33.15
C PRO D 80 26.67 4.32 32.89
N ASP D 81 26.82 3.58 31.78
CA ASP D 81 25.97 2.43 31.47
C ASP D 81 25.94 1.48 32.64
N PRO D 82 24.77 1.24 33.23
CA PRO D 82 24.74 0.39 34.41
C PRO D 82 24.91 -1.08 34.04
N VAL D 83 25.35 -1.89 35.00
CA VAL D 83 25.67 -3.30 34.73
C VAL D 83 24.55 -4.12 35.33
N LEU D 84 24.04 -5.02 34.52
CA LEU D 84 22.84 -5.74 34.84
C LEU D 84 22.99 -7.25 34.75
N ASP D 85 22.29 -8.01 35.61
CA ASP D 85 22.16 -9.46 35.43
C ASP D 85 21.71 -9.70 33.98
N PRO D 86 22.46 -10.51 33.20
CA PRO D 86 22.11 -10.65 31.78
C PRO D 86 20.71 -11.22 31.48
N ALA D 87 20.08 -11.95 32.41
CA ALA D 87 18.69 -12.36 32.23
C ALA D 87 17.73 -11.16 32.31
N ILE D 88 18.03 -10.26 33.22
CA ILE D 88 17.28 -9.02 33.40
C ILE D 88 17.45 -8.15 32.16
N LYS D 89 18.69 -8.00 31.68
CA LYS D 89 18.95 -7.25 30.47
C LYS D 89 18.23 -7.81 29.26
N GLU D 90 18.27 -9.12 29.10
CA GLU D 90 17.61 -9.76 27.98
C GLU D 90 16.09 -9.45 28.01
N ALA D 91 15.47 -9.54 29.20
CA ALA D 91 14.03 -9.32 29.36
C ALA D 91 13.60 -7.89 29.01
N PHE D 92 14.28 -6.90 29.57
CA PHE D 92 14.01 -5.50 29.24
C PHE D 92 14.26 -5.20 27.78
N ASP D 93 15.22 -5.87 27.15
CA ASP D 93 15.44 -5.73 25.69
C ASP D 93 14.29 -6.30 24.85
N VAL D 94 13.74 -7.44 25.25
CA VAL D 94 12.56 -7.99 24.57
C VAL D 94 11.39 -6.98 24.69
N ALA D 95 11.18 -6.46 25.89
CA ALA D 95 10.17 -5.46 26.14
C ALA D 95 10.38 -4.22 25.27
N TYR D 96 11.59 -3.66 25.30
CA TYR D 96 11.89 -2.49 24.48
C TYR D 96 11.54 -2.77 23.01
N SER D 97 11.95 -3.94 22.54
CA SER D 97 11.74 -4.34 21.17
C SER D 97 10.27 -4.42 20.78
N ASN D 98 9.47 -5.07 21.63
CA ASN D 98 8.02 -5.22 21.41
C ASN D 98 7.25 -3.86 21.48
N ILE D 99 7.61 -3.04 22.46
CA ILE D 99 7.01 -1.76 22.65
C ILE D 99 7.40 -0.86 21.48
N TYR D 100 8.67 -0.87 21.10
CA TYR D 100 9.12 -0.07 19.96
C TYR D 100 8.33 -0.40 18.70
N ALA D 101 8.21 -1.69 18.44
CA ALA D 101 7.51 -2.19 17.26
C ALA D 101 6.06 -1.76 17.20
N PHE D 102 5.36 -1.92 18.32
CA PHE D 102 3.94 -1.57 18.41
C PHE D 102 3.72 -0.08 18.22
N HIS D 103 4.61 0.74 18.76
CA HIS D 103 4.48 2.17 18.66
C HIS D 103 4.96 2.73 17.34
N ALA D 104 6.01 2.14 16.78
CA ALA D 104 6.52 2.58 15.48
C ALA D 104 5.49 2.33 14.37
N ALA D 105 4.75 1.23 14.51
CA ALA D 105 3.63 0.88 13.65
C ALA D 105 2.53 1.92 13.56
N GLN D 106 2.48 2.83 14.52
CA GLN D 106 1.46 3.90 14.56
C GLN D 106 1.80 5.13 13.73
N LYS D 107 2.97 5.19 13.08
CA LYS D 107 3.30 6.33 12.19
C LYS D 107 2.33 6.42 11.02
N SER D 108 1.66 7.57 10.89
CA SER D 108 0.71 7.83 9.80
C SER D 108 1.41 8.55 8.63
N PRO D 109 1.27 8.01 7.41
CA PRO D 109 1.83 8.72 6.25
C PRO D 109 0.99 9.96 5.99
N GLU D 110 1.65 11.09 5.74
CA GLU D 110 0.99 12.40 5.67
C GLU D 110 0.44 12.70 4.27
N LYS D 111 -0.74 12.16 3.97
CA LYS D 111 -1.36 12.36 2.65
C LYS D 111 -1.94 13.76 2.45
N SER D 112 -1.58 14.39 1.33
CA SER D 112 -2.23 15.62 0.89
C SER D 112 -3.67 15.37 0.42
N VAL D 113 -4.56 16.30 0.72
CA VAL D 113 -5.96 16.24 0.30
C VAL D 113 -6.22 17.40 -0.67
N GLU D 114 -6.71 17.09 -1.87
CA GLU D 114 -7.03 18.12 -2.87
C GLU D 114 -8.39 17.88 -3.54
N ASN D 115 -9.44 18.24 -2.81
CA ASN D 115 -10.83 18.00 -3.21
C ASN D 115 -11.32 19.07 -4.22
N MET D 116 -10.77 20.27 -4.14
CA MET D 116 -10.90 21.27 -5.19
C MET D 116 -9.52 21.49 -5.78
N LYS D 117 -9.46 21.76 -7.08
CA LYS D 117 -8.21 22.00 -7.78
C LYS D 117 -7.63 23.33 -7.24
N GLY D 118 -6.35 23.29 -6.86
CA GLY D 118 -5.66 24.45 -6.30
C GLY D 118 -5.98 24.79 -4.85
N VAL D 119 -6.63 23.87 -4.13
CA VAL D 119 -6.85 24.00 -2.69
C VAL D 119 -6.20 22.77 -2.07
N GLN D 120 -4.95 22.92 -1.65
CA GLN D 120 -4.21 21.83 -1.00
C GLN D 120 -4.24 21.96 0.48
N CYS D 121 -4.68 20.89 1.14
CA CYS D 121 -4.67 20.82 2.59
C CYS D 121 -4.00 19.56 3.08
N LYS D 122 -3.41 19.67 4.25
CA LYS D 122 -2.53 18.63 4.76
C LYS D 122 -2.40 18.70 6.28
N ARG D 123 -1.94 17.61 6.85
CA ARG D 123 -1.56 17.51 8.25
C ARG D 123 -0.12 17.16 8.32
N VAL D 124 0.65 17.82 9.18
CA VAL D 124 2.03 17.37 9.43
C VAL D 124 2.26 17.14 10.91
N ALA D 125 3.05 16.10 11.25
CA ALA D 125 3.34 15.76 12.62
C ALA D 125 4.58 16.48 13.04
N ARG D 126 4.51 17.03 14.23
CA ARG D 126 5.69 17.62 14.88
C ARG D 126 5.71 17.10 16.28
N SER D 127 6.89 16.73 16.75
CA SER D 127 7.04 16.21 18.10
C SER D 127 6.98 17.36 19.07
N ILE D 128 6.52 17.06 20.27
CA ILE D 128 6.53 18.04 21.33
C ILE D 128 7.99 18.16 21.70
N ASN D 129 8.50 19.40 21.74
CA ASN D 129 9.93 19.64 21.87
C ASN D 129 10.50 19.16 23.22
N SER D 130 9.79 19.33 24.31
CA SER D 130 10.27 18.78 25.55
C SER D 130 9.16 18.17 26.37
N VAL D 131 9.46 17.01 26.95
CA VAL D 131 8.46 16.20 27.65
C VAL D 131 9.04 15.70 28.95
N GLY D 132 8.19 15.58 29.96
CA GLY D 132 8.55 15.05 31.27
C GLY D 132 7.80 13.75 31.49
N LEU D 133 8.52 12.73 31.93
CA LEU D 133 7.99 11.37 32.03
C LEU D 133 8.10 10.95 33.50
N TYR D 134 6.98 10.80 34.17
CA TYR D 134 7.01 10.38 35.57
C TYR D 134 7.02 8.87 35.68
N VAL D 135 8.07 8.35 36.31
CA VAL D 135 8.21 6.91 36.55
C VAL D 135 8.07 6.65 38.06
N PRO D 136 6.98 5.95 38.47
CA PRO D 136 6.76 5.70 39.90
C PRO D 136 7.88 4.95 40.65
N GLY D 137 8.13 5.37 41.89
CA GLY D 137 9.05 4.69 42.80
C GLY D 137 8.68 4.78 44.28
N GLY D 138 7.39 4.86 44.58
CA GLY D 138 6.93 5.03 45.97
C GLY D 138 6.97 3.74 46.74
N THR D 139 5.91 2.94 46.60
CA THR D 139 5.81 1.63 47.24
C THR D 139 6.48 0.55 46.38
N ALA D 140 6.81 0.87 45.14
CA ALA D 140 7.47 -0.06 44.21
C ALA D 140 8.06 0.73 43.05
N VAL D 141 9.19 0.25 42.55
CA VAL D 141 9.95 0.92 41.50
C VAL D 141 9.64 0.25 40.14
N LEU D 142 9.24 1.09 39.15
CA LEU D 142 8.60 0.63 37.92
C LEU D 142 9.38 0.96 36.63
N PRO D 143 10.52 0.27 36.38
CA PRO D 143 11.22 0.48 35.09
C PRO D 143 10.37 0.17 33.84
N SER D 144 9.36 -0.70 33.97
CA SER D 144 8.43 -0.95 32.86
C SER D 144 7.88 0.38 32.33
N THR D 145 7.38 1.21 33.25
CA THR D 145 6.86 2.52 32.94
C THR D 145 7.85 3.40 32.16
N ALA D 146 9.13 3.33 32.50
CA ALA D 146 10.16 4.08 31.78
C ALA D 146 10.17 3.69 30.29
N LEU D 147 10.04 2.39 29.99
CA LEU D 147 9.93 1.95 28.61
C LEU D 147 8.63 2.42 27.97
N MET D 148 7.54 2.31 28.69
CA MET D 148 6.22 2.72 28.18
C MET D 148 6.19 4.20 27.71
N LEU D 149 6.87 5.07 28.46
CA LEU D 149 6.89 6.49 28.18
C LEU D 149 8.01 6.91 27.29
N ALA D 150 9.21 6.42 27.57
CA ALA D 150 10.38 6.89 26.83
C ALA D 150 10.45 6.35 25.40
N VAL D 151 10.00 5.14 25.17
CA VAL D 151 10.07 4.54 23.82
C VAL D 151 9.29 5.37 22.80
N PRO D 152 7.98 5.59 23.01
CA PRO D 152 7.30 6.47 22.06
C PRO D 152 7.86 7.88 21.98
N ALA D 153 8.39 8.42 23.07
CA ALA D 153 9.07 9.73 23.02
C ALA D 153 10.25 9.69 22.07
N GLN D 154 11.03 8.64 22.15
CA GLN D 154 12.16 8.44 21.28
C GLN D 154 11.75 8.35 19.82
N ILE D 155 10.72 7.56 19.53
CA ILE D 155 10.20 7.43 18.17
C ILE D 155 9.70 8.78 17.65
N ALA D 156 8.99 9.51 18.49
CA ALA D 156 8.48 10.84 18.12
C ALA D 156 9.58 11.80 17.77
N GLY D 157 10.71 11.67 18.42
CA GLY D 157 11.84 12.56 18.22
C GLY D 157 11.90 13.75 19.15
N CYS D 158 11.16 13.71 20.26
CA CYS D 158 11.27 14.73 21.32
C CYS D 158 12.74 15.06 21.68
N LYS D 159 13.11 16.34 21.63
CA LYS D 159 14.51 16.82 21.82
C LYS D 159 14.99 16.79 23.26
N THR D 160 14.16 17.24 24.17
CA THR D 160 14.40 17.13 25.60
C THR D 160 13.39 16.14 26.22
N ILE D 161 13.91 15.13 26.93
CA ILE D 161 13.12 14.12 27.60
C ILE D 161 13.64 14.04 29.03
N VAL D 162 12.88 14.58 29.96
CA VAL D 162 13.20 14.53 31.37
C VAL D 162 12.40 13.39 31.96
N LEU D 163 13.07 12.45 32.63
CA LEU D 163 12.41 11.34 33.29
C LEU D 163 12.52 11.56 34.78
N ALA D 164 11.39 11.65 35.49
CA ALA D 164 11.39 11.86 36.94
C ALA D 164 11.19 10.53 37.65
N ASN D 165 11.99 10.32 38.68
CA ASN D 165 11.93 9.09 39.44
C ASN D 165 12.44 9.33 40.86
N PRO D 166 11.59 9.08 41.89
CA PRO D 166 12.05 9.31 43.25
C PRO D 166 13.14 8.32 43.63
N PRO D 167 14.21 8.77 44.30
CA PRO D 167 15.33 7.89 44.57
C PRO D 167 15.05 6.85 45.66
N THR D 168 15.89 5.82 45.65
CA THR D 168 15.93 4.83 46.71
C THR D 168 16.64 5.41 47.94
N ARG D 169 16.43 4.73 49.08
CA ARG D 169 16.79 5.23 50.42
C ARG D 169 18.25 5.66 50.56
N ASP D 170 19.13 4.98 49.82
CA ASP D 170 20.56 5.29 49.77
C ASP D 170 20.93 6.38 48.73
N GLY D 171 19.94 7.12 48.23
CA GLY D 171 20.15 8.20 47.26
C GLY D 171 20.34 7.77 45.81
N THR D 172 20.10 6.50 45.53
CA THR D 172 20.35 5.93 44.22
C THR D 172 19.11 5.82 43.32
N THR D 173 19.30 6.05 42.02
CA THR D 173 18.31 5.71 40.99
C THR D 173 18.42 4.21 40.69
N CYS D 174 17.29 3.52 40.73
CA CYS D 174 17.19 2.13 40.31
C CYS D 174 17.91 1.89 38.99
N LYS D 175 18.80 0.89 38.93
CA LYS D 175 19.67 0.73 37.76
C LYS D 175 18.94 0.21 36.52
N GLU D 176 17.84 -0.52 36.72
CA GLU D 176 16.97 -0.93 35.62
C GLU D 176 16.22 0.28 34.99
N VAL D 177 15.81 1.23 35.82
CA VAL D 177 15.25 2.49 35.34
C VAL D 177 16.28 3.23 34.49
N LEU D 178 17.54 3.26 34.91
CA LEU D 178 18.59 3.97 34.17
C LEU D 178 18.93 3.23 32.87
N TYR D 179 18.86 1.89 32.89
CA TYR D 179 19.10 1.11 31.69
C TYR D 179 18.11 1.48 30.61
N CYS D 180 16.83 1.48 30.97
CA CYS D 180 15.76 1.77 30.03
C CYS D 180 15.82 3.22 29.52
N ALA D 181 16.12 4.14 30.42
CA ALA D 181 16.26 5.54 30.06
C ALA D 181 17.33 5.75 28.99
N LYS D 182 18.48 5.11 29.18
CA LYS D 182 19.57 5.20 28.22
C LYS D 182 19.20 4.56 26.88
N LYS D 183 18.54 3.42 26.95
CA LYS D 183 18.16 2.72 25.75
C LYS D 183 17.11 3.51 24.93
N ALA D 184 16.21 4.22 25.62
CA ALA D 184 15.16 5.02 24.95
C ALA D 184 15.56 6.51 24.70
N GLY D 185 16.80 6.90 25.02
CA GLY D 185 17.30 8.23 24.69
C GLY D 185 16.86 9.35 25.60
N VAL D 186 16.56 9.02 26.86
CA VAL D 186 16.20 10.06 27.85
C VAL D 186 17.39 11.00 28.05
N THR D 187 17.15 12.29 28.05
CA THR D 187 18.24 13.26 28.13
C THR D 187 18.58 13.65 29.56
N HIS D 188 17.56 13.85 30.38
CA HIS D 188 17.72 14.29 31.75
C HIS D 188 17.02 13.37 32.73
N LEU D 189 17.61 13.15 33.89
CA LEU D 189 17.02 12.35 34.94
C LEU D 189 16.78 13.24 36.15
N LEU D 190 15.54 13.30 36.60
CA LEU D 190 15.16 14.10 37.76
C LEU D 190 14.97 13.14 38.92
N LYS D 191 15.86 13.22 39.91
CA LYS D 191 15.85 12.29 41.04
C LYS D 191 14.90 12.85 42.10
N ALA D 192 13.61 12.74 41.80
CA ALA D 192 12.55 13.29 42.63
C ALA D 192 11.23 12.68 42.26
N GLY D 193 10.26 12.75 43.18
CA GLY D 193 8.96 12.15 42.98
C GLY D 193 7.84 13.08 43.34
N GLY D 194 6.65 12.53 43.33
CA GLY D 194 5.44 13.22 43.78
C GLY D 194 5.14 14.53 43.07
N ALA D 195 4.28 15.32 43.71
CA ALA D 195 3.88 16.63 43.22
C ALA D 195 5.05 17.61 43.09
N GLN D 196 6.09 17.44 43.89
CA GLN D 196 7.29 18.30 43.78
C GLN D 196 8.06 18.02 42.47
N ALA D 197 8.00 16.78 41.98
CA ALA D 197 8.64 16.41 40.70
C ALA D 197 7.84 16.98 39.52
N ILE D 198 6.53 16.77 39.59
CA ILE D 198 5.61 17.25 38.58
C ILE D 198 5.75 18.78 38.42
N SER D 199 5.76 19.51 39.54
CA SER D 199 5.92 20.97 39.52
C SER D 199 7.29 21.42 39.03
N ALA D 200 8.34 20.65 39.34
CA ALA D 200 9.66 20.96 38.86
C ALA D 200 9.73 20.92 37.34
N MET D 201 9.09 19.91 36.74
CA MET D 201 9.04 19.75 35.26
C MET D 201 8.14 20.78 34.61
N ALA D 202 7.00 21.03 35.20
CA ALA D 202 6.04 21.99 34.64
C ALA D 202 6.57 23.42 34.62
N TRP D 203 7.24 23.81 35.71
CA TRP D 203 7.83 25.16 35.85
C TRP D 203 9.28 25.26 35.41
N GLY D 204 10.02 24.16 35.37
CA GLY D 204 11.47 24.22 35.30
C GLY D 204 12.03 24.61 36.67
N THR D 205 13.31 24.36 36.89
CA THR D 205 14.00 24.87 38.10
C THR D 205 15.38 25.33 37.64
N GLU D 206 16.28 25.58 38.60
CA GLU D 206 17.65 26.03 38.31
C GLU D 206 18.39 24.95 37.49
N THR D 207 18.14 23.69 37.81
CA THR D 207 18.76 22.55 37.14
C THR D 207 17.79 21.74 36.25
N CYS D 208 16.50 21.73 36.57
CA CYS D 208 15.53 20.91 35.83
C CYS D 208 14.94 21.63 34.62
N PRO D 209 15.10 21.06 33.39
CA PRO D 209 14.47 21.69 32.22
C PRO D 209 12.94 21.82 32.36
N LYS D 210 12.38 22.92 31.86
CA LYS D 210 10.93 23.12 31.78
C LYS D 210 10.38 22.35 30.57
N VAL D 211 9.39 21.50 30.81
CA VAL D 211 8.79 20.68 29.75
C VAL D 211 7.43 21.24 29.32
N GLU D 212 6.99 20.79 28.14
CA GLU D 212 5.72 21.23 27.57
C GLU D 212 4.57 20.26 27.87
N LYS D 213 4.90 18.99 28.06
CA LYS D 213 3.89 18.00 28.38
C LYS D 213 4.43 17.02 29.40
N ILE D 214 3.60 16.65 30.36
CA ILE D 214 3.97 15.75 31.44
C ILE D 214 3.15 14.48 31.29
N PHE D 215 3.86 13.36 31.31
CA PHE D 215 3.28 12.06 31.13
C PHE D 215 3.47 11.20 32.36
N GLY D 216 2.61 10.20 32.51
CA GLY D 216 2.93 9.01 33.26
C GLY D 216 2.06 8.73 34.43
N PRO D 217 2.14 7.50 34.94
CA PRO D 217 1.26 7.10 36.01
C PRO D 217 1.84 7.46 37.38
N GLY D 218 0.98 7.44 38.38
CA GLY D 218 1.43 7.66 39.72
C GLY D 218 0.31 7.51 40.73
N ASN D 219 0.66 7.81 41.99
CA ASN D 219 -0.31 7.78 43.07
C ASN D 219 -1.23 8.98 42.93
N GLN D 220 -2.22 9.07 43.81
CA GLN D 220 -3.23 10.13 43.74
C GLN D 220 -2.63 11.55 43.88
N TYR D 221 -1.47 11.70 44.52
CA TYR D 221 -0.89 13.01 44.67
C TYR D 221 -0.23 13.43 43.37
N VAL D 222 0.50 12.48 42.76
CA VAL D 222 1.14 12.71 41.47
C VAL D 222 0.04 13.07 40.48
N THR D 223 -0.96 12.22 40.41
CA THR D 223 -2.06 12.39 39.48
C THR D 223 -2.78 13.74 39.66
N ALA D 224 -2.97 14.15 40.92
CA ALA D 224 -3.68 15.40 41.20
C ALA D 224 -2.81 16.60 40.84
N ALA D 225 -1.51 16.51 41.08
CA ALA D 225 -0.55 17.54 40.69
C ALA D 225 -0.52 17.74 39.15
N LYS D 226 -0.56 16.64 38.41
CA LYS D 226 -0.66 16.70 36.96
C LYS D 226 -1.90 17.48 36.55
N MET D 227 -3.03 17.10 37.12
CA MET D 227 -4.33 17.71 36.79
C MET D 227 -4.37 19.19 37.09
N ILE D 228 -3.82 19.58 38.24
CA ILE D 228 -3.71 21.00 38.62
C ILE D 228 -2.86 21.81 37.67
N LEU D 229 -1.66 21.32 37.39
CA LEU D 229 -0.69 22.07 36.62
C LEU D 229 -1.10 22.36 35.17
N GLN D 230 -1.95 21.51 34.59
CA GLN D 230 -2.45 21.76 33.24
C GLN D 230 -3.24 23.06 33.18
N ASN D 231 -3.91 23.43 34.27
CA ASN D 231 -4.59 24.74 34.38
C ASN D 231 -3.71 25.91 34.84
N SER D 232 -2.42 25.69 35.07
CA SER D 232 -1.56 26.72 35.64
C SER D 232 -0.96 27.61 34.54
N GLU D 233 -0.30 28.69 34.98
CA GLU D 233 0.45 29.58 34.10
C GLU D 233 1.78 28.97 33.63
N ALA D 234 2.12 27.76 34.09
CA ALA D 234 3.32 27.07 33.59
C ALA D 234 3.28 26.75 32.07
N MET D 235 2.07 26.64 31.50
CA MET D 235 1.87 26.32 30.11
C MET D 235 2.40 24.89 29.84
N VAL D 236 1.62 23.94 30.34
CA VAL D 236 1.95 22.54 30.27
C VAL D 236 0.64 21.76 29.98
N SER D 237 0.75 20.59 29.31
CA SER D 237 -0.40 19.70 29.21
C SER D 237 -0.02 18.38 29.82
N ILE D 238 -0.98 17.46 29.90
CA ILE D 238 -0.72 16.13 30.41
C ILE D 238 -1.35 15.08 29.49
N ASP D 239 -0.97 13.83 29.68
CA ASP D 239 -1.54 12.74 28.90
C ASP D 239 -2.95 12.39 29.37
N MET D 240 -3.09 12.20 30.68
CA MET D 240 -4.35 11.73 31.31
C MET D 240 -4.17 11.62 32.84
N PRO D 241 -5.29 11.59 33.59
CA PRO D 241 -5.21 11.00 34.94
C PRO D 241 -4.99 9.47 34.89
N ALA D 242 -3.73 9.06 35.11
CA ALA D 242 -3.34 7.65 35.14
C ALA D 242 -2.99 7.26 36.57
N GLY D 243 -4.05 7.12 37.36
CA GLY D 243 -3.92 6.89 38.79
C GLY D 243 -3.81 5.43 39.18
N PRO D 244 -4.18 5.10 40.42
CA PRO D 244 -4.18 3.74 40.97
C PRO D 244 -4.78 2.66 40.05
N SER D 245 -4.00 1.60 39.82
CA SER D 245 -4.34 0.58 38.85
C SER D 245 -5.67 -0.08 39.13
N GLU D 246 -6.36 -0.46 38.06
CA GLU D 246 -7.61 -1.21 38.11
C GLU D 246 -7.56 -2.35 37.14
N VAL D 247 -8.32 -3.41 37.41
CA VAL D 247 -8.62 -4.42 36.42
C VAL D 247 -10.02 -4.91 36.60
N LEU D 248 -10.69 -5.16 35.48
CA LEU D 248 -11.98 -5.83 35.46
C LEU D 248 -11.81 -7.12 34.69
N VAL D 249 -12.14 -8.23 35.31
CA VAL D 249 -12.10 -9.54 34.69
C VAL D 249 -13.54 -9.99 34.45
N ILE D 250 -13.84 -10.38 33.21
CA ILE D 250 -15.07 -11.13 32.91
C ILE D 250 -14.66 -12.60 32.79
N ALA D 251 -15.37 -13.45 33.53
CA ALA D 251 -15.10 -14.89 33.52
C ALA D 251 -16.38 -15.65 33.30
N ASP D 252 -16.31 -16.69 32.48
CA ASP D 252 -17.43 -17.63 32.33
C ASP D 252 -17.03 -18.99 32.95
N LYS D 253 -17.88 -20.00 32.77
CA LYS D 253 -17.63 -21.33 33.37
C LYS D 253 -16.39 -22.05 32.85
N HIS D 254 -15.87 -21.65 31.69
CA HIS D 254 -14.65 -22.28 31.16
C HIS D 254 -13.36 -21.73 31.81
N ALA D 255 -13.44 -20.61 32.53
CA ALA D 255 -12.25 -19.97 33.13
C ALA D 255 -11.82 -20.75 34.34
N ILE D 256 -10.51 -20.91 34.50
CA ILE D 256 -9.95 -21.67 35.60
C ILE D 256 -9.91 -20.78 36.84
N PRO D 257 -10.64 -21.14 37.91
CA PRO D 257 -10.74 -20.25 39.09
C PRO D 257 -9.43 -19.69 39.63
N SER D 258 -8.36 -20.47 39.64
CA SER D 258 -7.07 -20.02 40.20
C SER D 258 -6.41 -18.93 39.35
N HIS D 259 -6.61 -19.01 38.04
CA HIS D 259 -6.08 -18.05 37.07
C HIS D 259 -6.84 -16.73 37.21
N VAL D 260 -8.16 -16.83 37.45
CA VAL D 260 -8.99 -15.66 37.68
C VAL D 260 -8.51 -14.95 38.95
N ALA D 261 -8.35 -15.72 40.04
CA ALA D 261 -7.86 -15.19 41.30
C ALA D 261 -6.50 -14.52 41.13
N ALA D 262 -5.61 -15.22 40.44
CA ALA D 262 -4.25 -14.73 40.17
C ALA D 262 -4.31 -13.39 39.44
N ASP D 263 -5.19 -13.30 38.44
CA ASP D 263 -5.39 -12.07 37.69
C ASP D 263 -5.94 -10.92 38.53
N LEU D 264 -6.92 -11.19 39.38
CA LEU D 264 -7.45 -10.14 40.27
C LEU D 264 -6.37 -9.62 41.22
N LEU D 265 -5.58 -10.52 41.80
CA LEU D 265 -4.49 -10.14 42.69
C LEU D 265 -3.30 -9.52 41.97
N SER D 266 -3.14 -9.79 40.68
CA SER D 266 -2.01 -9.21 39.94
C SER D 266 -2.02 -7.67 40.02
N GLN D 267 -3.20 -7.05 39.97
CA GLN D 267 -3.28 -5.60 40.12
C GLN D 267 -3.69 -5.12 41.53
N ALA D 268 -4.39 -5.96 42.29
CA ALA D 268 -4.66 -5.63 43.69
C ALA D 268 -3.38 -5.27 44.44
N GLU D 269 -2.29 -6.02 44.18
CA GLU D 269 -1.03 -5.80 44.88
C GLU D 269 -0.35 -4.46 44.63
N HIS D 270 -0.81 -3.68 43.65
CA HIS D 270 -0.17 -2.39 43.34
C HIS D 270 -0.24 -1.44 44.53
N GLY D 271 -1.36 -1.45 45.22
CA GLY D 271 -1.55 -0.53 46.33
C GLY D 271 -2.92 -0.65 46.93
N PRO D 272 -3.12 -0.05 48.11
CA PRO D 272 -4.39 -0.16 48.87
C PRO D 272 -5.56 0.57 48.17
N ASP D 273 -5.15 1.58 47.40
CA ASP D 273 -5.91 2.39 46.47
C ASP D 273 -6.45 1.73 45.21
N SER D 274 -5.94 0.55 44.88
CA SER D 274 -6.34 -0.11 43.65
C SER D 274 -7.73 -0.69 43.80
N GLN D 275 -8.36 -0.99 42.68
CA GLN D 275 -9.71 -1.52 42.67
C GLN D 275 -9.76 -2.59 41.60
N VAL D 276 -10.45 -3.67 41.92
CA VAL D 276 -10.51 -4.84 41.08
C VAL D 276 -12.00 -5.22 40.95
N VAL D 277 -12.41 -5.77 39.81
CA VAL D 277 -13.80 -6.13 39.61
C VAL D 277 -13.85 -7.47 38.90
N LEU D 278 -14.67 -8.37 39.40
CA LEU D 278 -14.93 -9.63 38.72
C LEU D 278 -16.38 -9.58 38.27
N VAL D 279 -16.58 -9.80 36.99
CA VAL D 279 -17.90 -9.98 36.45
C VAL D 279 -17.98 -11.45 36.08
N ILE D 280 -18.93 -12.15 36.68
CA ILE D 280 -19.19 -13.54 36.35
C ILE D 280 -20.29 -13.53 35.30
N ALA D 281 -20.01 -14.16 34.16
CA ALA D 281 -20.95 -14.20 33.05
C ALA D 281 -21.56 -15.58 32.87
N GLY D 282 -22.88 -15.65 32.91
CA GLY D 282 -23.60 -16.91 32.73
C GLY D 282 -23.59 -17.86 33.92
N ASP D 283 -24.11 -19.06 33.67
CA ASP D 283 -24.19 -20.09 34.66
C ASP D 283 -22.95 -20.99 34.69
N GLY D 284 -22.77 -21.72 35.78
CA GLY D 284 -21.71 -22.71 35.85
C GLY D 284 -20.40 -22.29 36.49
N VAL D 285 -20.30 -21.05 36.98
CA VAL D 285 -19.04 -20.58 37.59
C VAL D 285 -19.02 -20.85 39.07
N ASP D 286 -17.99 -21.57 39.50
CA ASP D 286 -17.77 -21.88 40.91
C ASP D 286 -17.17 -20.67 41.62
N GLN D 287 -18.04 -19.72 41.99
CA GLN D 287 -17.61 -18.50 42.67
C GLN D 287 -16.84 -18.75 43.97
N ASN D 288 -17.28 -19.76 44.71
CA ASN D 288 -16.59 -20.22 45.93
C ASN D 288 -15.11 -20.59 45.71
N ALA D 289 -14.87 -21.39 44.67
CA ALA D 289 -13.51 -21.79 44.28
C ALA D 289 -12.67 -20.55 43.96
N ILE D 290 -13.26 -19.60 43.23
CA ILE D 290 -12.56 -18.36 42.88
C ILE D 290 -12.18 -17.61 44.16
N GLN D 291 -13.14 -17.50 45.08
CA GLN D 291 -12.89 -16.84 46.37
C GLN D 291 -11.91 -17.54 47.26
N GLU D 292 -11.97 -18.86 47.25
CA GLU D 292 -11.03 -19.67 48.04
C GLU D 292 -9.64 -19.39 47.49
N GLU D 293 -9.52 -19.35 46.16
CA GLU D 293 -8.25 -19.06 45.54
C GLU D 293 -7.71 -17.66 45.82
N VAL D 294 -8.58 -16.66 45.85
CA VAL D 294 -8.13 -15.30 46.16
C VAL D 294 -7.51 -15.22 47.57
N SER D 295 -8.23 -15.72 48.57
CA SER D 295 -7.78 -15.71 49.98
C SER D 295 -6.48 -16.52 50.15
N LYS D 296 -6.49 -17.73 49.59
CA LYS D 296 -5.35 -18.63 49.61
C LYS D 296 -4.11 -17.94 49.00
N GLN D 297 -4.27 -17.45 47.75
CA GLN D 297 -3.16 -16.83 47.02
C GLN D 297 -2.74 -15.49 47.64
N CYS D 298 -3.69 -14.73 48.15
CA CYS D 298 -3.39 -13.41 48.73
C CYS D 298 -2.49 -13.48 49.93
N GLN D 299 -2.73 -14.44 50.84
CA GLN D 299 -2.03 -14.44 52.12
C GLN D 299 -0.55 -14.84 51.98
N SER D 300 -0.22 -15.60 50.93
CA SER D 300 1.18 -15.92 50.67
C SER D 300 1.95 -14.84 49.90
N LEU D 301 1.32 -13.71 49.54
CA LEU D 301 1.97 -12.63 48.76
C LEU D 301 2.74 -11.68 49.64
N PRO D 302 4.03 -11.44 49.34
CA PRO D 302 4.71 -10.35 50.04
C PRO D 302 3.86 -9.08 50.26
N ARG D 303 3.18 -8.61 49.22
CA ARG D 303 2.34 -7.41 49.30
C ARG D 303 0.84 -7.72 49.59
N GLY D 304 0.55 -8.86 50.23
CA GLY D 304 -0.82 -9.26 50.51
C GLY D 304 -1.62 -8.27 51.33
N GLU D 305 -0.93 -7.47 52.14
CA GLU D 305 -1.54 -6.43 52.98
C GLU D 305 -2.19 -5.35 52.09
N PHE D 306 -1.42 -4.85 51.10
CA PHE D 306 -1.94 -3.91 50.08
C PHE D 306 -3.07 -4.51 49.26
N ALA D 307 -2.86 -5.74 48.79
CA ALA D 307 -3.85 -6.47 47.99
C ALA D 307 -5.16 -6.64 48.72
N ALA D 308 -5.08 -7.04 50.00
CA ALA D 308 -6.29 -7.24 50.82
C ALA D 308 -7.01 -5.90 51.03
N LYS D 309 -6.23 -4.85 51.28
CA LYS D 309 -6.77 -3.48 51.41
C LYS D 309 -7.51 -3.06 50.12
N ALA D 310 -6.92 -3.36 48.95
CA ALA D 310 -7.52 -3.08 47.64
C ALA D 310 -8.78 -3.93 47.42
N LEU D 311 -8.68 -5.23 47.72
CA LEU D 311 -9.83 -6.13 47.69
C LEU D 311 -11.01 -5.68 48.54
N SER D 312 -10.75 -4.93 49.61
CA SER D 312 -11.82 -4.38 50.47
C SER D 312 -12.75 -3.39 49.73
N HIS D 313 -12.27 -2.75 48.65
CA HIS D 313 -13.13 -1.89 47.77
C HIS D 313 -13.51 -2.54 46.45
N SER D 314 -13.21 -3.83 46.32
CA SER D 314 -13.44 -4.57 45.11
C SER D 314 -14.77 -5.32 45.25
N PHE D 315 -15.25 -5.88 44.14
CA PHE D 315 -16.54 -6.57 44.16
C PHE D 315 -16.72 -7.52 43.00
N ILE D 316 -17.66 -8.45 43.17
CA ILE D 316 -18.01 -9.45 42.17
C ILE D 316 -19.41 -9.10 41.71
N VAL D 317 -19.65 -9.18 40.42
CA VAL D 317 -20.97 -8.89 39.85
C VAL D 317 -21.38 -10.11 39.06
N HIS D 318 -22.63 -10.55 39.23
CA HIS D 318 -23.16 -11.68 38.46
C HIS D 318 -24.02 -11.08 37.35
N ALA D 319 -23.77 -11.55 36.13
CA ALA D 319 -24.47 -11.09 34.95
C ALA D 319 -25.05 -12.31 34.26
N ARG D 320 -26.30 -12.22 33.83
CA ARG D 320 -26.95 -13.37 33.19
C ARG D 320 -26.22 -13.90 31.97
N ASP D 321 -25.59 -13.02 31.20
CA ASP D 321 -24.89 -13.44 30.00
C ASP D 321 -23.72 -12.49 29.70
N MET D 322 -23.02 -12.78 28.60
CA MET D 322 -21.87 -12.02 28.17
C MET D 322 -22.24 -10.60 27.72
N LEU D 323 -23.35 -10.44 27.00
CA LEU D 323 -23.74 -9.09 26.60
C LEU D 323 -23.96 -8.19 27.81
N GLU D 324 -24.57 -8.75 28.85
CA GLU D 324 -24.81 -8.02 30.08
C GLU D 324 -23.47 -7.73 30.78
N ALA D 325 -22.56 -8.70 30.81
CA ALA D 325 -21.27 -8.54 31.44
C ALA D 325 -20.49 -7.39 30.81
N ILE D 326 -20.44 -7.39 29.48
CA ILE D 326 -19.67 -6.38 28.75
C ILE D 326 -20.35 -5.02 28.87
N THR D 327 -21.68 -5.02 28.91
CA THR D 327 -22.44 -3.79 29.12
C THR D 327 -22.12 -3.13 30.47
N PHE D 328 -22.03 -3.94 31.53
CA PHE D 328 -21.62 -3.43 32.83
C PHE D 328 -20.18 -2.94 32.77
N SER D 329 -19.27 -3.75 32.22
CA SER D 329 -17.85 -3.33 32.08
C SER D 329 -17.77 -1.95 31.41
N ASN D 330 -18.55 -1.75 30.35
CA ASN D 330 -18.56 -0.45 29.67
C ASN D 330 -18.97 0.70 30.57
N MET D 331 -19.97 0.47 31.43
CA MET D 331 -20.38 1.48 32.42
C MET D 331 -19.25 1.78 33.40
N TYR D 332 -18.62 0.75 33.94
CA TYR D 332 -17.51 0.93 34.85
C TYR D 332 -16.30 1.59 34.20
N ALA D 333 -16.01 1.20 32.95
CA ALA D 333 -14.96 1.79 32.12
C ALA D 333 -13.57 1.54 32.71
N PRO D 334 -13.16 0.25 32.78
CA PRO D 334 -11.94 -0.09 33.48
C PRO D 334 -10.69 0.30 32.74
N GLU D 335 -9.64 0.51 33.51
CA GLU D 335 -8.33 0.75 32.96
C GLU D 335 -7.90 -0.46 32.11
N HIS D 336 -8.06 -1.64 32.69
CA HIS D 336 -7.75 -2.91 32.02
C HIS D 336 -8.94 -3.85 32.08
N LEU D 337 -9.16 -4.56 31.00
CA LEU D 337 -10.27 -5.50 30.88
C LEU D 337 -9.67 -6.83 30.44
N ILE D 338 -9.88 -7.89 31.22
CA ILE D 338 -9.46 -9.24 30.82
C ILE D 338 -10.73 -9.98 30.51
N ILE D 339 -10.87 -10.45 29.28
CA ILE D 339 -12.03 -11.23 28.92
C ILE D 339 -11.64 -12.69 28.87
N ASN D 340 -11.92 -13.42 29.94
CA ASN D 340 -11.60 -14.83 30.02
C ASN D 340 -12.87 -15.60 29.83
N VAL D 341 -13.34 -15.64 28.59
CA VAL D 341 -14.53 -16.40 28.22
C VAL D 341 -14.32 -17.10 26.88
N LYS D 342 -15.22 -18.05 26.59
CA LYS D 342 -15.17 -18.78 25.34
C LYS D 342 -15.49 -17.82 24.22
N ASP D 343 -14.65 -17.86 23.18
CA ASP D 343 -14.75 -16.99 21.99
C ASP D 343 -14.60 -15.52 22.38
N ALA D 344 -13.69 -15.22 23.31
CA ALA D 344 -13.50 -13.85 23.79
C ALA D 344 -13.39 -12.87 22.64
N GLU D 345 -12.57 -13.21 21.67
CA GLU D 345 -12.35 -12.39 20.48
C GLU D 345 -13.62 -11.97 19.77
N LYS D 346 -14.65 -12.80 19.76
CA LYS D 346 -15.91 -12.46 19.05
C LYS D 346 -16.73 -11.34 19.70
N TRP D 347 -16.48 -11.08 20.98
CA TRP D 347 -17.14 -10.00 21.75
C TRP D 347 -16.46 -8.64 21.64
N GLU D 348 -15.31 -8.59 20.97
CA GLU D 348 -14.55 -7.37 20.78
C GLU D 348 -15.34 -6.14 20.29
N SER D 349 -16.30 -6.34 19.41
CA SER D 349 -17.10 -5.22 18.89
C SER D 349 -18.10 -4.61 19.93
N PHE D 350 -18.34 -5.29 21.04
CA PHE D 350 -19.17 -4.77 22.13
C PHE D 350 -18.38 -3.94 23.15
N ILE D 351 -17.05 -4.03 23.12
CA ILE D 351 -16.22 -3.30 24.06
C ILE D 351 -16.23 -1.82 23.63
N GLU D 352 -16.60 -0.94 24.56
CA GLU D 352 -16.71 0.50 24.29
C GLU D 352 -15.76 1.34 25.15
N ASN D 353 -15.68 1.01 26.43
CA ASN D 353 -14.80 1.72 27.36
C ASN D 353 -13.89 0.76 28.10
N ALA D 354 -12.62 0.78 27.76
CA ALA D 354 -11.58 -0.04 28.41
C ALA D 354 -10.27 0.51 27.90
N GLY D 355 -9.27 0.67 28.77
CA GLY D 355 -8.00 1.26 28.35
C GLY D 355 -7.22 0.27 27.50
N SER D 356 -7.11 -0.95 28.00
CA SER D 356 -6.43 -2.04 27.28
C SER D 356 -7.15 -3.33 27.57
N VAL D 357 -7.18 -4.22 26.57
CA VAL D 357 -8.00 -5.44 26.62
C VAL D 357 -7.14 -6.68 26.49
N PHE D 358 -7.41 -7.68 27.34
CA PHE D 358 -6.71 -8.97 27.28
C PHE D 358 -7.72 -10.07 26.99
N LEU D 359 -7.63 -10.66 25.79
CA LEU D 359 -8.58 -11.64 25.32
C LEU D 359 -8.07 -13.03 25.57
N GLY D 360 -8.92 -13.88 26.16
CA GLY D 360 -8.68 -15.33 26.25
C GLY D 360 -8.12 -15.78 27.59
N SER D 361 -7.58 -16.99 27.60
CA SER D 361 -7.09 -17.65 28.82
C SER D 361 -5.60 -17.54 29.05
N TRP D 362 -4.83 -17.26 27.99
CA TRP D 362 -3.36 -17.21 28.05
C TRP D 362 -2.80 -15.78 28.05
N THR D 363 -3.65 -14.81 28.37
CA THR D 363 -3.32 -13.41 28.26
C THR D 363 -3.57 -12.71 29.60
N PRO D 364 -2.69 -12.94 30.57
CA PRO D 364 -2.87 -12.23 31.82
C PRO D 364 -2.49 -10.78 31.59
N GLU D 365 -3.07 -9.86 32.34
CA GLU D 365 -2.72 -8.45 32.20
C GLU D 365 -1.20 -8.23 32.28
N SER D 366 -0.52 -9.04 33.10
CA SER D 366 0.93 -8.97 33.27
C SER D 366 1.71 -8.80 31.96
N VAL D 367 1.32 -9.50 30.89
CA VAL D 367 2.08 -9.43 29.64
C VAL D 367 2.02 -8.02 29.04
N GLY D 368 0.87 -7.37 29.20
CA GLY D 368 0.68 -5.99 28.76
C GLY D 368 1.34 -5.01 29.69
N ASP D 369 1.29 -5.29 31.00
CA ASP D 369 1.99 -4.49 32.03
C ASP D 369 3.48 -4.39 31.68
N TYR D 370 4.05 -5.46 31.08
CA TYR D 370 5.52 -5.61 30.95
C TYR D 370 6.11 -5.61 29.55
N ALA D 371 5.54 -6.40 28.62
CA ALA D 371 6.29 -6.72 27.39
C ALA D 371 5.55 -7.11 26.11
N SER D 372 4.21 -7.19 26.12
CA SER D 372 3.48 -7.54 24.87
C SER D 372 3.69 -6.47 23.81
N GLY D 373 3.84 -5.22 24.21
CA GLY D 373 4.08 -4.11 23.29
C GLY D 373 3.10 -2.95 23.46
N THR D 374 1.94 -3.25 24.02
CA THR D 374 0.95 -2.21 24.28
C THR D 374 1.44 -1.30 25.40
N ASN D 375 0.75 -0.19 25.61
CA ASN D 375 1.19 0.77 26.58
C ASN D 375 0.38 0.67 27.84
N HIS D 376 1.06 0.51 28.97
CA HIS D 376 0.36 0.37 30.25
C HIS D 376 -0.04 1.67 30.93
N VAL D 377 0.37 2.81 30.39
CA VAL D 377 -0.02 4.08 30.98
C VAL D 377 -1.44 4.35 30.46
N LEU D 378 -2.43 4.03 31.29
CA LEU D 378 -3.80 3.99 30.86
C LEU D 378 -4.71 4.76 31.80
N PRO D 379 -5.84 5.27 31.30
CA PRO D 379 -6.64 6.12 32.18
C PRO D 379 -7.44 5.31 33.24
N THR D 380 -7.52 5.84 34.44
CA THR D 380 -8.23 5.19 35.53
C THR D 380 -9.43 6.07 35.92
N TYR D 381 -10.16 5.67 36.95
CA TYR D 381 -11.28 6.43 37.53
C TYR D 381 -12.53 6.45 36.69
N GLY D 382 -12.53 5.77 35.55
CA GLY D 382 -13.60 5.93 34.54
C GLY D 382 -13.21 6.84 33.39
N TYR D 383 -12.00 7.40 33.44
CA TYR D 383 -11.50 8.25 32.35
C TYR D 383 -11.22 7.48 31.05
N ALA D 384 -11.27 6.15 31.10
CA ALA D 384 -11.34 5.33 29.89
C ALA D 384 -12.59 5.62 29.02
N ARG D 385 -13.59 6.32 29.54
CA ARG D 385 -14.71 6.76 28.73
C ARG D 385 -14.32 7.76 27.62
N MET D 386 -13.25 8.52 27.84
CA MET D 386 -12.86 9.53 26.85
C MET D 386 -11.36 9.71 26.60
N TYR D 387 -10.50 9.01 27.32
CA TYR D 387 -9.06 9.10 27.13
C TYR D 387 -8.56 7.74 26.66
N SER D 388 -7.51 7.80 25.85
CA SER D 388 -6.76 6.64 25.40
C SER D 388 -5.51 6.53 26.27
N GLY D 389 -5.00 5.32 26.41
CA GLY D 389 -3.67 5.13 26.90
C GLY D 389 -2.64 5.90 26.09
N VAL D 390 -1.42 6.02 26.64
CA VAL D 390 -0.31 6.66 25.95
C VAL D 390 0.00 5.92 24.65
N SER D 391 0.34 6.69 23.60
CA SER D 391 0.66 6.17 22.28
C SER D 391 1.62 7.11 21.62
N LEU D 392 2.03 6.80 20.38
CA LEU D 392 2.94 7.68 19.65
C LEU D 392 2.38 9.07 19.53
N ASP D 393 1.10 9.20 19.19
CA ASP D 393 0.47 10.51 18.98
C ASP D 393 0.39 11.35 20.23
N SER D 394 0.48 10.74 21.40
CA SER D 394 0.57 11.51 22.67
C SER D 394 1.77 12.46 22.69
N PHE D 395 2.84 12.11 21.96
CA PHE D 395 4.07 12.90 21.86
C PHE D 395 4.17 13.85 20.67
N LEU D 396 3.10 13.93 19.90
CA LEU D 396 3.05 14.67 18.63
C LEU D 396 1.95 15.71 18.66
N LYS D 397 2.10 16.75 17.84
CA LYS D 397 1.01 17.66 17.42
C LYS D 397 0.85 17.53 15.94
N TYR D 398 -0.37 17.59 15.46
CA TYR D 398 -0.61 17.54 14.02
C TYR D 398 -0.99 18.94 13.58
N ILE D 399 -0.10 19.62 12.90
CA ILE D 399 -0.29 20.94 12.43
C ILE D 399 -0.92 20.84 11.06
N THR D 400 -2.08 21.48 10.86
CA THR D 400 -2.70 21.54 9.52
C THR D 400 -2.11 22.66 8.67
N VAL D 401 -1.97 22.42 7.39
CA VAL D 401 -1.27 23.31 6.46
C VAL D 401 -2.10 23.43 5.21
N GLN D 402 -2.30 24.65 4.72
CA GLN D 402 -2.98 24.82 3.45
C GLN D 402 -2.25 25.83 2.55
N SER D 403 -2.43 25.59 1.25
CA SER D 403 -1.79 26.38 0.24
C SER D 403 -2.74 26.45 -0.93
N LEU D 404 -3.03 27.66 -1.36
CA LEU D 404 -3.91 27.88 -2.51
C LEU D 404 -3.12 28.48 -3.65
N THR D 405 -3.36 27.96 -4.86
CA THR D 405 -2.97 28.65 -6.09
C THR D 405 -3.97 29.79 -6.33
N GLU D 406 -3.60 30.72 -7.23
CA GLU D 406 -4.52 31.74 -7.73
C GLU D 406 -5.85 31.17 -8.20
N GLU D 407 -5.76 30.11 -9.03
CA GLU D 407 -6.94 29.41 -9.53
C GLU D 407 -7.76 28.97 -8.32
N GLY D 408 -7.11 28.34 -7.35
CA GLY D 408 -7.77 27.84 -6.16
C GLY D 408 -8.51 28.92 -5.39
N LEU D 409 -7.87 30.07 -5.19
CA LEU D 409 -8.53 31.19 -4.53
C LEU D 409 -9.66 31.78 -5.37
N ARG D 410 -9.53 31.76 -6.69
CA ARG D 410 -10.63 32.20 -7.59
C ARG D 410 -11.85 31.26 -7.40
N LYS D 411 -11.63 29.95 -7.34
CA LYS D 411 -12.71 28.97 -7.10
C LYS D 411 -13.35 29.05 -5.70
N LEU D 412 -12.54 29.08 -4.64
CA LEU D 412 -13.03 28.97 -3.26
C LEU D 412 -13.40 30.31 -2.62
N GLY D 413 -12.68 31.36 -3.03
CA GLY D 413 -12.79 32.67 -2.43
C GLY D 413 -14.19 33.26 -2.31
N PRO D 414 -14.98 33.26 -3.42
CA PRO D 414 -16.36 33.79 -3.37
C PRO D 414 -17.26 33.13 -2.32
N TYR D 415 -17.15 31.80 -2.15
CA TYR D 415 -17.88 31.10 -1.08
C TYR D 415 -17.47 31.58 0.31
N VAL D 416 -16.15 31.71 0.51
CA VAL D 416 -15.60 32.26 1.75
C VAL D 416 -16.15 33.66 2.03
N GLU D 417 -16.22 34.48 0.98
CA GLU D 417 -16.80 35.84 1.08
C GLU D 417 -18.26 35.81 1.56
N THR D 418 -19.07 34.99 0.91
CA THR D 418 -20.46 34.79 1.31
C THR D 418 -20.59 34.39 2.78
N MET D 419 -19.79 33.42 3.20
CA MET D 419 -19.85 32.94 4.59
C MET D 419 -19.41 34.01 5.58
N ALA D 420 -18.36 34.74 5.25
CA ALA D 420 -17.96 35.88 6.05
C ALA D 420 -19.05 36.97 6.17
N GLU D 421 -19.74 37.25 5.06
CA GLU D 421 -20.89 38.15 5.08
C GLU D 421 -21.92 37.66 6.11
N VAL D 422 -22.30 36.39 6.02
CA VAL D 422 -23.28 35.81 6.96
C VAL D 422 -22.88 36.01 8.41
N GLU D 423 -21.60 35.80 8.72
CA GLU D 423 -21.10 35.96 10.09
C GLU D 423 -20.88 37.42 10.53
N GLY D 424 -21.07 38.38 9.63
CA GLY D 424 -20.90 39.79 9.93
C GLY D 424 -19.46 40.19 10.14
N LEU D 425 -18.55 39.55 9.39
CA LEU D 425 -17.09 39.68 9.59
C LEU D 425 -16.43 40.16 8.28
N GLU D 426 -16.49 41.47 8.10
CA GLU D 426 -16.13 42.08 6.84
C GLU D 426 -14.62 41.98 6.54
N ALA D 427 -13.77 42.16 7.56
CA ALA D 427 -12.31 42.03 7.38
C ALA D 427 -11.92 40.64 6.88
N HIS D 428 -12.58 39.59 7.39
CA HIS D 428 -12.41 38.23 6.84
C HIS D 428 -12.69 38.19 5.33
N LYS D 429 -13.79 38.81 4.91
CA LYS D 429 -14.14 38.91 3.49
C LYS D 429 -13.11 39.70 2.68
N ARG D 430 -12.67 40.82 3.23
CA ARG D 430 -11.77 41.72 2.50
C ARG D 430 -10.41 41.11 2.21
N ALA D 431 -9.93 40.25 3.11
CA ALA D 431 -8.65 39.57 2.89
C ALA D 431 -8.68 38.68 1.66
N VAL D 432 -9.88 38.21 1.29
CA VAL D 432 -10.05 37.47 0.04
C VAL D 432 -10.26 38.45 -1.11
N THR D 433 -11.19 39.39 -0.93
CA THR D 433 -11.58 40.35 -1.98
C THR D 433 -10.38 41.10 -2.54
N LEU D 434 -9.62 41.68 -1.63
CA LEU D 434 -8.38 42.40 -1.97
C LEU D 434 -7.44 41.61 -2.87
N ARG D 435 -7.29 40.31 -2.61
CA ARG D 435 -6.43 39.44 -3.42
C ARG D 435 -7.03 39.17 -4.79
N LEU D 436 -8.34 38.92 -4.83
CA LEU D 436 -9.03 38.67 -6.10
C LEU D 436 -9.06 39.89 -7.02
N GLN D 437 -8.83 41.06 -6.46
CA GLN D 437 -8.70 42.25 -7.27
C GLN D 437 -7.30 42.32 -7.88
N ASP D 438 -6.25 42.19 -7.07
CA ASP D 438 -4.86 42.31 -7.56
C ASP D 438 -4.54 41.25 -8.63
N ILE D 439 -5.06 40.05 -8.42
CA ILE D 439 -4.88 39.00 -9.40
C ILE D 439 -5.60 39.37 -10.67
N GLU D 440 -6.80 39.93 -10.54
CA GLU D 440 -7.61 40.26 -11.68
C GLU D 440 -6.91 41.27 -12.55
N ALA D 441 -6.28 42.28 -11.94
CA ALA D 441 -5.60 43.34 -12.67
C ALA D 441 -4.48 42.85 -13.56
N ARG D 442 -3.76 41.84 -13.10
CA ARG D 442 -2.68 41.27 -13.88
C ARG D 442 -3.21 40.19 -14.83
N PRO E 10 -51.56 -20.66 10.11
CA PRO E 10 -50.48 -20.08 10.93
C PRO E 10 -49.17 -20.87 10.88
N ILE E 11 -48.06 -20.15 10.79
CA ILE E 11 -46.70 -20.71 10.71
C ILE E 11 -46.39 -21.50 11.99
N LYS E 12 -45.93 -22.74 11.80
CA LYS E 12 -45.49 -23.62 12.88
C LYS E 12 -44.48 -22.91 13.80
N THR E 13 -44.54 -23.17 15.11
CA THR E 13 -43.66 -22.50 16.08
C THR E 13 -42.92 -23.50 16.95
N TYR E 14 -41.69 -23.13 17.35
CA TYR E 14 -40.86 -23.94 18.21
C TYR E 14 -40.23 -23.04 19.27
N HIS E 15 -39.80 -23.66 20.37
CA HIS E 15 -38.98 -23.02 21.41
C HIS E 15 -37.78 -23.88 21.59
N LEU E 16 -36.62 -23.25 21.53
CA LEU E 16 -35.35 -23.98 21.48
C LEU E 16 -35.12 -24.85 22.69
N SER E 17 -35.44 -24.34 23.88
CA SER E 17 -35.26 -25.10 25.13
C SER E 17 -36.09 -26.38 25.17
N ASN E 18 -37.29 -26.36 24.59
CA ASN E 18 -38.19 -27.55 24.50
C ASN E 18 -37.74 -28.75 23.68
N LEU E 19 -36.65 -28.61 22.91
CA LEU E 19 -36.32 -29.56 21.84
C LEU E 19 -35.20 -30.50 22.20
N THR E 20 -35.37 -31.75 21.82
CA THR E 20 -34.31 -32.75 21.88
C THR E 20 -33.30 -32.46 20.77
N GLN E 21 -32.08 -32.97 20.92
CA GLN E 21 -31.10 -32.89 19.86
C GLN E 21 -31.64 -33.34 18.50
N THR E 22 -32.40 -34.42 18.50
CA THR E 22 -32.96 -34.96 17.28
C THR E 22 -33.98 -34.02 16.64
N GLU E 23 -34.81 -33.38 17.47
CA GLU E 23 -35.84 -32.42 16.96
C GLU E 23 -35.18 -31.20 16.37
N LEU E 24 -34.18 -30.69 17.08
CA LEU E 24 -33.38 -29.54 16.67
C LEU E 24 -32.69 -29.78 15.34
N LEU E 25 -31.93 -30.86 15.23
CA LEU E 25 -31.25 -31.21 13.95
C LEU E 25 -32.23 -31.44 12.77
N SER E 26 -33.46 -31.83 13.06
CA SER E 26 -34.45 -32.01 12.02
C SER E 26 -34.89 -30.67 11.40
N LEU E 27 -34.70 -29.58 12.14
CA LEU E 27 -35.00 -28.24 11.61
C LEU E 27 -34.07 -27.75 10.50
N LYS E 28 -32.93 -28.41 10.30
CA LYS E 28 -32.05 -28.14 9.15
C LYS E 28 -32.63 -28.60 7.82
N SER E 29 -33.62 -29.48 7.84
CA SER E 29 -34.12 -30.08 6.62
C SER E 29 -34.96 -29.09 5.81
N ARG E 30 -34.82 -29.21 4.48
CA ARG E 30 -35.52 -28.38 3.53
C ARG E 30 -36.63 -29.19 2.85
N PRO E 31 -37.63 -28.49 2.30
CA PRO E 31 -38.70 -29.18 1.55
C PRO E 31 -38.30 -29.80 0.22
N ARG E 32 -37.05 -29.65 -0.19
CA ARG E 32 -36.58 -30.24 -1.43
C ARG E 32 -36.50 -31.76 -1.34
N ILE E 33 -36.87 -32.40 -2.45
CA ILE E 33 -36.77 -33.83 -2.63
C ILE E 33 -35.33 -34.32 -2.48
N ASP E 34 -35.17 -35.53 -1.95
CA ASP E 34 -33.82 -36.09 -1.87
C ASP E 34 -33.18 -36.24 -3.25
N PHE E 35 -31.86 -36.22 -3.29
CA PHE E 35 -31.14 -36.05 -4.55
C PHE E 35 -31.32 -37.21 -5.52
N SER E 36 -31.30 -38.46 -5.03
CA SER E 36 -31.53 -39.64 -5.89
C SER E 36 -32.83 -39.61 -6.67
N SER E 37 -33.89 -39.19 -6.00
CA SER E 37 -35.18 -39.08 -6.65
C SER E 37 -35.15 -38.06 -7.77
N VAL E 38 -34.52 -36.91 -7.55
CA VAL E 38 -34.45 -35.89 -8.62
C VAL E 38 -33.51 -36.35 -9.73
N PHE E 39 -32.45 -37.06 -9.35
CA PHE E 39 -31.53 -37.63 -10.30
C PHE E 39 -32.23 -38.64 -11.23
N ASP E 40 -33.11 -39.45 -10.66
CA ASP E 40 -33.89 -40.40 -11.45
C ASP E 40 -34.71 -39.71 -12.51
N ILE E 41 -35.36 -38.60 -12.14
CA ILE E 41 -36.12 -37.79 -13.10
C ILE E 41 -35.24 -37.16 -14.19
N VAL E 42 -34.09 -36.65 -13.78
CA VAL E 42 -33.24 -35.76 -14.59
C VAL E 42 -32.23 -36.48 -15.50
N ASN E 43 -31.63 -37.56 -14.99
CA ASN E 43 -30.70 -38.39 -15.75
C ASN E 43 -31.09 -38.78 -17.19
N PRO E 44 -32.31 -39.30 -17.39
CA PRO E 44 -32.70 -39.62 -18.77
C PRO E 44 -32.74 -38.41 -19.68
N ILE E 45 -33.06 -37.23 -19.13
CA ILE E 45 -33.05 -35.97 -19.94
C ILE E 45 -31.62 -35.61 -20.36
N VAL E 46 -30.70 -35.76 -19.41
CA VAL E 46 -29.29 -35.43 -19.63
C VAL E 46 -28.69 -36.35 -20.67
N ASP E 47 -28.88 -37.65 -20.49
CA ASP E 47 -28.31 -38.66 -21.39
C ASP E 47 -28.88 -38.54 -22.81
N ASP E 48 -30.15 -38.22 -22.89
CA ASP E 48 -30.85 -38.04 -24.13
C ASP E 48 -30.30 -36.83 -24.89
N VAL E 49 -30.05 -35.71 -24.20
CA VAL E 49 -29.41 -34.55 -24.85
C VAL E 49 -27.92 -34.86 -25.18
N HIS E 50 -27.25 -35.63 -24.34
CA HIS E 50 -25.89 -36.06 -24.63
C HIS E 50 -25.87 -36.80 -25.98
N ALA E 51 -26.69 -37.86 -26.07
CA ALA E 51 -26.75 -38.72 -27.26
C ALA E 51 -27.36 -38.06 -28.52
N HIS E 52 -28.42 -37.26 -28.35
CA HIS E 52 -29.22 -36.79 -29.47
C HIS E 52 -29.23 -35.27 -29.76
N GLY E 53 -28.54 -34.47 -28.94
CA GLY E 53 -28.29 -33.05 -29.25
C GLY E 53 -29.52 -32.16 -29.35
N ASP E 54 -29.44 -31.17 -30.24
CA ASP E 54 -30.46 -30.10 -30.39
C ASP E 54 -31.90 -30.64 -30.52
N ALA E 55 -32.04 -31.75 -31.26
CA ALA E 55 -33.32 -32.45 -31.42
C ALA E 55 -33.97 -32.79 -30.06
N ALA E 56 -33.15 -33.34 -29.16
CA ALA E 56 -33.61 -33.69 -27.81
C ALA E 56 -33.97 -32.47 -26.99
N VAL E 57 -33.19 -31.40 -27.14
CA VAL E 57 -33.39 -30.17 -26.36
C VAL E 57 -34.75 -29.59 -26.77
N LYS E 58 -34.98 -29.51 -28.09
CA LYS E 58 -36.27 -29.03 -28.68
C LYS E 58 -37.49 -29.78 -28.20
N GLN E 59 -37.36 -31.11 -28.12
CA GLN E 59 -38.45 -31.93 -27.60
C GLN E 59 -38.82 -31.58 -26.17
N TYR E 60 -37.80 -31.43 -25.32
CA TYR E 60 -38.05 -31.12 -23.90
C TYR E 60 -38.55 -29.70 -23.70
N THR E 61 -38.12 -28.78 -24.56
CA THR E 61 -38.66 -27.41 -24.55
C THR E 61 -40.16 -27.44 -24.90
N SER E 62 -40.52 -28.16 -25.98
CA SER E 62 -41.91 -28.40 -26.33
C SER E 62 -42.69 -29.02 -25.17
N LYS E 63 -42.13 -30.09 -24.61
CA LYS E 63 -42.81 -30.81 -23.55
C LYS E 63 -43.08 -29.96 -22.29
N PHE E 64 -42.04 -29.32 -21.74
CA PHE E 64 -42.15 -28.60 -20.47
C PHE E 64 -42.55 -27.14 -20.63
N ASP E 65 -41.93 -26.45 -21.60
CA ASP E 65 -42.13 -25.01 -21.78
C ASP E 65 -43.26 -24.66 -22.75
N LYS E 66 -43.82 -25.66 -23.40
CA LYS E 66 -44.89 -25.45 -24.33
C LYS E 66 -44.51 -24.55 -25.44
N VAL E 67 -43.28 -24.67 -25.88
CA VAL E 67 -42.81 -23.85 -26.97
C VAL E 67 -42.19 -24.74 -28.00
N ASP E 68 -42.47 -24.46 -29.26
CA ASP E 68 -41.87 -25.18 -30.35
C ASP E 68 -40.99 -24.18 -30.99
N LEU E 69 -39.70 -24.43 -30.97
CA LEU E 69 -38.73 -23.51 -31.52
C LEU E 69 -37.67 -24.27 -32.25
N GLU E 70 -37.22 -23.76 -33.39
CA GLU E 70 -36.20 -24.45 -34.14
C GLU E 70 -34.81 -23.92 -33.99
N ASN E 71 -34.65 -22.68 -33.58
CA ASN E 71 -33.31 -22.16 -33.35
C ASN E 71 -33.07 -21.99 -31.90
N ILE E 72 -32.28 -22.85 -31.30
CA ILE E 72 -32.06 -22.69 -29.88
C ILE E 72 -30.86 -21.88 -29.50
N VAL E 73 -29.99 -21.65 -30.44
CA VAL E 73 -28.76 -20.90 -30.16
C VAL E 73 -28.53 -19.73 -31.12
N GLU E 74 -28.49 -18.54 -30.54
CA GLU E 74 -28.27 -17.30 -31.26
C GLU E 74 -26.91 -16.74 -30.82
N LEU E 75 -26.12 -16.27 -31.77
CA LEU E 75 -24.99 -15.39 -31.47
C LEU E 75 -25.55 -14.05 -31.02
N VAL E 76 -25.11 -13.60 -29.86
CA VAL E 76 -25.60 -12.35 -29.28
C VAL E 76 -25.26 -11.13 -30.16
N SER E 77 -24.11 -11.17 -30.83
CA SER E 77 -23.71 -10.11 -31.77
C SER E 77 -24.65 -9.96 -33.00
N ASP E 78 -25.35 -11.04 -33.39
CA ASP E 78 -26.37 -11.02 -34.46
C ASP E 78 -27.66 -10.35 -34.04
N LEU E 79 -28.03 -10.45 -32.78
CA LEU E 79 -29.34 -9.94 -32.33
C LEU E 79 -29.30 -8.43 -32.11
N PRO E 80 -30.41 -7.73 -32.45
CA PRO E 80 -30.43 -6.29 -32.25
C PRO E 80 -30.55 -5.85 -30.77
N ASP E 81 -29.94 -4.73 -30.43
CA ASP E 81 -30.06 -4.08 -29.10
C ASP E 81 -31.54 -3.85 -28.82
N PRO E 82 -32.05 -4.45 -27.77
CA PRO E 82 -33.48 -4.30 -27.53
C PRO E 82 -33.80 -2.93 -26.93
N VAL E 83 -35.05 -2.52 -27.06
CA VAL E 83 -35.47 -1.23 -26.60
C VAL E 83 -36.34 -1.41 -25.36
N LEU E 84 -35.98 -0.65 -24.34
CA LEU E 84 -36.49 -0.81 -22.98
C LEU E 84 -37.18 0.49 -22.57
N ASP E 85 -38.27 0.40 -21.79
CA ASP E 85 -38.79 1.54 -21.05
C ASP E 85 -37.60 2.19 -20.36
N PRO E 86 -37.37 3.49 -20.59
CA PRO E 86 -36.16 4.10 -20.02
C PRO E 86 -36.05 4.06 -18.49
N ALA E 87 -37.14 3.92 -17.75
CA ALA E 87 -37.04 3.69 -16.30
C ALA E 87 -36.45 2.31 -15.98
N ILE E 88 -36.93 1.32 -16.73
CA ILE E 88 -36.48 -0.03 -16.63
C ILE E 88 -35.00 -0.12 -16.98
N LYS E 89 -34.60 0.57 -18.03
CA LYS E 89 -33.21 0.61 -18.41
C LYS E 89 -32.36 1.29 -17.37
N GLU E 90 -32.85 2.34 -16.77
CA GLU E 90 -32.10 3.07 -15.75
C GLU E 90 -31.80 2.19 -14.57
N ALA E 91 -32.77 1.39 -14.17
CA ALA E 91 -32.57 0.50 -13.05
C ALA E 91 -31.55 -0.59 -13.32
N PHE E 92 -31.71 -1.28 -14.43
CA PHE E 92 -30.74 -2.30 -14.75
C PHE E 92 -29.35 -1.75 -14.89
N ASP E 93 -29.20 -0.51 -15.37
CA ASP E 93 -27.89 0.13 -15.41
C ASP E 93 -27.30 0.42 -14.03
N VAL E 94 -28.13 0.86 -13.10
CA VAL E 94 -27.69 1.04 -11.71
C VAL E 94 -27.20 -0.29 -11.14
N ALA E 95 -27.99 -1.32 -11.36
CA ALA E 95 -27.64 -2.68 -10.93
C ALA E 95 -26.32 -3.13 -11.53
N TYR E 96 -26.20 -3.02 -12.86
CA TYR E 96 -24.94 -3.41 -13.55
C TYR E 96 -23.76 -2.69 -12.92
N SER E 97 -23.94 -1.39 -12.70
CA SER E 97 -22.90 -0.52 -12.15
C SER E 97 -22.45 -0.96 -10.73
N ASN E 98 -23.44 -1.21 -9.86
CA ASN E 98 -23.17 -1.63 -8.49
C ASN E 98 -22.53 -3.04 -8.41
N ILE E 99 -23.05 -3.97 -9.22
CA ILE E 99 -22.53 -5.34 -9.29
C ILE E 99 -21.13 -5.31 -9.86
N TYR E 100 -20.93 -4.55 -10.93
CA TYR E 100 -19.59 -4.43 -11.54
C TYR E 100 -18.55 -3.96 -10.52
N ALA E 101 -18.91 -2.91 -9.81
CA ALA E 101 -18.06 -2.29 -8.81
C ALA E 101 -17.69 -3.25 -7.71
N PHE E 102 -18.68 -3.95 -7.17
CA PHE E 102 -18.45 -4.87 -6.07
C PHE E 102 -17.55 -6.05 -6.49
N HIS E 103 -17.72 -6.52 -7.72
CA HIS E 103 -16.95 -7.62 -8.23
C HIS E 103 -15.58 -7.22 -8.74
N ALA E 104 -15.47 -6.04 -9.34
CA ALA E 104 -14.18 -5.55 -9.82
C ALA E 104 -13.23 -5.33 -8.64
N ALA E 105 -13.79 -4.88 -7.51
CA ALA E 105 -13.09 -4.72 -6.24
C ALA E 105 -12.42 -5.99 -5.70
N GLN E 106 -12.83 -7.16 -6.21
CA GLN E 106 -12.25 -8.46 -5.79
C GLN E 106 -10.97 -8.87 -6.50
N LYS E 107 -10.51 -8.09 -7.48
CA LYS E 107 -9.24 -8.40 -8.16
C LYS E 107 -8.07 -8.37 -7.19
N SER E 108 -7.35 -9.50 -7.10
CA SER E 108 -6.17 -9.61 -6.23
C SER E 108 -4.91 -9.28 -7.02
N PRO E 109 -4.09 -8.34 -6.51
CA PRO E 109 -2.83 -8.07 -7.20
C PRO E 109 -1.89 -9.27 -6.98
N GLU E 110 -1.24 -9.72 -8.04
CA GLU E 110 -0.49 -10.99 -8.04
C GLU E 110 0.91 -10.81 -7.45
N LYS E 111 1.00 -10.81 -6.12
CA LYS E 111 2.28 -10.61 -5.42
C LYS E 111 3.22 -11.83 -5.52
N SER E 112 4.48 -11.62 -5.91
CA SER E 112 5.55 -12.65 -5.79
C SER E 112 5.91 -12.91 -4.36
N VAL E 113 6.16 -14.17 -4.03
CA VAL E 113 6.61 -14.55 -2.71
C VAL E 113 8.03 -15.11 -2.84
N GLU E 114 8.97 -14.52 -2.09
CA GLU E 114 10.39 -14.99 -2.09
C GLU E 114 10.96 -15.09 -0.68
N ASN E 115 10.58 -16.16 0.01
CA ASN E 115 10.91 -16.43 1.42
C ASN E 115 12.32 -17.00 1.56
N MET E 116 12.78 -17.73 0.54
CA MET E 116 14.20 -18.09 0.39
C MET E 116 14.73 -17.37 -0.85
N LYS E 117 16.00 -16.94 -0.81
CA LYS E 117 16.61 -16.29 -1.97
C LYS E 117 16.72 -17.31 -3.11
N GLY E 118 16.26 -16.89 -4.30
CA GLY E 118 16.27 -17.73 -5.48
C GLY E 118 15.19 -18.80 -5.55
N VAL E 119 14.16 -18.70 -4.69
CA VAL E 119 12.99 -19.54 -4.76
C VAL E 119 11.81 -18.59 -4.90
N GLN E 120 11.44 -18.33 -6.15
CA GLN E 120 10.39 -17.41 -6.52
C GLN E 120 9.10 -18.24 -6.73
N CYS E 121 8.02 -17.92 -5.99
CA CYS E 121 6.69 -18.55 -6.18
C CYS E 121 5.61 -17.50 -6.32
N LYS E 122 4.59 -17.85 -7.07
CA LYS E 122 3.57 -16.89 -7.48
C LYS E 122 2.27 -17.58 -7.85
N ARG E 123 1.23 -16.80 -7.86
CA ARG E 123 -0.06 -17.21 -8.34
C ARG E 123 -0.44 -16.31 -9.50
N VAL E 124 -0.97 -16.85 -10.59
CA VAL E 124 -1.53 -16.01 -11.66
C VAL E 124 -2.93 -16.42 -11.97
N ALA E 125 -3.78 -15.44 -12.25
CA ALA E 125 -5.18 -15.70 -12.53
C ALA E 125 -5.35 -15.92 -14.03
N ARG E 126 -6.14 -16.92 -14.37
CA ARG E 126 -6.56 -17.17 -15.73
C ARG E 126 -8.04 -17.43 -15.68
N SER E 127 -8.76 -16.85 -16.61
CA SER E 127 -10.18 -17.02 -16.69
C SER E 127 -10.47 -18.39 -17.27
N ILE E 128 -11.61 -18.95 -16.89
CA ILE E 128 -12.09 -20.19 -17.45
C ILE E 128 -12.52 -19.80 -18.86
N ASN E 129 -12.04 -20.53 -19.87
CA ASN E 129 -12.21 -20.13 -21.27
C ASN E 129 -13.65 -20.11 -21.71
N SER E 130 -14.46 -21.09 -21.27
CA SER E 130 -15.88 -21.01 -21.58
C SER E 130 -16.75 -21.40 -20.44
N VAL E 131 -17.83 -20.66 -20.29
CA VAL E 131 -18.71 -20.79 -19.15
C VAL E 131 -20.15 -20.74 -19.60
N GLY E 132 -21.00 -21.48 -18.91
CA GLY E 132 -22.45 -21.50 -19.17
C GLY E 132 -23.17 -20.92 -17.96
N LEU E 133 -24.11 -20.02 -18.22
CA LEU E 133 -24.79 -19.26 -17.18
C LEU E 133 -26.27 -19.55 -17.29
N TYR E 134 -26.83 -20.23 -16.30
CA TYR E 134 -28.24 -20.53 -16.33
C TYR E 134 -29.06 -19.39 -15.70
N VAL E 135 -29.97 -18.81 -16.47
CA VAL E 135 -30.84 -17.76 -16.00
C VAL E 135 -32.28 -18.29 -15.96
N PRO E 136 -32.86 -18.42 -14.76
CA PRO E 136 -34.21 -18.99 -14.65
C PRO E 136 -35.33 -18.25 -15.40
N GLY E 137 -36.26 -19.02 -15.96
CA GLY E 137 -37.46 -18.49 -16.60
C GLY E 137 -38.69 -19.40 -16.49
N GLY E 138 -38.80 -20.14 -15.41
CA GLY E 138 -39.90 -21.11 -15.26
C GLY E 138 -41.19 -20.43 -14.83
N THR E 139 -41.34 -20.20 -13.53
CA THR E 139 -42.50 -19.51 -12.95
C THR E 139 -42.32 -18.01 -12.92
N ALA E 140 -41.10 -17.55 -13.24
CA ALA E 140 -40.76 -16.15 -13.32
C ALA E 140 -39.43 -16.00 -14.02
N VAL E 141 -39.31 -14.90 -14.77
CA VAL E 141 -38.13 -14.62 -15.59
C VAL E 141 -37.22 -13.64 -14.84
N LEU E 142 -35.95 -14.01 -14.75
CA LEU E 142 -35.02 -13.39 -13.82
C LEU E 142 -33.78 -12.70 -14.48
N PRO E 143 -33.97 -11.55 -15.16
CA PRO E 143 -32.83 -10.82 -15.69
C PRO E 143 -31.82 -10.39 -14.63
N SER E 144 -32.24 -10.23 -13.37
CA SER E 144 -31.29 -9.94 -12.30
C SER E 144 -30.14 -10.98 -12.31
N THR E 145 -30.50 -12.24 -12.35
CA THR E 145 -29.57 -13.35 -12.44
C THR E 145 -28.56 -13.23 -13.59
N ALA E 146 -29.02 -12.76 -14.74
CA ALA E 146 -28.15 -12.56 -15.86
C ALA E 146 -27.03 -11.59 -15.52
N LEU E 147 -27.36 -10.52 -14.79
CA LEU E 147 -26.32 -9.60 -14.31
C LEU E 147 -25.39 -10.25 -13.26
N MET E 148 -25.97 -10.98 -12.34
CA MET E 148 -25.21 -11.67 -11.30
C MET E 148 -24.13 -12.58 -11.86
N LEU E 149 -24.45 -13.28 -12.93
CA LEU E 149 -23.55 -14.27 -13.53
C LEU E 149 -22.68 -13.66 -14.62
N ALA E 150 -23.25 -12.87 -15.51
CA ALA E 150 -22.48 -12.36 -16.65
C ALA E 150 -21.49 -11.28 -16.29
N VAL E 151 -21.82 -10.42 -15.30
CA VAL E 151 -20.93 -9.32 -14.93
C VAL E 151 -19.56 -9.84 -14.47
N PRO E 152 -19.51 -10.69 -13.43
CA PRO E 152 -18.21 -11.24 -13.08
C PRO E 152 -17.55 -12.03 -14.20
N ALA E 153 -18.32 -12.72 -15.05
CA ALA E 153 -17.70 -13.39 -16.25
C ALA E 153 -17.00 -12.41 -17.14
N GLN E 154 -17.65 -11.27 -17.36
CA GLN E 154 -17.08 -10.19 -18.16
C GLN E 154 -15.79 -9.66 -17.54
N ILE E 155 -15.79 -9.40 -16.24
CA ILE E 155 -14.61 -8.92 -15.55
C ILE E 155 -13.50 -9.95 -15.64
N ALA E 156 -13.82 -11.21 -15.46
CA ALA E 156 -12.85 -12.28 -15.56
C ALA E 156 -12.19 -12.35 -16.92
N GLY E 157 -12.95 -12.05 -17.95
CA GLY E 157 -12.47 -12.13 -19.34
C GLY E 157 -12.75 -13.47 -20.03
N CYS E 158 -13.67 -14.27 -19.50
CA CYS E 158 -14.13 -15.47 -20.19
C CYS E 158 -14.43 -15.24 -21.67
N LYS E 159 -13.82 -16.03 -22.51
CA LYS E 159 -13.84 -15.88 -23.96
C LYS E 159 -15.19 -16.33 -24.59
N THR E 160 -15.73 -17.47 -24.18
CA THR E 160 -17.09 -17.92 -24.54
C THR E 160 -17.98 -17.88 -23.32
N ILE E 161 -19.11 -17.19 -23.43
CA ILE E 161 -20.08 -17.08 -22.36
C ILE E 161 -21.43 -17.43 -22.96
N VAL E 162 -21.94 -18.61 -22.64
CA VAL E 162 -23.25 -19.07 -23.09
C VAL E 162 -24.21 -18.80 -21.96
N LEU E 163 -25.29 -18.08 -22.24
CA LEU E 163 -26.30 -17.81 -21.26
C LEU E 163 -27.55 -18.61 -21.65
N ALA E 164 -28.02 -19.50 -20.77
CA ALA E 164 -29.22 -20.31 -21.03
C ALA E 164 -30.45 -19.71 -20.38
N ASN E 165 -31.54 -19.64 -21.13
CA ASN E 165 -32.78 -19.04 -20.63
C ASN E 165 -33.95 -19.66 -21.39
N PRO E 166 -34.89 -20.30 -20.67
CA PRO E 166 -36.00 -20.89 -21.36
C PRO E 166 -36.91 -19.80 -21.94
N PRO E 167 -37.40 -19.98 -23.18
CA PRO E 167 -38.14 -18.92 -23.85
C PRO E 167 -39.55 -18.70 -23.29
N THR E 168 -40.09 -17.54 -23.63
CA THR E 168 -41.50 -17.22 -23.42
C THR E 168 -42.38 -17.93 -24.44
N ARG E 169 -43.68 -17.97 -24.13
CA ARG E 169 -44.64 -18.82 -24.84
C ARG E 169 -44.71 -18.59 -26.34
N ASP E 170 -44.45 -17.36 -26.75
CA ASP E 170 -44.37 -16.98 -28.16
C ASP E 170 -42.99 -17.18 -28.81
N GLY E 171 -42.12 -17.96 -28.15
CA GLY E 171 -40.76 -18.26 -28.66
C GLY E 171 -39.69 -17.20 -28.45
N THR E 172 -39.99 -16.15 -27.66
CA THR E 172 -39.06 -15.00 -27.50
C THR E 172 -38.29 -15.08 -26.18
N THR E 173 -37.06 -14.59 -26.25
CA THR E 173 -36.25 -14.29 -25.07
C THR E 173 -36.70 -12.95 -24.49
N CYS E 174 -36.96 -12.96 -23.19
CA CYS E 174 -37.22 -11.73 -22.44
C CYS E 174 -36.23 -10.64 -22.79
N LYS E 175 -36.72 -9.45 -23.12
CA LYS E 175 -35.84 -8.38 -23.66
C LYS E 175 -34.93 -7.76 -22.61
N GLU E 176 -35.34 -7.79 -21.34
CA GLU E 176 -34.49 -7.34 -20.24
C GLU E 176 -33.32 -8.34 -20.03
N VAL E 177 -33.58 -9.64 -20.19
CA VAL E 177 -32.51 -10.65 -20.19
C VAL E 177 -31.49 -10.37 -21.30
N LEU E 178 -31.97 -10.01 -22.49
CA LEU E 178 -31.07 -9.75 -23.63
C LEU E 178 -30.32 -8.46 -23.44
N TYR E 179 -30.95 -7.48 -22.80
CA TYR E 179 -30.27 -6.23 -22.51
C TYR E 179 -29.06 -6.47 -21.65
N CYS E 180 -29.26 -7.20 -20.55
CA CYS E 180 -28.19 -7.48 -19.60
C CYS E 180 -27.06 -8.33 -20.23
N ALA E 181 -27.45 -9.32 -21.01
CA ALA E 181 -26.51 -10.17 -21.70
C ALA E 181 -25.59 -9.36 -22.61
N LYS E 182 -26.17 -8.44 -23.37
CA LYS E 182 -25.36 -7.58 -24.26
C LYS E 182 -24.44 -6.64 -23.46
N LYS E 183 -24.96 -6.07 -22.38
CA LYS E 183 -24.21 -5.18 -21.57
C LYS E 183 -23.03 -5.88 -20.89
N ALA E 184 -23.22 -7.15 -20.50
CA ALA E 184 -22.15 -7.92 -19.85
C ALA E 184 -21.30 -8.79 -20.80
N GLY E 185 -21.52 -8.67 -22.11
CA GLY E 185 -20.65 -9.33 -23.10
C GLY E 185 -20.90 -10.81 -23.32
N VAL E 186 -22.13 -11.27 -23.09
CA VAL E 186 -22.49 -12.67 -23.36
C VAL E 186 -22.35 -12.94 -24.86
N THR E 187 -21.71 -14.06 -25.21
CA THR E 187 -21.42 -14.36 -26.62
C THR E 187 -22.55 -15.15 -27.28
N HIS E 188 -23.09 -16.13 -26.56
CA HIS E 188 -24.12 -17.03 -27.09
C HIS E 188 -25.32 -17.07 -26.16
N LEU E 189 -26.51 -17.17 -26.77
CA LEU E 189 -27.75 -17.28 -26.03
C LEU E 189 -28.39 -18.63 -26.35
N LEU E 190 -28.65 -19.43 -25.32
CA LEU E 190 -29.27 -20.74 -25.48
C LEU E 190 -30.70 -20.61 -25.05
N LYS E 191 -31.62 -20.71 -26.00
CA LYS E 191 -33.05 -20.50 -25.74
C LYS E 191 -33.64 -21.83 -25.27
N ALA E 192 -33.29 -22.19 -24.05
CA ALA E 192 -33.67 -23.47 -23.47
C ALA E 192 -33.51 -23.42 -21.94
N GLY E 193 -34.20 -24.32 -21.22
CA GLY E 193 -34.19 -24.35 -19.79
C GLY E 193 -33.97 -25.73 -19.25
N GLY E 194 -34.10 -25.85 -17.93
CA GLY E 194 -34.06 -27.12 -17.24
C GLY E 194 -32.81 -27.93 -17.44
N ALA E 195 -32.91 -29.21 -17.12
CA ALA E 195 -31.83 -30.20 -17.29
C ALA E 195 -31.35 -30.37 -18.72
N GLN E 196 -32.25 -30.13 -19.67
CA GLN E 196 -31.87 -30.18 -21.09
C GLN E 196 -30.92 -29.05 -21.49
N ALA E 197 -31.06 -27.89 -20.83
CA ALA E 197 -30.17 -26.75 -21.09
C ALA E 197 -28.80 -27.03 -20.46
N ILE E 198 -28.84 -27.48 -19.20
CA ILE E 198 -27.61 -27.79 -18.47
C ILE E 198 -26.77 -28.85 -19.26
N SER E 199 -27.43 -29.92 -19.72
CA SER E 199 -26.75 -30.96 -20.50
C SER E 199 -26.24 -30.47 -21.85
N ALA E 200 -26.97 -29.56 -22.49
CA ALA E 200 -26.54 -28.99 -23.76
C ALA E 200 -25.21 -28.24 -23.60
N MET E 201 -25.09 -27.46 -22.51
CA MET E 201 -23.87 -26.69 -22.19
C MET E 201 -22.72 -27.60 -21.76
N ALA E 202 -23.00 -28.57 -20.91
CA ALA E 202 -21.97 -29.49 -20.41
C ALA E 202 -21.36 -30.34 -21.49
N TRP E 203 -22.21 -30.83 -22.38
CA TRP E 203 -21.76 -31.68 -23.53
C TRP E 203 -21.48 -30.94 -24.83
N GLY E 204 -22.03 -29.75 -24.98
CA GLY E 204 -22.11 -29.11 -26.30
C GLY E 204 -23.17 -29.78 -27.14
N THR E 205 -23.62 -29.12 -28.19
CA THR E 205 -24.53 -29.73 -29.20
C THR E 205 -24.05 -29.24 -30.58
N GLU E 206 -24.84 -29.48 -31.61
CA GLU E 206 -24.52 -29.07 -32.97
C GLU E 206 -24.36 -27.56 -33.06
N THR E 207 -25.21 -26.83 -32.32
CA THR E 207 -25.20 -25.36 -32.28
C THR E 207 -24.71 -24.72 -30.95
N CYS E 208 -24.85 -25.46 -29.84
CA CYS E 208 -24.46 -24.95 -28.54
C CYS E 208 -23.01 -25.24 -28.16
N PRO E 209 -22.21 -24.19 -27.89
CA PRO E 209 -20.83 -24.42 -27.47
C PRO E 209 -20.73 -25.25 -26.17
N LYS E 210 -19.72 -26.12 -26.10
CA LYS E 210 -19.42 -26.90 -24.90
C LYS E 210 -18.67 -26.01 -23.91
N VAL E 211 -19.16 -25.92 -22.68
CA VAL E 211 -18.52 -25.07 -21.65
C VAL E 211 -17.77 -25.89 -20.65
N GLU E 212 -16.89 -25.23 -19.92
CA GLU E 212 -16.06 -25.88 -18.90
C GLU E 212 -16.64 -25.77 -17.51
N LYS E 213 -17.42 -24.74 -17.26
CA LYS E 213 -18.07 -24.55 -15.97
C LYS E 213 -19.50 -24.00 -16.13
N ILE E 214 -20.43 -24.53 -15.35
CA ILE E 214 -21.80 -24.16 -15.43
C ILE E 214 -22.18 -23.48 -14.13
N PHE E 215 -22.81 -22.31 -14.27
CA PHE E 215 -23.21 -21.49 -13.17
C PHE E 215 -24.69 -21.30 -13.15
N GLY E 216 -25.20 -20.99 -11.96
CA GLY E 216 -26.45 -20.27 -11.84
C GLY E 216 -27.54 -21.00 -11.07
N PRO E 217 -28.58 -20.25 -10.67
CA PRO E 217 -29.62 -20.81 -9.83
C PRO E 217 -30.71 -21.42 -10.69
N GLY E 218 -31.51 -22.26 -10.04
CA GLY E 218 -32.64 -22.81 -10.71
C GLY E 218 -33.48 -23.64 -9.79
N ASN E 219 -34.47 -24.29 -10.40
CA ASN E 219 -35.34 -25.19 -9.69
C ASN E 219 -34.59 -26.45 -9.38
N GLN E 220 -35.24 -27.37 -8.65
CA GLN E 220 -34.60 -28.61 -8.22
C GLN E 220 -34.11 -29.49 -9.37
N TYR E 221 -34.73 -29.36 -10.55
CA TYR E 221 -34.30 -30.18 -11.68
C TYR E 221 -33.01 -29.62 -12.27
N VAL E 222 -32.97 -28.31 -12.43
CA VAL E 222 -31.79 -27.63 -12.92
C VAL E 222 -30.66 -27.93 -11.98
N THR E 223 -30.90 -27.70 -10.68
CA THR E 223 -29.88 -27.91 -9.66
C THR E 223 -29.37 -29.33 -9.64
N ALA E 224 -30.26 -30.29 -9.82
CA ALA E 224 -29.86 -31.71 -9.78
C ALA E 224 -29.07 -32.09 -11.00
N ALA E 225 -29.46 -31.54 -12.16
CA ALA E 225 -28.71 -31.72 -13.41
C ALA E 225 -27.28 -31.18 -13.33
N LYS E 226 -27.14 -30.02 -12.70
CA LYS E 226 -25.80 -29.46 -12.45
C LYS E 226 -24.95 -30.44 -11.64
N MET E 227 -25.54 -30.91 -10.53
CA MET E 227 -24.85 -31.80 -9.59
C MET E 227 -24.42 -33.11 -10.25
N ILE E 228 -25.31 -33.67 -11.06
CA ILE E 228 -25.01 -34.92 -11.83
C ILE E 228 -23.84 -34.72 -12.82
N LEU E 229 -23.96 -33.67 -13.64
CA LEU E 229 -23.03 -33.47 -14.72
C LEU E 229 -21.59 -33.21 -14.28
N GLN E 230 -21.39 -32.69 -13.08
CA GLN E 230 -20.02 -32.49 -12.57
C GLN E 230 -19.26 -33.80 -12.43
N ASN E 231 -19.97 -34.88 -12.15
CA ASN E 231 -19.38 -36.24 -12.14
C ASN E 231 -19.35 -36.97 -13.50
N SER E 232 -19.80 -36.34 -14.58
CA SER E 232 -19.92 -37.00 -15.85
C SER E 232 -18.62 -36.93 -16.62
N GLU E 233 -18.57 -37.66 -17.73
CA GLU E 233 -17.44 -37.59 -18.65
C GLU E 233 -17.44 -36.33 -19.52
N ALA E 234 -18.44 -35.46 -19.36
CA ALA E 234 -18.45 -34.16 -20.05
C ALA E 234 -17.24 -33.25 -19.69
N MET E 235 -16.67 -33.43 -18.51
CA MET E 235 -15.56 -32.65 -18.00
C MET E 235 -16.05 -31.20 -17.81
N VAL E 236 -16.85 -31.03 -16.78
CA VAL E 236 -17.48 -29.78 -16.46
C VAL E 236 -17.46 -29.62 -14.91
N SER E 237 -17.41 -28.39 -14.40
CA SER E 237 -17.61 -28.14 -12.96
C SER E 237 -18.80 -27.24 -12.83
N ILE E 238 -19.20 -26.97 -11.59
CA ILE E 238 -20.27 -26.07 -11.30
C ILE E 238 -19.88 -25.12 -10.16
N ASP E 239 -20.66 -24.08 -9.96
CA ASP E 239 -20.43 -23.15 -8.88
C ASP E 239 -20.87 -23.72 -7.57
N MET E 240 -22.10 -24.23 -7.52
CA MET E 240 -22.73 -24.72 -6.30
C MET E 240 -24.15 -25.25 -6.60
N PRO E 241 -24.74 -26.07 -5.70
CA PRO E 241 -26.20 -26.20 -5.68
C PRO E 241 -26.90 -24.91 -5.20
N ALA E 242 -27.39 -24.13 -6.16
CA ALA E 242 -28.12 -22.87 -5.90
C ALA E 242 -29.60 -23.07 -6.22
N GLY E 243 -30.26 -23.79 -5.33
CA GLY E 243 -31.66 -24.18 -5.54
C GLY E 243 -32.68 -23.18 -5.07
N PRO E 244 -33.90 -23.64 -4.76
CA PRO E 244 -35.02 -22.85 -4.23
C PRO E 244 -34.65 -21.89 -3.10
N SER E 245 -35.01 -20.62 -3.30
CA SER E 245 -34.59 -19.56 -2.42
C SER E 245 -35.01 -19.79 -0.98
N GLU E 246 -34.16 -19.33 -0.06
CA GLU E 246 -34.44 -19.35 1.38
C GLU E 246 -34.11 -18.01 1.98
N VAL E 247 -34.77 -17.68 3.06
CA VAL E 247 -34.33 -16.60 3.90
C VAL E 247 -34.57 -16.94 5.36
N LEU E 248 -33.64 -16.55 6.22
CA LEU E 248 -33.79 -16.63 7.66
C LEU E 248 -33.73 -15.21 8.17
N VAL E 249 -34.78 -14.80 8.89
CA VAL E 249 -34.83 -13.48 9.54
C VAL E 249 -34.68 -13.66 11.04
N ILE E 250 -33.74 -12.95 11.63
CA ILE E 250 -33.70 -12.80 13.07
C ILE E 250 -34.32 -11.43 13.41
N ALA E 251 -35.27 -11.41 14.32
CA ALA E 251 -35.96 -10.19 14.71
C ALA E 251 -35.98 -10.08 16.23
N ASP E 252 -35.75 -8.88 16.73
CA ASP E 252 -35.93 -8.58 18.13
C ASP E 252 -37.13 -7.64 18.31
N LYS E 253 -37.35 -7.16 19.53
CA LYS E 253 -38.52 -6.30 19.81
C LYS E 253 -38.52 -4.95 19.11
N HIS E 254 -37.38 -4.49 18.60
CA HIS E 254 -37.33 -3.24 17.87
C HIS E 254 -37.79 -3.36 16.41
N ALA E 255 -37.90 -4.59 15.90
CA ALA E 255 -38.25 -4.81 14.49
C ALA E 255 -39.71 -4.56 14.29
N ILE E 256 -40.06 -3.92 13.18
CA ILE E 256 -41.43 -3.58 12.87
C ILE E 256 -42.11 -4.80 12.27
N PRO E 257 -43.14 -5.34 12.96
CA PRO E 257 -43.75 -6.60 12.50
C PRO E 257 -44.12 -6.69 11.01
N SER E 258 -44.60 -5.61 10.41
CA SER E 258 -45.04 -5.62 9.01
C SER E 258 -43.83 -5.79 8.04
N HIS E 259 -42.69 -5.24 8.43
CA HIS E 259 -41.45 -5.33 7.65
C HIS E 259 -40.88 -6.74 7.71
N VAL E 260 -41.00 -7.36 8.88
CA VAL E 260 -40.58 -8.72 9.09
C VAL E 260 -41.42 -9.60 8.20
N ALA E 261 -42.74 -9.42 8.26
CA ALA E 261 -43.66 -10.20 7.41
C ALA E 261 -43.35 -10.04 5.91
N ALA E 262 -43.16 -8.78 5.52
CA ALA E 262 -42.83 -8.44 4.16
C ALA E 262 -41.58 -9.16 3.70
N ASP E 263 -40.57 -9.16 4.57
CA ASP E 263 -39.30 -9.84 4.31
C ASP E 263 -39.46 -11.35 4.17
N LEU E 264 -40.24 -11.97 5.04
CA LEU E 264 -40.49 -13.42 4.94
C LEU E 264 -41.19 -13.77 3.60
N LEU E 265 -42.20 -12.98 3.23
CA LEU E 265 -42.93 -13.16 1.99
C LEU E 265 -42.12 -12.78 0.75
N SER E 266 -41.12 -11.91 0.90
CA SER E 266 -40.31 -11.53 -0.28
C SER E 266 -39.69 -12.73 -0.97
N GLN E 267 -39.23 -13.72 -0.20
CA GLN E 267 -38.68 -14.93 -0.79
C GLN E 267 -39.66 -16.11 -0.83
N ALA E 268 -40.65 -16.15 0.08
CA ALA E 268 -41.69 -17.15 -0.02
C ALA E 268 -42.32 -17.18 -1.41
N GLU E 269 -42.55 -16.01 -1.99
CA GLU E 269 -43.21 -15.93 -3.31
C GLU E 269 -42.44 -16.54 -4.47
N HIS E 270 -41.17 -16.89 -4.28
CA HIS E 270 -40.35 -17.47 -5.37
C HIS E 270 -40.94 -18.76 -5.89
N GLY E 271 -41.44 -19.58 -4.98
CA GLY E 271 -41.97 -20.86 -5.37
C GLY E 271 -42.42 -21.65 -4.19
N PRO E 272 -43.14 -22.75 -4.45
CA PRO E 272 -43.72 -23.57 -3.36
C PRO E 272 -42.66 -24.36 -2.57
N ASP E 273 -41.56 -24.64 -3.27
CA ASP E 273 -40.34 -25.27 -2.73
C ASP E 273 -39.46 -24.35 -1.85
N SER E 274 -39.74 -23.04 -1.74
CA SER E 274 -38.92 -22.16 -0.96
C SER E 274 -39.19 -22.39 0.49
N GLN E 275 -38.28 -21.94 1.32
CA GLN E 275 -38.39 -22.11 2.77
C GLN E 275 -37.94 -20.83 3.45
N VAL E 276 -38.65 -20.48 4.49
CA VAL E 276 -38.46 -19.24 5.18
C VAL E 276 -38.38 -19.56 6.68
N VAL E 277 -37.58 -18.81 7.43
CA VAL E 277 -37.42 -19.09 8.87
C VAL E 277 -37.41 -17.76 9.61
N LEU E 278 -38.19 -17.67 10.68
CA LEU E 278 -38.15 -16.50 11.54
C LEU E 278 -37.57 -16.98 12.85
N VAL E 279 -36.51 -16.32 13.30
CA VAL E 279 -35.98 -16.56 14.65
C VAL E 279 -36.32 -15.31 15.42
N ILE E 280 -37.09 -15.46 16.49
CA ILE E 280 -37.39 -14.35 17.38
C ILE E 280 -36.36 -14.38 18.47
N ALA E 281 -35.68 -13.26 18.65
CA ALA E 281 -34.59 -13.14 19.64
C ALA E 281 -35.01 -12.28 20.83
N GLY E 282 -34.94 -12.84 22.02
CA GLY E 282 -35.28 -12.10 23.23
C GLY E 282 -36.77 -11.90 23.48
N ASP E 283 -37.03 -11.08 24.49
CA ASP E 283 -38.37 -10.73 24.93
C ASP E 283 -38.97 -9.61 24.12
N GLY E 284 -40.27 -9.40 24.25
CA GLY E 284 -40.89 -8.20 23.74
C GLY E 284 -41.41 -8.23 22.32
N VAL E 285 -41.30 -9.36 21.62
CA VAL E 285 -41.74 -9.44 20.21
C VAL E 285 -43.18 -9.90 20.12
N ASP E 286 -43.99 -9.07 19.47
CA ASP E 286 -45.41 -9.36 19.24
C ASP E 286 -45.54 -10.35 18.06
N GLN E 287 -45.32 -11.63 18.35
CA GLN E 287 -45.40 -12.67 17.34
C GLN E 287 -46.76 -12.72 16.61
N ASN E 288 -47.83 -12.48 17.34
CA ASN E 288 -49.19 -12.37 16.79
C ASN E 288 -49.32 -11.31 15.69
N ALA E 289 -48.79 -10.12 15.98
CA ALA E 289 -48.77 -9.03 15.01
C ALA E 289 -47.99 -9.45 13.73
N ILE E 290 -46.85 -10.12 13.92
CA ILE E 290 -46.05 -10.60 12.80
C ILE E 290 -46.88 -11.59 11.97
N GLN E 291 -47.54 -12.53 12.64
CA GLN E 291 -48.40 -13.51 11.94
C GLN E 291 -49.60 -12.93 11.26
N GLU E 292 -50.20 -11.95 11.90
CA GLU E 292 -51.34 -11.26 11.37
C GLU E 292 -50.91 -10.52 10.12
N GLU E 293 -49.71 -9.97 10.13
CA GLU E 293 -49.16 -9.33 8.93
C GLU E 293 -48.82 -10.28 7.79
N VAL E 294 -48.30 -11.45 8.10
CA VAL E 294 -48.00 -12.43 7.07
C VAL E 294 -49.26 -12.83 6.31
N SER E 295 -50.31 -13.23 7.05
CA SER E 295 -51.59 -13.64 6.43
C SER E 295 -52.24 -12.52 5.63
N LYS E 296 -52.31 -11.35 6.24
CA LYS E 296 -52.85 -10.14 5.62
C LYS E 296 -52.13 -9.87 4.30
N GLN E 297 -50.79 -9.75 4.39
CA GLN E 297 -49.96 -9.41 3.23
C GLN E 297 -49.94 -10.51 2.18
N CYS E 298 -49.93 -11.77 2.62
CA CYS E 298 -49.87 -12.90 1.69
C CYS E 298 -51.06 -13.00 0.77
N GLN E 299 -52.26 -12.77 1.29
CA GLN E 299 -53.46 -13.03 0.49
C GLN E 299 -53.68 -12.01 -0.61
N SER E 300 -53.14 -10.80 -0.44
CA SER E 300 -53.19 -9.80 -1.52
C SER E 300 -52.08 -9.92 -2.58
N LEU E 301 -51.19 -10.91 -2.48
CA LEU E 301 -50.07 -11.09 -3.44
C LEU E 301 -50.49 -11.88 -4.64
N PRO E 302 -50.25 -11.36 -5.84
CA PRO E 302 -50.46 -12.21 -7.05
C PRO E 302 -49.98 -13.65 -6.86
N ARG E 303 -48.76 -13.85 -6.35
CA ARG E 303 -48.19 -15.21 -6.15
C ARG E 303 -48.43 -15.76 -4.73
N GLY E 304 -49.47 -15.30 -4.04
CA GLY E 304 -49.78 -15.74 -2.68
C GLY E 304 -49.97 -17.25 -2.50
N GLU E 305 -50.39 -17.92 -3.56
CA GLU E 305 -50.58 -19.33 -3.55
C GLU E 305 -49.24 -20.07 -3.39
N PHE E 306 -48.21 -19.68 -4.16
CA PHE E 306 -46.82 -20.18 -4.02
C PHE E 306 -46.25 -19.85 -2.62
N ALA E 307 -46.41 -18.59 -2.20
CA ALA E 307 -45.95 -18.11 -0.90
C ALA E 307 -46.55 -18.88 0.23
N ALA E 308 -47.86 -19.12 0.19
CA ALA E 308 -48.55 -19.89 1.22
C ALA E 308 -48.05 -21.33 1.24
N LYS E 309 -47.86 -21.90 0.05
CA LYS E 309 -47.26 -23.22 -0.07
C LYS E 309 -45.87 -23.30 0.56
N ALA E 310 -45.03 -22.28 0.31
CA ALA E 310 -43.71 -22.18 0.89
C ALA E 310 -43.78 -22.00 2.42
N LEU E 311 -44.71 -21.19 2.87
CA LEU E 311 -44.93 -20.96 4.28
C LEU E 311 -45.28 -22.25 4.99
N SER E 312 -45.98 -23.12 4.31
CA SER E 312 -46.38 -24.40 4.93
C SER E 312 -45.18 -25.26 5.38
N HIS E 313 -43.98 -25.06 4.81
CA HIS E 313 -42.75 -25.72 5.28
C HIS E 313 -41.87 -24.77 6.09
N SER E 314 -42.37 -23.58 6.41
CA SER E 314 -41.61 -22.56 7.11
C SER E 314 -41.92 -22.66 8.62
N PHE E 315 -41.15 -21.96 9.45
CA PHE E 315 -41.34 -22.04 10.89
C PHE E 315 -40.75 -20.86 11.62
N ILE E 316 -41.23 -20.66 12.83
CA ILE E 316 -40.76 -19.59 13.72
C ILE E 316 -40.06 -20.28 14.88
N VAL E 317 -38.93 -19.74 15.30
CA VAL E 317 -38.15 -20.31 16.41
C VAL E 317 -37.97 -19.20 17.44
N HIS E 318 -38.17 -19.50 18.71
CA HIS E 318 -37.89 -18.58 19.79
C HIS E 318 -36.59 -18.88 20.43
N ALA E 319 -35.77 -17.85 20.57
CA ALA E 319 -34.46 -17.98 21.15
C ALA E 319 -34.35 -16.97 22.31
N ARG E 320 -33.79 -17.41 23.44
CA ARG E 320 -33.60 -16.57 24.63
C ARG E 320 -32.92 -15.25 24.35
N ASP E 321 -31.93 -15.29 23.49
CA ASP E 321 -31.14 -14.11 23.20
C ASP E 321 -30.57 -14.18 21.77
N MET E 322 -29.82 -13.15 21.43
CA MET E 322 -29.20 -13.02 20.14
C MET E 322 -28.11 -14.06 19.88
N LEU E 323 -27.29 -14.36 20.87
CA LEU E 323 -26.27 -15.40 20.67
C LEU E 323 -26.90 -16.74 20.32
N GLU E 324 -28.02 -17.04 20.97
CA GLU E 324 -28.74 -18.28 20.71
C GLU E 324 -29.37 -18.22 19.31
N ALA E 325 -29.91 -17.07 18.94
CA ALA E 325 -30.53 -16.90 17.64
C ALA E 325 -29.52 -17.14 16.51
N ILE E 326 -28.37 -16.52 16.63
CA ILE E 326 -27.37 -16.60 15.59
C ILE E 326 -26.78 -18.01 15.59
N THR E 327 -26.66 -18.63 16.75
CA THR E 327 -26.21 -20.01 16.86
C THR E 327 -27.13 -20.99 16.09
N PHE E 328 -28.44 -20.80 16.24
CA PHE E 328 -29.38 -21.58 15.49
C PHE E 328 -29.26 -21.29 13.99
N SER E 329 -29.25 -20.03 13.62
CA SER E 329 -29.08 -19.65 12.21
C SER E 329 -27.86 -20.36 11.60
N ASN E 330 -26.75 -20.38 12.33
CA ASN E 330 -25.56 -21.06 11.83
C ASN E 330 -25.78 -22.54 11.61
N MET E 331 -26.54 -23.21 12.49
CA MET E 331 -26.90 -24.60 12.27
C MET E 331 -27.74 -24.78 10.99
N TYR E 332 -28.76 -23.94 10.82
CA TYR E 332 -29.60 -24.00 9.63
C TYR E 332 -28.83 -23.67 8.36
N ALA E 333 -27.93 -22.68 8.43
CA ALA E 333 -27.03 -22.28 7.34
C ALA E 333 -27.79 -21.72 6.15
N PRO E 334 -28.50 -20.59 6.35
CA PRO E 334 -29.42 -20.09 5.32
C PRO E 334 -28.72 -19.49 4.15
N GLU E 335 -29.40 -19.53 3.01
CA GLU E 335 -28.92 -18.87 1.82
C GLU E 335 -28.77 -17.36 2.10
N HIS E 336 -29.81 -16.77 2.70
CA HIS E 336 -29.86 -15.35 3.07
C HIS E 336 -30.23 -15.21 4.52
N LEU E 337 -29.59 -14.27 5.18
CA LEU E 337 -29.80 -13.98 6.57
C LEU E 337 -30.09 -12.52 6.70
N ILE E 338 -31.24 -12.18 7.25
CA ILE E 338 -31.56 -10.77 7.54
C ILE E 338 -31.50 -10.63 9.05
N ILE E 339 -30.62 -9.77 9.54
CA ILE E 339 -30.53 -9.53 10.97
C ILE E 339 -31.19 -8.21 11.26
N ASN E 340 -32.43 -8.27 11.70
CA ASN E 340 -33.21 -7.07 12.01
C ASN E 340 -33.28 -6.96 13.53
N VAL E 341 -32.15 -6.58 14.13
CA VAL E 341 -32.05 -6.37 15.56
C VAL E 341 -31.22 -5.13 15.86
N LYS E 342 -31.31 -4.68 17.10
CA LYS E 342 -30.55 -3.53 17.55
C LYS E 342 -29.08 -3.89 17.55
N ASP E 343 -28.28 -3.02 16.94
CA ASP E 343 -26.83 -3.19 16.80
C ASP E 343 -26.50 -4.44 15.98
N ALA E 344 -27.26 -4.68 14.92
CA ALA E 344 -27.09 -5.86 14.09
C ALA E 344 -25.63 -6.03 13.70
N GLU E 345 -25.02 -4.93 13.25
CA GLU E 345 -23.60 -4.93 12.83
C GLU E 345 -22.65 -5.51 13.88
N LYS E 346 -22.93 -5.33 15.16
CA LYS E 346 -22.05 -5.84 16.23
C LYS E 346 -22.00 -7.36 16.37
N TRP E 347 -23.03 -8.04 15.86
CA TRP E 347 -23.11 -9.51 15.87
C TRP E 347 -22.47 -10.19 14.68
N GLU E 348 -21.99 -9.41 13.73
CA GLU E 348 -21.34 -9.91 12.53
C GLU E 348 -20.26 -11.00 12.73
N SER E 349 -19.47 -10.89 13.79
CA SER E 349 -18.41 -11.88 14.07
C SER E 349 -18.92 -13.25 14.53
N PHE E 350 -20.19 -13.34 14.91
CA PHE E 350 -20.81 -14.60 15.27
C PHE E 350 -21.43 -15.33 14.10
N ILE E 351 -21.58 -14.66 12.96
CA ILE E 351 -22.16 -15.29 11.76
C ILE E 351 -21.10 -16.25 11.17
N GLU E 352 -21.46 -17.50 10.99
CA GLU E 352 -20.54 -18.55 10.47
C GLU E 352 -21.00 -19.16 9.17
N ASN E 353 -22.30 -19.46 9.07
CA ASN E 353 -22.87 -20.06 7.85
C ASN E 353 -24.05 -19.21 7.38
N ALA E 354 -23.89 -18.47 6.29
CA ALA E 354 -24.95 -17.68 5.66
C ALA E 354 -24.40 -17.26 4.33
N GLY E 355 -25.18 -17.32 3.26
CA GLY E 355 -24.67 -16.97 1.94
C GLY E 355 -24.46 -15.48 1.79
N SER E 356 -25.46 -14.73 2.14
CA SER E 356 -25.40 -13.28 2.09
C SER E 356 -26.18 -12.73 3.31
N VAL E 357 -25.71 -11.62 3.85
CA VAL E 357 -26.23 -11.10 5.11
C VAL E 357 -26.80 -9.69 4.93
N PHE E 358 -27.98 -9.43 5.50
CA PHE E 358 -28.60 -8.12 5.46
C PHE E 358 -28.74 -7.59 6.87
N LEU E 359 -27.98 -6.55 7.19
CA LEU E 359 -27.92 -6.01 8.56
C LEU E 359 -28.84 -4.79 8.67
N GLY E 360 -29.65 -4.79 9.72
CA GLY E 360 -30.41 -3.62 10.13
C GLY E 360 -31.85 -3.63 9.68
N SER E 361 -32.49 -2.46 9.73
CA SER E 361 -33.90 -2.28 9.42
C SER E 361 -34.22 -1.79 8.03
N TRP E 362 -33.24 -1.20 7.36
CA TRP E 362 -33.42 -0.62 6.02
C TRP E 362 -32.84 -1.45 4.90
N THR E 363 -32.59 -2.71 5.20
CA THR E 363 -31.87 -3.61 4.29
C THR E 363 -32.69 -4.87 4.02
N PRO E 364 -33.74 -4.74 3.21
CA PRO E 364 -34.49 -5.92 2.88
C PRO E 364 -33.64 -6.75 1.92
N GLU E 365 -33.82 -8.06 1.93
CA GLU E 365 -33.11 -8.93 1.02
C GLU E 365 -33.22 -8.43 -0.42
N SER E 366 -34.38 -7.88 -0.78
CA SER E 366 -34.63 -7.37 -2.11
C SER E 366 -33.47 -6.54 -2.73
N VAL E 367 -32.82 -5.70 -1.94
CA VAL E 367 -31.78 -4.82 -2.49
C VAL E 367 -30.60 -5.65 -2.96
N GLY E 368 -30.31 -6.75 -2.24
CA GLY E 368 -29.27 -7.71 -2.61
C GLY E 368 -29.71 -8.58 -3.76
N ASP E 369 -30.97 -8.98 -3.76
CA ASP E 369 -31.53 -9.75 -4.88
C ASP E 369 -31.35 -9.02 -6.21
N TYR E 370 -31.39 -7.69 -6.18
CA TYR E 370 -31.48 -6.84 -7.38
C TYR E 370 -30.29 -5.92 -7.71
N ALA E 371 -29.78 -5.16 -6.75
CA ALA E 371 -28.92 -4.04 -7.10
C ALA E 371 -27.91 -3.46 -6.08
N SER E 372 -27.83 -3.98 -4.85
CA SER E 372 -26.85 -3.48 -3.90
C SER E 372 -25.45 -3.73 -4.43
N GLY E 373 -25.24 -4.83 -5.18
CA GLY E 373 -23.92 -5.16 -5.75
C GLY E 373 -23.42 -6.54 -5.40
N THR E 374 -23.95 -7.10 -4.31
CA THR E 374 -23.61 -8.45 -3.91
C THR E 374 -24.22 -9.44 -4.92
N ASN E 375 -23.80 -10.71 -4.82
CA ASN E 375 -24.25 -11.68 -5.74
C ASN E 375 -25.31 -12.55 -5.15
N HIS E 376 -26.46 -12.63 -5.84
CA HIS E 376 -27.57 -13.41 -5.33
C HIS E 376 -27.53 -14.89 -5.64
N VAL E 377 -26.56 -15.34 -6.43
CA VAL E 377 -26.44 -16.76 -6.73
C VAL E 377 -25.71 -17.36 -5.54
N LEU E 378 -26.48 -17.94 -4.62
CA LEU E 378 -25.99 -18.34 -3.33
C LEU E 378 -26.39 -19.78 -3.00
N PRO E 379 -25.61 -20.49 -2.15
CA PRO E 379 -25.92 -21.87 -1.93
C PRO E 379 -27.14 -22.07 -1.01
N THR E 380 -27.94 -23.07 -1.33
CA THR E 380 -29.13 -23.39 -0.56
C THR E 380 -28.94 -24.78 0.06
N TYR E 381 -29.96 -25.27 0.76
CA TYR E 381 -30.03 -26.61 1.34
C TYR E 381 -29.16 -26.81 2.55
N GLY E 382 -28.45 -25.76 3.00
CA GLY E 382 -27.39 -25.93 3.99
C GLY E 382 -25.99 -25.93 3.41
N TYR E 383 -25.89 -25.83 2.08
CA TYR E 383 -24.59 -25.76 1.40
C TYR E 383 -23.85 -24.47 1.68
N ALA E 384 -24.50 -23.50 2.31
CA ALA E 384 -23.80 -22.36 2.89
C ALA E 384 -22.77 -22.75 3.99
N ARG E 385 -22.80 -23.98 4.49
CA ARG E 385 -21.79 -24.46 5.39
C ARG E 385 -20.39 -24.54 4.75
N MET E 386 -20.34 -24.73 3.44
CA MET E 386 -19.04 -24.86 2.77
C MET E 386 -18.86 -24.19 1.41
N TYR E 387 -19.89 -23.60 0.85
CA TYR E 387 -19.83 -22.95 -0.43
C TYR E 387 -20.07 -21.45 -0.22
N SER E 388 -19.43 -20.65 -1.06
CA SER E 388 -19.65 -19.23 -1.14
C SER E 388 -20.60 -18.98 -2.28
N GLY E 389 -21.34 -17.89 -2.19
CA GLY E 389 -21.99 -17.39 -3.40
C GLY E 389 -21.04 -17.14 -4.56
N VAL E 390 -21.59 -16.92 -5.76
CA VAL E 390 -20.78 -16.59 -6.94
C VAL E 390 -20.01 -15.29 -6.69
N SER E 391 -18.78 -15.27 -7.18
CA SER E 391 -17.87 -14.15 -7.03
C SER E 391 -16.95 -14.13 -8.26
N LEU E 392 -16.06 -13.14 -8.34
CA LEU E 392 -15.10 -13.05 -9.44
C LEU E 392 -14.28 -14.31 -9.54
N ASP E 393 -13.79 -14.81 -8.41
CA ASP E 393 -12.91 -16.00 -8.44
C ASP E 393 -13.62 -17.27 -8.90
N SER E 394 -14.95 -17.31 -8.84
CA SER E 394 -15.71 -18.42 -9.42
C SER E 394 -15.41 -18.64 -10.93
N PHE E 395 -15.04 -17.56 -11.63
CA PHE E 395 -14.70 -17.57 -13.05
C PHE E 395 -13.22 -17.70 -13.39
N LEU E 396 -12.39 -17.88 -12.39
CA LEU E 396 -10.94 -17.89 -12.53
C LEU E 396 -10.36 -19.17 -12.03
N LYS E 397 -9.15 -19.50 -12.52
CA LYS E 397 -8.26 -20.45 -11.90
C LYS E 397 -7.00 -19.71 -11.52
N TYR E 398 -6.41 -20.07 -10.39
CA TYR E 398 -5.17 -19.46 -9.97
C TYR E 398 -4.10 -20.52 -10.22
N ILE E 399 -3.26 -20.30 -11.22
CA ILE E 399 -2.18 -21.20 -11.58
C ILE E 399 -0.98 -20.76 -10.75
N THR E 400 -0.39 -21.67 -9.97
CA THR E 400 0.82 -21.39 -9.24
C THR E 400 2.03 -21.59 -10.14
N VAL E 401 3.03 -20.73 -9.97
CA VAL E 401 4.19 -20.69 -10.85
C VAL E 401 5.42 -20.58 -9.98
N GLN E 402 6.43 -21.40 -10.24
CA GLN E 402 7.70 -21.26 -9.51
C GLN E 402 8.91 -21.31 -10.44
N SER E 403 9.96 -20.63 -9.97
CA SER E 403 11.17 -20.53 -10.72
C SER E 403 12.31 -20.47 -9.72
N LEU E 404 13.30 -21.35 -9.88
CA LEU E 404 14.47 -21.36 -9.02
C LEU E 404 15.69 -20.97 -9.81
N THR E 405 16.52 -20.13 -9.21
CA THR E 405 17.90 -19.95 -9.66
C THR E 405 18.75 -21.14 -9.20
N GLU E 406 19.94 -21.28 -9.77
CA GLU E 406 20.94 -22.25 -9.27
C GLU E 406 21.17 -22.15 -7.76
N GLU E 407 21.38 -20.92 -7.30
CA GLU E 407 21.57 -20.64 -5.88
C GLU E 407 20.35 -21.21 -5.14
N GLY E 408 19.14 -20.88 -5.62
CA GLY E 408 17.93 -21.34 -5.00
C GLY E 408 17.83 -22.85 -4.88
N LEU E 409 18.16 -23.56 -5.96
CA LEU E 409 18.17 -25.02 -5.92
C LEU E 409 19.25 -25.58 -5.03
N ARG E 410 20.34 -24.85 -4.90
CA ARG E 410 21.40 -25.22 -4.01
C ARG E 410 20.94 -25.18 -2.57
N LYS E 411 20.26 -24.10 -2.22
CA LYS E 411 19.64 -23.92 -0.89
C LYS E 411 18.52 -24.90 -0.54
N LEU E 412 17.55 -25.07 -1.45
CA LEU E 412 16.31 -25.83 -1.17
C LEU E 412 16.43 -27.31 -1.49
N GLY E 413 17.23 -27.63 -2.51
CA GLY E 413 17.35 -28.98 -3.05
C GLY E 413 17.62 -30.10 -2.06
N PRO E 414 18.65 -29.93 -1.18
CA PRO E 414 18.96 -30.96 -0.17
C PRO E 414 17.80 -31.33 0.75
N TYR E 415 17.01 -30.34 1.19
CA TYR E 415 15.81 -30.60 1.97
C TYR E 415 14.78 -31.44 1.19
N VAL E 416 14.56 -31.05 -0.07
CA VAL E 416 13.69 -31.79 -0.98
C VAL E 416 14.16 -33.25 -1.12
N GLU E 417 15.47 -33.42 -1.24
CA GLU E 417 16.06 -34.78 -1.33
C GLU E 417 15.75 -35.62 -0.07
N THR E 418 15.99 -35.05 1.11
CA THR E 418 15.67 -35.69 2.39
C THR E 418 14.19 -36.11 2.43
N MET E 419 13.28 -35.18 2.06
CA MET E 419 11.85 -35.47 2.12
C MET E 419 11.46 -36.56 1.12
N ALA E 420 12.02 -36.50 -0.09
CA ALA E 420 11.82 -37.59 -1.06
C ALA E 420 12.30 -38.94 -0.56
N GLU E 421 13.45 -38.96 0.11
CA GLU E 421 13.92 -40.19 0.76
C GLU E 421 12.88 -40.72 1.73
N VAL E 422 12.40 -39.87 2.63
CA VAL E 422 11.37 -40.28 3.63
C VAL E 422 10.16 -40.91 2.95
N GLU E 423 9.70 -40.32 1.86
CA GLU E 423 8.53 -40.84 1.12
C GLU E 423 8.82 -42.07 0.23
N GLY E 424 10.08 -42.50 0.14
CA GLY E 424 10.45 -43.63 -0.66
C GLY E 424 10.34 -43.39 -2.15
N LEU E 425 10.65 -42.16 -2.56
CA LEU E 425 10.43 -41.72 -3.96
C LEU E 425 11.75 -41.22 -4.56
N GLU E 426 12.54 -42.18 -5.03
CA GLU E 426 13.92 -41.95 -5.43
C GLU E 426 14.02 -41.07 -6.69
N ALA E 427 13.14 -41.29 -7.69
CA ALA E 427 13.14 -40.46 -8.91
C ALA E 427 12.90 -38.98 -8.59
N HIS E 428 12.02 -38.68 -7.64
CA HIS E 428 11.84 -37.30 -7.16
C HIS E 428 13.17 -36.71 -6.64
N LYS E 429 13.90 -37.50 -5.84
CA LYS E 429 15.22 -37.08 -5.36
C LYS E 429 16.24 -36.87 -6.48
N ARG E 430 16.26 -37.79 -7.44
CA ARG E 430 17.25 -37.77 -8.49
C ARG E 430 17.12 -36.56 -9.41
N ALA E 431 15.90 -36.09 -9.64
CA ALA E 431 15.70 -34.92 -10.46
C ALA E 431 16.35 -33.68 -9.86
N VAL E 432 16.52 -33.67 -8.55
CA VAL E 432 17.27 -32.61 -7.87
C VAL E 432 18.78 -32.95 -7.91
N THR E 433 19.12 -34.16 -7.50
CA THR E 433 20.51 -34.60 -7.37
C THR E 433 21.29 -34.41 -8.68
N LEU E 434 20.73 -34.94 -9.75
CA LEU E 434 21.30 -34.81 -11.09
C LEU E 434 21.66 -33.36 -11.48
N ARG E 435 20.79 -32.42 -11.13
CA ARG E 435 21.02 -31.00 -11.40
C ARG E 435 22.13 -30.44 -10.51
N LEU E 436 22.12 -30.79 -9.23
CA LEU E 436 23.15 -30.31 -8.30
C LEU E 436 24.54 -30.86 -8.61
N GLN E 437 24.64 -32.10 -9.08
CA GLN E 437 25.91 -32.65 -9.56
C GLN E 437 26.45 -31.88 -10.77
N ASP E 438 25.57 -31.54 -11.70
CA ASP E 438 25.90 -30.71 -12.87
C ASP E 438 26.41 -29.33 -12.52
N ILE E 439 25.80 -28.72 -11.50
CA ILE E 439 26.26 -27.45 -10.94
C ILE E 439 27.66 -27.64 -10.32
N GLU E 440 27.84 -28.75 -9.60
CA GLU E 440 29.12 -29.08 -8.93
C GLU E 440 30.30 -29.18 -9.90
N ALA E 441 30.06 -29.76 -11.09
CA ALA E 441 31.12 -29.83 -12.12
C ALA E 441 31.42 -28.47 -12.81
N PRO F 10 10.23 -48.22 -25.91
CA PRO F 10 10.30 -46.79 -26.27
C PRO F 10 8.93 -46.08 -26.23
N ILE F 11 8.93 -44.86 -25.71
CA ILE F 11 7.75 -44.02 -25.56
C ILE F 11 7.16 -43.68 -26.94
N LYS F 12 5.86 -43.91 -27.08
CA LYS F 12 5.09 -43.60 -28.30
C LYS F 12 5.33 -42.14 -28.75
N THR F 13 5.39 -41.89 -30.06
CA THR F 13 5.69 -40.54 -30.57
C THR F 13 4.63 -40.07 -31.55
N TYR F 14 4.39 -38.77 -31.58
CA TYR F 14 3.43 -38.16 -32.49
C TYR F 14 4.05 -36.90 -33.08
N HIS F 15 3.52 -36.47 -34.22
CA HIS F 15 3.86 -35.17 -34.84
C HIS F 15 2.55 -34.46 -35.04
N LEU F 16 2.45 -33.23 -34.58
CA LEU F 16 1.17 -32.59 -34.61
C LEU F 16 0.60 -32.41 -35.97
N SER F 17 1.42 -31.98 -36.92
CA SER F 17 0.94 -31.77 -38.30
C SER F 17 0.27 -33.01 -38.90
N ASN F 18 0.79 -34.18 -38.56
CA ASN F 18 0.22 -35.44 -39.04
C ASN F 18 -1.18 -35.88 -38.55
N LEU F 19 -1.75 -35.16 -37.59
CA LEU F 19 -2.93 -35.65 -36.85
C LEU F 19 -4.22 -35.00 -37.28
N THR F 20 -5.27 -35.82 -37.36
CA THR F 20 -6.64 -35.34 -37.55
C THR F 20 -7.11 -34.72 -36.25
N GLN F 21 -8.13 -33.88 -36.32
CA GLN F 21 -8.77 -33.34 -35.12
C GLN F 21 -9.12 -34.43 -34.10
N THR F 22 -9.65 -35.54 -34.59
CA THR F 22 -10.05 -36.66 -33.74
C THR F 22 -8.86 -37.30 -33.03
N GLU F 23 -7.74 -37.45 -33.74
CA GLU F 23 -6.53 -38.05 -33.15
C GLU F 23 -5.93 -37.16 -32.09
N LEU F 24 -5.89 -35.86 -32.42
CA LEU F 24 -5.42 -34.80 -31.51
C LEU F 24 -6.22 -34.76 -30.22
N LEU F 25 -7.54 -34.64 -30.32
CA LEU F 25 -8.40 -34.65 -29.14
C LEU F 25 -8.31 -35.93 -28.30
N SER F 26 -7.96 -37.05 -28.90
CA SER F 26 -7.82 -38.30 -28.16
C SER F 26 -6.58 -38.28 -27.27
N LEU F 27 -5.60 -37.40 -27.57
CA LEU F 27 -4.42 -37.22 -26.71
C LEU F 27 -4.70 -36.57 -25.36
N LYS F 28 -5.89 -35.98 -25.20
CA LYS F 28 -6.33 -35.48 -23.88
C LYS F 28 -6.66 -36.60 -22.91
N SER F 29 -6.90 -37.81 -23.40
CA SER F 29 -7.40 -38.85 -22.54
C SER F 29 -6.29 -39.40 -21.63
N ARG F 30 -6.70 -39.77 -20.42
CA ARG F 30 -5.83 -40.31 -19.39
C ARG F 30 -6.05 -41.81 -19.25
N PRO F 31 -5.06 -42.52 -18.68
CA PRO F 31 -5.23 -43.95 -18.39
C PRO F 31 -6.22 -44.32 -17.32
N ARG F 32 -6.83 -43.35 -16.66
CA ARG F 32 -7.79 -43.62 -15.60
C ARG F 32 -9.08 -44.19 -16.20
N ILE F 33 -9.64 -45.13 -15.46
CA ILE F 33 -10.92 -45.75 -15.75
C ILE F 33 -12.06 -44.71 -15.77
N ASP F 34 -13.06 -44.91 -16.63
CA ASP F 34 -14.22 -44.03 -16.65
C ASP F 34 -14.92 -44.01 -15.29
N PHE F 35 -15.57 -42.91 -14.98
CA PHE F 35 -16.02 -42.64 -13.60
C PHE F 35 -17.09 -43.62 -13.11
N SER F 36 -18.07 -43.94 -13.98
CA SER F 36 -19.14 -44.87 -13.57
C SER F 36 -18.58 -46.25 -13.17
N SER F 37 -17.55 -46.75 -13.85
CA SER F 37 -16.90 -48.00 -13.47
C SER F 37 -16.28 -47.95 -12.09
N VAL F 38 -15.60 -46.86 -11.79
CA VAL F 38 -14.97 -46.71 -10.45
C VAL F 38 -16.07 -46.50 -9.38
N PHE F 39 -17.13 -45.81 -9.77
CA PHE F 39 -18.28 -45.61 -8.89
C PHE F 39 -18.93 -46.95 -8.51
N ASP F 40 -19.05 -47.86 -9.49
CA ASP F 40 -19.60 -49.19 -9.25
C ASP F 40 -18.80 -49.93 -8.18
N ILE F 41 -17.47 -49.85 -8.29
CA ILE F 41 -16.56 -50.45 -7.27
C ILE F 41 -16.68 -49.81 -5.88
N VAL F 42 -16.78 -48.48 -5.86
CA VAL F 42 -16.60 -47.67 -4.65
C VAL F 42 -17.90 -47.45 -3.84
N ASN F 43 -19.02 -47.27 -4.54
CA ASN F 43 -20.36 -47.15 -3.92
C ASN F 43 -20.75 -48.08 -2.81
N PRO F 44 -20.59 -49.41 -3.04
CA PRO F 44 -20.89 -50.33 -1.95
C PRO F 44 -20.05 -50.12 -0.70
N ILE F 45 -18.80 -49.67 -0.86
CA ILE F 45 -17.93 -49.40 0.31
C ILE F 45 -18.44 -48.15 1.07
N VAL F 46 -18.86 -47.15 0.31
CA VAL F 46 -19.36 -45.90 0.87
C VAL F 46 -20.65 -46.13 1.64
N ASP F 47 -21.60 -46.82 1.00
CA ASP F 47 -22.91 -47.09 1.61
C ASP F 47 -22.79 -47.95 2.85
N ASP F 48 -21.86 -48.89 2.79
CA ASP F 48 -21.59 -49.79 3.88
C ASP F 48 -21.02 -49.03 5.11
N VAL F 49 -20.09 -48.11 4.88
CA VAL F 49 -19.59 -47.22 5.97
C VAL F 49 -20.67 -46.25 6.45
N HIS F 50 -21.51 -45.78 5.53
CA HIS F 50 -22.63 -44.93 5.90
C HIS F 50 -23.50 -45.67 6.89
N ALA F 51 -23.98 -46.85 6.48
CA ALA F 51 -24.90 -47.67 7.30
C ALA F 51 -24.28 -48.29 8.56
N HIS F 52 -23.03 -48.77 8.50
CA HIS F 52 -22.44 -49.58 9.57
C HIS F 52 -21.23 -49.01 10.34
N GLY F 53 -20.77 -47.82 9.96
CA GLY F 53 -19.78 -47.07 10.77
C GLY F 53 -18.41 -47.71 10.93
N ASP F 54 -17.81 -47.49 12.09
CA ASP F 54 -16.42 -47.92 12.38
C ASP F 54 -16.13 -49.40 12.06
N ALA F 55 -17.12 -50.25 12.35
CA ALA F 55 -17.06 -51.68 12.04
C ALA F 55 -16.76 -51.94 10.56
N ALA F 56 -17.47 -51.22 9.70
CA ALA F 56 -17.26 -51.34 8.26
C ALA F 56 -15.90 -50.82 7.84
N VAL F 57 -15.45 -49.74 8.47
CA VAL F 57 -14.15 -49.12 8.12
C VAL F 57 -13.04 -50.12 8.45
N LYS F 58 -13.10 -50.69 9.65
CA LYS F 58 -12.16 -51.74 10.11
C LYS F 58 -12.06 -52.93 9.19
N GLN F 59 -13.20 -53.39 8.71
CA GLN F 59 -13.23 -54.50 7.74
C GLN F 59 -12.48 -54.19 6.47
N TYR F 60 -12.71 -53.01 5.92
CA TYR F 60 -12.06 -52.63 4.66
C TYR F 60 -10.58 -52.34 4.85
N THR F 61 -10.21 -51.83 6.03
CA THR F 61 -8.80 -51.66 6.35
C THR F 61 -8.10 -53.06 6.43
N SER F 62 -8.72 -54.02 7.13
CA SER F 62 -8.24 -55.40 7.14
C SER F 62 -8.14 -55.95 5.72
N LYS F 63 -9.20 -55.79 4.93
CA LYS F 63 -9.25 -56.32 3.57
C LYS F 63 -8.16 -55.76 2.66
N PHE F 64 -8.07 -54.44 2.55
CA PHE F 64 -7.15 -53.78 1.58
C PHE F 64 -5.75 -53.52 2.16
N ASP F 65 -5.70 -53.02 3.39
CA ASP F 65 -4.44 -52.60 4.01
C ASP F 65 -3.75 -53.71 4.81
N LYS F 66 -4.47 -54.79 5.10
CA LYS F 66 -3.93 -55.95 5.79
C LYS F 66 -3.43 -55.54 7.16
N VAL F 67 -4.30 -54.82 7.85
CA VAL F 67 -4.04 -54.31 9.19
C VAL F 67 -5.35 -54.44 9.99
N ASP F 68 -5.25 -54.97 11.21
CA ASP F 68 -6.41 -55.07 12.11
C ASP F 68 -6.19 -54.03 13.19
N LEU F 69 -7.18 -53.17 13.35
CA LEU F 69 -7.15 -52.12 14.32
C LEU F 69 -8.42 -52.03 15.11
N GLU F 70 -8.30 -51.55 16.31
CA GLU F 70 -9.48 -51.28 17.11
C GLU F 70 -9.75 -49.76 17.28
N ASN F 71 -8.69 -48.95 17.38
CA ASN F 71 -8.80 -47.50 17.50
C ASN F 71 -8.47 -46.82 16.18
N ILE F 72 -9.50 -46.56 15.38
CA ILE F 72 -9.32 -45.88 14.09
C ILE F 72 -9.22 -44.35 14.18
N VAL F 73 -9.64 -43.77 15.31
CA VAL F 73 -9.59 -42.31 15.51
C VAL F 73 -8.91 -41.90 16.82
N GLU F 74 -7.81 -41.18 16.63
CA GLU F 74 -6.95 -40.64 17.67
C GLU F 74 -6.97 -39.15 17.69
N LEU F 75 -7.09 -38.60 18.88
CA LEU F 75 -7.06 -37.19 19.05
C LEU F 75 -5.60 -36.88 19.01
N VAL F 76 -5.23 -35.94 18.19
CA VAL F 76 -3.86 -35.57 18.06
C VAL F 76 -3.27 -35.05 19.36
N SER F 77 -4.01 -34.30 20.15
CA SER F 77 -3.51 -33.80 21.42
C SER F 77 -3.14 -34.90 22.45
N ASP F 78 -3.75 -36.09 22.33
CA ASP F 78 -3.42 -37.26 23.16
C ASP F 78 -2.09 -37.92 22.77
N LEU F 79 -1.73 -37.89 21.50
CA LEU F 79 -0.59 -38.61 21.03
C LEU F 79 0.72 -37.84 21.33
N PRO F 80 1.81 -38.56 21.68
CA PRO F 80 3.08 -37.89 21.96
C PRO F 80 3.78 -37.35 20.70
N ASP F 81 4.48 -36.21 20.87
CA ASP F 81 5.34 -35.63 19.83
C ASP F 81 6.32 -36.67 19.36
N PRO F 82 6.29 -37.02 18.06
CA PRO F 82 7.18 -38.09 17.62
C PRO F 82 8.60 -37.58 17.47
N VAL F 83 9.56 -38.49 17.49
CA VAL F 83 10.99 -38.14 17.43
C VAL F 83 11.52 -38.50 16.05
N LEU F 84 12.16 -37.52 15.44
CA LEU F 84 12.55 -37.56 14.04
C LEU F 84 14.06 -37.40 13.96
N ASP F 85 14.70 -38.07 13.00
CA ASP F 85 16.08 -37.73 12.61
C ASP F 85 16.11 -36.20 12.41
N PRO F 86 17.02 -35.48 13.09
CA PRO F 86 17.00 -34.01 13.00
C PRO F 86 17.19 -33.42 11.59
N ALA F 87 17.80 -34.16 10.65
CA ALA F 87 17.84 -33.69 9.25
C ALA F 87 16.44 -33.74 8.61
N ILE F 88 15.69 -34.79 8.92
CA ILE F 88 14.31 -34.95 8.47
C ILE F 88 13.46 -33.85 9.07
N LYS F 89 13.60 -33.62 10.37
CA LYS F 89 12.84 -32.55 11.04
C LYS F 89 13.14 -31.18 10.44
N GLU F 90 14.42 -30.91 10.21
CA GLU F 90 14.81 -29.65 9.62
C GLU F 90 14.13 -29.45 8.24
N ALA F 91 14.14 -30.50 7.42
CA ALA F 91 13.58 -30.44 6.06
C ALA F 91 12.06 -30.15 6.05
N PHE F 92 11.31 -30.91 6.85
CA PHE F 92 9.88 -30.68 6.99
C PHE F 92 9.58 -29.31 7.57
N ASP F 93 10.44 -28.79 8.44
CA ASP F 93 10.25 -27.42 8.95
C ASP F 93 10.47 -26.35 7.88
N VAL F 94 11.46 -26.54 7.01
CA VAL F 94 11.66 -25.64 5.86
C VAL F 94 10.42 -25.62 4.98
N ALA F 95 9.92 -26.83 4.68
CA ALA F 95 8.70 -27.01 3.89
C ALA F 95 7.50 -26.29 4.55
N TYR F 96 7.27 -26.57 5.84
CA TYR F 96 6.19 -25.94 6.58
C TYR F 96 6.30 -24.43 6.46
N SER F 97 7.51 -23.94 6.65
CA SER F 97 7.79 -22.52 6.61
C SER F 97 7.47 -21.88 5.25
N ASN F 98 7.94 -22.50 4.17
CA ASN F 98 7.69 -22.02 2.81
C ASN F 98 6.22 -22.09 2.40
N ILE F 99 5.57 -23.19 2.75
CA ILE F 99 4.14 -23.40 2.44
C ILE F 99 3.31 -22.39 3.26
N TYR F 100 3.62 -22.23 4.56
CA TYR F 100 2.92 -21.30 5.40
C TYR F 100 2.99 -19.90 4.80
N ALA F 101 4.19 -19.49 4.43
CA ALA F 101 4.42 -18.16 3.88
C ALA F 101 3.65 -17.91 2.61
N PHE F 102 3.69 -18.88 1.68
CA PHE F 102 3.00 -18.73 0.40
C PHE F 102 1.47 -18.64 0.57
N HIS F 103 0.93 -19.40 1.52
CA HIS F 103 -0.49 -19.42 1.76
C HIS F 103 -0.96 -18.28 2.61
N ALA F 104 -0.15 -17.86 3.58
CA ALA F 104 -0.51 -16.70 4.44
C ALA F 104 -0.59 -15.45 3.62
N ALA F 105 0.29 -15.35 2.62
CA ALA F 105 0.29 -14.26 1.63
C ALA F 105 -1.01 -14.10 0.83
N GLN F 106 -1.86 -15.13 0.82
CA GLN F 106 -3.13 -15.08 0.11
C GLN F 106 -4.27 -14.43 0.89
N LYS F 107 -4.06 -14.01 2.14
CA LYS F 107 -5.12 -13.33 2.90
C LYS F 107 -5.51 -12.03 2.22
N SER F 108 -6.80 -11.90 1.89
CA SER F 108 -7.31 -10.68 1.26
C SER F 108 -7.84 -9.74 2.33
N PRO F 109 -7.38 -8.47 2.33
CA PRO F 109 -7.93 -7.52 3.30
C PRO F 109 -9.36 -7.19 2.89
N GLU F 110 -10.29 -7.18 3.86
CA GLU F 110 -11.73 -7.09 3.59
C GLU F 110 -12.19 -5.64 3.44
N LYS F 111 -11.99 -5.09 2.25
CA LYS F 111 -12.38 -3.72 1.96
C LYS F 111 -13.91 -3.56 1.76
N SER F 112 -14.48 -2.57 2.45
CA SER F 112 -15.85 -2.13 2.20
C SER F 112 -15.98 -1.42 0.84
N VAL F 113 -17.09 -1.65 0.15
CA VAL F 113 -17.39 -1.02 -1.14
C VAL F 113 -18.61 -0.12 -0.96
N GLU F 114 -18.49 1.17 -1.29
CA GLU F 114 -19.61 2.12 -1.19
C GLU F 114 -19.72 3.01 -2.45
N ASN F 115 -20.28 2.44 -3.50
CA ASN F 115 -20.42 3.05 -4.84
C ASN F 115 -21.61 4.01 -4.88
N MET F 116 -22.65 3.74 -4.08
CA MET F 116 -23.70 4.72 -3.79
C MET F 116 -23.60 5.08 -2.33
N LYS F 117 -23.91 6.33 -2.00
CA LYS F 117 -23.89 6.75 -0.60
C LYS F 117 -24.99 6.04 0.17
N GLY F 118 -24.61 5.48 1.32
CA GLY F 118 -25.52 4.71 2.15
C GLY F 118 -25.88 3.31 1.68
N VAL F 119 -25.12 2.79 0.72
CA VAL F 119 -25.24 1.41 0.29
C VAL F 119 -23.87 0.79 0.52
N GLN F 120 -23.69 0.18 1.68
CA GLN F 120 -22.44 -0.47 2.04
C GLN F 120 -22.49 -1.94 1.80
N CYS F 121 -21.54 -2.44 1.05
CA CYS F 121 -21.40 -3.87 0.79
C CYS F 121 -19.99 -4.36 1.05
N LYS F 122 -19.89 -5.61 1.43
CA LYS F 122 -18.63 -6.14 1.92
C LYS F 122 -18.62 -7.65 1.77
N ARG F 123 -17.44 -8.20 1.84
CA ARG F 123 -17.22 -9.62 1.92
C ARG F 123 -16.48 -9.92 3.19
N VAL F 124 -16.86 -10.97 3.91
CA VAL F 124 -16.06 -11.42 5.06
C VAL F 124 -15.76 -12.89 4.91
N ALA F 125 -14.54 -13.26 5.33
CA ALA F 125 -14.08 -14.65 5.23
C ALA F 125 -14.45 -15.36 6.51
N ARG F 126 -14.96 -16.57 6.36
CA ARG F 126 -15.22 -17.46 7.46
C ARG F 126 -14.66 -18.81 7.04
N SER F 127 -13.98 -19.46 7.96
CA SER F 127 -13.39 -20.76 7.72
C SER F 127 -14.49 -21.79 7.74
N ILE F 128 -14.30 -22.85 6.99
CA ILE F 128 -15.18 -23.97 7.02
C ILE F 128 -14.91 -24.62 8.35
N ASN F 129 -15.96 -24.90 9.11
CA ASN F 129 -15.84 -25.35 10.48
C ASN F 129 -15.15 -26.68 10.67
N SER F 130 -15.45 -27.64 9.81
CA SER F 130 -14.77 -28.92 9.83
C SER F 130 -14.37 -29.43 8.50
N VAL F 131 -13.14 -29.92 8.41
CA VAL F 131 -12.57 -30.32 7.14
C VAL F 131 -11.88 -31.66 7.33
N GLY F 132 -11.92 -32.48 6.31
CA GLY F 132 -11.24 -33.76 6.28
C GLY F 132 -10.18 -33.72 5.21
N LEU F 133 -8.98 -34.18 5.57
CA LEU F 133 -7.79 -34.07 4.71
C LEU F 133 -7.28 -35.46 4.45
N TYR F 134 -7.37 -35.92 3.21
CA TYR F 134 -6.90 -37.26 2.89
C TYR F 134 -5.43 -37.22 2.53
N VAL F 135 -4.62 -37.96 3.29
CA VAL F 135 -3.17 -38.08 3.04
C VAL F 135 -2.86 -39.49 2.55
N PRO F 136 -2.44 -39.63 1.28
CA PRO F 136 -2.18 -40.98 0.74
C PRO F 136 -1.13 -41.81 1.47
N GLY F 137 -1.41 -43.11 1.58
CA GLY F 137 -0.46 -44.10 2.14
C GLY F 137 -0.54 -45.48 1.53
N GLY F 138 -0.91 -45.57 0.25
CA GLY F 138 -1.10 -46.87 -0.40
C GLY F 138 0.20 -47.51 -0.81
N THR F 139 0.73 -47.11 -1.96
CA THR F 139 2.01 -47.58 -2.48
C THR F 139 3.18 -46.75 -1.97
N ALA F 140 2.87 -45.63 -1.32
CA ALA F 140 3.87 -44.76 -0.72
C ALA F 140 3.17 -43.80 0.23
N VAL F 141 3.86 -43.44 1.29
CA VAL F 141 3.33 -42.61 2.34
C VAL F 141 3.82 -41.16 2.13
N LEU F 142 2.88 -40.21 2.14
CA LEU F 142 3.09 -38.85 1.67
C LEU F 142 2.88 -37.76 2.72
N PRO F 143 3.80 -37.63 3.69
CA PRO F 143 3.70 -36.50 4.63
C PRO F 143 3.73 -35.10 3.99
N SER F 144 4.33 -34.97 2.80
CA SER F 144 4.29 -33.71 2.09
C SER F 144 2.83 -33.22 1.97
N THR F 145 1.96 -34.11 1.53
CA THR F 145 0.54 -33.85 1.41
C THR F 145 -0.10 -33.36 2.70
N ALA F 146 0.30 -33.91 3.83
CA ALA F 146 -0.20 -33.44 5.12
C ALA F 146 0.09 -31.97 5.31
N LEU F 147 1.29 -31.52 4.93
CA LEU F 147 1.61 -30.09 4.98
C LEU F 147 0.81 -29.30 3.98
N MET F 148 0.67 -29.80 2.75
CA MET F 148 -0.07 -29.11 1.73
C MET F 148 -1.53 -28.80 2.13
N LEU F 149 -2.17 -29.73 2.84
CA LEU F 149 -3.56 -29.62 3.23
C LEU F 149 -3.73 -28.98 4.60
N ALA F 150 -2.92 -29.42 5.57
CA ALA F 150 -3.12 -28.92 6.94
C ALA F 150 -2.68 -27.49 7.15
N VAL F 151 -1.63 -27.06 6.46
CA VAL F 151 -1.12 -25.72 6.65
C VAL F 151 -2.17 -24.64 6.32
N PRO F 152 -2.71 -24.64 5.10
CA PRO F 152 -3.77 -23.66 4.82
C PRO F 152 -5.00 -23.81 5.71
N ALA F 153 -5.34 -25.03 6.14
CA ALA F 153 -6.42 -25.24 7.08
C ALA F 153 -6.13 -24.51 8.40
N GLN F 154 -4.89 -24.62 8.87
CA GLN F 154 -4.45 -23.93 10.07
C GLN F 154 -4.55 -22.44 9.93
N ILE F 155 -4.07 -21.91 8.80
CA ILE F 155 -4.16 -20.46 8.54
C ILE F 155 -5.62 -20.00 8.50
N ALA F 156 -6.47 -20.78 7.84
CA ALA F 156 -7.89 -20.48 7.74
C ALA F 156 -8.54 -20.41 9.10
N GLY F 157 -8.08 -21.25 10.03
CA GLY F 157 -8.62 -21.35 11.38
C GLY F 157 -9.72 -22.38 11.51
N CYS F 158 -9.84 -23.32 10.57
CA CYS F 158 -10.74 -24.47 10.71
C CYS F 158 -10.67 -25.11 12.12
N LYS F 159 -11.82 -25.23 12.77
CA LYS F 159 -11.97 -25.67 14.16
C LYS F 159 -11.75 -27.21 14.35
N THR F 160 -12.34 -28.02 13.49
CA THR F 160 -12.09 -29.44 13.43
C THR F 160 -11.35 -29.77 12.12
N ILE F 161 -10.22 -30.44 12.24
CA ILE F 161 -9.41 -30.85 11.11
C ILE F 161 -9.11 -32.34 11.31
N VAL F 162 -9.78 -33.19 10.52
CA VAL F 162 -9.56 -34.62 10.54
C VAL F 162 -8.63 -34.93 9.40
N LEU F 163 -7.52 -35.60 9.70
CA LEU F 163 -6.56 -36.01 8.69
C LEU F 163 -6.66 -37.54 8.57
N ALA F 164 -6.99 -38.04 7.38
CA ALA F 164 -7.10 -39.49 7.14
C ALA F 164 -5.82 -40.03 6.50
N ASN F 165 -5.35 -41.15 7.01
CA ASN F 165 -4.12 -41.75 6.53
C ASN F 165 -4.16 -43.26 6.83
N PRO F 166 -4.08 -44.09 5.78
CA PRO F 166 -4.13 -45.52 6.02
C PRO F 166 -2.85 -45.97 6.75
N PRO F 167 -2.99 -46.84 7.75
CA PRO F 167 -1.84 -47.22 8.58
C PRO F 167 -0.82 -48.14 7.87
N THR F 168 0.37 -48.18 8.46
CA THR F 168 1.41 -49.14 8.11
C THR F 168 1.08 -50.53 8.68
N ARG F 169 1.76 -51.54 8.14
CA ARG F 169 1.43 -52.96 8.34
C ARG F 169 1.36 -53.36 9.81
N ASP F 170 2.18 -52.72 10.64
CA ASP F 170 2.20 -52.93 12.09
C ASP F 170 1.19 -52.06 12.88
N GLY F 171 0.21 -51.48 12.18
CA GLY F 171 -0.84 -50.66 12.79
C GLY F 171 -0.47 -49.22 13.13
N THR F 172 0.71 -48.75 12.68
CA THR F 172 1.21 -47.40 13.07
C THR F 172 0.98 -46.38 11.96
N THR F 173 0.74 -45.16 12.40
CA THR F 173 0.79 -43.98 11.55
C THR F 173 2.23 -43.57 11.36
N CYS F 174 2.61 -43.36 10.10
CA CYS F 174 3.92 -42.80 9.74
C CYS F 174 4.25 -41.59 10.64
N LYS F 175 5.43 -41.59 11.24
CA LYS F 175 5.76 -40.58 12.26
C LYS F 175 6.01 -39.19 11.66
N GLU F 176 6.44 -39.12 10.41
CA GLU F 176 6.56 -37.86 9.72
C GLU F 176 5.18 -37.24 9.40
N VAL F 177 4.20 -38.07 9.07
CA VAL F 177 2.80 -37.62 8.94
C VAL F 177 2.31 -37.03 10.24
N LEU F 178 2.63 -37.68 11.35
CA LEU F 178 2.17 -37.20 12.66
C LEU F 178 2.90 -35.91 13.06
N TYR F 179 4.17 -35.80 12.67
CA TYR F 179 4.93 -34.59 12.94
C TYR F 179 4.25 -33.40 12.29
N CYS F 180 3.93 -33.53 11.01
CA CYS F 180 3.33 -32.44 10.24
C CYS F 180 1.93 -32.09 10.74
N ALA F 181 1.15 -33.10 11.07
CA ALA F 181 -0.18 -32.93 11.60
C ALA F 181 -0.16 -32.09 12.88
N LYS F 182 0.76 -32.41 13.77
CA LYS F 182 0.91 -31.66 15.01
C LYS F 182 1.35 -30.25 14.76
N LYS F 183 2.29 -30.09 13.87
CA LYS F 183 2.79 -28.76 13.54
C LYS F 183 1.72 -27.84 12.91
N ALA F 184 0.85 -28.43 12.10
CA ALA F 184 -0.22 -27.68 11.42
C ALA F 184 -1.55 -27.67 12.19
N GLY F 185 -1.60 -28.24 13.40
CA GLY F 185 -2.80 -28.14 14.26
C GLY F 185 -3.96 -29.06 13.92
N VAL F 186 -3.66 -30.23 13.33
CA VAL F 186 -4.69 -31.22 13.04
C VAL F 186 -5.27 -31.70 14.36
N THR F 187 -6.60 -31.80 14.45
CA THR F 187 -7.27 -32.15 15.71
C THR F 187 -7.47 -33.65 15.83
N HIS F 188 -7.87 -34.31 14.75
CA HIS F 188 -8.18 -35.74 14.76
C HIS F 188 -7.40 -36.47 13.67
N LEU F 189 -6.98 -37.69 13.98
CA LEU F 189 -6.29 -38.53 13.02
C LEU F 189 -7.15 -39.76 12.77
N LEU F 190 -7.50 -40.01 11.50
CA LEU F 190 -8.30 -41.16 11.11
C LEU F 190 -7.35 -42.16 10.47
N LYS F 191 -7.15 -43.27 11.17
CA LYS F 191 -6.18 -44.30 10.74
C LYS F 191 -6.89 -45.22 9.76
N ALA F 192 -7.13 -44.70 8.57
CA ALA F 192 -7.89 -45.40 7.53
C ALA F 192 -7.63 -44.77 6.18
N GLY F 193 -7.89 -45.52 5.12
CA GLY F 193 -7.63 -45.05 3.77
C GLY F 193 -8.80 -45.29 2.84
N GLY F 194 -8.57 -45.01 1.57
CA GLY F 194 -9.52 -45.30 0.51
C GLY F 194 -10.91 -44.69 0.66
N ALA F 195 -11.85 -45.27 -0.08
CA ALA F 195 -13.25 -44.87 -0.07
C ALA F 195 -13.91 -45.03 1.30
N GLN F 196 -13.42 -45.98 2.11
CA GLN F 196 -13.94 -46.15 3.46
C GLN F 196 -13.57 -44.98 4.39
N ALA F 197 -12.43 -44.35 4.13
CA ALA F 197 -11.99 -43.18 4.89
C ALA F 197 -12.80 -41.96 4.48
N ILE F 198 -12.92 -41.78 3.17
CA ILE F 198 -13.69 -40.67 2.60
C ILE F 198 -15.12 -40.70 3.13
N SER F 199 -15.75 -41.87 3.10
CA SER F 199 -17.11 -42.03 3.61
C SER F 199 -17.24 -41.81 5.12
N ALA F 200 -16.24 -42.21 5.85
CA ALA F 200 -16.23 -42.00 7.30
C ALA F 200 -16.26 -40.53 7.63
N MET F 201 -15.48 -39.73 6.90
CA MET F 201 -15.43 -38.28 7.09
C MET F 201 -16.68 -37.58 6.60
N ALA F 202 -17.18 -37.98 5.46
CA ALA F 202 -18.38 -37.37 4.90
C ALA F 202 -19.62 -37.59 5.74
N TRP F 203 -19.76 -38.82 6.24
CA TRP F 203 -20.91 -39.20 7.08
C TRP F 203 -20.68 -39.02 8.58
N GLY F 204 -19.43 -38.99 9.03
CA GLY F 204 -19.12 -39.20 10.44
C GLY F 204 -19.29 -40.67 10.81
N THR F 205 -18.71 -41.07 11.92
CA THR F 205 -18.98 -42.41 12.47
C THR F 205 -19.08 -42.24 13.98
N GLU F 206 -19.06 -43.36 14.71
CA GLU F 206 -19.15 -43.35 16.18
C GLU F 206 -17.98 -42.55 16.78
N THR F 207 -16.80 -42.71 16.19
CA THR F 207 -15.57 -42.03 16.66
C THR F 207 -15.05 -40.92 15.72
N CYS F 208 -15.35 -41.01 14.42
CA CYS F 208 -14.85 -40.04 13.44
C CYS F 208 -15.79 -38.84 13.28
N PRO F 209 -15.27 -37.60 13.53
CA PRO F 209 -16.12 -36.41 13.30
C PRO F 209 -16.60 -36.30 11.84
N LYS F 210 -17.84 -35.82 11.66
CA LYS F 210 -18.40 -35.52 10.36
C LYS F 210 -17.86 -34.16 9.88
N VAL F 211 -17.28 -34.13 8.67
CA VAL F 211 -16.68 -32.91 8.11
C VAL F 211 -17.61 -32.32 7.05
N GLU F 212 -17.37 -31.05 6.75
CA GLU F 212 -18.15 -30.32 5.74
C GLU F 212 -17.50 -30.30 4.35
N LYS F 213 -16.18 -30.41 4.33
CA LYS F 213 -15.43 -30.45 3.10
C LYS F 213 -14.29 -31.43 3.17
N ILE F 214 -14.10 -32.20 2.10
CA ILE F 214 -13.07 -33.22 2.04
C ILE F 214 -12.07 -32.80 0.98
N PHE F 215 -10.81 -32.84 1.39
CA PHE F 215 -9.69 -32.45 0.55
C PHE F 215 -8.74 -33.59 0.32
N GLY F 216 -7.99 -33.49 -0.75
CA GLY F 216 -6.72 -34.16 -0.86
C GLY F 216 -6.61 -35.13 -1.99
N PRO F 217 -5.39 -35.53 -2.29
CA PRO F 217 -5.17 -36.40 -3.44
C PRO F 217 -5.26 -37.84 -3.07
N GLY F 218 -5.39 -38.67 -4.08
CA GLY F 218 -5.40 -40.09 -3.86
C GLY F 218 -5.47 -40.86 -5.15
N ASN F 219 -5.62 -42.18 -4.98
CA ASN F 219 -5.77 -43.07 -6.12
C ASN F 219 -7.19 -42.90 -6.68
N GLN F 220 -7.48 -43.61 -7.76
CA GLN F 220 -8.77 -43.50 -8.44
C GLN F 220 -9.97 -43.86 -7.58
N TYR F 221 -9.77 -44.70 -6.58
CA TYR F 221 -10.88 -45.08 -5.75
C TYR F 221 -11.19 -43.95 -4.75
N VAL F 222 -10.13 -43.39 -4.15
CA VAL F 222 -10.26 -42.27 -3.25
C VAL F 222 -10.94 -41.15 -4.03
N THR F 223 -10.37 -40.82 -5.18
CA THR F 223 -10.89 -39.73 -6.00
C THR F 223 -12.34 -39.93 -6.40
N ALA F 224 -12.72 -41.16 -6.72
CA ALA F 224 -14.09 -41.42 -7.13
C ALA F 224 -15.06 -41.35 -5.98
N ALA F 225 -14.63 -41.82 -4.82
CA ALA F 225 -15.41 -41.69 -3.56
C ALA F 225 -15.66 -40.23 -3.20
N LYS F 226 -14.64 -39.39 -3.37
CA LYS F 226 -14.82 -37.93 -3.16
C LYS F 226 -15.92 -37.40 -4.08
N MET F 227 -15.80 -37.74 -5.36
CA MET F 227 -16.73 -37.26 -6.39
C MET F 227 -18.16 -37.70 -6.13
N ILE F 228 -18.32 -38.95 -5.73
CA ILE F 228 -19.65 -39.49 -5.38
C ILE F 228 -20.29 -38.78 -4.20
N LEU F 229 -19.53 -38.67 -3.12
CA LEU F 229 -20.05 -38.16 -1.89
C LEU F 229 -20.49 -36.72 -1.94
N GLN F 230 -19.92 -35.93 -2.85
CA GLN F 230 -20.37 -34.53 -3.00
C GLN F 230 -21.85 -34.45 -3.41
N ASN F 231 -22.33 -35.44 -4.18
CA ASN F 231 -23.75 -35.57 -4.50
C ASN F 231 -24.62 -36.29 -3.48
N SER F 232 -24.06 -36.71 -2.35
CA SER F 232 -24.81 -37.51 -1.41
C SER F 232 -25.57 -36.63 -0.44
N GLU F 233 -26.43 -37.28 0.36
CA GLU F 233 -27.15 -36.63 1.45
C GLU F 233 -26.24 -36.36 2.66
N ALA F 234 -24.96 -36.75 2.60
CA ALA F 234 -24.02 -36.39 3.66
C ALA F 234 -23.83 -34.86 3.84
N MET F 235 -24.05 -34.08 2.79
CA MET F 235 -23.87 -32.64 2.79
C MET F 235 -22.41 -32.33 3.00
N VAL F 236 -21.64 -32.60 1.93
CA VAL F 236 -20.22 -32.44 1.95
C VAL F 236 -19.78 -31.84 0.59
N SER F 237 -18.68 -31.10 0.54
CA SER F 237 -18.10 -30.69 -0.74
C SER F 237 -16.70 -31.23 -0.80
N ILE F 238 -16.05 -31.04 -1.94
CA ILE F 238 -14.68 -31.41 -2.10
C ILE F 238 -13.87 -30.30 -2.78
N ASP F 239 -12.55 -30.43 -2.76
CA ASP F 239 -11.67 -29.45 -3.41
C ASP F 239 -11.69 -29.65 -4.94
N MET F 240 -11.46 -30.87 -5.37
CA MET F 240 -11.29 -31.22 -6.80
C MET F 240 -11.05 -32.74 -6.94
N PRO F 241 -11.27 -33.28 -8.13
CA PRO F 241 -10.61 -34.58 -8.45
C PRO F 241 -9.07 -34.44 -8.58
N ALA F 242 -8.34 -34.82 -7.53
CA ALA F 242 -6.87 -34.79 -7.50
C ALA F 242 -6.33 -36.20 -7.54
N GLY F 243 -6.41 -36.77 -8.72
CA GLY F 243 -6.08 -38.17 -8.92
C GLY F 243 -4.61 -38.42 -9.23
N PRO F 244 -4.31 -39.54 -9.89
CA PRO F 244 -2.97 -39.95 -10.31
C PRO F 244 -2.15 -38.87 -10.97
N SER F 245 -0.95 -38.68 -10.44
CA SER F 245 -0.09 -37.58 -10.83
C SER F 245 0.21 -37.56 -12.34
N GLU F 246 0.35 -36.36 -12.89
CA GLU F 246 0.75 -36.11 -14.27
C GLU F 246 1.80 -35.05 -14.29
N VAL F 247 2.63 -35.09 -15.32
CA VAL F 247 3.48 -33.96 -15.66
C VAL F 247 3.61 -33.88 -17.17
N LEU F 248 3.62 -32.66 -17.67
CA LEU F 248 3.91 -32.36 -19.06
C LEU F 248 5.17 -31.51 -19.05
N VAL F 249 6.20 -31.97 -19.77
CA VAL F 249 7.44 -31.24 -19.93
C VAL F 249 7.49 -30.71 -21.37
N ILE F 250 7.74 -29.42 -21.52
CA ILE F 250 8.12 -28.84 -22.81
C ILE F 250 9.64 -28.66 -22.77
N ALA F 251 10.32 -29.16 -23.77
CA ALA F 251 11.77 -29.08 -23.85
C ALA F 251 12.16 -28.57 -25.23
N ASP F 252 13.14 -27.68 -25.27
CA ASP F 252 13.75 -27.24 -26.52
C ASP F 252 15.19 -27.79 -26.59
N LYS F 253 15.93 -27.38 -27.61
CA LYS F 253 17.31 -27.89 -27.81
C LYS F 253 18.33 -27.51 -26.71
N HIS F 254 18.02 -26.51 -25.90
CA HIS F 254 18.91 -26.15 -24.78
C HIS F 254 18.75 -27.03 -23.55
N ALA F 255 17.68 -27.82 -23.48
CA ALA F 255 17.40 -28.66 -22.31
C ALA F 255 18.32 -29.84 -22.30
N ILE F 256 18.81 -30.20 -21.14
CA ILE F 256 19.75 -31.29 -21.00
C ILE F 256 18.97 -32.59 -20.97
N PRO F 257 19.19 -33.48 -21.98
CA PRO F 257 18.34 -34.71 -22.07
C PRO F 257 18.16 -35.54 -20.79
N SER F 258 19.21 -35.64 -19.97
CA SER F 258 19.14 -36.45 -18.75
C SER F 258 18.21 -35.83 -17.69
N HIS F 259 18.18 -34.51 -17.65
CA HIS F 259 17.34 -33.74 -16.73
C HIS F 259 15.86 -33.88 -17.13
N VAL F 260 15.63 -33.89 -18.45
CA VAL F 260 14.29 -34.08 -19.00
C VAL F 260 13.81 -35.47 -18.62
N ALA F 261 14.64 -36.48 -18.84
CA ALA F 261 14.33 -37.85 -18.47
C ALA F 261 14.03 -37.99 -17.00
N ALA F 262 14.90 -37.41 -16.20
CA ALA F 262 14.76 -37.43 -14.73
C ALA F 262 13.42 -36.83 -14.32
N ASP F 263 13.06 -35.70 -14.96
CA ASP F 263 11.77 -35.04 -14.71
C ASP F 263 10.57 -35.88 -15.09
N LEU F 264 10.61 -36.54 -16.26
CA LEU F 264 9.50 -37.40 -16.67
C LEU F 264 9.34 -38.55 -15.69
N LEU F 265 10.45 -39.16 -15.28
CA LEU F 265 10.44 -40.26 -14.31
C LEU F 265 10.08 -39.82 -12.88
N SER F 266 10.33 -38.56 -12.55
CA SER F 266 10.00 -38.08 -11.19
C SER F 266 8.50 -38.32 -10.84
N GLN F 267 7.61 -38.12 -11.80
CA GLN F 267 6.19 -38.39 -11.55
C GLN F 267 5.71 -39.74 -12.11
N ALA F 268 6.38 -40.30 -13.12
CA ALA F 268 6.06 -41.67 -13.57
C ALA F 268 6.08 -42.66 -12.39
N GLU F 269 7.07 -42.51 -11.50
CA GLU F 269 7.23 -43.44 -10.37
C GLU F 269 6.08 -43.44 -9.35
N HIS F 270 5.16 -42.46 -9.41
CA HIS F 270 4.07 -42.40 -8.44
C HIS F 270 3.19 -43.65 -8.50
N GLY F 271 2.95 -44.14 -9.69
CA GLY F 271 2.08 -45.29 -9.85
C GLY F 271 1.87 -45.62 -11.28
N PRO F 272 1.31 -46.78 -11.59
CA PRO F 272 1.04 -47.27 -12.94
C PRO F 272 0.04 -46.40 -13.70
N ASP F 273 -0.82 -45.81 -12.88
CA ASP F 273 -1.89 -44.88 -13.13
C ASP F 273 -1.44 -43.53 -13.65
N SER F 274 -0.20 -43.16 -13.41
CA SER F 274 0.31 -41.87 -13.82
C SER F 274 0.52 -41.70 -15.31
N GLN F 275 0.57 -40.47 -15.75
CA GLN F 275 0.72 -40.18 -17.15
C GLN F 275 1.72 -39.03 -17.28
N VAL F 276 2.58 -39.14 -18.26
CA VAL F 276 3.66 -38.19 -18.45
C VAL F 276 3.64 -37.79 -19.94
N VAL F 277 4.00 -36.55 -20.24
CA VAL F 277 3.97 -36.07 -21.64
C VAL F 277 5.21 -35.25 -21.88
N LEU F 278 5.89 -35.52 -22.98
CA LEU F 278 7.01 -34.69 -23.42
C LEU F 278 6.55 -34.02 -24.67
N VAL F 279 6.66 -32.69 -24.68
CA VAL F 279 6.45 -31.93 -25.88
C VAL F 279 7.81 -31.42 -26.25
N ILE F 280 8.29 -31.79 -27.44
CA ILE F 280 9.55 -31.29 -27.97
C ILE F 280 9.20 -30.07 -28.79
N ALA F 281 9.84 -28.94 -28.47
CA ALA F 281 9.56 -27.67 -29.17
C ALA F 281 10.75 -27.26 -30.05
N GLY F 282 10.48 -27.06 -31.34
CA GLY F 282 11.50 -26.63 -32.28
C GLY F 282 12.45 -27.71 -32.71
N ASP F 283 13.46 -27.25 -33.43
CA ASP F 283 14.55 -28.08 -33.96
C ASP F 283 15.70 -28.30 -33.01
N GLY F 284 16.47 -29.32 -33.25
CA GLY F 284 17.70 -29.48 -32.52
C GLY F 284 17.67 -30.37 -31.30
N VAL F 285 16.53 -30.99 -31.00
CA VAL F 285 16.42 -31.84 -29.80
C VAL F 285 16.78 -33.28 -30.12
N ASP F 286 17.76 -33.80 -29.40
CA ASP F 286 18.20 -35.20 -29.52
C ASP F 286 17.21 -36.11 -28.78
N GLN F 287 16.11 -36.40 -29.44
CA GLN F 287 15.08 -37.27 -28.86
C GLN F 287 15.59 -38.65 -28.43
N ASN F 288 16.48 -39.20 -29.25
CA ASN F 288 17.16 -40.46 -28.93
C ASN F 288 17.88 -40.46 -27.58
N ALA F 289 18.66 -39.41 -27.34
CA ALA F 289 19.36 -39.19 -26.07
C ALA F 289 18.38 -39.14 -24.90
N ILE F 290 17.27 -38.42 -25.09
CA ILE F 290 16.24 -38.31 -24.05
C ILE F 290 15.68 -39.70 -23.75
N GLN F 291 15.37 -40.43 -24.81
CA GLN F 291 14.85 -41.79 -24.74
C GLN F 291 15.83 -42.78 -24.09
N GLU F 292 17.11 -42.64 -24.43
CA GLU F 292 18.17 -43.48 -23.87
C GLU F 292 18.22 -43.23 -22.39
N GLU F 293 18.15 -41.95 -22.02
CA GLU F 293 18.17 -41.56 -20.62
C GLU F 293 16.97 -42.08 -19.82
N VAL F 294 15.78 -42.06 -20.40
CA VAL F 294 14.62 -42.56 -19.70
C VAL F 294 14.78 -44.05 -19.37
N SER F 295 15.11 -44.87 -20.37
CA SER F 295 15.31 -46.34 -20.16
C SER F 295 16.42 -46.64 -19.18
N LYS F 296 17.55 -45.97 -19.38
CA LYS F 296 18.70 -46.09 -18.52
C LYS F 296 18.33 -45.78 -17.07
N GLN F 297 17.77 -44.59 -16.87
CA GLN F 297 17.41 -44.13 -15.54
C GLN F 297 16.27 -44.93 -14.92
N CYS F 298 15.30 -45.33 -15.74
CA CYS F 298 14.14 -46.08 -15.23
C CYS F 298 14.50 -47.41 -14.61
N GLN F 299 15.40 -48.17 -15.25
CA GLN F 299 15.64 -49.54 -14.82
C GLN F 299 16.41 -49.61 -13.49
N SER F 300 17.18 -48.58 -13.16
CA SER F 300 17.83 -48.53 -11.86
C SER F 300 16.95 -47.98 -10.71
N LEU F 301 15.68 -47.64 -10.98
CA LEU F 301 14.79 -47.09 -9.94
C LEU F 301 14.11 -48.17 -9.14
N PRO F 302 14.19 -48.12 -7.80
CA PRO F 302 13.37 -49.03 -7.02
C PRO F 302 11.94 -49.23 -7.56
N ARG F 303 11.23 -48.13 -7.89
CA ARG F 303 9.85 -48.19 -8.41
C ARG F 303 9.79 -48.18 -9.94
N GLY F 304 10.85 -48.64 -10.62
CA GLY F 304 10.89 -48.63 -12.08
C GLY F 304 9.78 -49.40 -12.77
N GLU F 305 9.23 -50.39 -12.06
CA GLU F 305 8.13 -51.18 -12.56
C GLU F 305 6.86 -50.33 -12.73
N PHE F 306 6.52 -49.55 -11.71
CA PHE F 306 5.42 -48.55 -11.76
C PHE F 306 5.66 -47.49 -12.84
N ALA F 307 6.87 -46.94 -12.84
CA ALA F 307 7.27 -45.93 -13.79
C ALA F 307 7.15 -46.41 -15.23
N ALA F 308 7.62 -47.64 -15.49
CA ALA F 308 7.53 -48.22 -16.85
C ALA F 308 6.08 -48.43 -17.25
N LYS F 309 5.27 -48.91 -16.30
CA LYS F 309 3.81 -49.06 -16.52
C LYS F 309 3.16 -47.71 -16.87
N ALA F 310 3.55 -46.64 -16.16
CA ALA F 310 3.06 -45.29 -16.43
C ALA F 310 3.54 -44.78 -17.78
N LEU F 311 4.83 -44.97 -18.04
CA LEU F 311 5.42 -44.65 -19.36
C LEU F 311 4.71 -45.34 -20.52
N SER F 312 4.10 -46.50 -20.30
CA SER F 312 3.34 -47.21 -21.36
C SER F 312 2.12 -46.43 -21.87
N HIS F 313 1.57 -45.52 -21.03
CA HIS F 313 0.47 -44.63 -21.45
C HIS F 313 0.95 -43.19 -21.74
N SER F 314 2.25 -42.99 -21.74
CA SER F 314 2.83 -41.69 -21.93
C SER F 314 3.21 -41.53 -23.40
N PHE F 315 3.57 -40.32 -23.80
CA PHE F 315 3.88 -40.05 -25.22
C PHE F 315 4.72 -38.80 -25.40
N ILE F 316 5.37 -38.73 -26.55
CA ILE F 316 6.19 -37.59 -26.94
C ILE F 316 5.47 -36.93 -28.09
N VAL F 317 5.42 -35.60 -28.10
CA VAL F 317 4.79 -34.85 -29.17
C VAL F 317 5.80 -33.89 -29.71
N HIS F 318 5.88 -33.79 -31.05
CA HIS F 318 6.76 -32.82 -31.71
C HIS F 318 5.94 -31.65 -32.16
N ALA F 319 6.41 -30.45 -31.80
CA ALA F 319 5.74 -29.21 -32.11
C ALA F 319 6.74 -28.33 -32.84
N ARG F 320 6.31 -27.71 -33.92
CA ARG F 320 7.19 -26.85 -34.70
C ARG F 320 7.86 -25.73 -33.91
N ASP F 321 7.14 -25.17 -32.94
CA ASP F 321 7.68 -24.08 -32.14
C ASP F 321 7.05 -24.08 -30.76
N MET F 322 7.47 -23.10 -29.95
CA MET F 322 7.02 -22.95 -28.58
C MET F 322 5.54 -22.58 -28.50
N LEU F 323 5.06 -21.71 -29.37
CA LEU F 323 3.63 -21.37 -29.34
C LEU F 323 2.76 -22.59 -29.57
N GLU F 324 3.18 -23.47 -30.48
CA GLU F 324 2.47 -24.70 -30.78
C GLU F 324 2.56 -25.62 -29.57
N ALA F 325 3.74 -25.71 -28.95
CA ALA F 325 3.95 -26.58 -27.78
C ALA F 325 3.01 -26.20 -26.65
N ILE F 326 2.96 -24.90 -26.35
CA ILE F 326 2.17 -24.41 -25.22
C ILE F 326 0.69 -24.53 -25.57
N THR F 327 0.35 -24.34 -26.84
CA THR F 327 -1.04 -24.54 -27.31
C THR F 327 -1.52 -25.99 -27.09
N PHE F 328 -0.66 -26.97 -27.39
CA PHE F 328 -0.99 -28.36 -27.13
C PHE F 328 -1.10 -28.60 -25.62
N SER F 329 -0.10 -28.14 -24.87
CA SER F 329 -0.15 -28.28 -23.40
C SER F 329 -1.49 -27.75 -22.86
N ASN F 330 -1.94 -26.59 -23.34
CA ASN F 330 -3.22 -26.06 -22.89
C ASN F 330 -4.39 -26.97 -23.20
N MET F 331 -4.39 -27.62 -24.36
CA MET F 331 -5.42 -28.62 -24.68
C MET F 331 -5.38 -29.79 -23.71
N TYR F 332 -4.20 -30.33 -23.48
CA TYR F 332 -4.05 -31.44 -22.54
C TYR F 332 -4.40 -31.07 -21.11
N ALA F 333 -4.01 -29.87 -20.71
CA ALA F 333 -4.36 -29.29 -19.38
C ALA F 333 -3.73 -30.06 -18.23
N PRO F 334 -2.39 -30.08 -18.17
CA PRO F 334 -1.70 -30.95 -17.23
C PRO F 334 -1.78 -30.48 -15.80
N GLU F 335 -1.67 -31.43 -14.88
CA GLU F 335 -1.61 -31.14 -13.50
C GLU F 335 -0.40 -30.28 -13.22
N HIS F 336 0.74 -30.70 -13.78
CA HIS F 336 2.03 -29.98 -13.68
C HIS F 336 2.64 -29.74 -15.05
N LEU F 337 3.23 -28.57 -15.22
CA LEU F 337 3.85 -28.20 -16.47
C LEU F 337 5.23 -27.74 -16.14
N ILE F 338 6.24 -28.36 -16.74
CA ILE F 338 7.65 -27.92 -16.61
C ILE F 338 8.02 -27.32 -17.95
N ILE F 339 8.37 -26.05 -17.96
CA ILE F 339 8.80 -25.42 -19.20
C ILE F 339 10.30 -25.30 -19.16
N ASN F 340 11.00 -26.24 -19.81
CA ASN F 340 12.45 -26.24 -19.84
C ASN F 340 12.87 -25.79 -21.23
N VAL F 341 12.73 -24.48 -21.46
CA VAL F 341 13.13 -23.85 -22.71
C VAL F 341 13.79 -22.53 -22.41
N LYS F 342 14.45 -21.99 -23.42
CA LYS F 342 15.12 -20.69 -23.31
C LYS F 342 14.06 -19.61 -23.16
N ASP F 343 14.27 -18.76 -22.16
CA ASP F 343 13.36 -17.66 -21.79
C ASP F 343 11.99 -18.20 -21.38
N ALA F 344 11.98 -19.29 -20.64
CA ALA F 344 10.73 -19.92 -20.23
C ALA F 344 9.76 -18.90 -19.64
N GLU F 345 10.26 -18.06 -18.75
CA GLU F 345 9.45 -17.00 -18.09
C GLU F 345 8.68 -16.12 -19.07
N LYS F 346 9.23 -15.87 -20.26
CA LYS F 346 8.57 -15.00 -21.26
C LYS F 346 7.31 -15.59 -21.89
N TRP F 347 7.18 -16.89 -21.83
CA TRP F 347 5.99 -17.63 -22.35
C TRP F 347 4.84 -17.76 -21.35
N GLU F 348 5.06 -17.32 -20.11
CA GLU F 348 4.07 -17.36 -19.05
C GLU F 348 2.67 -16.86 -19.44
N SER F 349 2.58 -15.81 -20.24
CA SER F 349 1.28 -15.27 -20.64
C SER F 349 0.47 -16.17 -21.61
N PHE F 350 1.11 -17.16 -22.22
CA PHE F 350 0.42 -18.13 -23.07
C PHE F 350 -0.11 -19.34 -22.34
N ILE F 351 0.30 -19.54 -21.09
CA ILE F 351 -0.15 -20.68 -20.29
C ILE F 351 -1.61 -20.37 -19.87
N GLU F 352 -2.53 -21.29 -20.18
CA GLU F 352 -3.96 -21.14 -19.89
C GLU F 352 -4.48 -22.23 -18.97
N ASN F 353 -4.07 -23.49 -19.19
CA ASN F 353 -4.49 -24.62 -18.36
C ASN F 353 -3.31 -25.41 -17.87
N ALA F 354 -2.99 -25.30 -16.59
CA ALA F 354 -1.93 -26.05 -15.95
C ALA F 354 -2.12 -25.83 -14.45
N GLY F 355 -1.97 -26.87 -13.62
CA GLY F 355 -2.22 -26.71 -12.21
C GLY F 355 -1.12 -25.90 -11.51
N SER F 356 0.13 -26.29 -11.78
CA SER F 356 1.29 -25.62 -11.26
C SER F 356 2.37 -25.66 -12.34
N VAL F 357 3.17 -24.60 -12.39
CA VAL F 357 4.14 -24.40 -13.51
C VAL F 357 5.55 -24.30 -12.95
N PHE F 358 6.48 -24.99 -13.60
CA PHE F 358 7.90 -24.93 -13.23
C PHE F 358 8.69 -24.37 -14.40
N LEU F 359 9.24 -23.17 -14.22
CA LEU F 359 9.93 -22.47 -15.30
C LEU F 359 11.41 -22.68 -15.21
N GLY F 360 12.03 -23.02 -16.33
CA GLY F 360 13.49 -23.00 -16.46
C GLY F 360 14.12 -24.37 -16.29
N SER F 361 15.42 -24.35 -16.07
CA SER F 361 16.25 -25.56 -16.00
C SER F 361 16.55 -26.05 -14.59
N TRP F 362 16.43 -25.17 -13.58
CA TRP F 362 16.77 -25.47 -12.19
C TRP F 362 15.53 -25.69 -11.31
N THR F 363 14.40 -25.96 -11.96
CA THR F 363 13.12 -26.04 -11.28
C THR F 363 12.44 -27.38 -11.60
N PRO F 364 12.94 -28.46 -11.00
CA PRO F 364 12.28 -29.71 -11.22
C PRO F 364 10.96 -29.69 -10.46
N GLU F 365 9.96 -30.42 -10.93
CA GLU F 365 8.68 -30.49 -10.23
C GLU F 365 8.86 -30.82 -8.76
N SER F 366 9.84 -31.65 -8.46
CA SER F 366 10.15 -32.07 -7.09
C SER F 366 10.12 -30.94 -6.04
N VAL F 367 10.64 -29.76 -6.38
CA VAL F 367 10.72 -28.67 -5.39
C VAL F 367 9.31 -28.22 -5.01
N GLY F 368 8.40 -28.23 -5.98
CA GLY F 368 7.00 -27.91 -5.76
C GLY F 368 6.26 -29.03 -5.07
N ASP F 369 6.59 -30.29 -5.44
CA ASP F 369 6.04 -31.48 -4.77
C ASP F 369 6.30 -31.38 -3.24
N TYR F 370 7.44 -30.80 -2.84
CA TYR F 370 7.96 -30.91 -1.45
C TYR F 370 8.03 -29.64 -0.62
N ALA F 371 8.59 -28.56 -1.18
CA ALA F 371 9.01 -27.44 -0.32
C ALA F 371 9.14 -26.01 -0.88
N SER F 372 8.89 -25.80 -2.16
CA SER F 372 8.97 -24.44 -2.70
C SER F 372 7.94 -23.52 -2.05
N GLY F 373 6.78 -24.06 -1.68
CA GLY F 373 5.72 -23.29 -0.99
C GLY F 373 4.37 -23.39 -1.69
N THR F 374 4.39 -23.72 -2.99
CA THR F 374 3.15 -23.89 -3.72
C THR F 374 2.45 -25.17 -3.25
N ASN F 375 1.21 -25.35 -3.68
CA ASN F 375 0.42 -26.48 -3.21
C ASN F 375 0.41 -27.57 -4.27
N HIS F 376 0.80 -28.78 -3.87
CA HIS F 376 0.85 -29.89 -4.84
C HIS F 376 -0.49 -30.64 -5.03
N VAL F 377 -1.52 -30.29 -4.26
CA VAL F 377 -2.82 -30.92 -4.43
C VAL F 377 -3.47 -30.21 -5.61
N LEU F 378 -3.35 -30.83 -6.79
CA LEU F 378 -3.65 -30.18 -8.04
C LEU F 378 -4.61 -31.00 -8.88
N PRO F 379 -5.43 -30.36 -9.73
CA PRO F 379 -6.41 -31.17 -10.45
C PRO F 379 -5.77 -31.99 -11.61
N THR F 380 -6.25 -33.20 -11.78
CA THR F 380 -5.76 -34.10 -12.82
C THR F 380 -6.90 -34.34 -13.79
N TYR F 381 -6.64 -35.19 -14.80
CA TYR F 381 -7.61 -35.66 -15.77
C TYR F 381 -8.00 -34.61 -16.81
N GLY F 382 -7.41 -33.42 -16.77
CA GLY F 382 -7.90 -32.28 -17.58
C GLY F 382 -8.71 -31.31 -16.77
N TYR F 383 -8.93 -31.61 -15.48
CA TYR F 383 -9.68 -30.70 -14.58
C TYR F 383 -8.93 -29.40 -14.26
N ALA F 384 -7.66 -29.30 -14.64
CA ALA F 384 -6.97 -28.06 -14.67
C ALA F 384 -7.60 -27.03 -15.62
N ARG F 385 -8.50 -27.44 -16.50
CA ARG F 385 -9.27 -26.46 -17.34
C ARG F 385 -10.19 -25.55 -16.50
N MET F 386 -10.65 -26.02 -15.34
CA MET F 386 -11.61 -25.23 -14.53
C MET F 386 -11.39 -25.23 -13.02
N TYR F 387 -10.45 -26.01 -12.52
CA TYR F 387 -10.15 -26.08 -11.09
C TYR F 387 -8.75 -25.56 -10.84
N SER F 388 -8.57 -24.94 -9.67
CA SER F 388 -7.28 -24.51 -9.15
C SER F 388 -6.82 -25.57 -8.18
N GLY F 389 -5.52 -25.69 -8.03
CA GLY F 389 -4.99 -26.41 -6.88
C GLY F 389 -5.50 -25.88 -5.55
N VAL F 390 -5.27 -26.65 -4.49
CA VAL F 390 -5.65 -26.21 -3.15
C VAL F 390 -4.94 -24.90 -2.77
N SER F 391 -5.66 -24.02 -2.08
CA SER F 391 -5.16 -22.70 -1.68
C SER F 391 -5.86 -22.35 -0.39
N LEU F 392 -5.51 -21.19 0.19
CA LEU F 392 -6.14 -20.73 1.45
C LEU F 392 -7.64 -20.63 1.27
N ASP F 393 -8.11 -20.08 0.14
CA ASP F 393 -9.54 -19.90 -0.09
C ASP F 393 -10.33 -21.18 -0.22
N SER F 394 -9.67 -22.29 -0.53
CA SER F 394 -10.33 -23.60 -0.50
C SER F 394 -10.93 -23.93 0.85
N PHE F 395 -10.35 -23.36 1.92
CA PHE F 395 -10.81 -23.54 3.31
C PHE F 395 -11.76 -22.49 3.88
N LEU F 396 -12.15 -21.55 3.02
CA LEU F 396 -12.93 -20.40 3.42
C LEU F 396 -14.20 -20.32 2.63
N LYS F 397 -15.19 -19.63 3.19
CA LYS F 397 -16.32 -19.09 2.49
C LYS F 397 -16.30 -17.60 2.64
N TYR F 398 -16.70 -16.90 1.59
CA TYR F 398 -16.78 -15.44 1.64
C TYR F 398 -18.23 -15.07 1.72
N ILE F 399 -18.65 -14.61 2.89
CA ILE F 399 -20.04 -14.22 3.14
C ILE F 399 -20.14 -12.76 2.76
N THR F 400 -21.06 -12.42 1.86
CA THR F 400 -21.31 -11.04 1.53
C THR F 400 -22.27 -10.39 2.52
N VAL F 401 -22.03 -9.12 2.84
CA VAL F 401 -22.74 -8.42 3.89
C VAL F 401 -23.15 -7.05 3.38
N GLN F 402 -24.39 -6.65 3.55
CA GLN F 402 -24.78 -5.32 3.20
C GLN F 402 -25.62 -4.63 4.24
N SER F 403 -25.51 -3.31 4.24
CA SER F 403 -26.18 -2.48 5.19
C SER F 403 -26.54 -1.20 4.50
N LEU F 404 -27.81 -0.84 4.56
CA LEU F 404 -28.26 0.43 3.97
C LEU F 404 -28.71 1.37 5.07
N THR F 405 -28.33 2.63 4.94
CA THR F 405 -28.99 3.73 5.68
C THR F 405 -30.34 4.04 5.03
N GLU F 406 -31.13 4.86 5.69
CA GLU F 406 -32.38 5.27 5.15
C GLU F 406 -32.12 6.03 3.86
N GLU F 407 -31.09 6.85 3.82
CA GLU F 407 -30.83 7.56 2.60
C GLU F 407 -30.52 6.59 1.48
N GLY F 408 -29.72 5.59 1.74
CA GLY F 408 -29.39 4.62 0.71
C GLY F 408 -30.61 3.91 0.24
N LEU F 409 -31.48 3.50 1.12
CA LEU F 409 -32.69 2.85 0.64
C LEU F 409 -33.58 3.80 -0.17
N ARG F 410 -33.60 5.09 0.18
CA ARG F 410 -34.32 6.11 -0.62
C ARG F 410 -33.71 6.20 -2.03
N LYS F 411 -32.37 6.22 -2.12
CA LYS F 411 -31.67 6.24 -3.39
C LYS F 411 -31.85 4.95 -4.25
N LEU F 412 -31.63 3.78 -3.65
CA LEU F 412 -31.58 2.52 -4.38
C LEU F 412 -32.94 1.84 -4.54
N GLY F 413 -33.80 2.01 -3.55
CA GLY F 413 -35.07 1.33 -3.46
C GLY F 413 -35.98 1.38 -4.67
N PRO F 414 -36.23 2.58 -5.22
CA PRO F 414 -37.07 2.72 -6.43
C PRO F 414 -36.61 1.89 -7.62
N TYR F 415 -35.30 1.82 -7.85
CA TYR F 415 -34.73 0.95 -8.92
C TYR F 415 -35.04 -0.52 -8.64
N VAL F 416 -34.84 -0.94 -7.39
CA VAL F 416 -35.17 -2.30 -6.97
C VAL F 416 -36.64 -2.60 -7.22
N GLU F 417 -37.51 -1.64 -6.91
CA GLU F 417 -38.96 -1.78 -7.15
C GLU F 417 -39.27 -2.00 -8.62
N THR F 418 -38.69 -1.15 -9.48
CA THR F 418 -38.81 -1.30 -10.94
C THR F 418 -38.41 -2.69 -11.40
N MET F 419 -37.25 -3.15 -10.95
CA MET F 419 -36.74 -4.47 -11.37
C MET F 419 -37.63 -5.59 -10.89
N ALA F 420 -38.08 -5.51 -9.65
CA ALA F 420 -39.05 -6.47 -9.13
C ALA F 420 -40.36 -6.50 -9.94
N GLU F 421 -40.86 -5.31 -10.33
CA GLU F 421 -42.02 -5.23 -11.24
C GLU F 421 -41.75 -6.03 -12.50
N VAL F 422 -40.62 -5.76 -13.16
CA VAL F 422 -40.25 -6.47 -14.40
C VAL F 422 -40.28 -7.99 -14.24
N GLU F 423 -39.73 -8.49 -13.12
CA GLU F 423 -39.71 -9.93 -12.87
C GLU F 423 -41.06 -10.52 -12.37
N GLY F 424 -42.08 -9.69 -12.16
CA GLY F 424 -43.39 -10.14 -11.70
C GLY F 424 -43.39 -10.62 -10.26
N LEU F 425 -42.59 -9.96 -9.42
CA LEU F 425 -42.36 -10.40 -8.05
C LEU F 425 -42.71 -9.29 -7.06
N GLU F 426 -44.01 -9.22 -6.77
CA GLU F 426 -44.59 -8.10 -6.03
C GLU F 426 -44.11 -8.06 -4.57
N ALA F 427 -44.00 -9.21 -3.90
CA ALA F 427 -43.49 -9.24 -2.51
C ALA F 427 -42.08 -8.66 -2.39
N HIS F 428 -41.21 -8.96 -3.35
CA HIS F 428 -39.89 -8.33 -3.40
C HIS F 428 -40.00 -6.80 -3.41
N LYS F 429 -40.89 -6.27 -4.24
CA LYS F 429 -41.15 -4.82 -4.30
C LYS F 429 -41.70 -4.26 -2.99
N ARG F 430 -42.63 -4.98 -2.40
CA ARG F 430 -43.32 -4.48 -1.20
C ARG F 430 -42.40 -4.35 0.01
N ALA F 431 -41.41 -5.23 0.11
CA ALA F 431 -40.44 -5.15 1.21
C ALA F 431 -39.64 -3.85 1.19
N VAL F 432 -39.50 -3.27 0.01
CA VAL F 432 -38.90 -1.96 -0.13
C VAL F 432 -39.97 -0.87 0.10
N THR F 433 -41.10 -1.00 -0.61
CA THR F 433 -42.17 0.02 -0.59
C THR F 433 -42.65 0.31 0.84
N LEU F 434 -42.97 -0.76 1.56
CA LEU F 434 -43.38 -0.67 2.95
C LEU F 434 -42.43 0.16 3.84
N ARG F 435 -41.13 -0.01 3.64
CA ARG F 435 -40.11 0.74 4.39
C ARG F 435 -40.07 2.20 3.97
N LEU F 436 -40.14 2.47 2.68
CA LEU F 436 -40.11 3.82 2.17
C LEU F 436 -41.36 4.62 2.55
N GLN F 437 -42.52 3.98 2.61
CA GLN F 437 -43.73 4.62 3.15
C GLN F 437 -43.57 5.05 4.61
N ASP F 438 -42.99 4.16 5.42
CA ASP F 438 -42.67 4.41 6.87
C ASP F 438 -41.73 5.59 7.03
N ILE F 439 -40.73 5.69 6.15
CA ILE F 439 -39.82 6.84 6.11
C ILE F 439 -40.60 8.11 5.73
N GLU F 440 -41.50 8.01 4.73
CA GLU F 440 -42.31 9.14 4.23
C GLU F 440 -43.20 9.74 5.30
N ALA F 441 -43.79 8.90 6.17
CA ALA F 441 -44.67 9.42 7.23
C ALA F 441 -43.89 10.23 8.28
N ARG F 442 -42.59 9.96 8.43
CA ARG F 442 -41.74 10.67 9.40
C ARG F 442 -41.04 11.89 8.79
N GLN F 443 -41.81 12.73 8.09
CA GLN F 443 -41.36 14.05 7.61
C GLN F 443 -41.91 15.17 8.51
N VAL F 444 -41.20 16.28 8.51
CA VAL F 444 -41.39 17.37 9.49
C VAL F 444 -42.47 18.36 9.02
#